data_5ODR
#
_entry.id   5ODR
#
_cell.length_a   366.219
_cell.length_b   96.920
_cell.length_c   134.450
_cell.angle_alpha   90.00
_cell.angle_beta   108.30
_cell.angle_gamma   90.00
#
_symmetry.space_group_name_H-M   'C 1 2 1'
#
loop_
_entity.id
_entity.type
_entity.pdbx_description
1 polymer 'Heterodisulfide reductase, subunit A'
2 polymer 'Heterodisulfide reductase, subunit B'
3 polymer 'Heterodisulfide reductase, subunit C'
4 polymer 'Methyl-viologen reducing hydrogenase, subunit D'
5 polymer 'Methyl-viologen reducing hydrogenase, subunit G'
6 polymer 'Methyl-viologen reducing hydrogenase, subunit A'
7 non-polymer 'FLAVIN-ADENINE DINUCLEOTIDE'
8 non-polymer 'IRON/SULFUR CLUSTER'
9 non-polymer GLYCEROL
10 non-polymer 'Non-cubane [4Fe-4S]-cluster'
11 non-polymer '1-THIOETHANESULFONIC ACID'
12 non-polymer 'SULFATE ION'
13 non-polymer 'FE2/S2 (INORGANIC) CLUSTER'
14 non-polymer 'ACETATE ION'
15 non-polymer formyl[bis(hydrocyanato-1kappaC)]ironnickel(Fe-Ni)
16 non-polymer 3,6,9,12,15,18,21,24,27,30,33,36,39-TRIDECAOXAHENTETRACONTANE-1,41-DIOL
17 non-polymer 'FE (III) ION'
18 non-polymer 'Coenzyme B'
19 water water
#
loop_
_entity_poly.entity_id
_entity_poly.type
_entity_poly.pdbx_seq_one_letter_code
_entity_poly.pdbx_strand_id
1 'polypeptide(L)'
;MEEPRIGVYVCHCGVNIGGTVDCPDVTEFAKTLKNVVVARDYKYMCADPGQEMIKKDIKEHNLNRVVVAACSPRLHEPTF
RRCVAEAGLNPFLFEFANIREHCSWVHMHEKEKATEKAKDLVRMAVAKARLLEPLEFIKVGVTQRALVIGGGVAGIQTAL
DLGDMGFETILVEKTPSVGGRMAQLDKTFPTNDCSICILAPKMVDVAKHPNVKLYAYSEVVDVQGYVGNFKVKIMKKARY
IDETKCTGCGQCSEVCPIDVPNEFDMGIGMRKAIYKPFPQAVPAKYTIDKEHCIECGLCAKVCGPNAIDFDQEPEIIEAE
VGTIICAIGYDAFDPTVREEYGYGVYDNVVTALELERMINASGPTGGKVIRLSDGQKPKRIAFIQCVGSRDAKVGNKYCS
NVCCMYAMKNSQLIKEKSPDTEIDIYYMDIRAFSKGYEEFYERSAKQYGIKFMRGRPSQVIEDPETGNLVVRAEDTLLGE
ILEKEYDLVVLSVGMVPTKSADEVQKILGISRTPDQFFMEAHPKLRPVDTATDGVYLAGACQGPKDIPASVAQGSAAASR
AAIPLAKGEVEVEPIIASVDAEICGGCGVCVKQCPYGAPRLVEKDGKVVAEVISALCKGCGTCPAGCPSGALEQDHFKTI
QLFKQIEGMFRDTA
;
A,G
2 'polypeptide(L)'
;MKYAFFLGCIMPNRYAGVEAATRTVMEKLGVELVDMTGASCCPAPGVFGSFDQKTWLTLAARNLCIAEEMGVDIVTVCNG
CYGSLFEAAHLLHDNKEALNFVNEKLDKVGKEYKGNVKVRHFAELIYNDIGVDKIAEKVERPLNINVGVHYGCHFLKPTD
VKHLGSAERPVMLDEIVEATGAKSVPYADKMMCCGAGGGVRARELELSLDMTNEKIENMIKAGADCTVNVCPFCHLQFDR
GQIEIKEKFGKEYNFPVLHLSQLLGLAMGMDPKDLALSVHQISVDPLLKKI
;
B,H
3 'polypeptide(L)'
;MIYSSDLNKNLASQIIEAGTPIPGDDVVSSLKACYQCGTCTGSCPSGRRTSYRTRKVIRKALLGMDDVLDSDDIWKCTTC
YTCYERCPRDVKVTEIIKTIRNLAAQKGNMAKAHKMTAMYVLKYGHAVPANKNTAELRKSIGLSEKAPIAQFSEKDLNEM
NTLIKELGFDELIGFDWEKGALKE
;
C,I
4 'polypeptide(L)'
;MSEWEPKIIGFCCNWCTYGGADTAGVGRMQYPPSIRIIRVMCSGRIEPSLILKAFKEGADGVFVGGCHLGDCHYDSGNYK
WQRRVMMLYELLEELGIEKERLNHEWISASEGEKFQNTMKDFYNKIEALGPCKLKEELDK
;
D,J
5 'polypeptide(L)'
;MVKIATTWLGGCSGCHISLLDLHEELLNLLENVELVHCPVLMDVKEIPDEVEVALIEGGIRNEENLEIAKEMRERAKIVI
AFGTCAAFGGVPGLGNLYSNDELLDKAYKTTITTKNDDGIIPNEEVPELVSRVKPLSEVIEVDYFIPGCPPNPEMIAEVV
KALLEGKEPELPKKNLCEECARKKSEEGVAIETIKRNYEGNPDPEKCLLEQGYICLGIATREGCGAPCPSSGVPCSGCSG
PTDAVVDQGAKMISALCSDFGIDNDRDVDPMILPKSIKDKIGSFYKFTLPSAFVPIRLK
;
E,K
6 'polypeptide(L)'
;MVKLSVEPVTRVEGHGKISVSFDDSGNLDKVRFHVVEVRGFEKFLEGRYVEDAPIYTPRICGICQVAHHLASAKAVDNVF
GVKIPETAELLRNLMHQGATVHSHALHFYMLAAPDLMFPTTDDVLKRNLMGIAKEHPEIIKDAIELRKAGQNVVRVVGGR
AIHPVTAVVGGQSKSLKEEERDELLKLSERTIELSEKSIEVGKKLLENIKDEDLLDIGYFESAHMGMVNNGVHDLYDGKL
RVVNSEGKVEYEFDPSEYMNYIAEGVKPYSYLKFPYLKDKGEEDGIYRVNTLSRLNVSDKMATPLAQKYYDEFVKEFGKP
CHHPMLFHYARLIELLSSAEMVKELLENDKIVGEDIRAEPEEVVGDGVGCVEAPRGTLIHHFKTDDDGIITDTNLVVATV
QNNPAMDIGVRKVAEKYIKAPEDATPQVLNYMEMLIRAYDPCLSCATHIIGEESNNLSLDVYQKNKLVKSIRG
;
F,L
#
# COMPACT_ATOMS: atom_id res chain seq x y z
N GLU A 2 -8.59 -3.54 -52.75
CA GLU A 2 -8.37 -4.92 -52.34
C GLU A 2 -9.47 -5.40 -51.40
N GLU A 3 -9.88 -6.66 -51.54
CA GLU A 3 -10.93 -7.25 -50.71
C GLU A 3 -10.38 -7.64 -49.33
N PRO A 4 -11.20 -7.52 -48.28
CA PRO A 4 -10.72 -7.87 -46.93
C PRO A 4 -10.38 -9.36 -46.75
N ARG A 5 -9.30 -9.64 -46.01
CA ARG A 5 -8.82 -10.98 -45.68
C ARG A 5 -8.68 -10.89 -44.17
N ILE A 6 -9.69 -11.36 -43.45
CA ILE A 6 -9.76 -11.28 -42.00
C ILE A 6 -9.29 -12.52 -41.23
N GLY A 7 -8.55 -12.25 -40.16
CA GLY A 7 -8.04 -13.25 -39.24
C GLY A 7 -8.81 -13.09 -37.94
N VAL A 8 -9.54 -14.13 -37.51
CA VAL A 8 -10.33 -14.04 -36.28
C VAL A 8 -9.69 -14.88 -35.18
N TYR A 9 -9.45 -14.28 -34.02
CA TYR A 9 -8.83 -14.96 -32.89
C TYR A 9 -9.73 -14.95 -31.66
N VAL A 10 -10.14 -16.13 -31.20
CA VAL A 10 -11.03 -16.27 -30.05
C VAL A 10 -10.24 -16.69 -28.82
N CYS A 11 -10.10 -15.79 -27.84
CA CYS A 11 -9.36 -16.10 -26.62
C CYS A 11 -10.20 -16.86 -25.61
N HIS A 12 -9.54 -17.74 -24.85
CA HIS A 12 -10.17 -18.52 -23.79
C HIS A 12 -9.89 -17.80 -22.46
N CYS A 13 -8.75 -17.07 -22.37
CA CYS A 13 -8.33 -16.37 -21.16
C CYS A 13 -8.30 -17.40 -20.05
N GLY A 14 -7.61 -18.51 -20.30
CA GLY A 14 -7.54 -19.61 -19.35
C GLY A 14 -8.89 -20.28 -19.40
N VAL A 15 -9.75 -19.97 -18.43
CA VAL A 15 -11.13 -20.47 -18.32
C VAL A 15 -12.08 -19.25 -18.13
N ASN A 16 -11.52 -18.01 -18.06
CA ASN A 16 -12.33 -16.80 -17.86
C ASN A 16 -13.35 -16.66 -18.96
N ILE A 17 -12.99 -17.02 -20.21
CA ILE A 17 -13.91 -16.96 -21.35
C ILE A 17 -14.35 -18.38 -21.68
N GLY A 18 -13.38 -19.27 -21.93
CA GLY A 18 -13.60 -20.67 -22.27
C GLY A 18 -14.51 -21.47 -21.36
N GLY A 19 -14.53 -21.13 -20.07
CA GLY A 19 -15.35 -21.81 -19.09
C GLY A 19 -16.84 -21.55 -19.23
N THR A 20 -17.22 -20.45 -19.90
CA THR A 20 -18.63 -20.07 -20.12
C THR A 20 -18.97 -20.13 -21.60
N VAL A 21 -18.15 -19.48 -22.43
CA VAL A 21 -18.34 -19.43 -23.87
C VAL A 21 -17.63 -20.63 -24.51
N ASP A 22 -18.30 -21.28 -25.48
CA ASP A 22 -17.72 -22.42 -26.19
C ASP A 22 -16.86 -21.79 -27.30
N CYS A 23 -15.61 -21.47 -26.98
CA CYS A 23 -14.69 -20.83 -27.92
C CYS A 23 -14.49 -21.65 -29.21
N PRO A 24 -14.21 -22.97 -29.15
CA PRO A 24 -14.06 -23.73 -30.40
C PRO A 24 -15.26 -23.58 -31.34
N ASP A 25 -16.48 -23.52 -30.78
CA ASP A 25 -17.70 -23.37 -31.59
C ASP A 25 -17.80 -21.96 -32.20
N VAL A 26 -17.31 -20.93 -31.48
CA VAL A 26 -17.32 -19.54 -31.97
C VAL A 26 -16.32 -19.46 -33.12
N THR A 27 -15.18 -20.16 -32.97
CA THR A 27 -14.12 -20.20 -33.98
C THR A 27 -14.63 -20.83 -35.28
N GLU A 28 -15.47 -21.90 -35.16
CA GLU A 28 -16.02 -22.57 -36.33
C GLU A 28 -17.04 -21.63 -37.01
N PHE A 29 -17.83 -20.89 -36.20
CA PHE A 29 -18.82 -19.95 -36.73
C PHE A 29 -18.15 -18.78 -37.44
N ALA A 30 -17.02 -18.28 -36.90
CA ALA A 30 -16.29 -17.15 -37.49
C ALA A 30 -15.85 -17.47 -38.92
N LYS A 31 -15.47 -18.72 -39.16
CA LYS A 31 -15.03 -19.19 -40.47
C LYS A 31 -16.13 -19.11 -41.54
N THR A 32 -17.41 -19.15 -41.13
CA THR A 32 -18.52 -19.08 -42.09
C THR A 32 -18.80 -17.65 -42.55
N LEU A 33 -18.14 -16.65 -41.96
CA LEU A 33 -18.35 -15.25 -42.32
C LEU A 33 -17.53 -14.86 -43.53
N LYS A 34 -18.11 -13.99 -44.39
CA LYS A 34 -17.46 -13.51 -45.61
C LYS A 34 -16.15 -12.81 -45.27
N ASN A 35 -15.11 -13.05 -46.09
CA ASN A 35 -13.78 -12.48 -45.93
C ASN A 35 -12.92 -13.09 -44.82
N VAL A 36 -13.52 -13.90 -43.92
CA VAL A 36 -12.73 -14.52 -42.86
C VAL A 36 -12.01 -15.68 -43.50
N VAL A 37 -10.66 -15.66 -43.51
CA VAL A 37 -9.88 -16.73 -44.13
C VAL A 37 -9.11 -17.56 -43.10
N VAL A 38 -8.95 -17.05 -41.87
CA VAL A 38 -8.27 -17.77 -40.79
C VAL A 38 -9.01 -17.50 -39.50
N ALA A 39 -9.26 -18.54 -38.71
CA ALA A 39 -9.94 -18.41 -37.43
C ALA A 39 -9.34 -19.42 -36.49
N ARG A 40 -8.86 -18.95 -35.34
CA ARG A 40 -8.23 -19.83 -34.35
C ARG A 40 -8.62 -19.46 -32.96
N ASP A 41 -8.56 -20.43 -32.06
CA ASP A 41 -8.86 -20.20 -30.65
C ASP A 41 -7.61 -20.53 -29.88
N TYR A 42 -7.24 -19.72 -28.88
CA TYR A 42 -6.05 -19.98 -28.09
C TYR A 42 -6.29 -19.58 -26.62
N LYS A 43 -5.63 -20.27 -25.67
CA LYS A 43 -5.78 -20.01 -24.23
C LYS A 43 -5.49 -18.56 -23.80
N TYR A 44 -4.41 -17.98 -24.29
CA TYR A 44 -4.04 -16.60 -23.95
C TYR A 44 -3.57 -15.87 -25.21
N MET A 45 -4.45 -15.10 -25.86
CA MET A 45 -4.09 -14.37 -27.09
C MET A 45 -3.03 -13.29 -26.89
N CYS A 46 -3.00 -12.67 -25.69
CA CYS A 46 -2.03 -11.60 -25.40
C CYS A 46 -0.64 -12.15 -25.04
N ALA A 47 -0.53 -13.47 -24.80
CA ALA A 47 0.77 -14.04 -24.45
C ALA A 47 1.69 -14.17 -25.67
N ASP A 48 2.99 -14.38 -25.43
CA ASP A 48 3.97 -14.51 -26.52
C ASP A 48 3.49 -15.47 -27.62
N PRO A 49 3.09 -16.73 -27.30
CA PRO A 49 2.63 -17.63 -28.37
C PRO A 49 1.39 -17.11 -29.12
N GLY A 50 0.50 -16.43 -28.41
CA GLY A 50 -0.70 -15.88 -29.00
C GLY A 50 -0.41 -14.73 -29.94
N GLN A 51 0.52 -13.84 -29.53
CA GLN A 51 0.90 -12.69 -30.36
C GLN A 51 1.70 -13.15 -31.58
N GLU A 52 2.61 -14.13 -31.40
CA GLU A 52 3.42 -14.66 -32.50
C GLU A 52 2.55 -15.39 -33.52
N MET A 53 1.44 -15.98 -33.06
CA MET A 53 0.50 -16.70 -33.92
C MET A 53 -0.20 -15.73 -34.85
N ILE A 54 -0.56 -14.54 -34.34
CA ILE A 54 -1.23 -13.51 -35.14
C ILE A 54 -0.26 -13.01 -36.19
N LYS A 55 0.95 -12.62 -35.76
CA LYS A 55 2.01 -12.12 -36.65
C LYS A 55 2.34 -13.11 -37.76
N LYS A 56 2.51 -14.39 -37.41
CA LYS A 56 2.83 -15.42 -38.39
C LYS A 56 1.70 -15.57 -39.42
N ASP A 57 0.44 -15.52 -38.96
CA ASP A 57 -0.72 -15.64 -39.85
C ASP A 57 -0.87 -14.42 -40.75
N ILE A 58 -0.54 -13.23 -40.25
CA ILE A 58 -0.65 -12.01 -41.05
C ILE A 58 0.25 -12.14 -42.27
N LYS A 59 1.46 -12.67 -42.05
CA LYS A 59 2.45 -12.86 -43.11
C LYS A 59 2.10 -14.06 -44.03
N GLU A 60 1.81 -15.24 -43.44
CA GLU A 60 1.50 -16.45 -44.22
C GLU A 60 0.17 -16.42 -44.97
N HIS A 61 -0.89 -15.87 -44.39
CA HIS A 61 -2.20 -15.81 -45.05
C HIS A 61 -2.52 -14.43 -45.61
N ASN A 62 -1.51 -13.52 -45.65
CA ASN A 62 -1.66 -12.16 -46.17
C ASN A 62 -2.96 -11.50 -45.70
N LEU A 63 -3.11 -11.35 -44.38
CA LEU A 63 -4.31 -10.73 -43.82
C LEU A 63 -4.18 -9.20 -43.84
N ASN A 64 -5.31 -8.51 -44.05
CA ASN A 64 -5.36 -7.05 -44.08
C ASN A 64 -6.35 -6.55 -43.00
N ARG A 65 -6.87 -7.48 -42.17
CA ARG A 65 -7.79 -7.19 -41.07
C ARG A 65 -7.58 -8.23 -40.00
N VAL A 66 -7.67 -7.84 -38.72
CA VAL A 66 -7.50 -8.80 -37.63
C VAL A 66 -8.57 -8.52 -36.58
N VAL A 67 -9.25 -9.58 -36.13
CA VAL A 67 -10.29 -9.48 -35.13
C VAL A 67 -9.88 -10.34 -33.94
N VAL A 68 -9.90 -9.77 -32.74
CA VAL A 68 -9.55 -10.52 -31.54
C VAL A 68 -10.76 -10.48 -30.64
N ALA A 69 -11.37 -11.64 -30.40
CA ALA A 69 -12.53 -11.75 -29.53
C ALA A 69 -11.95 -12.18 -28.20
N ALA A 70 -11.88 -11.24 -27.24
CA ALA A 70 -11.30 -11.54 -25.95
C ALA A 70 -11.81 -10.63 -24.82
N CYS A 71 -10.89 -9.87 -24.17
CA CYS A 71 -11.17 -8.96 -23.07
C CYS A 71 -11.62 -7.59 -23.61
N SER A 72 -11.51 -6.53 -22.80
CA SER A 72 -11.93 -5.19 -23.22
C SER A 72 -10.83 -4.44 -23.97
N PRO A 73 -11.18 -3.65 -25.01
CA PRO A 73 -10.14 -2.88 -25.71
C PRO A 73 -9.50 -1.88 -24.75
N ARG A 74 -10.26 -1.46 -23.71
CA ARG A 74 -9.75 -0.53 -22.70
C ARG A 74 -8.54 -1.12 -21.97
N LEU A 75 -8.33 -2.45 -22.06
CA LEU A 75 -7.22 -3.12 -21.42
C LEU A 75 -6.09 -3.47 -22.40
N HIS A 76 -6.41 -4.20 -23.51
CA HIS A 76 -5.37 -4.62 -24.47
C HIS A 76 -5.48 -4.10 -25.91
N GLU A 77 -6.28 -3.04 -26.19
CA GLU A 77 -6.34 -2.57 -27.58
C GLU A 77 -4.94 -2.11 -28.00
N PRO A 78 -4.22 -1.31 -27.18
CA PRO A 78 -2.88 -0.88 -27.59
C PRO A 78 -1.92 -2.06 -27.77
N THR A 79 -2.05 -3.08 -26.92
CA THR A 79 -1.20 -4.27 -26.96
C THR A 79 -1.30 -4.99 -28.32
N PHE A 80 -2.53 -5.23 -28.78
CA PHE A 80 -2.76 -5.89 -30.07
C PHE A 80 -2.48 -4.98 -31.26
N ARG A 81 -2.59 -3.65 -31.09
CA ARG A 81 -2.30 -2.73 -32.19
C ARG A 81 -0.81 -2.80 -32.47
N ARG A 82 0.02 -2.82 -31.41
CA ARG A 82 1.46 -2.90 -31.53
C ARG A 82 1.87 -4.26 -32.13
N CYS A 83 1.16 -5.34 -31.76
CA CYS A 83 1.40 -6.68 -32.27
C CYS A 83 1.17 -6.75 -33.77
N VAL A 84 0.02 -6.23 -34.26
CA VAL A 84 -0.29 -6.25 -35.70
C VAL A 84 0.65 -5.33 -36.48
N ALA A 85 1.00 -4.16 -35.91
CA ALA A 85 1.91 -3.21 -36.57
C ALA A 85 3.28 -3.85 -36.78
N GLU A 86 3.72 -4.73 -35.86
CA GLU A 86 5.02 -5.40 -35.98
C GLU A 86 5.04 -6.40 -37.14
N ALA A 87 3.85 -6.83 -37.60
CA ALA A 87 3.72 -7.77 -38.72
C ALA A 87 3.46 -7.01 -40.02
N GLY A 88 3.43 -5.67 -39.95
CA GLY A 88 3.21 -4.81 -41.10
C GLY A 88 1.78 -4.34 -41.30
N LEU A 89 0.82 -4.88 -40.53
CA LEU A 89 -0.59 -4.49 -40.67
C LEU A 89 -0.87 -3.18 -39.93
N ASN A 90 -1.53 -2.21 -40.59
CA ASN A 90 -1.87 -0.92 -39.97
C ASN A 90 -2.68 -1.17 -38.68
N PRO A 91 -2.35 -0.50 -37.56
CA PRO A 91 -3.11 -0.74 -36.31
C PRO A 91 -4.60 -0.40 -36.34
N PHE A 92 -5.08 0.38 -37.32
CA PHE A 92 -6.52 0.72 -37.37
C PHE A 92 -7.32 -0.25 -38.23
N LEU A 93 -6.70 -1.38 -38.60
CA LEU A 93 -7.36 -2.42 -39.37
C LEU A 93 -7.56 -3.60 -38.41
N PHE A 94 -7.43 -3.31 -37.10
CA PHE A 94 -7.59 -4.27 -36.02
C PHE A 94 -8.90 -3.92 -35.31
N GLU A 95 -9.71 -4.93 -34.97
CA GLU A 95 -10.99 -4.70 -34.30
C GLU A 95 -11.11 -5.64 -33.10
N PHE A 96 -11.59 -5.11 -31.97
CA PHE A 96 -11.77 -5.87 -30.74
C PHE A 96 -13.21 -6.27 -30.51
N ALA A 97 -13.43 -7.50 -30.07
CA ALA A 97 -14.77 -8.01 -29.75
C ALA A 97 -14.65 -8.38 -28.26
N ASN A 98 -15.45 -7.73 -27.41
CA ASN A 98 -15.43 -7.97 -25.99
C ASN A 98 -16.36 -9.09 -25.60
N ILE A 99 -15.81 -10.28 -25.35
CA ILE A 99 -16.61 -11.45 -24.99
C ILE A 99 -16.29 -11.94 -23.57
N ARG A 100 -15.54 -11.15 -22.80
CA ARG A 100 -15.20 -11.53 -21.42
C ARG A 100 -16.03 -10.65 -20.48
N GLU A 101 -15.61 -9.40 -20.26
CA GLU A 101 -16.32 -8.46 -19.38
C GLU A 101 -17.78 -8.31 -19.81
N HIS A 102 -18.00 -8.24 -21.13
CA HIS A 102 -19.31 -8.06 -21.72
C HIS A 102 -20.07 -9.36 -22.02
N CYS A 103 -19.51 -10.54 -21.72
CA CYS A 103 -20.24 -11.77 -22.02
C CYS A 103 -19.95 -12.94 -21.05
N SER A 104 -18.79 -13.59 -21.16
CA SER A 104 -18.46 -14.73 -20.28
C SER A 104 -18.57 -14.45 -18.78
N TRP A 105 -18.11 -13.27 -18.33
CA TRP A 105 -18.16 -12.90 -16.91
C TRP A 105 -19.54 -12.49 -16.40
N VAL A 106 -20.49 -12.16 -17.29
CA VAL A 106 -21.83 -11.74 -16.88
C VAL A 106 -22.96 -12.71 -17.28
N HIS A 107 -22.64 -13.80 -18.00
CA HIS A 107 -23.64 -14.79 -18.42
C HIS A 107 -23.15 -16.20 -18.07
N MET A 108 -22.50 -16.32 -16.90
CA MET A 108 -21.94 -17.58 -16.38
C MET A 108 -22.95 -18.72 -16.25
N HIS A 109 -24.22 -18.41 -15.94
CA HIS A 109 -25.25 -19.44 -15.78
C HIS A 109 -26.12 -19.63 -17.04
N GLU A 110 -25.70 -19.04 -18.17
CA GLU A 110 -26.41 -19.13 -19.44
C GLU A 110 -25.37 -19.33 -20.54
N LYS A 111 -24.64 -20.45 -20.45
CA LYS A 111 -23.56 -20.83 -21.37
C LYS A 111 -23.94 -20.85 -22.85
N GLU A 112 -25.09 -21.45 -23.20
CA GLU A 112 -25.52 -21.52 -24.60
C GLU A 112 -25.81 -20.14 -25.16
N LYS A 113 -26.56 -19.33 -24.40
CA LYS A 113 -26.89 -17.98 -24.85
C LYS A 113 -25.62 -17.10 -24.89
N ALA A 114 -24.63 -17.39 -24.01
CA ALA A 114 -23.37 -16.65 -23.99
C ALA A 114 -22.58 -16.98 -25.26
N THR A 115 -22.61 -18.26 -25.66
CA THR A 115 -21.93 -18.74 -26.87
C THR A 115 -22.54 -18.07 -28.10
N GLU A 116 -23.89 -17.95 -28.16
CA GLU A 116 -24.57 -17.32 -29.28
C GLU A 116 -24.30 -15.81 -29.29
N LYS A 117 -24.13 -15.21 -28.11
CA LYS A 117 -23.84 -13.78 -28.00
C LYS A 117 -22.44 -13.53 -28.51
N ALA A 118 -21.48 -14.44 -28.16
CA ALA A 118 -20.09 -14.31 -28.61
C ALA A 118 -20.03 -14.39 -30.15
N LYS A 119 -20.87 -15.26 -30.77
CA LYS A 119 -20.91 -15.39 -32.23
C LYS A 119 -21.39 -14.08 -32.87
N ASP A 120 -22.45 -13.47 -32.31
CA ASP A 120 -22.99 -12.20 -32.83
C ASP A 120 -21.99 -11.09 -32.65
N LEU A 121 -21.31 -11.03 -31.49
CA LEU A 121 -20.31 -10.00 -31.24
C LEU A 121 -19.13 -10.14 -32.19
N VAL A 122 -18.78 -11.38 -32.56
CA VAL A 122 -17.70 -11.65 -33.50
C VAL A 122 -18.17 -11.18 -34.90
N ARG A 123 -19.43 -11.50 -35.27
CA ARG A 123 -19.98 -11.10 -36.58
C ARG A 123 -20.07 -9.58 -36.69
N MET A 124 -20.38 -8.91 -35.57
CA MET A 124 -20.47 -7.44 -35.54
C MET A 124 -19.08 -6.86 -35.72
N ALA A 125 -18.06 -7.47 -35.08
CA ALA A 125 -16.66 -7.02 -35.18
C ALA A 125 -16.17 -7.23 -36.62
N VAL A 126 -16.45 -8.40 -37.19
CA VAL A 126 -16.05 -8.74 -38.56
C VAL A 126 -16.72 -7.76 -39.53
N ALA A 127 -18.00 -7.41 -39.27
CA ALA A 127 -18.73 -6.46 -40.13
C ALA A 127 -18.06 -5.09 -40.16
N LYS A 128 -17.68 -4.55 -38.99
CA LYS A 128 -17.03 -3.24 -38.97
C LYS A 128 -15.64 -3.35 -39.57
N ALA A 129 -14.91 -4.43 -39.24
CA ALA A 129 -13.57 -4.68 -39.73
C ALA A 129 -13.46 -4.54 -41.25
N ARG A 130 -14.42 -5.12 -42.00
CA ARG A 130 -14.41 -5.05 -43.47
C ARG A 130 -14.23 -3.63 -43.99
N LEU A 131 -14.94 -2.66 -43.40
CA LEU A 131 -14.85 -1.25 -43.84
C LEU A 131 -13.85 -0.41 -43.09
N LEU A 132 -13.01 -1.00 -42.22
CA LEU A 132 -12.02 -0.19 -41.51
C LEU A 132 -11.00 0.24 -42.51
N GLU A 133 -10.35 1.38 -42.27
CA GLU A 133 -9.35 1.94 -43.17
C GLU A 133 -8.01 2.13 -42.47
N PRO A 134 -6.90 2.13 -43.23
CA PRO A 134 -5.60 2.36 -42.58
C PRO A 134 -5.47 3.84 -42.20
N LEU A 135 -5.13 4.12 -40.95
CA LEU A 135 -4.98 5.50 -40.48
C LEU A 135 -3.56 5.71 -39.97
N GLU A 136 -3.02 6.89 -40.17
CA GLU A 136 -1.67 7.14 -39.72
C GLU A 136 -1.70 7.67 -38.29
N PHE A 137 -1.02 6.98 -37.37
CA PHE A 137 -0.98 7.46 -36.00
C PHE A 137 -0.38 8.85 -36.08
N ILE A 138 -1.03 9.83 -35.48
CA ILE A 138 -0.52 11.19 -35.54
C ILE A 138 0.59 11.36 -34.53
N LYS A 139 1.77 11.78 -34.99
CA LYS A 139 2.90 12.00 -34.10
C LYS A 139 2.87 13.45 -33.62
N VAL A 140 2.90 13.67 -32.31
CA VAL A 140 2.85 15.01 -31.73
C VAL A 140 4.00 15.20 -30.77
N GLY A 141 4.43 16.44 -30.63
CA GLY A 141 5.54 16.77 -29.73
C GLY A 141 5.09 16.79 -28.29
N VAL A 142 6.05 16.72 -27.37
CA VAL A 142 5.73 16.73 -25.94
C VAL A 142 6.38 17.93 -25.29
N THR A 143 5.56 18.78 -24.66
CA THR A 143 6.06 19.96 -23.98
C THR A 143 6.86 19.43 -22.79
N GLN A 144 8.13 19.87 -22.65
CA GLN A 144 8.99 19.41 -21.55
C GLN A 144 8.64 20.10 -20.24
N ARG A 145 7.42 19.85 -19.72
CA ARG A 145 6.99 20.44 -18.46
C ARG A 145 5.84 19.62 -17.87
N ALA A 146 5.84 19.46 -16.53
CA ALA A 146 4.80 18.69 -15.85
C ALA A 146 4.00 19.57 -14.91
N LEU A 147 2.79 19.10 -14.55
CA LEU A 147 1.91 19.82 -13.64
C LEU A 147 1.43 18.85 -12.56
N VAL A 148 1.55 19.25 -11.30
CA VAL A 148 1.11 18.42 -10.19
C VAL A 148 0.01 19.18 -9.48
N ILE A 149 -1.16 18.55 -9.31
CA ILE A 149 -2.30 19.20 -8.64
C ILE A 149 -2.45 18.56 -7.27
N GLY A 150 -2.13 19.33 -6.24
CA GLY A 150 -2.21 18.89 -4.86
C GLY A 150 -0.83 18.86 -4.26
N GLY A 151 -0.63 19.58 -3.16
CA GLY A 151 0.66 19.68 -2.50
C GLY A 151 0.80 18.91 -1.20
N GLY A 152 0.28 17.69 -1.17
CA GLY A 152 0.38 16.84 0.01
C GLY A 152 1.64 16.00 -0.11
N VAL A 153 1.84 15.02 0.75
CA VAL A 153 3.05 14.18 0.67
C VAL A 153 3.19 13.49 -0.72
N ALA A 154 2.07 13.10 -1.35
CA ALA A 154 2.11 12.45 -2.67
C ALA A 154 2.52 13.43 -3.78
N GLY A 155 1.87 14.58 -3.82
CA GLY A 155 2.16 15.61 -4.81
C GLY A 155 3.55 16.19 -4.66
N ILE A 156 3.97 16.42 -3.42
CA ILE A 156 5.31 16.95 -3.13
C ILE A 156 6.34 15.95 -3.66
N GLN A 157 6.13 14.65 -3.42
CA GLN A 157 7.06 13.62 -3.89
C GLN A 157 7.17 13.58 -5.40
N THR A 158 6.05 13.74 -6.12
CA THR A 158 6.07 13.71 -7.59
C THR A 158 6.87 14.89 -8.12
N ALA A 159 6.58 16.10 -7.61
CA ALA A 159 7.27 17.31 -8.04
C ALA A 159 8.76 17.26 -7.71
N LEU A 160 9.13 16.74 -6.53
CA LEU A 160 10.54 16.65 -6.16
C LEU A 160 11.27 15.67 -7.09
N ASP A 161 10.66 14.52 -7.38
CA ASP A 161 11.27 13.51 -8.27
C ASP A 161 11.41 14.05 -9.68
N LEU A 162 10.36 14.69 -10.21
CA LEU A 162 10.42 15.24 -11.56
C LEU A 162 11.44 16.38 -11.62
N GLY A 163 11.46 17.23 -10.59
CA GLY A 163 12.39 18.34 -10.51
C GLY A 163 13.82 17.83 -10.45
N ASP A 164 14.08 16.82 -9.60
CA ASP A 164 15.41 16.22 -9.45
C ASP A 164 15.88 15.57 -10.77
N MET A 165 14.94 15.10 -11.61
CA MET A 165 15.28 14.49 -12.90
C MET A 165 15.70 15.55 -13.92
N GLY A 166 15.39 16.81 -13.64
CA GLY A 166 15.71 17.92 -14.52
C GLY A 166 14.54 18.44 -15.33
N PHE A 167 13.30 17.99 -15.00
CA PHE A 167 12.12 18.44 -15.73
C PHE A 167 11.46 19.62 -15.04
N GLU A 168 11.04 20.64 -15.81
CA GLU A 168 10.37 21.80 -15.23
C GLU A 168 9.04 21.29 -14.69
N THR A 169 8.69 21.65 -13.46
CA THR A 169 7.44 21.19 -12.87
C THR A 169 6.69 22.33 -12.23
N ILE A 170 5.36 22.25 -12.27
CA ILE A 170 4.48 23.25 -11.67
C ILE A 170 3.68 22.51 -10.61
N LEU A 171 3.67 23.01 -9.37
CA LEU A 171 2.93 22.38 -8.27
C LEU A 171 1.84 23.35 -7.82
N VAL A 172 0.57 22.98 -8.02
CA VAL A 172 -0.56 23.83 -7.64
C VAL A 172 -1.17 23.31 -6.34
N GLU A 173 -1.29 24.17 -5.33
CA GLU A 173 -1.85 23.83 -4.04
C GLU A 173 -3.03 24.77 -3.73
N LYS A 174 -4.22 24.17 -3.49
CA LYS A 174 -5.46 24.90 -3.22
C LYS A 174 -5.44 25.78 -1.97
N THR A 175 -4.93 25.26 -0.85
CA THR A 175 -4.88 26.01 0.39
C THR A 175 -3.65 26.90 0.46
N PRO A 176 -3.56 27.80 1.45
CA PRO A 176 -2.37 28.67 1.54
C PRO A 176 -1.05 27.94 1.77
N SER A 177 -1.08 26.68 2.21
CA SER A 177 0.17 25.94 2.47
C SER A 177 0.15 24.52 1.93
N VAL A 178 1.35 23.99 1.67
CA VAL A 178 1.52 22.62 1.18
C VAL A 178 1.62 21.75 2.44
N GLY A 179 1.61 20.44 2.28
CA GLY A 179 1.71 19.52 3.43
C GLY A 179 0.57 18.53 3.54
N GLY A 180 -0.63 18.94 3.15
CA GLY A 180 -1.79 18.07 3.20
C GLY A 180 -2.21 17.64 4.60
N ARG A 181 -2.89 16.50 4.67
CA ARG A 181 -3.38 15.93 5.94
C ARG A 181 -2.22 15.45 6.80
N MET A 182 -1.08 15.09 6.18
CA MET A 182 0.09 14.65 6.91
C MET A 182 0.57 15.74 7.86
N ALA A 183 0.37 17.02 7.50
CA ALA A 183 0.77 18.14 8.34
C ALA A 183 -0.13 18.23 9.60
N GLN A 184 -1.41 17.77 9.48
CA GLN A 184 -2.36 17.79 10.59
C GLN A 184 -2.10 16.68 11.63
N LEU A 185 -1.43 15.60 11.23
CA LEU A 185 -1.15 14.49 12.15
C LEU A 185 -0.09 14.85 13.17
N ASP A 186 -0.15 14.26 14.37
CA ASP A 186 0.86 14.51 15.39
C ASP A 186 2.03 13.58 15.05
N LYS A 187 1.81 12.26 15.17
CA LYS A 187 2.83 11.26 14.85
C LYS A 187 2.36 10.39 13.67
N THR A 188 3.21 9.46 13.20
CA THR A 188 2.85 8.58 12.07
C THR A 188 3.20 7.13 12.39
N PHE A 189 2.25 6.20 12.23
CA PHE A 189 2.51 4.78 12.48
C PHE A 189 3.37 4.25 11.33
N PRO A 190 4.14 3.15 11.48
CA PRO A 190 4.34 2.32 12.67
C PRO A 190 5.56 2.76 13.48
N THR A 191 6.27 3.83 13.05
CA THR A 191 7.45 4.35 13.73
C THR A 191 7.14 5.42 14.78
N ASN A 192 5.93 5.99 14.78
CA ASN A 192 5.52 7.04 15.71
C ASN A 192 6.42 8.29 15.57
N ASP A 193 6.92 8.54 14.35
CA ASP A 193 7.77 9.69 14.06
C ASP A 193 6.87 10.90 14.02
N CYS A 194 7.41 12.08 14.32
CA CYS A 194 6.64 13.31 14.30
C CYS A 194 6.35 13.56 12.82
N SER A 195 5.08 13.61 12.47
CA SER A 195 4.66 13.79 11.07
C SER A 195 5.25 15.03 10.40
N ILE A 196 5.01 16.22 10.97
CA ILE A 196 5.52 17.45 10.38
C ILE A 196 7.04 17.55 10.52
N CYS A 197 7.59 17.07 11.65
CA CYS A 197 9.04 17.14 11.83
C CYS A 197 9.77 16.36 10.67
N ILE A 198 9.14 15.33 10.05
CA ILE A 198 9.74 14.57 8.91
C ILE A 198 9.22 15.06 7.53
N LEU A 199 8.02 15.68 7.48
CA LEU A 199 7.44 16.19 6.22
C LEU A 199 7.98 17.60 5.90
N ALA A 200 8.13 18.44 6.94
CA ALA A 200 8.63 19.82 6.80
C ALA A 200 9.87 19.91 5.90
N PRO A 201 10.90 19.06 6.05
CA PRO A 201 12.05 19.16 5.15
C PRO A 201 11.67 19.04 3.67
N LYS A 202 10.71 18.16 3.35
CA LYS A 202 10.28 17.98 1.96
C LYS A 202 9.51 19.23 1.50
N MET A 203 8.74 19.86 2.41
CA MET A 203 7.97 21.09 2.10
C MET A 203 8.97 22.20 1.81
N VAL A 204 10.06 22.26 2.60
CA VAL A 204 11.11 23.26 2.43
C VAL A 204 11.80 23.03 1.08
N ASP A 205 12.16 21.77 0.79
CA ASP A 205 12.84 21.39 -0.47
C ASP A 205 12.05 21.76 -1.70
N VAL A 206 10.75 21.44 -1.73
CA VAL A 206 9.91 21.72 -2.88
C VAL A 206 9.66 23.24 -3.07
N ALA A 207 9.67 24.02 -1.99
CA ALA A 207 9.45 25.47 -2.06
C ALA A 207 10.64 26.22 -2.67
N LYS A 208 11.87 25.69 -2.54
CA LYS A 208 13.07 26.35 -3.08
C LYS A 208 13.76 25.51 -4.16
N HIS A 209 13.04 24.55 -4.78
CA HIS A 209 13.65 23.72 -5.83
C HIS A 209 13.79 24.54 -7.11
N PRO A 210 14.97 24.55 -7.76
CA PRO A 210 15.12 25.34 -9.00
C PRO A 210 14.23 24.90 -10.17
N ASN A 211 13.77 23.63 -10.19
CA ASN A 211 12.93 23.13 -11.30
C ASN A 211 11.45 23.02 -10.93
N VAL A 212 11.04 23.49 -9.74
CA VAL A 212 9.65 23.43 -9.32
C VAL A 212 9.09 24.84 -9.06
N LYS A 213 8.00 25.20 -9.74
CA LYS A 213 7.35 26.49 -9.56
C LYS A 213 6.14 26.20 -8.67
N LEU A 214 6.15 26.68 -7.43
CA LEU A 214 5.05 26.45 -6.50
C LEU A 214 4.01 27.55 -6.52
N TYR A 215 2.77 27.18 -6.82
CA TYR A 215 1.64 28.11 -6.84
C TYR A 215 0.71 27.71 -5.71
N ALA A 216 0.98 28.22 -4.49
CA ALA A 216 0.14 27.92 -3.33
C ALA A 216 -1.10 28.82 -3.37
N TYR A 217 -2.16 28.44 -2.67
CA TYR A 217 -3.41 29.21 -2.66
C TYR A 217 -3.82 29.48 -4.11
N SER A 218 -3.71 28.46 -4.96
CA SER A 218 -4.05 28.55 -6.38
C SER A 218 -4.82 27.30 -6.80
N GLU A 219 -5.58 27.40 -7.90
CA GLU A 219 -6.37 26.28 -8.40
C GLU A 219 -6.35 26.21 -9.91
N VAL A 220 -6.36 25.00 -10.45
CA VAL A 220 -6.38 24.81 -11.90
C VAL A 220 -7.84 25.02 -12.28
N VAL A 221 -8.12 26.01 -13.13
CA VAL A 221 -9.51 26.31 -13.54
C VAL A 221 -9.84 25.79 -14.93
N ASP A 222 -8.83 25.45 -15.74
CA ASP A 222 -9.10 24.93 -17.08
C ASP A 222 -7.90 24.17 -17.63
N VAL A 223 -8.18 23.10 -18.37
CA VAL A 223 -7.16 22.26 -18.99
C VAL A 223 -7.68 21.94 -20.38
N GLN A 224 -6.90 22.24 -21.41
CA GLN A 224 -7.30 21.98 -22.79
C GLN A 224 -6.18 21.32 -23.53
N GLY A 225 -6.53 20.49 -24.50
CA GLY A 225 -5.54 19.80 -25.30
C GLY A 225 -5.48 18.31 -25.09
N TYR A 226 -4.31 17.72 -25.36
CA TYR A 226 -4.08 16.28 -25.26
C TYR A 226 -2.65 16.02 -24.80
N VAL A 227 -2.31 14.74 -24.59
CA VAL A 227 -0.99 14.33 -24.14
C VAL A 227 0.13 15.10 -24.87
N GLY A 228 1.04 15.67 -24.09
CA GLY A 228 2.16 16.45 -24.62
C GLY A 228 1.83 17.85 -25.09
N ASN A 229 0.54 18.19 -25.17
CA ASN A 229 0.13 19.51 -25.64
C ASN A 229 -1.02 20.07 -24.82
N PHE A 230 -0.88 20.07 -23.49
CA PHE A 230 -1.93 20.61 -22.62
C PHE A 230 -1.72 22.09 -22.42
N LYS A 231 -2.80 22.86 -22.43
CA LYS A 231 -2.79 24.29 -22.22
C LYS A 231 -3.59 24.46 -20.94
N VAL A 232 -2.92 24.79 -19.83
CA VAL A 232 -3.61 24.93 -18.55
C VAL A 232 -3.73 26.37 -18.07
N LYS A 233 -4.82 26.63 -17.33
CA LYS A 233 -5.08 27.93 -16.75
C LYS A 233 -5.09 27.75 -15.25
N ILE A 234 -4.20 28.46 -14.56
CA ILE A 234 -4.10 28.37 -13.10
C ILE A 234 -4.55 29.69 -12.53
N MET A 235 -5.49 29.66 -11.58
CA MET A 235 -5.98 30.88 -10.97
C MET A 235 -5.25 31.11 -9.66
N LYS A 236 -4.35 32.08 -9.64
CA LYS A 236 -3.61 32.40 -8.42
C LYS A 236 -4.56 33.25 -7.59
N LYS A 237 -5.21 32.62 -6.60
CA LYS A 237 -6.17 33.31 -5.76
C LYS A 237 -5.54 34.46 -4.99
N ALA A 238 -6.30 35.53 -4.84
CA ALA A 238 -5.87 36.72 -4.13
C ALA A 238 -5.99 36.55 -2.62
N ARG A 239 -4.89 36.76 -1.90
CA ARG A 239 -4.88 36.67 -0.46
C ARG A 239 -5.31 38.02 0.13
N TYR A 240 -5.32 39.09 -0.71
CA TYR A 240 -5.69 40.47 -0.37
C TYR A 240 -4.67 41.04 0.59
N ILE A 241 -3.45 40.46 0.56
CA ILE A 241 -2.30 40.82 1.39
C ILE A 241 -1.10 40.78 0.43
N ASP A 242 -0.26 41.81 0.41
CA ASP A 242 0.89 41.82 -0.48
C ASP A 242 1.84 40.68 -0.10
N GLU A 243 2.01 39.72 -1.02
CA GLU A 243 2.86 38.53 -0.85
C GLU A 243 4.30 38.88 -0.43
N THR A 244 4.95 39.79 -1.18
CA THR A 244 6.32 40.20 -0.91
C THR A 244 6.50 41.04 0.37
N LYS A 245 5.53 41.90 0.72
CA LYS A 245 5.62 42.75 1.91
C LYS A 245 5.12 42.00 3.16
N CYS A 246 4.61 40.77 3.00
CA CYS A 246 4.11 39.97 4.13
C CYS A 246 5.27 39.36 4.92
N THR A 247 5.36 39.69 6.22
CA THR A 247 6.40 39.19 7.12
C THR A 247 6.04 37.85 7.73
N GLY A 248 4.77 37.67 8.04
CA GLY A 248 4.25 36.45 8.64
C GLY A 248 4.31 36.48 10.17
N CYS A 249 4.20 37.70 10.75
CA CYS A 249 4.23 37.91 12.20
C CYS A 249 2.84 37.61 12.82
N GLY A 250 1.76 38.05 12.17
CA GLY A 250 0.37 37.81 12.61
C GLY A 250 -0.29 38.75 13.61
N GLN A 251 -0.02 40.07 13.52
CA GLN A 251 -0.61 41.05 14.46
C GLN A 251 -1.94 41.72 14.01
N CYS A 252 -2.37 41.52 12.76
CA CYS A 252 -3.61 42.14 12.26
C CYS A 252 -4.87 41.30 12.54
N SER A 253 -4.68 40.05 12.97
CA SER A 253 -5.77 39.12 13.28
C SER A 253 -6.45 39.41 14.62
N GLU A 254 -5.70 39.90 15.60
CA GLU A 254 -6.21 40.22 16.95
C GLU A 254 -7.42 41.14 16.95
N VAL A 255 -7.45 42.08 15.99
CA VAL A 255 -8.51 43.08 15.88
C VAL A 255 -9.70 42.59 15.05
N CYS A 256 -9.51 41.61 14.14
CA CYS A 256 -10.59 41.07 13.31
C CYS A 256 -11.77 40.60 14.18
N PRO A 257 -13.01 41.09 13.92
CA PRO A 257 -14.14 40.68 14.75
C PRO A 257 -14.88 39.44 14.30
N ILE A 258 -14.55 38.90 13.11
CA ILE A 258 -15.22 37.71 12.60
C ILE A 258 -14.44 36.47 12.93
N ASP A 259 -15.10 35.50 13.58
CA ASP A 259 -14.50 34.23 13.96
C ASP A 259 -14.97 33.15 13.00
N VAL A 260 -14.03 32.51 12.31
CA VAL A 260 -14.34 31.45 11.35
C VAL A 260 -13.82 30.12 11.93
N PRO A 261 -14.55 29.00 11.81
CA PRO A 261 -13.99 27.76 12.36
C PRO A 261 -12.74 27.36 11.59
N ASN A 262 -11.65 27.07 12.30
CA ASN A 262 -10.39 26.70 11.66
C ASN A 262 -10.48 25.31 11.03
N GLU A 263 -10.38 25.27 9.69
CA GLU A 263 -10.45 24.04 8.91
C GLU A 263 -9.30 23.13 9.27
N PHE A 264 -8.10 23.71 9.47
CA PHE A 264 -6.92 22.93 9.82
C PHE A 264 -7.10 22.17 11.13
N ASP A 265 -7.88 22.72 12.07
CA ASP A 265 -8.12 22.09 13.35
C ASP A 265 -9.45 21.28 13.34
N MET A 266 -9.97 20.98 12.14
CA MET A 266 -11.19 20.21 11.94
C MET A 266 -12.42 20.76 12.67
N GLY A 267 -12.55 22.08 12.71
CA GLY A 267 -13.68 22.74 13.35
C GLY A 267 -13.62 22.92 14.86
N ILE A 268 -12.63 22.31 15.53
CA ILE A 268 -12.54 22.48 16.98
C ILE A 268 -12.07 23.89 17.30
N GLY A 269 -11.06 24.34 16.57
CA GLY A 269 -10.49 25.68 16.76
C GLY A 269 -11.23 26.79 16.05
N MET A 270 -10.94 28.03 16.46
CA MET A 270 -11.54 29.23 15.86
C MET A 270 -10.43 30.13 15.34
N ARG A 271 -10.50 30.51 14.06
CA ARG A 271 -9.51 31.38 13.44
C ARG A 271 -10.22 32.66 13.00
N LYS A 272 -9.47 33.65 12.51
CA LYS A 272 -10.05 34.91 12.06
C LYS A 272 -10.13 34.92 10.53
N ALA A 273 -10.77 35.94 9.94
CA ALA A 273 -10.89 36.05 8.48
C ALA A 273 -9.49 36.18 7.85
N ILE A 274 -8.54 36.82 8.58
CA ILE A 274 -7.14 36.99 8.16
C ILE A 274 -6.36 35.93 8.97
N TYR A 275 -5.62 34.98 8.31
CA TYR A 275 -4.92 33.89 9.03
C TYR A 275 -3.72 33.17 8.34
N LYS A 276 -3.15 32.11 9.04
CA LYS A 276 -2.05 31.22 8.61
C LYS A 276 -2.55 29.79 8.95
N PRO A 277 -2.53 28.84 7.99
CA PRO A 277 -3.03 27.49 8.29
C PRO A 277 -2.45 26.81 9.54
N PHE A 278 -1.11 26.66 9.61
CA PHE A 278 -0.45 26.04 10.76
C PHE A 278 0.89 26.71 10.99
N PRO A 279 1.49 26.59 12.18
CA PRO A 279 2.76 27.28 12.42
C PRO A 279 3.94 26.96 11.50
N GLN A 280 4.01 25.76 10.94
CA GLN A 280 5.12 25.37 10.04
C GLN A 280 4.74 25.43 8.57
N ALA A 281 3.76 26.25 8.23
CA ALA A 281 3.29 26.39 6.85
C ALA A 281 4.35 26.85 5.87
N VAL A 282 4.26 26.35 4.64
CA VAL A 282 5.16 26.70 3.55
C VAL A 282 4.27 26.94 2.34
N PRO A 283 4.28 28.14 1.75
CA PRO A 283 5.07 29.33 2.13
C PRO A 283 4.51 29.97 3.42
N ALA A 284 5.38 30.54 4.24
CA ALA A 284 4.95 31.20 5.48
C ALA A 284 4.35 32.61 5.22
N LYS A 285 3.06 32.71 4.84
CA LYS A 285 2.40 34.02 4.59
C LYS A 285 0.92 33.99 5.05
N TYR A 286 0.33 35.16 5.32
CA TYR A 286 -1.07 35.25 5.79
C TYR A 286 -2.08 35.44 4.65
N THR A 287 -3.38 35.17 4.91
CA THR A 287 -4.45 35.28 3.90
C THR A 287 -5.78 35.80 4.46
N ILE A 288 -6.59 36.49 3.61
CA ILE A 288 -7.91 37.01 3.99
C ILE A 288 -8.95 36.13 3.30
N ASP A 289 -9.92 35.61 4.07
CA ASP A 289 -10.98 34.77 3.52
C ASP A 289 -12.17 35.67 3.21
N LYS A 290 -12.40 36.00 1.93
CA LYS A 290 -13.51 36.87 1.54
C LYS A 290 -14.89 36.23 1.71
N GLU A 291 -14.95 34.91 1.94
CA GLU A 291 -16.24 34.24 2.12
C GLU A 291 -16.82 34.66 3.48
N HIS A 292 -15.96 35.05 4.45
CA HIS A 292 -16.39 35.49 5.78
C HIS A 292 -15.90 36.92 6.12
N CYS A 293 -15.15 37.60 5.21
CA CYS A 293 -14.67 38.95 5.45
C CYS A 293 -15.79 39.99 5.35
N ILE A 294 -15.90 40.91 6.34
CA ILE A 294 -16.93 41.95 6.33
C ILE A 294 -16.41 43.29 5.78
N GLU A 295 -15.10 43.37 5.45
CA GLU A 295 -14.46 44.57 4.90
C GLU A 295 -14.58 45.82 5.79
N CYS A 296 -14.50 45.63 7.12
CA CYS A 296 -14.59 46.75 8.06
C CYS A 296 -13.29 47.59 8.07
N GLY A 297 -12.18 46.98 7.69
CA GLY A 297 -10.88 47.66 7.65
C GLY A 297 -10.17 47.80 8.98
N LEU A 298 -10.60 47.05 10.00
CA LEU A 298 -9.97 47.14 11.33
C LEU A 298 -8.56 46.54 11.32
N CYS A 299 -8.33 45.49 10.51
CA CYS A 299 -7.03 44.83 10.42
C CYS A 299 -6.00 45.74 9.77
N ALA A 300 -6.43 46.56 8.80
CA ALA A 300 -5.55 47.49 8.08
C ALA A 300 -5.00 48.59 8.99
N LYS A 301 -5.76 49.00 10.02
CA LYS A 301 -5.34 50.05 10.94
C LYS A 301 -4.15 49.60 11.80
N VAL A 302 -4.10 48.32 12.15
CA VAL A 302 -3.04 47.74 12.99
C VAL A 302 -1.82 47.32 12.17
N CYS A 303 -2.03 46.93 10.91
CA CYS A 303 -0.97 46.47 10.03
C CYS A 303 -0.01 47.60 9.66
N GLY A 304 1.27 47.41 9.99
CA GLY A 304 2.32 48.38 9.67
C GLY A 304 2.61 48.44 8.18
N PRO A 305 3.11 47.32 7.59
CA PRO A 305 3.40 47.29 6.14
C PRO A 305 2.28 47.74 5.19
N ASN A 306 1.02 47.80 5.66
CA ASN A 306 -0.12 48.18 4.82
C ASN A 306 -0.18 47.22 3.64
N ALA A 307 0.13 45.94 3.93
CA ALA A 307 0.11 44.87 2.96
C ALA A 307 -1.34 44.62 2.59
N ILE A 308 -2.27 44.86 3.53
CA ILE A 308 -3.68 44.66 3.25
C ILE A 308 -4.18 45.53 2.09
N ASP A 309 -4.66 44.89 1.03
CA ASP A 309 -5.17 45.54 -0.16
C ASP A 309 -6.38 44.76 -0.68
N PHE A 310 -7.59 45.31 -0.48
CA PHE A 310 -8.82 44.64 -0.92
C PHE A 310 -9.01 44.72 -2.45
N ASP A 311 -8.24 45.59 -3.12
CA ASP A 311 -8.33 45.76 -4.57
C ASP A 311 -7.44 44.76 -5.29
N GLN A 312 -6.92 43.72 -4.59
CA GLN A 312 -6.06 42.72 -5.20
C GLN A 312 -6.93 41.88 -6.11
N GLU A 313 -6.40 41.48 -7.26
CA GLU A 313 -7.16 40.70 -8.23
C GLU A 313 -6.50 39.35 -8.50
N PRO A 314 -7.26 38.24 -8.60
CA PRO A 314 -6.61 36.95 -8.88
C PRO A 314 -5.97 36.94 -10.26
N GLU A 315 -4.79 36.33 -10.38
CA GLU A 315 -4.06 36.26 -11.65
C GLU A 315 -4.28 34.92 -12.34
N ILE A 316 -4.61 34.95 -13.65
CA ILE A 316 -4.81 33.74 -14.44
C ILE A 316 -3.48 33.48 -15.13
N ILE A 317 -2.82 32.36 -14.80
CA ILE A 317 -1.54 32.02 -15.40
C ILE A 317 -1.73 30.96 -16.46
N GLU A 318 -1.33 31.26 -17.70
CA GLU A 318 -1.46 30.32 -18.79
C GLU A 318 -0.15 29.57 -18.87
N ALA A 319 -0.19 28.24 -18.79
CA ALA A 319 1.01 27.42 -18.85
C ALA A 319 0.80 26.24 -19.77
N GLU A 320 1.87 25.82 -20.44
CA GLU A 320 1.82 24.70 -21.35
C GLU A 320 2.56 23.54 -20.70
N VAL A 321 1.91 22.38 -20.57
CA VAL A 321 2.54 21.21 -19.96
C VAL A 321 2.32 19.99 -20.85
N GLY A 322 3.15 18.99 -20.64
CA GLY A 322 3.08 17.74 -21.39
C GLY A 322 2.33 16.65 -20.65
N THR A 323 2.49 16.59 -19.32
CA THR A 323 1.81 15.59 -18.49
C THR A 323 1.23 16.22 -17.24
N ILE A 324 0.18 15.61 -16.68
CA ILE A 324 -0.48 16.12 -15.49
C ILE A 324 -0.63 14.99 -14.46
N ILE A 325 -0.34 15.30 -13.18
CA ILE A 325 -0.45 14.32 -12.10
C ILE A 325 -1.45 14.84 -11.09
N CYS A 326 -2.54 14.10 -10.87
CA CYS A 326 -3.57 14.49 -9.92
C CYS A 326 -3.25 13.86 -8.56
N ALA A 327 -3.00 14.69 -7.54
CA ALA A 327 -2.67 14.23 -6.19
C ALA A 327 -3.39 15.09 -5.17
N ILE A 328 -4.70 15.27 -5.36
CA ILE A 328 -5.55 16.11 -4.50
C ILE A 328 -5.98 15.49 -3.16
N GLY A 329 -5.54 14.28 -2.84
CA GLY A 329 -5.84 13.64 -1.57
C GLY A 329 -7.25 13.18 -1.28
N TYR A 330 -7.64 13.31 0.00
CA TYR A 330 -8.93 12.88 0.51
C TYR A 330 -9.46 13.78 1.64
N ASP A 331 -10.68 13.48 2.09
CA ASP A 331 -11.36 14.15 3.19
C ASP A 331 -11.79 13.08 4.18
N ALA A 332 -11.98 13.45 5.44
CA ALA A 332 -12.42 12.48 6.46
C ALA A 332 -13.92 12.32 6.31
N PHE A 333 -14.42 11.10 6.55
CA PHE A 333 -15.85 10.82 6.46
C PHE A 333 -16.61 11.60 7.54
N ASP A 334 -17.82 12.09 7.21
CA ASP A 334 -18.64 12.84 8.16
C ASP A 334 -19.53 11.79 8.87
N PRO A 335 -19.30 11.50 10.16
CA PRO A 335 -20.10 10.47 10.83
C PRO A 335 -21.47 10.90 11.39
N THR A 336 -21.99 12.08 11.00
CA THR A 336 -23.29 12.52 11.48
C THR A 336 -24.38 11.52 11.05
N VAL A 337 -24.28 11.00 9.82
CA VAL A 337 -25.23 10.02 9.27
C VAL A 337 -25.47 8.82 10.17
N ARG A 338 -24.42 8.26 10.79
CA ARG A 338 -24.60 7.11 11.68
C ARG A 338 -25.06 7.73 13.01
N GLU A 339 -26.34 8.13 13.06
CA GLU A 339 -27.00 8.79 14.19
C GLU A 339 -26.94 8.04 15.52
N GLU A 340 -26.88 6.71 15.48
CA GLU A 340 -26.83 5.91 16.71
C GLU A 340 -25.56 6.20 17.50
N TYR A 341 -24.51 6.72 16.84
CA TYR A 341 -23.23 7.06 17.49
C TYR A 341 -23.25 8.47 18.09
N GLY A 342 -24.25 9.28 17.72
CA GLY A 342 -24.42 10.63 18.24
C GLY A 342 -23.39 11.70 17.92
N TYR A 343 -22.69 11.61 16.77
CA TYR A 343 -21.72 12.66 16.43
C TYR A 343 -22.51 13.90 15.99
N GLY A 344 -22.13 15.06 16.50
CA GLY A 344 -22.82 16.31 16.18
C GLY A 344 -23.95 16.58 17.15
N VAL A 345 -24.26 15.59 18.01
CA VAL A 345 -25.30 15.66 19.02
C VAL A 345 -24.63 15.63 20.40
N TYR A 346 -23.75 14.63 20.63
CA TYR A 346 -23.05 14.50 21.90
C TYR A 346 -21.71 15.25 21.81
N ASP A 347 -21.38 16.02 22.85
CA ASP A 347 -20.14 16.81 22.90
C ASP A 347 -18.88 15.95 22.98
N ASN A 348 -18.93 14.84 23.73
CA ASN A 348 -17.78 13.97 23.91
C ASN A 348 -17.59 12.87 22.84
N VAL A 349 -18.25 12.98 21.67
CA VAL A 349 -18.10 12.02 20.57
C VAL A 349 -17.31 12.80 19.53
N VAL A 350 -16.08 12.38 19.25
CA VAL A 350 -15.21 13.06 18.28
C VAL A 350 -14.72 12.10 17.21
N THR A 351 -14.16 12.65 16.12
CA THR A 351 -13.63 11.83 15.04
C THR A 351 -12.15 11.64 15.35
N ALA A 352 -11.49 10.73 14.64
CA ALA A 352 -10.07 10.48 14.87
C ALA A 352 -9.23 11.65 14.36
N LEU A 353 -9.64 12.31 13.25
CA LEU A 353 -8.88 13.44 12.73
C LEU A 353 -8.96 14.63 13.70
N GLU A 354 -10.07 14.75 14.47
CA GLU A 354 -10.21 15.82 15.46
C GLU A 354 -9.28 15.49 16.64
N LEU A 355 -9.16 14.19 16.97
CA LEU A 355 -8.29 13.75 18.05
C LEU A 355 -6.83 14.04 17.68
N GLU A 356 -6.43 13.82 16.39
CA GLU A 356 -5.07 14.09 15.92
C GLU A 356 -4.71 15.52 16.30
N ARG A 357 -5.63 16.46 16.01
CA ARG A 357 -5.46 17.89 16.29
C ARG A 357 -5.40 18.15 17.81
N MET A 358 -6.26 17.48 18.61
CA MET A 358 -6.27 17.62 20.08
C MET A 358 -4.94 17.13 20.64
N ILE A 359 -4.41 16.01 20.07
CA ILE A 359 -3.14 15.41 20.49
C ILE A 359 -1.93 16.25 20.01
N ASN A 360 -2.03 16.83 18.80
CA ASN A 360 -0.95 17.65 18.23
C ASN A 360 -0.58 18.82 19.15
N ALA A 361 0.72 19.00 19.41
CA ALA A 361 1.26 20.06 20.28
C ALA A 361 0.86 21.46 19.80
N SER A 362 0.83 21.68 18.47
CA SER A 362 0.48 22.97 17.88
C SER A 362 -1.04 23.08 17.66
N GLY A 363 -1.81 22.17 18.24
CA GLY A 363 -3.25 22.14 18.10
C GLY A 363 -3.99 23.18 18.93
N PRO A 364 -5.32 23.15 18.86
CA PRO A 364 -6.12 24.12 19.62
C PRO A 364 -6.12 23.92 21.15
N THR A 365 -5.90 22.69 21.63
CA THR A 365 -5.87 22.39 23.06
C THR A 365 -4.44 22.36 23.63
N GLY A 366 -3.45 22.71 22.83
CA GLY A 366 -2.06 22.72 23.25
C GLY A 366 -1.51 21.32 23.46
N GLY A 367 -2.03 20.35 22.71
CA GLY A 367 -1.61 18.96 22.79
C GLY A 367 -2.24 18.19 23.94
N LYS A 368 -3.35 18.69 24.50
CA LYS A 368 -4.03 18.02 25.60
C LYS A 368 -5.36 17.42 25.16
N VAL A 369 -5.55 16.12 25.41
CA VAL A 369 -6.79 15.43 25.06
C VAL A 369 -7.81 15.81 26.13
N ILE A 370 -8.84 16.57 25.75
CA ILE A 370 -9.87 17.01 26.70
C ILE A 370 -11.27 16.87 26.16
N ARG A 371 -12.24 16.67 27.07
CA ARG A 371 -13.65 16.54 26.73
C ARG A 371 -14.16 17.92 26.30
N LEU A 372 -14.91 17.99 25.19
CA LEU A 372 -15.43 19.28 24.71
C LEU A 372 -16.61 19.81 25.54
N SER A 373 -17.19 18.97 26.42
CA SER A 373 -18.32 19.38 27.26
C SER A 373 -17.89 20.15 28.51
N ASP A 374 -16.77 19.74 29.15
CA ASP A 374 -16.30 20.39 30.38
C ASP A 374 -14.78 20.71 30.41
N GLY A 375 -14.05 20.39 29.35
CA GLY A 375 -12.62 20.66 29.28
C GLY A 375 -11.75 19.76 30.16
N GLN A 376 -12.32 18.66 30.68
CA GLN A 376 -11.58 17.72 31.53
C GLN A 376 -10.92 16.61 30.72
N LYS A 377 -9.82 16.06 31.23
CA LYS A 377 -9.13 14.97 30.54
C LYS A 377 -9.91 13.67 30.74
N PRO A 378 -10.14 12.89 29.66
CA PRO A 378 -10.87 11.63 29.81
C PRO A 378 -10.00 10.53 30.41
N LYS A 379 -10.56 9.80 31.37
CA LYS A 379 -9.87 8.69 32.05
C LYS A 379 -10.14 7.37 31.34
N ARG A 380 -11.23 7.30 30.57
CA ARG A 380 -11.63 6.11 29.83
C ARG A 380 -11.96 6.52 28.40
N ILE A 381 -11.34 5.90 27.40
CA ILE A 381 -11.59 6.24 25.99
C ILE A 381 -11.96 5.02 25.17
N ALA A 382 -12.92 5.17 24.25
CA ALA A 382 -13.34 4.08 23.39
C ALA A 382 -13.14 4.46 21.95
N PHE A 383 -12.54 3.58 21.16
CA PHE A 383 -12.32 3.83 19.74
C PHE A 383 -13.30 2.95 19.03
N ILE A 384 -14.04 3.49 18.05
CA ILE A 384 -15.01 2.72 17.30
C ILE A 384 -14.50 2.62 15.88
N GLN A 385 -14.12 1.41 15.44
CA GLN A 385 -13.58 1.18 14.10
C GLN A 385 -14.62 1.12 13.00
N CYS A 386 -14.14 1.23 11.75
CA CYS A 386 -14.91 1.16 10.52
C CYS A 386 -16.06 2.18 10.43
N VAL A 387 -15.91 3.39 10.98
CA VAL A 387 -16.97 4.39 10.92
C VAL A 387 -16.93 5.03 9.51
N GLY A 388 -17.95 4.72 8.71
CA GLY A 388 -18.03 5.22 7.34
C GLY A 388 -17.34 4.33 6.34
N SER A 389 -16.97 3.10 6.76
CA SER A 389 -16.28 2.13 5.90
C SER A 389 -16.89 0.76 6.10
N ARG A 390 -16.74 -0.13 5.11
CA ARG A 390 -17.31 -1.48 5.22
C ARG A 390 -18.77 -1.37 5.67
N ASP A 391 -19.49 -0.33 5.18
CA ASP A 391 -20.86 -0.05 5.56
C ASP A 391 -21.74 0.28 4.36
N ALA A 392 -22.67 -0.62 4.01
CA ALA A 392 -23.59 -0.41 2.89
C ALA A 392 -24.63 0.67 3.17
N LYS A 393 -24.96 0.92 4.45
CA LYS A 393 -25.97 1.93 4.82
C LYS A 393 -25.54 3.35 4.50
N VAL A 394 -24.22 3.62 4.48
CA VAL A 394 -23.70 4.96 4.18
C VAL A 394 -23.13 4.99 2.74
N GLY A 395 -23.28 3.88 2.03
CA GLY A 395 -22.82 3.75 0.65
C GLY A 395 -21.32 3.55 0.50
N ASN A 396 -20.61 3.22 1.59
CA ASN A 396 -19.17 3.02 1.57
C ASN A 396 -18.87 1.57 1.94
N LYS A 397 -18.80 0.69 0.93
CA LYS A 397 -18.55 -0.74 1.11
C LYS A 397 -17.07 -1.12 1.00
N TYR A 398 -16.18 -0.17 1.23
CA TYR A 398 -14.73 -0.41 1.13
C TYR A 398 -14.05 -0.24 2.47
N CYS A 399 -12.82 -0.75 2.56
CA CYS A 399 -11.97 -0.64 3.74
C CYS A 399 -11.18 0.67 3.57
N SER A 400 -11.18 1.56 4.58
CA SER A 400 -10.44 2.82 4.48
C SER A 400 -8.92 2.64 4.71
N ASN A 401 -8.47 1.37 4.90
CA ASN A 401 -7.07 0.98 5.02
C ASN A 401 -6.20 1.47 6.20
N VAL A 402 -6.35 2.71 6.67
CA VAL A 402 -5.50 3.25 7.75
C VAL A 402 -6.12 3.38 9.15
N CYS A 403 -7.42 3.14 9.31
CA CYS A 403 -8.10 3.30 10.59
C CYS A 403 -7.70 2.34 11.68
N CYS A 404 -7.40 1.08 11.36
CA CYS A 404 -7.00 0.15 12.41
C CYS A 404 -5.69 0.64 13.00
N MET A 405 -4.73 0.96 12.12
CA MET A 405 -3.41 1.44 12.52
C MET A 405 -3.41 2.79 13.21
N TYR A 406 -4.18 3.79 12.75
CA TYR A 406 -4.13 5.08 13.44
C TYR A 406 -4.83 5.03 14.79
N ALA A 407 -5.83 4.13 14.97
CA ALA A 407 -6.52 4.01 16.25
C ALA A 407 -5.56 3.45 17.29
N MET A 408 -4.77 2.44 16.89
CA MET A 408 -3.79 1.83 17.77
C MET A 408 -2.67 2.81 18.06
N LYS A 409 -2.27 3.61 17.05
CA LYS A 409 -1.22 4.61 17.22
C LYS A 409 -1.64 5.68 18.21
N ASN A 410 -2.80 6.30 17.97
CA ASN A 410 -3.28 7.36 18.86
C ASN A 410 -3.50 6.81 20.26
N SER A 411 -3.86 5.53 20.39
CA SER A 411 -4.07 4.93 21.71
C SER A 411 -2.70 4.87 22.43
N GLN A 412 -1.61 4.58 21.69
CA GLN A 412 -0.28 4.53 22.30
C GLN A 412 0.13 5.95 22.73
N LEU A 413 -0.17 6.96 21.90
CA LEU A 413 0.17 8.35 22.20
C LEU A 413 -0.56 8.83 23.45
N ILE A 414 -1.79 8.38 23.66
CA ILE A 414 -2.54 8.79 24.84
C ILE A 414 -1.94 8.10 26.07
N LYS A 415 -1.61 6.80 25.95
CA LYS A 415 -1.02 6.03 27.05
C LYS A 415 0.33 6.64 27.45
N GLU A 416 1.11 7.15 26.48
CA GLU A 416 2.41 7.78 26.76
C GLU A 416 2.21 9.05 27.56
N LYS A 417 1.19 9.85 27.20
CA LYS A 417 0.89 11.11 27.89
C LYS A 417 0.25 10.85 29.25
N SER A 418 -0.66 9.87 29.33
CA SER A 418 -1.34 9.52 30.58
C SER A 418 -1.49 7.99 30.67
N PRO A 419 -0.54 7.30 31.33
CA PRO A 419 -0.63 5.84 31.44
C PRO A 419 -1.86 5.31 32.17
N ASP A 420 -2.44 6.08 33.10
CA ASP A 420 -3.62 5.66 33.85
C ASP A 420 -4.87 5.50 32.97
N THR A 421 -4.89 6.14 31.79
CA THR A 421 -6.03 6.08 30.88
C THR A 421 -6.35 4.66 30.44
N GLU A 422 -7.63 4.33 30.40
CA GLU A 422 -8.13 3.03 29.99
C GLU A 422 -8.56 3.19 28.53
N ILE A 423 -8.05 2.36 27.61
CA ILE A 423 -8.44 2.48 26.22
C ILE A 423 -8.92 1.16 25.65
N ASP A 424 -10.11 1.17 25.05
CA ASP A 424 -10.72 -0.01 24.45
C ASP A 424 -10.97 0.28 22.99
N ILE A 425 -10.64 -0.66 22.09
CA ILE A 425 -10.84 -0.49 20.66
C ILE A 425 -11.89 -1.50 20.21
N TYR A 426 -13.03 -1.01 19.71
CA TYR A 426 -14.14 -1.84 19.24
C TYR A 426 -13.95 -2.09 17.76
N TYR A 427 -13.59 -3.33 17.40
CA TYR A 427 -13.32 -3.70 16.02
C TYR A 427 -14.02 -4.98 15.51
N MET A 428 -13.81 -5.28 14.22
CA MET A 428 -14.34 -6.45 13.52
C MET A 428 -13.12 -7.27 13.11
N ASP A 429 -12.18 -6.61 12.40
CA ASP A 429 -10.91 -7.20 11.98
C ASP A 429 -9.82 -6.17 12.22
N ILE A 430 -8.68 -6.57 12.77
CA ILE A 430 -7.58 -5.65 12.98
C ILE A 430 -6.77 -5.80 11.70
N ARG A 431 -6.66 -4.73 10.92
CA ARG A 431 -5.92 -4.78 9.66
C ARG A 431 -4.56 -4.09 9.78
N ALA A 432 -3.55 -4.88 10.17
CA ALA A 432 -2.15 -4.50 10.38
C ALA A 432 -1.38 -5.42 9.43
N PHE A 433 -1.55 -5.13 8.15
CA PHE A 433 -1.04 -5.87 7.00
C PHE A 433 0.35 -5.57 6.43
N SER A 434 0.98 -4.44 6.74
CA SER A 434 2.30 -4.16 6.17
C SER A 434 3.48 -4.35 7.14
N LYS A 435 4.68 -3.96 6.69
CA LYS A 435 5.94 -4.10 7.45
C LYS A 435 5.93 -3.37 8.79
N GLY A 436 6.07 -4.14 9.87
CA GLY A 436 6.07 -3.61 11.23
C GLY A 436 4.69 -3.28 11.77
N TYR A 437 3.62 -3.56 10.98
CA TYR A 437 2.25 -3.27 11.41
C TYR A 437 1.73 -4.28 12.42
N GLU A 438 1.89 -5.58 12.14
CA GLU A 438 1.43 -6.63 13.05
C GLU A 438 2.17 -6.50 14.39
N GLU A 439 3.46 -6.15 14.31
CA GLU A 439 4.31 -5.95 15.48
C GLU A 439 3.81 -4.75 16.29
N PHE A 440 3.35 -3.69 15.59
CA PHE A 440 2.80 -2.47 16.19
C PHE A 440 1.53 -2.84 16.97
N TYR A 441 0.73 -3.74 16.38
CA TYR A 441 -0.51 -4.24 16.97
C TYR A 441 -0.20 -5.07 18.22
N GLU A 442 0.81 -5.94 18.14
CA GLU A 442 1.20 -6.76 19.28
C GLU A 442 1.67 -5.84 20.41
N ARG A 443 2.49 -4.85 20.06
CA ARG A 443 3.06 -3.87 20.98
C ARG A 443 1.97 -3.04 21.69
N SER A 444 0.95 -2.61 20.96
CA SER A 444 -0.17 -1.82 21.50
C SER A 444 -0.84 -2.55 22.67
N ALA A 445 -1.04 -3.86 22.53
CA ALA A 445 -1.67 -4.68 23.56
C ALA A 445 -0.70 -5.04 24.68
N LYS A 446 0.45 -5.61 24.32
CA LYS A 446 1.47 -6.06 25.26
C LYS A 446 2.21 -4.97 26.03
N GLN A 447 2.69 -3.93 25.35
CA GLN A 447 3.43 -2.86 25.99
C GLN A 447 2.54 -1.75 26.56
N TYR A 448 1.58 -1.25 25.77
CA TYR A 448 0.70 -0.16 26.20
C TYR A 448 -0.61 -0.58 26.89
N GLY A 449 -0.90 -1.87 26.97
CA GLY A 449 -2.11 -2.34 27.63
C GLY A 449 -3.40 -1.87 26.97
N ILE A 450 -3.38 -1.65 25.64
CA ILE A 450 -4.57 -1.23 24.92
C ILE A 450 -5.46 -2.45 24.77
N LYS A 451 -6.76 -2.33 25.05
CA LYS A 451 -7.69 -3.46 24.97
C LYS A 451 -8.44 -3.49 23.66
N PHE A 452 -8.74 -4.70 23.17
CA PHE A 452 -9.46 -4.89 21.92
C PHE A 452 -10.73 -5.67 22.17
N MET A 453 -11.86 -5.13 21.67
CA MET A 453 -13.16 -5.75 21.84
C MET A 453 -13.67 -6.11 20.44
N ARG A 454 -13.76 -7.41 20.10
CA ARG A 454 -14.27 -7.76 18.78
C ARG A 454 -15.78 -7.63 18.80
N GLY A 455 -16.28 -6.58 18.17
CA GLY A 455 -17.69 -6.31 18.09
C GLY A 455 -17.94 -4.88 17.66
N ARG A 456 -18.67 -4.71 16.56
CA ARG A 456 -18.99 -3.39 16.03
C ARG A 456 -20.13 -2.81 16.86
N PRO A 457 -19.92 -1.67 17.56
CA PRO A 457 -21.00 -1.12 18.39
C PRO A 457 -22.31 -0.83 17.68
N SER A 458 -23.43 -1.12 18.37
CA SER A 458 -24.77 -0.89 17.84
C SER A 458 -25.14 0.58 18.00
N GLN A 459 -24.78 1.17 19.15
CA GLN A 459 -25.09 2.58 19.40
C GLN A 459 -24.29 3.13 20.57
N VAL A 460 -24.31 4.45 20.70
CA VAL A 460 -23.63 5.19 21.76
C VAL A 460 -24.74 5.97 22.48
N ILE A 461 -24.80 5.91 23.81
CA ILE A 461 -25.83 6.62 24.57
C ILE A 461 -25.15 7.56 25.54
N GLU A 462 -25.52 8.85 25.50
CA GLU A 462 -24.96 9.87 26.36
C GLU A 462 -25.75 10.00 27.64
N ASP A 463 -25.06 10.25 28.75
CA ASP A 463 -25.71 10.47 30.04
C ASP A 463 -25.81 12.01 30.01
N PRO A 464 -27.03 12.59 29.89
CA PRO A 464 -27.13 14.05 29.82
C PRO A 464 -26.64 14.80 31.06
N GLU A 465 -26.57 14.11 32.21
CA GLU A 465 -26.14 14.67 33.49
C GLU A 465 -24.63 14.87 33.59
N THR A 466 -23.85 13.92 33.07
CA THR A 466 -22.38 13.95 33.14
C THR A 466 -21.66 14.18 31.81
N GLY A 467 -22.31 13.84 30.70
CA GLY A 467 -21.70 13.98 29.38
C GLY A 467 -20.95 12.72 29.01
N ASN A 468 -20.91 11.72 29.93
CA ASN A 468 -20.23 10.46 29.71
C ASN A 468 -21.01 9.66 28.70
N LEU A 469 -20.35 8.77 27.98
CA LEU A 469 -21.01 7.98 26.95
C LEU A 469 -20.95 6.50 27.26
N VAL A 470 -21.98 5.78 26.87
CA VAL A 470 -22.08 4.35 27.07
C VAL A 470 -22.03 3.73 25.68
N VAL A 471 -21.18 2.72 25.47
CA VAL A 471 -21.08 2.06 24.18
C VAL A 471 -21.75 0.71 24.26
N ARG A 472 -22.80 0.51 23.48
CA ARG A 472 -23.51 -0.75 23.48
C ARG A 472 -22.93 -1.58 22.36
N ALA A 473 -22.42 -2.76 22.68
CA ALA A 473 -21.81 -3.61 21.68
C ALA A 473 -21.75 -5.02 22.17
N GLU A 474 -21.78 -5.98 21.27
CA GLU A 474 -21.69 -7.37 21.68
C GLU A 474 -20.25 -7.78 21.62
N ASP A 475 -19.75 -8.43 22.69
CA ASP A 475 -18.39 -8.92 22.66
C ASP A 475 -18.61 -10.26 21.96
N THR A 476 -18.38 -10.30 20.65
CA THR A 476 -18.58 -11.52 19.87
C THR A 476 -17.70 -12.68 20.32
N LEU A 477 -16.54 -12.39 20.95
CA LEU A 477 -15.64 -13.43 21.43
C LEU A 477 -16.12 -14.06 22.74
N LEU A 478 -17.17 -13.48 23.37
CA LEU A 478 -17.76 -14.02 24.60
C LEU A 478 -19.26 -14.34 24.40
N GLY A 479 -19.89 -13.78 23.36
CA GLY A 479 -21.30 -14.01 23.10
C GLY A 479 -22.16 -13.33 24.15
N GLU A 480 -21.69 -12.15 24.62
CA GLU A 480 -22.37 -11.37 25.64
C GLU A 480 -22.40 -9.91 25.24
N ILE A 481 -23.43 -9.18 25.68
CA ILE A 481 -23.57 -7.77 25.37
C ILE A 481 -22.84 -6.93 26.41
N LEU A 482 -22.04 -5.97 25.94
CA LEU A 482 -21.30 -5.08 26.82
C LEU A 482 -21.96 -3.72 26.80
N GLU A 483 -21.91 -3.01 27.91
CA GLU A 483 -22.47 -1.69 28.03
C GLU A 483 -21.52 -0.88 28.92
N LYS A 484 -20.27 -0.73 28.46
CA LYS A 484 -19.22 -0.01 29.18
C LYS A 484 -19.34 1.49 29.02
N GLU A 485 -19.02 2.23 30.10
CA GLU A 485 -19.08 3.68 30.12
C GLU A 485 -17.70 4.30 29.84
N TYR A 486 -17.68 5.43 29.10
CA TYR A 486 -16.46 6.13 28.73
C TYR A 486 -16.60 7.62 28.91
N ASP A 487 -15.46 8.29 29.04
CA ASP A 487 -15.39 9.74 29.19
C ASP A 487 -15.29 10.40 27.82
N LEU A 488 -14.80 9.66 26.82
CA LEU A 488 -14.66 10.15 25.46
C LEU A 488 -14.81 8.99 24.48
N VAL A 489 -15.52 9.20 23.37
CA VAL A 489 -15.69 8.17 22.35
C VAL A 489 -15.07 8.72 21.09
N VAL A 490 -14.13 7.99 20.50
CA VAL A 490 -13.45 8.41 19.29
C VAL A 490 -13.91 7.54 18.13
N LEU A 491 -14.47 8.18 17.10
CA LEU A 491 -14.95 7.47 15.94
C LEU A 491 -13.83 7.39 14.90
N SER A 492 -13.37 6.17 14.60
CA SER A 492 -12.30 5.99 13.62
C SER A 492 -12.90 6.12 12.22
N VAL A 493 -13.13 7.37 11.80
CA VAL A 493 -13.71 7.74 10.51
C VAL A 493 -12.86 7.28 9.32
N GLY A 494 -13.54 6.87 8.26
CA GLY A 494 -12.90 6.41 7.04
C GLY A 494 -12.49 7.55 6.13
N MET A 495 -12.02 7.23 4.92
CA MET A 495 -11.58 8.24 3.95
C MET A 495 -12.59 8.35 2.81
N VAL A 496 -12.85 9.58 2.34
CA VAL A 496 -13.78 9.83 1.24
C VAL A 496 -13.06 10.76 0.26
N PRO A 497 -13.47 10.84 -1.01
CA PRO A 497 -12.77 11.74 -1.93
C PRO A 497 -12.90 13.18 -1.44
N THR A 498 -11.93 14.04 -1.77
CA THR A 498 -11.98 15.43 -1.33
C THR A 498 -13.15 16.17 -2.03
N LYS A 499 -13.69 17.20 -1.36
CA LYS A 499 -14.82 18.01 -1.85
C LYS A 499 -14.64 18.57 -3.28
N SER A 500 -13.41 18.94 -3.65
CA SER A 500 -13.10 19.48 -4.98
C SER A 500 -12.93 18.40 -6.06
N ALA A 501 -12.92 17.11 -5.68
CA ALA A 501 -12.75 16.02 -6.64
C ALA A 501 -13.67 16.11 -7.86
N ASP A 502 -14.92 16.57 -7.68
CA ASP A 502 -15.85 16.70 -8.80
C ASP A 502 -15.33 17.73 -9.80
N GLU A 503 -14.86 18.88 -9.31
CA GLU A 503 -14.33 19.95 -10.19
C GLU A 503 -13.12 19.45 -10.98
N VAL A 504 -12.17 18.80 -10.29
CA VAL A 504 -10.95 18.27 -10.91
C VAL A 504 -11.28 17.20 -11.94
N GLN A 505 -12.27 16.34 -11.65
CA GLN A 505 -12.68 15.27 -12.56
C GLN A 505 -13.12 15.83 -13.92
N LYS A 506 -13.96 16.87 -13.88
CA LYS A 506 -14.47 17.52 -15.09
C LYS A 506 -13.37 18.22 -15.88
N ILE A 507 -12.43 18.85 -15.17
CA ILE A 507 -11.33 19.56 -15.82
C ILE A 507 -10.34 18.60 -16.50
N LEU A 508 -9.99 17.48 -15.84
CA LEU A 508 -9.06 16.51 -16.41
C LEU A 508 -9.72 15.46 -17.31
N GLY A 509 -11.01 15.25 -17.16
CA GLY A 509 -11.72 14.26 -17.96
C GLY A 509 -11.31 12.86 -17.57
N ILE A 510 -11.35 12.56 -16.27
CA ILE A 510 -10.99 11.26 -15.74
C ILE A 510 -12.19 10.61 -15.10
N SER A 511 -12.14 9.29 -14.89
CA SER A 511 -13.24 8.54 -14.31
C SER A 511 -13.05 8.20 -12.84
N ARG A 512 -14.11 7.68 -12.21
CA ARG A 512 -14.11 7.28 -10.80
C ARG A 512 -14.46 5.82 -10.66
N THR A 513 -13.98 5.20 -9.58
CA THR A 513 -14.23 3.78 -9.29
C THR A 513 -15.43 3.67 -8.34
N PRO A 514 -15.99 2.45 -8.10
CA PRO A 514 -17.16 2.36 -7.20
C PRO A 514 -16.99 3.06 -5.84
N ASP A 515 -15.75 3.15 -5.33
CA ASP A 515 -15.48 3.81 -4.05
C ASP A 515 -15.52 5.36 -4.14
N GLN A 516 -15.74 5.91 -5.35
CA GLN A 516 -15.81 7.34 -5.65
C GLN A 516 -14.44 8.01 -5.78
N PHE A 517 -13.36 7.23 -5.66
CA PHE A 517 -12.02 7.79 -5.80
C PHE A 517 -11.68 7.72 -7.30
N PHE A 518 -10.53 8.26 -7.72
CA PHE A 518 -10.19 8.22 -9.15
C PHE A 518 -9.80 6.84 -9.65
N MET A 519 -10.22 6.55 -10.88
CA MET A 519 -9.99 5.29 -11.55
C MET A 519 -8.65 5.20 -12.27
N GLU A 520 -7.86 4.20 -11.91
CA GLU A 520 -6.57 3.97 -12.54
C GLU A 520 -6.84 3.21 -13.84
N ALA A 521 -5.94 3.26 -14.83
CA ALA A 521 -6.13 2.58 -16.12
C ALA A 521 -6.34 1.08 -15.90
N HIS A 522 -5.55 0.48 -15.02
CA HIS A 522 -5.69 -0.93 -14.70
C HIS A 522 -5.18 -1.16 -13.27
N PRO A 523 -5.92 -1.92 -12.44
CA PRO A 523 -5.47 -2.16 -11.06
C PRO A 523 -4.07 -2.77 -10.92
N LYS A 524 -3.56 -3.52 -11.92
CA LYS A 524 -2.22 -4.13 -11.86
C LYS A 524 -1.31 -3.79 -13.06
N LEU A 525 -1.87 -3.55 -14.24
CA LEU A 525 -1.04 -3.23 -15.40
C LEU A 525 -0.58 -1.77 -15.37
N ARG A 526 -1.35 -0.88 -14.68
CA ARG A 526 -1.07 0.57 -14.64
C ARG A 526 -1.73 1.24 -13.42
N PRO A 527 -1.17 1.04 -12.21
CA PRO A 527 -1.78 1.63 -11.00
C PRO A 527 -1.80 3.15 -10.85
N VAL A 528 -0.96 3.88 -11.59
CA VAL A 528 -0.93 5.35 -11.46
C VAL A 528 -1.30 6.08 -12.76
N ASP A 529 -1.64 5.33 -13.81
CA ASP A 529 -2.03 5.91 -15.09
C ASP A 529 -3.54 5.97 -15.12
N THR A 530 -4.12 6.78 -16.00
CA THR A 530 -5.56 6.88 -16.17
C THR A 530 -5.78 6.52 -17.63
N ALA A 531 -7.02 6.28 -18.03
CA ALA A 531 -7.31 5.93 -19.42
C ALA A 531 -7.10 7.16 -20.34
N THR A 532 -6.99 8.35 -19.74
CA THR A 532 -6.76 9.62 -20.46
C THR A 532 -5.23 9.77 -20.58
N ASP A 533 -4.67 9.69 -21.81
CA ASP A 533 -3.22 9.80 -22.01
C ASP A 533 -2.65 11.11 -21.46
N GLY A 534 -1.51 11.02 -20.78
CA GLY A 534 -0.84 12.16 -20.19
C GLY A 534 -1.36 12.59 -18.83
N VAL A 535 -2.39 11.89 -18.30
CA VAL A 535 -2.96 12.22 -17.00
C VAL A 535 -2.70 11.04 -16.07
N TYR A 536 -2.09 11.32 -14.91
CA TYR A 536 -1.72 10.30 -13.92
C TYR A 536 -2.29 10.60 -12.54
N LEU A 537 -2.20 9.61 -11.64
CA LEU A 537 -2.70 9.71 -10.26
C LEU A 537 -1.62 9.37 -9.24
N ALA A 538 -1.77 9.92 -8.03
CA ALA A 538 -0.83 9.66 -6.95
C ALA A 538 -1.45 10.03 -5.60
N GLY A 539 -1.35 9.13 -4.64
CA GLY A 539 -1.87 9.35 -3.29
C GLY A 539 -3.30 8.89 -3.04
N ALA A 540 -3.85 9.36 -1.93
CA ALA A 540 -5.20 9.04 -1.47
C ALA A 540 -6.34 9.35 -2.44
N CYS A 541 -6.16 10.28 -3.42
CA CYS A 541 -7.22 10.59 -4.38
C CYS A 541 -7.51 9.40 -5.30
N GLN A 542 -6.57 8.45 -5.40
CA GLN A 542 -6.73 7.24 -6.22
C GLN A 542 -7.38 6.12 -5.38
N GLY A 543 -7.33 6.24 -4.05
CA GLY A 543 -7.90 5.25 -3.15
C GLY A 543 -7.33 5.33 -1.74
N PRO A 544 -8.08 4.91 -0.70
CA PRO A 544 -7.53 4.99 0.67
C PRO A 544 -6.21 4.23 0.85
N LYS A 545 -5.21 4.92 1.40
CA LYS A 545 -3.89 4.33 1.64
C LYS A 545 -3.07 5.18 2.60
N ASP A 546 -1.99 4.60 3.13
CA ASP A 546 -1.11 5.28 4.08
C ASP A 546 0.01 6.11 3.38
N ILE A 547 0.89 6.72 4.19
CA ILE A 547 1.99 7.57 3.71
C ILE A 547 2.97 6.85 2.78
N PRO A 548 3.67 5.77 3.19
CA PRO A 548 4.61 5.11 2.27
C PRO A 548 3.98 4.73 0.93
N ALA A 549 2.71 4.31 0.95
CA ALA A 549 1.98 3.93 -0.27
C ALA A 549 1.76 5.17 -1.14
N SER A 550 1.43 6.29 -0.50
CA SER A 550 1.19 7.56 -1.18
C SER A 550 2.51 8.10 -1.73
N VAL A 551 3.60 7.97 -0.94
CA VAL A 551 4.94 8.43 -1.32
C VAL A 551 5.42 7.58 -2.51
N ALA A 552 5.23 6.25 -2.43
CA ALA A 552 5.63 5.35 -3.51
C ALA A 552 4.84 5.66 -4.78
N GLN A 553 3.55 6.01 -4.62
CA GLN A 553 2.70 6.35 -5.77
C GLN A 553 3.15 7.67 -6.36
N GLY A 554 3.64 8.58 -5.51
CA GLY A 554 4.13 9.87 -5.98
C GLY A 554 5.33 9.64 -6.87
N SER A 555 6.22 8.73 -6.44
CA SER A 555 7.43 8.39 -7.21
C SER A 555 7.06 7.62 -8.46
N ALA A 556 6.07 6.70 -8.35
CA ALA A 556 5.64 5.91 -9.49
C ALA A 556 5.05 6.83 -10.57
N ALA A 557 4.26 7.82 -10.16
CA ALA A 557 3.64 8.78 -11.09
C ALA A 557 4.70 9.63 -11.78
N ALA A 558 5.78 9.99 -11.07
CA ALA A 558 6.87 10.80 -11.62
C ALA A 558 7.51 10.02 -12.77
N SER A 559 7.80 8.72 -12.54
CA SER A 559 8.40 7.85 -13.55
C SER A 559 7.51 7.72 -14.78
N ARG A 560 6.22 7.43 -14.57
CA ARG A 560 5.27 7.27 -15.66
C ARG A 560 5.05 8.57 -16.41
N ALA A 561 4.93 9.70 -15.70
CA ALA A 561 4.74 11.01 -16.34
C ALA A 561 6.06 11.48 -17.01
N ALA A 562 7.21 10.91 -16.61
CA ALA A 562 8.51 11.28 -17.19
C ALA A 562 8.76 10.55 -18.52
N ILE A 563 8.01 9.47 -18.82
CA ILE A 563 8.20 8.72 -20.07
C ILE A 563 7.87 9.60 -21.29
N PRO A 564 6.67 10.19 -21.41
CA PRO A 564 6.40 11.04 -22.58
C PRO A 564 7.36 12.23 -22.67
N LEU A 565 7.68 12.84 -21.50
CA LEU A 565 8.59 13.99 -21.45
C LEU A 565 9.95 13.61 -21.97
N ALA A 566 10.48 12.48 -21.49
CA ALA A 566 11.80 11.99 -21.91
C ALA A 566 11.81 11.63 -23.39
N LYS A 567 10.71 11.03 -23.89
CA LYS A 567 10.60 10.64 -25.30
C LYS A 567 10.56 11.88 -26.20
N GLY A 568 9.86 12.92 -25.76
CA GLY A 568 9.73 14.15 -26.52
C GLY A 568 8.72 14.06 -27.66
N GLU A 569 8.17 12.85 -27.89
CA GLU A 569 7.20 12.62 -28.95
C GLU A 569 6.26 11.49 -28.55
N VAL A 570 4.94 11.67 -28.79
CA VAL A 570 3.92 10.67 -28.49
C VAL A 570 3.00 10.52 -29.69
N GLU A 571 2.29 9.38 -29.78
CA GLU A 571 1.36 9.10 -30.88
C GLU A 571 -0.09 9.24 -30.40
N VAL A 572 -0.94 9.96 -31.16
CA VAL A 572 -2.35 10.17 -30.80
C VAL A 572 -3.26 9.55 -31.85
N GLU A 573 -4.42 9.02 -31.42
CA GLU A 573 -5.40 8.37 -32.31
C GLU A 573 -5.97 9.31 -33.35
N PRO A 574 -5.88 8.93 -34.64
CA PRO A 574 -6.43 9.77 -35.70
C PRO A 574 -7.91 9.47 -35.94
N ILE A 575 -8.72 9.46 -34.87
CA ILE A 575 -10.15 9.20 -34.94
C ILE A 575 -10.85 10.56 -34.95
N ILE A 576 -10.36 11.45 -35.82
CA ILE A 576 -10.85 12.80 -35.95
C ILE A 576 -11.83 13.01 -37.09
N ALA A 577 -12.60 14.09 -36.98
CA ALA A 577 -13.61 14.47 -37.97
C ALA A 577 -12.99 15.29 -39.09
N SER A 578 -13.54 15.16 -40.31
CA SER A 578 -13.05 15.89 -41.48
C SER A 578 -14.26 16.13 -42.41
N VAL A 579 -14.27 17.27 -43.11
CA VAL A 579 -15.37 17.64 -44.02
C VAL A 579 -15.08 17.33 -45.48
N ASP A 580 -16.07 16.73 -46.18
CA ASP A 580 -15.93 16.43 -47.59
C ASP A 580 -16.43 17.71 -48.28
N ALA A 581 -15.49 18.56 -48.75
CA ALA A 581 -15.81 19.84 -49.40
C ALA A 581 -16.83 19.74 -50.54
N GLU A 582 -16.81 18.63 -51.30
CA GLU A 582 -17.75 18.45 -52.42
C GLU A 582 -19.21 18.27 -51.96
N ILE A 583 -19.43 17.87 -50.70
CA ILE A 583 -20.78 17.65 -50.16
C ILE A 583 -21.22 18.77 -49.21
N CYS A 584 -20.29 19.40 -48.48
CA CYS A 584 -20.66 20.46 -47.54
C CYS A 584 -21.09 21.75 -48.24
N GLY A 585 -22.30 22.21 -47.95
CA GLY A 585 -22.86 23.44 -48.50
C GLY A 585 -22.82 24.57 -47.49
N GLY A 586 -21.99 24.41 -46.46
CA GLY A 586 -21.81 25.39 -45.40
C GLY A 586 -23.06 25.77 -44.63
N CYS A 587 -23.78 24.76 -44.08
CA CYS A 587 -25.00 25.06 -43.32
C CYS A 587 -24.70 25.66 -41.92
N GLY A 588 -23.47 25.47 -41.43
CA GLY A 588 -23.05 25.99 -40.14
C GLY A 588 -23.55 25.27 -38.89
N VAL A 589 -24.20 24.10 -39.06
CA VAL A 589 -24.71 23.34 -37.90
C VAL A 589 -23.59 22.80 -37.02
N CYS A 590 -22.48 22.37 -37.64
CA CYS A 590 -21.33 21.80 -36.94
C CYS A 590 -20.53 22.74 -36.05
N VAL A 591 -20.35 23.99 -36.48
CA VAL A 591 -19.57 25.01 -35.74
C VAL A 591 -19.79 25.03 -34.21
N LYS A 592 -21.01 25.29 -33.75
CA LYS A 592 -21.28 25.37 -32.31
C LYS A 592 -21.33 24.03 -31.54
N GLN A 593 -21.37 22.89 -32.23
CA GLN A 593 -21.42 21.59 -31.55
C GLN A 593 -20.10 21.21 -30.87
N CYS A 594 -18.96 21.63 -31.42
CA CYS A 594 -17.64 21.31 -30.87
C CYS A 594 -17.28 22.17 -29.66
N PRO A 595 -17.02 21.55 -28.48
CA PRO A 595 -16.64 22.36 -27.31
C PRO A 595 -15.22 22.93 -27.42
N TYR A 596 -14.43 22.46 -28.41
CA TYR A 596 -13.05 22.92 -28.63
C TYR A 596 -12.93 23.91 -29.80
N GLY A 597 -14.04 24.14 -30.54
CA GLY A 597 -14.07 25.05 -31.67
C GLY A 597 -13.29 24.60 -32.89
N ALA A 598 -13.18 23.28 -33.10
CA ALA A 598 -12.45 22.73 -34.24
C ALA A 598 -13.10 23.01 -35.61
N PRO A 599 -14.41 22.74 -35.83
CA PRO A 599 -14.99 23.03 -37.15
C PRO A 599 -15.24 24.52 -37.35
N ARG A 600 -14.82 25.06 -38.50
CA ARG A 600 -15.00 26.47 -38.81
C ARG A 600 -15.40 26.70 -40.26
N LEU A 601 -16.22 27.73 -40.51
CA LEU A 601 -16.66 28.05 -41.86
C LEU A 601 -15.56 28.83 -42.59
N VAL A 602 -15.24 28.43 -43.83
CA VAL A 602 -14.21 29.09 -44.64
C VAL A 602 -14.62 29.14 -46.11
N GLU A 603 -13.91 29.96 -46.90
CA GLU A 603 -14.17 30.12 -48.33
C GLU A 603 -13.27 29.18 -49.15
N LYS A 604 -13.87 28.42 -50.08
CA LYS A 604 -13.12 27.48 -50.94
C LYS A 604 -13.78 27.41 -52.32
N ASP A 605 -12.97 27.60 -53.38
CA ASP A 605 -13.44 27.57 -54.76
C ASP A 605 -14.61 28.54 -55.01
N GLY A 606 -14.53 29.73 -54.42
CA GLY A 606 -15.57 30.75 -54.57
C GLY A 606 -16.81 30.60 -53.72
N LYS A 607 -16.92 29.53 -52.93
CA LYS A 607 -18.11 29.35 -52.09
C LYS A 607 -17.76 28.93 -50.66
N VAL A 608 -18.75 28.98 -49.76
CA VAL A 608 -18.57 28.65 -48.33
C VAL A 608 -18.69 27.16 -48.03
N VAL A 609 -17.75 26.64 -47.20
CA VAL A 609 -17.71 25.24 -46.78
C VAL A 609 -17.13 25.16 -45.39
N ALA A 610 -17.40 24.08 -44.68
CA ALA A 610 -16.85 23.88 -43.34
C ALA A 610 -15.50 23.17 -43.43
N GLU A 611 -14.64 23.37 -42.43
CA GLU A 611 -13.32 22.74 -42.40
C GLU A 611 -12.94 22.51 -40.95
N VAL A 612 -12.46 21.30 -40.62
CA VAL A 612 -12.07 20.97 -39.25
C VAL A 612 -10.58 21.18 -39.03
N ILE A 613 -10.22 21.88 -37.94
CA ILE A 613 -8.83 22.11 -37.57
C ILE A 613 -8.46 20.81 -36.87
N SER A 614 -7.86 19.88 -37.62
CA SER A 614 -7.47 18.55 -37.13
C SER A 614 -6.91 18.52 -35.70
N ALA A 615 -5.97 19.42 -35.38
CA ALA A 615 -5.35 19.47 -34.05
C ALA A 615 -6.32 19.76 -32.89
N LEU A 616 -7.41 20.48 -33.16
CA LEU A 616 -8.41 20.81 -32.12
C LEU A 616 -9.46 19.71 -31.94
N CYS A 617 -9.53 18.75 -32.87
CA CYS A 617 -10.52 17.68 -32.77
C CYS A 617 -10.04 16.61 -31.81
N LYS A 618 -10.86 16.29 -30.79
CA LYS A 618 -10.53 15.26 -29.81
C LYS A 618 -11.12 13.90 -30.24
N GLY A 619 -12.00 13.90 -31.25
CA GLY A 619 -12.61 12.68 -31.78
C GLY A 619 -13.80 12.12 -31.02
N CYS A 620 -14.77 12.96 -30.67
CA CYS A 620 -15.98 12.53 -29.94
C CYS A 620 -17.02 11.95 -30.92
N GLY A 621 -17.14 12.58 -32.08
CA GLY A 621 -18.08 12.16 -33.11
C GLY A 621 -19.43 12.86 -33.02
N THR A 622 -19.48 14.01 -32.33
CA THR A 622 -20.74 14.75 -32.17
C THR A 622 -21.08 15.54 -33.42
N CYS A 623 -20.11 16.31 -34.00
CA CYS A 623 -20.43 17.08 -35.20
C CYS A 623 -20.78 16.18 -36.42
N PRO A 624 -20.13 15.02 -36.67
CA PRO A 624 -20.54 14.18 -37.81
C PRO A 624 -21.94 13.61 -37.60
N ALA A 625 -22.31 13.32 -36.35
CA ALA A 625 -23.63 12.79 -36.04
C ALA A 625 -24.70 13.86 -36.29
N GLY A 626 -24.35 15.11 -36.06
CA GLY A 626 -25.26 16.23 -36.25
C GLY A 626 -25.25 16.83 -37.65
N CYS A 627 -24.28 16.45 -38.50
CA CYS A 627 -24.18 16.98 -39.87
C CYS A 627 -25.36 16.50 -40.73
N PRO A 628 -26.20 17.42 -41.23
CA PRO A 628 -27.35 16.99 -42.05
C PRO A 628 -27.05 16.60 -43.50
N SER A 629 -25.85 16.90 -44.02
CA SER A 629 -25.48 16.56 -45.39
C SER A 629 -24.61 15.29 -45.51
N GLY A 630 -24.02 14.84 -44.41
CA GLY A 630 -23.17 13.65 -44.42
C GLY A 630 -21.75 13.95 -44.89
N ALA A 631 -21.42 15.24 -45.03
CA ALA A 631 -20.11 15.69 -45.46
C ALA A 631 -19.09 15.45 -44.36
N LEU A 632 -19.52 15.58 -43.11
CA LEU A 632 -18.66 15.39 -41.94
C LEU A 632 -18.62 13.92 -41.53
N GLU A 633 -17.40 13.34 -41.36
CA GLU A 633 -17.26 11.95 -40.93
C GLU A 633 -16.08 11.79 -39.99
N GLN A 634 -16.25 10.95 -38.97
CA GLN A 634 -15.20 10.68 -37.99
C GLN A 634 -14.52 9.41 -38.44
N ASP A 635 -13.20 9.48 -38.72
CA ASP A 635 -12.47 8.28 -39.15
C ASP A 635 -12.55 7.25 -38.04
N HIS A 636 -12.81 6.00 -38.41
CA HIS A 636 -12.92 4.85 -37.50
C HIS A 636 -14.32 4.68 -36.91
N PHE A 637 -15.17 5.71 -37.02
CA PHE A 637 -16.55 5.64 -36.52
C PHE A 637 -17.46 6.30 -37.55
N LYS A 638 -17.23 5.96 -38.83
CA LYS A 638 -18.03 6.49 -39.93
C LYS A 638 -19.40 5.85 -39.88
N THR A 639 -20.42 6.54 -40.39
CA THR A 639 -21.78 6.02 -40.38
C THR A 639 -21.88 4.66 -41.07
N ILE A 640 -21.20 4.49 -42.22
CA ILE A 640 -21.25 3.22 -42.94
C ILE A 640 -20.64 2.08 -42.10
N GLN A 641 -19.57 2.37 -41.36
CA GLN A 641 -18.94 1.34 -40.52
C GLN A 641 -19.89 0.92 -39.41
N LEU A 642 -20.50 1.90 -38.73
CA LEU A 642 -21.45 1.60 -37.65
C LEU A 642 -22.69 0.90 -38.19
N PHE A 643 -23.11 1.24 -39.42
CA PHE A 643 -24.28 0.63 -40.04
C PHE A 643 -24.06 -0.87 -40.25
N LYS A 644 -22.88 -1.26 -40.74
CA LYS A 644 -22.56 -2.67 -40.96
C LYS A 644 -22.48 -3.41 -39.62
N GLN A 645 -21.98 -2.72 -38.57
CA GLN A 645 -21.88 -3.32 -37.24
C GLN A 645 -23.28 -3.66 -36.73
N ILE A 646 -24.26 -2.78 -36.98
CA ILE A 646 -25.64 -3.01 -36.57
C ILE A 646 -26.21 -4.22 -37.34
N GLU A 647 -25.92 -4.30 -38.64
CA GLU A 647 -26.40 -5.41 -39.49
C GLU A 647 -25.81 -6.73 -39.01
N GLY A 648 -24.53 -6.69 -38.61
CA GLY A 648 -23.80 -7.85 -38.11
C GLY A 648 -24.42 -8.57 -36.94
N MET A 649 -25.28 -7.90 -36.17
CA MET A 649 -25.93 -8.54 -35.02
C MET A 649 -27.00 -9.52 -35.49
N PHE A 650 -27.64 -9.24 -36.64
CA PHE A 650 -28.71 -10.07 -37.19
C PHE A 650 -28.30 -10.93 -38.37
N ARG A 651 -27.35 -10.47 -39.19
CA ARG A 651 -26.92 -11.23 -40.35
C ARG A 651 -25.50 -10.90 -40.76
N ASP A 652 -24.93 -11.70 -41.67
CA ASP A 652 -23.58 -11.46 -42.16
C ASP A 652 -23.71 -10.36 -43.22
N THR A 653 -22.91 -9.29 -43.17
CA THR A 653 -23.05 -8.25 -44.18
C THR A 653 -21.82 -8.17 -45.07
N MET B 1 28.86 -41.83 37.40
CA MET B 1 27.82 -40.82 37.60
C MET B 1 27.31 -40.88 39.04
N LYS B 2 27.30 -39.73 39.72
CA LYS B 2 26.83 -39.64 41.11
C LYS B 2 25.72 -38.59 41.12
N TYR B 3 24.53 -38.95 41.64
CA TYR B 3 23.40 -38.01 41.67
C TYR B 3 22.61 -38.11 42.96
N ALA B 4 22.14 -36.97 43.47
CA ALA B 4 21.33 -36.93 44.68
C ALA B 4 19.95 -37.42 44.28
N PHE B 5 19.54 -38.57 44.79
CA PHE B 5 18.25 -39.14 44.43
C PHE B 5 17.05 -38.49 45.12
N PHE B 6 16.28 -37.68 44.38
CA PHE B 6 15.09 -37.05 44.94
C PHE B 6 14.00 -38.11 44.83
N LEU B 7 13.34 -38.43 45.95
CA LEU B 7 12.29 -39.46 45.99
C LEU B 7 10.89 -38.92 45.73
N GLY B 8 10.55 -37.80 46.37
CA GLY B 8 9.24 -37.20 46.22
C GLY B 8 8.29 -37.63 47.32
N CYS B 9 7.06 -38.05 46.97
CA CYS B 9 6.08 -38.49 47.96
C CYS B 9 5.42 -39.82 47.63
N ILE B 10 4.74 -39.90 46.48
CA ILE B 10 4.03 -41.11 46.06
C ILE B 10 4.94 -42.33 45.94
N MET B 11 6.11 -42.20 45.31
CA MET B 11 7.01 -43.36 45.16
C MET B 11 7.53 -43.90 46.52
N PRO B 12 8.22 -43.09 47.35
CA PRO B 12 8.71 -43.64 48.62
C PRO B 12 7.67 -44.01 49.67
N ASN B 13 6.48 -43.40 49.65
CA ASN B 13 5.47 -43.70 50.67
C ASN B 13 4.29 -44.55 50.21
N ARG B 14 4.06 -44.73 48.89
CA ARG B 14 2.95 -45.55 48.39
C ARG B 14 3.46 -46.65 47.45
N TYR B 15 3.90 -46.30 46.23
CA TYR B 15 4.41 -47.28 45.28
C TYR B 15 5.93 -47.44 45.53
N ALA B 16 6.29 -48.01 46.68
CA ALA B 16 7.68 -48.23 47.09
C ALA B 16 8.50 -49.12 46.15
N GLY B 17 7.83 -49.98 45.38
CA GLY B 17 8.49 -50.86 44.45
C GLY B 17 9.20 -50.11 43.34
N VAL B 18 8.67 -48.91 43.00
CA VAL B 18 9.26 -48.07 41.97
C VAL B 18 10.63 -47.59 42.46
N GLU B 19 10.77 -47.34 43.78
CA GLU B 19 12.04 -46.91 44.37
C GLU B 19 13.04 -48.05 44.25
N ALA B 20 12.66 -49.24 44.76
CA ALA B 20 13.51 -50.44 44.72
C ALA B 20 13.92 -50.77 43.29
N ALA B 21 12.99 -50.62 42.33
CA ALA B 21 13.26 -50.91 40.93
C ALA B 21 14.28 -49.90 40.37
N THR B 22 14.18 -48.62 40.78
CA THR B 22 15.10 -47.59 40.31
C THR B 22 16.48 -47.79 40.89
N ARG B 23 16.55 -48.07 42.21
CA ARG B 23 17.82 -48.27 42.90
C ARG B 23 18.71 -49.32 42.25
N THR B 24 18.14 -50.47 41.85
CA THR B 24 18.91 -51.53 41.22
C THR B 24 19.17 -51.23 39.74
N VAL B 25 18.17 -50.73 39.00
CA VAL B 25 18.34 -50.41 37.58
C VAL B 25 19.44 -49.37 37.38
N MET B 26 19.45 -48.30 38.19
CA MET B 26 20.47 -47.25 38.07
C MET B 26 21.85 -47.78 38.51
N GLU B 27 21.89 -48.71 39.48
CA GLU B 27 23.15 -49.29 39.96
C GLU B 27 23.75 -50.13 38.84
N LYS B 28 22.89 -50.90 38.13
CA LYS B 28 23.31 -51.74 37.01
C LYS B 28 23.85 -50.90 35.86
N LEU B 29 23.33 -49.67 35.71
CA LEU B 29 23.76 -48.76 34.64
C LEU B 29 24.98 -47.91 35.03
N GLY B 30 25.50 -48.10 36.24
CA GLY B 30 26.67 -47.38 36.73
C GLY B 30 26.39 -46.02 37.33
N VAL B 31 25.22 -45.85 37.98
CA VAL B 31 24.86 -44.57 38.60
C VAL B 31 24.81 -44.72 40.12
N GLU B 32 25.61 -43.91 40.82
CA GLU B 32 25.66 -43.94 42.28
C GLU B 32 24.57 -43.01 42.84
N LEU B 33 23.49 -43.59 43.37
CA LEU B 33 22.40 -42.80 43.93
C LEU B 33 22.68 -42.51 45.40
N VAL B 34 23.02 -41.26 45.72
CA VAL B 34 23.30 -40.87 47.09
C VAL B 34 22.04 -40.28 47.73
N ASP B 35 21.75 -40.67 49.00
CA ASP B 35 20.57 -40.21 49.71
C ASP B 35 20.54 -38.69 49.90
N MET B 36 19.43 -38.07 49.50
CA MET B 36 19.21 -36.63 49.62
C MET B 36 18.44 -36.43 50.93
N THR B 37 19.15 -36.64 52.04
CA THR B 37 18.63 -36.55 53.41
C THR B 37 17.86 -35.27 53.74
N GLY B 38 16.63 -35.44 54.23
CA GLY B 38 15.76 -34.34 54.62
C GLY B 38 14.95 -33.72 53.50
N ALA B 39 14.99 -34.30 52.28
CA ALA B 39 14.22 -33.77 51.14
C ALA B 39 12.72 -33.95 51.38
N SER B 40 11.95 -32.87 51.22
CA SER B 40 10.50 -32.86 51.43
C SER B 40 9.74 -32.94 50.10
N CYS B 41 8.48 -32.46 50.08
CA CYS B 41 7.65 -32.46 48.86
C CYS B 41 8.44 -31.54 47.88
N CYS B 42 8.39 -31.80 46.55
CA CYS B 42 9.15 -30.99 45.58
C CYS B 42 9.04 -29.44 45.76
N PRO B 43 7.89 -28.80 46.09
CA PRO B 43 6.56 -29.34 46.33
C PRO B 43 5.69 -29.44 45.09
N ALA B 44 4.70 -30.36 45.10
CA ALA B 44 3.79 -30.57 43.96
C ALA B 44 3.29 -29.25 43.37
N PRO B 45 3.67 -28.93 42.11
CA PRO B 45 3.21 -27.65 41.52
C PRO B 45 1.69 -27.49 41.43
N GLY B 46 0.99 -28.60 41.23
CA GLY B 46 -0.46 -28.61 41.12
C GLY B 46 -1.16 -27.86 42.23
N VAL B 47 -0.74 -28.10 43.49
CA VAL B 47 -1.34 -27.44 44.64
C VAL B 47 -0.56 -26.19 45.04
N PHE B 48 0.76 -26.32 45.19
CA PHE B 48 1.62 -25.22 45.62
C PHE B 48 1.78 -24.11 44.59
N GLY B 49 2.02 -24.46 43.31
CA GLY B 49 2.16 -23.43 42.29
C GLY B 49 0.84 -22.70 42.11
N SER B 50 -0.27 -23.43 42.24
CA SER B 50 -1.62 -22.89 42.11
C SER B 50 -2.06 -22.09 43.33
N PHE B 51 -1.55 -22.45 44.52
CA PHE B 51 -1.90 -21.75 45.76
C PHE B 51 -1.04 -20.51 45.96
N ASP B 52 0.29 -20.65 45.84
CA ASP B 52 1.20 -19.51 46.00
C ASP B 52 2.52 -19.80 45.32
N GLN B 53 2.79 -19.12 44.21
CA GLN B 53 4.04 -19.33 43.45
C GLN B 53 5.28 -19.08 44.31
N LYS B 54 5.26 -18.01 45.14
CA LYS B 54 6.40 -17.70 46.02
C LYS B 54 6.72 -18.88 46.91
N THR B 55 5.69 -19.53 47.47
CA THR B 55 5.88 -20.69 48.35
C THR B 55 6.41 -21.88 47.57
N TRP B 56 5.93 -22.10 46.33
CA TRP B 56 6.42 -23.24 45.53
C TRP B 56 7.92 -23.13 45.26
N LEU B 57 8.37 -21.95 44.79
CA LEU B 57 9.79 -21.74 44.49
C LEU B 57 10.67 -21.75 45.72
N THR B 58 10.23 -21.10 46.82
CA THR B 58 11.03 -21.04 48.05
C THR B 58 11.25 -22.46 48.59
N LEU B 59 10.18 -23.27 48.66
CA LEU B 59 10.30 -24.65 49.15
C LEU B 59 11.06 -25.52 48.16
N ALA B 60 10.97 -25.23 46.84
CA ALA B 60 11.69 -26.00 45.82
C ALA B 60 13.19 -25.70 45.93
N ALA B 61 13.55 -24.42 46.13
CA ALA B 61 14.95 -24.00 46.27
C ALA B 61 15.56 -24.57 47.55
N ARG B 62 14.72 -24.81 48.57
CA ARG B 62 15.20 -25.37 49.84
C ARG B 62 15.70 -26.78 49.56
N ASN B 63 14.98 -27.55 48.71
CA ASN B 63 15.37 -28.91 48.35
C ASN B 63 16.63 -28.86 47.48
N LEU B 64 16.70 -27.89 46.55
CA LEU B 64 17.87 -27.76 45.67
C LEU B 64 19.12 -27.54 46.55
N CYS B 65 19.00 -26.72 47.61
CA CYS B 65 20.11 -26.44 48.53
C CYS B 65 20.68 -27.72 49.15
N ILE B 66 19.82 -28.71 49.44
CA ILE B 66 20.26 -29.97 50.04
C ILE B 66 21.28 -30.64 49.11
N ALA B 67 20.98 -30.73 47.81
CA ALA B 67 21.88 -31.33 46.83
C ALA B 67 23.11 -30.45 46.59
N GLU B 68 22.94 -29.12 46.69
CA GLU B 68 24.05 -28.18 46.48
C GLU B 68 25.07 -28.33 47.62
N GLU B 69 24.59 -28.55 48.85
CA GLU B 69 25.47 -28.73 50.01
C GLU B 69 26.27 -30.03 49.85
N MET B 70 25.67 -31.03 49.17
CA MET B 70 26.30 -32.32 48.92
C MET B 70 27.30 -32.21 47.74
N GLY B 71 27.21 -31.14 46.97
CA GLY B 71 28.08 -30.90 45.83
C GLY B 71 27.81 -31.85 44.67
N VAL B 72 26.53 -32.19 44.47
CA VAL B 72 26.14 -33.10 43.41
C VAL B 72 24.80 -32.68 42.80
N ASP B 73 24.51 -33.14 41.58
CA ASP B 73 23.28 -32.82 40.85
C ASP B 73 22.12 -33.74 41.27
N ILE B 74 20.87 -33.41 40.91
CA ILE B 74 19.70 -34.22 41.27
C ILE B 74 19.18 -35.08 40.13
N VAL B 75 18.60 -36.24 40.49
CA VAL B 75 18.00 -37.18 39.54
C VAL B 75 16.64 -37.56 40.13
N THR B 76 15.63 -37.73 39.28
CA THR B 76 14.29 -38.09 39.74
C THR B 76 13.59 -38.98 38.71
N VAL B 77 12.61 -39.75 39.17
CA VAL B 77 11.84 -40.65 38.31
C VAL B 77 10.38 -40.19 38.24
N CYS B 78 10.11 -38.95 38.66
CA CYS B 78 8.76 -38.38 38.66
C CYS B 78 8.73 -37.12 37.83
N ASN B 79 7.76 -37.05 36.90
CA ASN B 79 7.57 -35.89 36.01
C ASN B 79 7.21 -34.66 36.83
N GLY B 80 6.39 -34.85 37.87
CA GLY B 80 5.98 -33.78 38.76
C GLY B 80 7.14 -33.16 39.50
N CYS B 81 8.02 -34.01 40.07
CA CYS B 81 9.20 -33.54 40.81
C CYS B 81 10.21 -32.96 39.82
N TYR B 82 10.36 -33.61 38.64
CA TYR B 82 11.28 -33.14 37.61
C TYR B 82 10.88 -31.74 37.18
N GLY B 83 9.63 -31.60 36.77
CA GLY B 83 9.09 -30.32 36.32
C GLY B 83 9.23 -29.24 37.38
N SER B 84 8.90 -29.58 38.64
CA SER B 84 8.97 -28.65 39.77
C SER B 84 10.40 -28.20 40.08
N LEU B 85 11.30 -29.16 40.27
CA LEU B 85 12.70 -28.83 40.60
C LEU B 85 13.45 -28.23 39.42
N PHE B 86 13.19 -28.72 38.19
CA PHE B 86 13.87 -28.20 37.00
C PHE B 86 13.46 -26.76 36.71
N GLU B 87 12.14 -26.48 36.72
CA GLU B 87 11.66 -25.12 36.46
C GLU B 87 12.09 -24.18 37.56
N ALA B 88 12.24 -24.69 38.80
CA ALA B 88 12.69 -23.87 39.93
C ALA B 88 14.14 -23.46 39.69
N ALA B 89 14.99 -24.44 39.34
CA ALA B 89 16.41 -24.20 39.08
C ALA B 89 16.61 -23.22 37.93
N HIS B 90 15.87 -23.42 36.83
CA HIS B 90 15.97 -22.52 35.67
C HIS B 90 15.60 -21.10 36.05
N LEU B 91 14.46 -20.93 36.73
CA LEU B 91 13.96 -19.64 37.16
C LEU B 91 14.94 -18.92 38.09
N LEU B 92 15.58 -19.66 39.01
CA LEU B 92 16.55 -19.07 39.94
C LEU B 92 17.84 -18.63 39.19
N HIS B 93 18.20 -19.36 38.12
CA HIS B 93 19.39 -19.06 37.31
C HIS B 93 19.13 -17.88 36.35
N ASP B 94 17.93 -17.86 35.74
CA ASP B 94 17.55 -16.82 34.78
C ASP B 94 17.03 -15.53 35.42
N ASN B 95 16.25 -15.65 36.50
CA ASN B 95 15.68 -14.49 37.18
C ASN B 95 16.38 -14.17 38.50
N LYS B 96 17.11 -13.04 38.56
CA LYS B 96 17.83 -12.63 39.77
C LYS B 96 16.87 -12.07 40.85
N GLU B 97 15.77 -11.41 40.43
CA GLU B 97 14.79 -10.87 41.39
C GLU B 97 14.17 -12.02 42.18
N ALA B 98 13.88 -13.14 41.49
CA ALA B 98 13.30 -14.33 42.11
C ALA B 98 14.31 -14.97 43.04
N LEU B 99 15.58 -15.03 42.59
CA LEU B 99 16.68 -15.61 43.38
C LEU B 99 16.87 -14.80 44.67
N ASN B 100 16.83 -13.46 44.56
CA ASN B 100 16.99 -12.58 45.72
C ASN B 100 15.86 -12.80 46.73
N PHE B 101 14.61 -12.91 46.24
CA PHE B 101 13.45 -13.12 47.09
C PHE B 101 13.57 -14.44 47.86
N VAL B 102 13.94 -15.51 47.14
CA VAL B 102 14.10 -16.84 47.72
C VAL B 102 15.27 -16.92 48.70
N ASN B 103 16.43 -16.33 48.34
CA ASN B 103 17.59 -16.37 49.24
C ASN B 103 17.36 -15.54 50.49
N GLU B 104 16.49 -14.50 50.41
CA GLU B 104 16.18 -13.67 51.56
C GLU B 104 15.35 -14.50 52.55
N LYS B 105 14.54 -15.45 52.02
CA LYS B 105 13.71 -16.34 52.81
C LYS B 105 14.53 -17.51 53.35
N LEU B 106 15.44 -18.07 52.51
CA LEU B 106 16.29 -19.19 52.93
C LEU B 106 17.35 -18.76 53.96
N ASP B 107 17.66 -17.45 54.04
CA ASP B 107 18.65 -16.93 54.99
C ASP B 107 18.14 -17.15 56.43
N LYS B 108 16.80 -17.18 56.62
CA LYS B 108 16.18 -17.40 57.92
C LYS B 108 16.46 -18.81 58.45
N VAL B 109 16.69 -19.78 57.54
CA VAL B 109 16.97 -21.16 57.91
C VAL B 109 18.44 -21.55 57.65
N GLY B 110 19.30 -20.54 57.46
CA GLY B 110 20.71 -20.74 57.21
C GLY B 110 21.04 -21.43 55.90
N LYS B 111 20.30 -21.10 54.83
CA LYS B 111 20.53 -21.69 53.52
C LYS B 111 20.68 -20.61 52.47
N GLU B 112 21.29 -20.97 51.33
CA GLU B 112 21.50 -20.04 50.23
C GLU B 112 21.75 -20.82 48.95
N TYR B 113 20.91 -20.61 47.92
CA TYR B 113 21.07 -21.31 46.66
C TYR B 113 22.06 -20.51 45.79
N LYS B 114 23.08 -21.19 45.26
CA LYS B 114 24.13 -20.58 44.44
C LYS B 114 24.00 -20.86 42.91
N GLY B 115 23.07 -21.73 42.51
CA GLY B 115 22.85 -22.04 41.09
C GLY B 115 23.77 -23.11 40.50
N ASN B 116 24.26 -24.05 41.32
CA ASN B 116 25.16 -25.11 40.84
C ASN B 116 24.43 -26.45 40.63
N VAL B 117 23.13 -26.52 40.94
CA VAL B 117 22.38 -27.77 40.80
C VAL B 117 21.67 -27.91 39.46
N LYS B 118 21.82 -29.10 38.84
CA LYS B 118 21.21 -29.44 37.56
C LYS B 118 20.23 -30.55 37.89
N VAL B 119 18.97 -30.43 37.46
CA VAL B 119 17.98 -31.46 37.72
C VAL B 119 17.86 -32.36 36.51
N ARG B 120 17.86 -33.68 36.71
CA ARG B 120 17.78 -34.64 35.61
C ARG B 120 16.64 -35.62 35.80
N HIS B 121 16.04 -36.03 34.69
CA HIS B 121 14.95 -37.00 34.67
C HIS B 121 15.70 -38.26 34.25
N PHE B 122 15.55 -39.35 35.01
CA PHE B 122 16.26 -40.59 34.69
C PHE B 122 16.09 -41.09 33.24
N ALA B 123 14.92 -40.86 32.59
CA ALA B 123 14.73 -41.32 31.20
C ALA B 123 15.67 -40.58 30.28
N GLU B 124 15.68 -39.24 30.34
CA GLU B 124 16.58 -38.46 29.49
C GLU B 124 18.05 -38.65 29.90
N LEU B 125 18.32 -38.96 31.20
CA LEU B 125 19.67 -39.21 31.68
C LEU B 125 20.17 -40.50 31.03
N ILE B 126 19.31 -41.53 30.98
CA ILE B 126 19.61 -42.83 30.37
C ILE B 126 19.83 -42.67 28.87
N TYR B 127 19.03 -41.82 28.22
CA TYR B 127 19.11 -41.58 26.78
C TYR B 127 20.35 -40.77 26.36
N ASN B 128 20.62 -39.64 27.02
CA ASN B 128 21.75 -38.76 26.66
C ASN B 128 23.11 -39.05 27.31
N ASP B 129 23.16 -39.51 28.57
CA ASP B 129 24.45 -39.76 29.23
C ASP B 129 24.90 -41.22 29.31
N ILE B 130 23.96 -42.16 29.44
CA ILE B 130 24.31 -43.58 29.54
C ILE B 130 24.28 -44.25 28.17
N GLY B 131 23.14 -44.17 27.51
CA GLY B 131 22.92 -44.74 26.18
C GLY B 131 21.91 -45.86 26.22
N VAL B 132 21.04 -45.92 25.20
CA VAL B 132 20.01 -46.96 25.08
C VAL B 132 20.66 -48.33 24.87
N ASP B 133 21.87 -48.37 24.30
CA ASP B 133 22.61 -49.62 24.05
C ASP B 133 22.92 -50.35 25.36
N LYS B 134 23.17 -49.60 26.46
CA LYS B 134 23.49 -50.18 27.75
C LYS B 134 22.28 -50.87 28.38
N ILE B 135 21.05 -50.46 27.99
CA ILE B 135 19.84 -51.07 28.53
C ILE B 135 19.77 -52.49 27.99
N ALA B 136 19.84 -52.64 26.66
CA ALA B 136 19.81 -53.94 25.97
C ALA B 136 20.88 -54.92 26.47
N GLU B 137 22.08 -54.40 26.80
CA GLU B 137 23.19 -55.23 27.30
C GLU B 137 22.84 -55.88 28.64
N LYS B 138 22.09 -55.17 29.50
CA LYS B 138 21.70 -55.65 30.82
C LYS B 138 20.37 -56.43 30.85
N VAL B 139 19.73 -56.64 29.69
CA VAL B 139 18.46 -57.37 29.63
C VAL B 139 18.66 -58.86 29.89
N GLU B 140 18.13 -59.36 31.02
CA GLU B 140 18.20 -60.77 31.42
C GLU B 140 16.95 -61.49 30.93
N ARG B 141 15.78 -60.83 31.02
CA ARG B 141 14.48 -61.36 30.60
C ARG B 141 13.87 -60.42 29.56
N PRO B 142 13.97 -60.70 28.24
CA PRO B 142 13.36 -59.79 27.26
C PRO B 142 11.84 -59.76 27.40
N LEU B 143 11.25 -58.56 27.46
CA LEU B 143 9.80 -58.38 27.62
C LEU B 143 9.16 -58.18 26.25
N ASN B 144 8.83 -59.29 25.57
CA ASN B 144 8.22 -59.22 24.25
C ASN B 144 6.73 -59.05 24.33
N ILE B 145 6.30 -57.81 24.60
CA ILE B 145 4.89 -57.44 24.74
C ILE B 145 4.68 -56.04 24.16
N ASN B 146 3.41 -55.68 23.93
CA ASN B 146 3.06 -54.37 23.38
C ASN B 146 2.82 -53.41 24.54
N VAL B 147 3.49 -52.25 24.51
CA VAL B 147 3.36 -51.25 25.56
C VAL B 147 2.74 -49.96 25.03
N GLY B 148 1.86 -49.38 25.84
CA GLY B 148 1.22 -48.12 25.53
C GLY B 148 2.03 -47.09 26.29
N VAL B 149 3.04 -46.53 25.64
CA VAL B 149 3.92 -45.56 26.28
C VAL B 149 3.22 -44.25 26.60
N HIS B 150 3.31 -43.81 27.85
CA HIS B 150 2.72 -42.58 28.30
C HIS B 150 3.86 -41.67 28.75
N TYR B 151 4.18 -40.66 27.94
CA TYR B 151 5.26 -39.73 28.26
C TYR B 151 4.90 -38.81 29.42
N GLY B 152 3.63 -38.48 29.52
CA GLY B 152 3.14 -37.57 30.55
C GLY B 152 3.25 -36.17 29.97
N CYS B 153 3.16 -35.13 30.79
CA CYS B 153 3.27 -33.77 30.28
C CYS B 153 4.47 -33.02 30.80
N HIS B 154 4.76 -33.13 32.12
CA HIS B 154 5.88 -32.43 32.75
C HIS B 154 7.25 -33.05 32.45
N PHE B 155 7.32 -34.03 31.53
CA PHE B 155 8.59 -34.64 31.18
C PHE B 155 9.29 -33.80 30.10
N LEU B 156 8.68 -33.66 28.91
CA LEU B 156 9.29 -32.88 27.82
C LEU B 156 8.84 -31.43 27.78
N LYS B 157 7.71 -31.09 28.41
CA LYS B 157 7.23 -29.71 28.39
C LYS B 157 7.50 -28.96 29.72
N PRO B 158 7.76 -27.64 29.66
CA PRO B 158 7.84 -26.79 28.46
C PRO B 158 9.16 -27.01 27.72
N THR B 159 9.11 -27.20 26.39
CA THR B 159 10.31 -27.44 25.57
C THR B 159 11.28 -26.27 25.56
N ASP B 160 10.79 -25.03 25.73
CA ASP B 160 11.65 -23.84 25.72
C ASP B 160 12.77 -23.88 26.77
N VAL B 161 12.52 -24.55 27.92
CA VAL B 161 13.50 -24.66 29.01
C VAL B 161 14.05 -26.09 29.15
N LYS B 162 13.23 -27.13 28.88
CA LYS B 162 13.67 -28.52 28.99
C LYS B 162 14.74 -28.90 27.96
N HIS B 163 14.52 -28.53 26.70
CA HIS B 163 15.46 -28.81 25.61
C HIS B 163 15.74 -30.31 25.45
N LEU B 164 14.67 -31.12 25.44
CA LEU B 164 14.77 -32.58 25.29
C LEU B 164 14.17 -32.99 23.94
N GLY B 165 14.07 -32.03 23.03
CA GLY B 165 13.53 -32.26 21.70
C GLY B 165 12.03 -32.08 21.60
N SER B 166 11.46 -32.67 20.55
CA SER B 166 10.04 -32.61 20.24
C SER B 166 9.12 -33.16 21.32
N ALA B 167 7.99 -32.49 21.54
CA ALA B 167 6.95 -32.88 22.50
C ALA B 167 5.73 -33.40 21.72
N GLU B 168 5.73 -33.21 20.38
CA GLU B 168 4.65 -33.65 19.49
C GLU B 168 4.92 -35.05 18.95
N ARG B 169 6.18 -35.31 18.56
CA ARG B 169 6.59 -36.61 18.01
C ARG B 169 7.90 -37.09 18.65
N PRO B 170 7.91 -37.40 19.95
CA PRO B 170 9.15 -37.87 20.58
C PRO B 170 9.44 -39.35 20.36
N VAL B 171 10.70 -39.75 20.54
CA VAL B 171 11.18 -41.14 20.38
C VAL B 171 11.91 -41.65 21.63
N MET B 172 12.35 -40.73 22.51
CA MET B 172 13.09 -41.01 23.75
C MET B 172 12.62 -42.26 24.51
N LEU B 173 11.39 -42.24 25.07
CA LEU B 173 10.85 -43.37 25.83
C LEU B 173 10.57 -44.60 24.98
N ASP B 174 10.12 -44.39 23.74
CA ASP B 174 9.81 -45.51 22.84
C ASP B 174 11.07 -46.34 22.61
N GLU B 175 12.21 -45.67 22.38
CA GLU B 175 13.48 -46.34 22.15
C GLU B 175 13.97 -47.03 23.42
N ILE B 176 13.66 -46.45 24.61
CA ILE B 176 14.08 -47.03 25.89
C ILE B 176 13.25 -48.29 26.19
N VAL B 177 11.92 -48.26 25.95
CA VAL B 177 11.08 -49.43 26.21
C VAL B 177 11.36 -50.51 25.17
N GLU B 178 11.59 -50.12 23.90
CA GLU B 178 11.87 -51.08 22.83
C GLU B 178 13.20 -51.81 23.06
N ALA B 179 14.12 -51.23 23.85
CA ALA B 179 15.41 -51.85 24.15
C ALA B 179 15.25 -53.05 25.09
N THR B 180 14.08 -53.18 25.76
CA THR B 180 13.83 -54.30 26.68
C THR B 180 13.24 -55.51 25.92
N GLY B 181 12.95 -55.33 24.62
CA GLY B 181 12.38 -56.37 23.77
C GLY B 181 10.93 -56.08 23.43
N ALA B 182 10.32 -55.09 24.09
CA ALA B 182 8.93 -54.70 23.87
C ALA B 182 8.73 -53.91 22.59
N LYS B 183 7.47 -53.60 22.28
CA LYS B 183 7.11 -52.83 21.09
C LYS B 183 6.20 -51.68 21.50
N SER B 184 6.62 -50.43 21.23
CA SER B 184 5.80 -49.27 21.57
C SER B 184 4.73 -49.14 20.50
N VAL B 185 3.49 -49.51 20.82
CA VAL B 185 2.41 -49.43 19.85
C VAL B 185 1.91 -48.01 19.65
N PRO B 186 1.71 -47.55 18.40
CA PRO B 186 1.20 -46.19 18.19
C PRO B 186 -0.31 -46.15 18.45
N TYR B 187 -0.79 -45.16 19.20
CA TYR B 187 -2.22 -45.04 19.49
C TYR B 187 -2.71 -43.61 19.27
N ALA B 188 -4.03 -43.41 19.23
CA ALA B 188 -4.64 -42.10 19.02
C ALA B 188 -4.38 -41.15 20.18
N ASP B 189 -4.04 -39.88 19.87
CA ASP B 189 -3.76 -38.85 20.87
C ASP B 189 -2.72 -39.36 21.86
N LYS B 190 -1.61 -39.89 21.34
CA LYS B 190 -0.53 -40.42 22.16
C LYS B 190 0.04 -39.42 23.15
N MET B 191 0.23 -38.17 22.74
CA MET B 191 0.79 -37.14 23.63
C MET B 191 -0.22 -36.42 24.53
N MET B 192 -1.49 -36.85 24.57
CA MET B 192 -2.46 -36.17 25.43
C MET B 192 -2.20 -36.47 26.93
N CYS B 193 -2.72 -35.59 27.79
CA CYS B 193 -2.60 -35.68 29.25
C CYS B 193 -3.43 -36.86 29.81
N CYS B 194 -2.99 -37.43 30.96
CA CYS B 194 -3.70 -38.53 31.61
C CYS B 194 -4.92 -37.95 32.35
N GLY B 195 -4.87 -36.65 32.65
CA GLY B 195 -5.94 -35.94 33.34
C GLY B 195 -5.69 -35.64 34.81
N ALA B 196 -4.64 -36.24 35.40
CA ALA B 196 -4.33 -36.05 36.82
C ALA B 196 -3.67 -34.72 37.20
N GLY B 197 -2.82 -34.17 36.35
CA GLY B 197 -2.10 -32.93 36.60
C GLY B 197 -2.89 -31.71 37.03
N GLY B 198 -2.15 -30.69 37.47
CA GLY B 198 -2.69 -29.40 37.93
C GLY B 198 -3.75 -29.44 38.99
N GLY B 199 -3.72 -30.48 39.84
CA GLY B 199 -4.69 -30.63 40.91
C GLY B 199 -6.07 -31.04 40.43
N VAL B 200 -6.18 -31.48 39.16
CA VAL B 200 -7.46 -31.89 38.60
C VAL B 200 -7.94 -33.20 39.19
N ARG B 201 -7.04 -34.16 39.47
CA ARG B 201 -7.49 -35.43 40.06
C ARG B 201 -8.23 -35.20 41.38
N ALA B 202 -7.65 -34.39 42.27
CA ALA B 202 -8.23 -34.09 43.57
C ALA B 202 -9.50 -33.22 43.54
N ARG B 203 -9.55 -32.19 42.69
CA ARG B 203 -10.72 -31.30 42.61
C ARG B 203 -11.80 -31.75 41.63
N GLU B 204 -11.42 -32.21 40.43
CA GLU B 204 -12.37 -32.67 39.41
C GLU B 204 -12.02 -34.11 39.03
N LEU B 205 -12.29 -35.05 39.92
CA LEU B 205 -11.99 -36.46 39.71
C LEU B 205 -12.63 -37.03 38.42
N GLU B 206 -13.95 -36.89 38.23
CA GLU B 206 -14.61 -37.42 37.03
C GLU B 206 -13.98 -36.89 35.73
N LEU B 207 -13.60 -35.61 35.72
CA LEU B 207 -12.97 -34.99 34.56
C LEU B 207 -11.65 -35.71 34.25
N SER B 208 -10.83 -35.96 35.29
CA SER B 208 -9.54 -36.63 35.16
C SER B 208 -9.70 -38.06 34.66
N LEU B 209 -10.75 -38.76 35.13
CA LEU B 209 -11.02 -40.15 34.74
C LEU B 209 -11.49 -40.25 33.31
N ASP B 210 -12.20 -39.23 32.81
CA ASP B 210 -12.70 -39.21 31.43
C ASP B 210 -11.50 -39.22 30.47
N MET B 211 -10.45 -38.45 30.79
CA MET B 211 -9.25 -38.36 29.98
C MET B 211 -8.43 -39.66 30.05
N THR B 212 -8.34 -40.27 31.24
CA THR B 212 -7.58 -41.51 31.42
C THR B 212 -8.28 -42.64 30.67
N ASN B 213 -9.62 -42.65 30.73
CA ASN B 213 -10.43 -43.66 30.05
C ASN B 213 -10.19 -43.63 28.55
N GLU B 214 -10.08 -42.41 27.97
CA GLU B 214 -9.84 -42.26 26.54
C GLU B 214 -8.45 -42.81 26.19
N LYS B 215 -7.43 -42.50 27.03
CA LYS B 215 -6.07 -42.98 26.81
C LYS B 215 -6.02 -44.50 26.88
N ILE B 216 -6.68 -45.10 27.89
CA ILE B 216 -6.71 -46.56 28.06
C ILE B 216 -7.38 -47.21 26.85
N GLU B 217 -8.53 -46.64 26.42
CA GLU B 217 -9.28 -47.16 25.27
C GLU B 217 -8.41 -47.13 24.01
N ASN B 218 -7.71 -46.01 23.77
CA ASN B 218 -6.85 -45.86 22.60
C ASN B 218 -5.70 -46.85 22.64
N MET B 219 -5.11 -47.09 23.82
CA MET B 219 -4.00 -48.03 23.97
C MET B 219 -4.49 -49.45 23.69
N ILE B 220 -5.68 -49.81 24.24
CA ILE B 220 -6.24 -51.14 24.04
C ILE B 220 -6.60 -51.37 22.58
N LYS B 221 -7.12 -50.35 21.88
CA LYS B 221 -7.47 -50.46 20.45
C LYS B 221 -6.20 -50.66 19.60
N ALA B 222 -5.05 -50.10 20.06
CA ALA B 222 -3.79 -50.21 19.34
C ALA B 222 -3.13 -51.59 19.54
N GLY B 223 -3.64 -52.39 20.48
CA GLY B 223 -3.13 -53.72 20.76
C GLY B 223 -2.15 -53.77 21.92
N ALA B 224 -2.20 -52.78 22.83
CA ALA B 224 -1.29 -52.73 23.97
C ALA B 224 -1.66 -53.76 25.04
N ASP B 225 -0.65 -54.35 25.65
CA ASP B 225 -0.82 -55.34 26.70
C ASP B 225 -0.75 -54.62 28.05
N CYS B 226 -0.04 -53.48 28.11
CA CYS B 226 0.09 -52.70 29.34
C CYS B 226 0.39 -51.24 29.01
N THR B 227 0.58 -50.42 30.04
CA THR B 227 0.91 -49.01 29.87
C THR B 227 2.11 -48.72 30.74
N VAL B 228 3.05 -47.93 30.21
CA VAL B 228 4.25 -47.56 30.93
C VAL B 228 4.29 -46.05 31.06
N ASN B 229 4.69 -45.56 32.23
CA ASN B 229 4.76 -44.13 32.50
C ASN B 229 6.08 -43.83 33.21
N VAL B 230 6.37 -42.55 33.39
CA VAL B 230 7.58 -42.10 34.09
C VAL B 230 7.09 -41.09 35.11
N CYS B 231 5.95 -41.41 35.76
CA CYS B 231 5.39 -40.51 36.72
C CYS B 231 4.47 -41.19 37.73
N PRO B 232 4.85 -41.24 39.03
CA PRO B 232 3.96 -41.87 40.02
C PRO B 232 2.55 -41.26 40.04
N PHE B 233 2.41 -39.98 39.56
CA PHE B 233 1.10 -39.33 39.51
C PHE B 233 0.29 -39.96 38.37
N CYS B 234 0.93 -40.14 37.19
CA CYS B 234 0.26 -40.77 36.04
C CYS B 234 -0.04 -42.22 36.44
N HIS B 235 0.92 -42.85 37.12
CA HIS B 235 0.80 -44.24 37.59
C HIS B 235 -0.44 -44.40 38.45
N LEU B 236 -0.59 -43.55 39.48
CA LEU B 236 -1.74 -43.55 40.38
C LEU B 236 -3.04 -43.37 39.58
N GLN B 237 -3.05 -42.39 38.66
CA GLN B 237 -4.21 -42.10 37.83
C GLN B 237 -4.61 -43.29 36.95
N PHE B 238 -3.63 -43.94 36.32
CA PHE B 238 -3.91 -45.08 35.45
C PHE B 238 -4.29 -46.33 36.26
N ASP B 239 -3.64 -46.53 37.41
CA ASP B 239 -3.89 -47.69 38.26
C ASP B 239 -5.14 -47.53 39.14
N ARG B 240 -5.12 -46.57 40.08
CA ARG B 240 -6.26 -46.32 40.97
C ARG B 240 -7.47 -45.78 40.16
N GLY B 241 -7.21 -45.05 39.08
CA GLY B 241 -8.27 -44.49 38.24
C GLY B 241 -9.13 -45.56 37.59
N GLN B 242 -8.56 -46.73 37.26
CA GLN B 242 -9.33 -47.81 36.65
C GLN B 242 -10.38 -48.36 37.61
N ILE B 243 -10.09 -48.30 38.92
CA ILE B 243 -11.01 -48.76 39.97
C ILE B 243 -12.18 -47.79 40.04
N GLU B 244 -11.86 -46.48 39.95
CA GLU B 244 -12.85 -45.40 39.98
C GLU B 244 -13.73 -45.41 38.73
N ILE B 245 -13.13 -45.73 37.57
CA ILE B 245 -13.87 -45.79 36.31
C ILE B 245 -14.89 -46.93 36.43
N LYS B 246 -14.50 -48.04 37.08
CA LYS B 246 -15.37 -49.20 37.26
C LYS B 246 -16.50 -48.88 38.25
N GLU B 247 -16.19 -48.10 39.30
CA GLU B 247 -17.17 -47.72 40.33
C GLU B 247 -18.10 -46.60 39.90
N LYS B 248 -17.67 -45.75 38.98
CA LYS B 248 -18.52 -44.64 38.54
C LYS B 248 -19.18 -44.92 37.18
N PHE B 249 -18.39 -45.10 36.12
CA PHE B 249 -18.95 -45.35 34.78
C PHE B 249 -19.34 -46.82 34.52
N GLY B 250 -18.76 -47.77 35.26
CA GLY B 250 -19.08 -49.18 35.07
C GLY B 250 -18.27 -49.87 34.00
N LYS B 251 -17.17 -49.24 33.54
CA LYS B 251 -16.32 -49.82 32.51
C LYS B 251 -15.12 -50.52 33.15
N GLU B 252 -14.89 -51.79 32.79
CA GLU B 252 -13.78 -52.58 33.32
C GLU B 252 -12.79 -52.91 32.22
N TYR B 253 -11.49 -52.70 32.50
CA TYR B 253 -10.42 -52.98 31.55
C TYR B 253 -9.37 -53.94 32.12
N ASN B 254 -8.99 -53.78 33.40
CA ASN B 254 -7.98 -54.61 34.07
C ASN B 254 -6.70 -54.51 33.25
N PHE B 255 -6.34 -53.28 32.90
CA PHE B 255 -5.17 -52.95 32.10
C PHE B 255 -3.94 -52.76 33.01
N PRO B 256 -2.94 -53.66 32.94
CA PRO B 256 -1.75 -53.50 33.80
C PRO B 256 -1.00 -52.18 33.59
N VAL B 257 -0.60 -51.54 34.70
CA VAL B 257 0.10 -50.27 34.70
C VAL B 257 1.50 -50.46 35.29
N LEU B 258 2.53 -49.92 34.63
CA LEU B 258 3.92 -50.03 35.11
C LEU B 258 4.65 -48.71 34.98
N HIS B 259 5.57 -48.46 35.90
CA HIS B 259 6.40 -47.26 35.88
C HIS B 259 7.66 -47.76 35.17
N LEU B 260 8.22 -46.99 34.22
CA LEU B 260 9.41 -47.40 33.49
C LEU B 260 10.43 -48.16 34.33
N SER B 261 10.72 -47.68 35.55
CA SER B 261 11.69 -48.33 36.45
C SER B 261 11.34 -49.81 36.67
N GLN B 262 10.03 -50.10 36.83
CA GLN B 262 9.54 -51.46 37.04
C GLN B 262 9.68 -52.29 35.76
N LEU B 263 9.49 -51.65 34.60
CA LEU B 263 9.60 -52.28 33.28
C LEU B 263 11.08 -52.65 33.07
N LEU B 264 12.00 -51.70 33.34
CA LEU B 264 13.43 -51.93 33.20
C LEU B 264 13.92 -53.00 34.19
N GLY B 265 13.29 -53.03 35.37
CA GLY B 265 13.63 -54.01 36.39
C GLY B 265 13.27 -55.40 35.95
N LEU B 266 12.04 -55.59 35.44
CA LEU B 266 11.58 -56.89 34.95
C LEU B 266 12.55 -57.38 33.89
N ALA B 267 12.91 -56.48 32.96
CA ALA B 267 13.84 -56.78 31.87
C ALA B 267 15.24 -57.16 32.38
N MET B 268 15.68 -56.53 33.49
CA MET B 268 16.99 -56.81 34.07
C MET B 268 16.99 -57.98 35.08
N GLY B 269 16.04 -58.90 34.93
CA GLY B 269 15.92 -60.07 35.78
C GLY B 269 15.51 -59.86 37.23
N MET B 270 14.78 -58.78 37.54
CA MET B 270 14.37 -58.54 38.93
C MET B 270 13.17 -59.41 39.29
N ASP B 271 13.04 -59.75 40.57
CA ASP B 271 11.95 -60.58 41.07
C ASP B 271 10.68 -59.72 41.19
N PRO B 272 9.58 -60.12 40.50
CA PRO B 272 8.34 -59.34 40.60
C PRO B 272 7.93 -58.94 42.03
N LYS B 273 8.32 -59.75 43.04
CA LYS B 273 8.00 -59.48 44.44
C LYS B 273 8.71 -58.19 44.92
N ASP B 274 9.94 -57.94 44.45
CA ASP B 274 10.72 -56.75 44.83
C ASP B 274 10.21 -55.47 44.14
N LEU B 275 9.42 -55.61 43.07
CA LEU B 275 8.87 -54.47 42.34
C LEU B 275 7.51 -54.04 42.93
N ALA B 276 7.02 -54.78 43.95
CA ALA B 276 5.74 -54.51 44.63
C ALA B 276 4.57 -54.34 43.66
N LEU B 277 4.32 -55.34 42.82
CA LEU B 277 3.23 -55.29 41.87
C LEU B 277 1.91 -55.60 42.58
N SER B 278 1.98 -56.31 43.73
CA SER B 278 0.79 -56.66 44.52
C SER B 278 0.08 -55.43 45.09
N VAL B 279 0.82 -54.34 45.40
CA VAL B 279 0.20 -53.12 45.94
C VAL B 279 -0.55 -52.34 44.86
N HIS B 280 -0.35 -52.69 43.57
CA HIS B 280 -1.06 -52.01 42.49
C HIS B 280 -2.54 -52.32 42.60
N GLN B 281 -3.38 -51.32 42.39
CA GLN B 281 -4.84 -51.46 42.46
C GLN B 281 -5.34 -52.42 41.37
N ILE B 282 -4.69 -52.41 40.18
CA ILE B 282 -5.05 -53.28 39.07
C ILE B 282 -3.97 -54.36 39.03
N SER B 283 -4.38 -55.63 38.89
CA SER B 283 -3.43 -56.73 38.85
C SER B 283 -2.53 -56.71 37.63
N VAL B 284 -1.23 -56.95 37.87
CA VAL B 284 -0.20 -56.99 36.84
C VAL B 284 -0.03 -58.47 36.42
N ASP B 285 -0.70 -59.40 37.13
CA ASP B 285 -0.63 -60.83 36.84
C ASP B 285 -0.93 -61.17 35.38
N PRO B 286 -1.95 -60.58 34.72
CA PRO B 286 -2.19 -60.93 33.31
C PRO B 286 -0.96 -60.60 32.45
N LEU B 287 -0.25 -59.52 32.81
CA LEU B 287 0.95 -59.08 32.10
C LEU B 287 2.11 -60.03 32.42
N LEU B 288 2.23 -60.44 33.69
CA LEU B 288 3.28 -61.35 34.12
C LEU B 288 3.19 -62.70 33.39
N LYS B 289 1.96 -63.11 32.98
CA LYS B 289 1.77 -64.37 32.25
C LYS B 289 2.29 -64.21 30.82
N LYS B 290 2.17 -63.00 30.25
CA LYS B 290 2.65 -62.72 28.89
C LYS B 290 4.19 -62.62 28.83
N ILE B 291 4.87 -62.45 29.99
CA ILE B 291 6.33 -62.36 30.06
C ILE B 291 6.87 -63.44 30.99
N MET C 1 -25.90 -9.19 30.04
CA MET C 1 -25.50 -7.79 30.13
C MET C 1 -24.33 -7.62 31.08
N ILE C 2 -23.24 -7.02 30.60
CA ILE C 2 -22.04 -6.79 31.40
C ILE C 2 -21.81 -5.29 31.42
N TYR C 3 -21.83 -4.69 32.62
CA TYR C 3 -21.62 -3.25 32.78
C TYR C 3 -20.22 -2.97 33.31
N SER C 4 -19.79 -1.71 33.27
CA SER C 4 -18.46 -1.31 33.76
C SER C 4 -18.33 -1.63 35.24
N SER C 5 -19.43 -1.45 36.00
CA SER C 5 -19.48 -1.71 37.44
C SER C 5 -19.23 -3.17 37.82
N ASP C 6 -19.47 -4.10 36.89
CA ASP C 6 -19.26 -5.54 37.14
C ASP C 6 -17.84 -5.97 36.81
N LEU C 7 -17.04 -5.09 36.19
CA LEU C 7 -15.67 -5.42 35.81
C LEU C 7 -14.62 -4.82 36.76
N ASN C 8 -13.48 -5.51 36.89
CA ASN C 8 -12.34 -5.11 37.71
C ASN C 8 -11.23 -4.84 36.68
N LYS C 9 -11.11 -3.57 36.22
CA LYS C 9 -10.16 -3.09 35.20
C LYS C 9 -8.72 -3.51 35.43
N ASN C 10 -8.28 -3.61 36.69
CA ASN C 10 -6.90 -3.98 36.99
C ASN C 10 -6.66 -5.47 37.16
N LEU C 11 -7.62 -6.34 36.80
CA LEU C 11 -7.45 -7.78 36.95
C LEU C 11 -6.19 -8.26 36.22
N ALA C 12 -5.99 -7.82 34.97
CA ALA C 12 -4.81 -8.22 34.19
C ALA C 12 -3.51 -7.79 34.91
N SER C 13 -3.44 -6.51 35.33
CA SER C 13 -2.26 -5.99 36.04
C SER C 13 -2.10 -6.67 37.40
N GLN C 14 -3.22 -7.01 38.05
CA GLN C 14 -3.20 -7.68 39.34
C GLN C 14 -2.61 -9.07 39.15
N ILE C 15 -2.99 -9.77 38.07
CA ILE C 15 -2.48 -11.11 37.77
C ILE C 15 -0.98 -10.99 37.51
N ILE C 16 -0.55 -9.92 36.81
CA ILE C 16 0.88 -9.70 36.52
C ILE C 16 1.65 -9.46 37.82
N GLU C 17 1.12 -8.62 38.74
CA GLU C 17 1.81 -8.35 40.01
C GLU C 17 1.96 -9.58 40.87
N ALA C 18 0.98 -10.50 40.81
CA ALA C 18 1.04 -11.74 41.59
C ALA C 18 2.12 -12.67 41.01
N GLY C 19 2.45 -12.47 39.74
CA GLY C 19 3.46 -13.25 39.05
C GLY C 19 4.85 -12.65 39.11
N THR C 20 4.97 -11.45 39.70
CA THR C 20 6.24 -10.75 39.83
C THR C 20 6.73 -10.94 41.28
N PRO C 21 7.93 -11.50 41.51
CA PRO C 21 8.94 -11.97 40.55
C PRO C 21 8.85 -13.45 40.17
N ILE C 22 7.86 -14.20 40.70
CA ILE C 22 7.71 -15.63 40.40
C ILE C 22 6.31 -15.87 39.82
N PRO C 23 6.16 -16.47 38.60
CA PRO C 23 7.20 -16.98 37.70
C PRO C 23 8.00 -15.92 36.93
N GLY C 24 7.63 -14.66 37.07
CA GLY C 24 8.31 -13.56 36.39
C GLY C 24 7.35 -12.57 35.76
N ASP C 25 7.73 -11.29 35.76
CA ASP C 25 6.93 -10.21 35.17
C ASP C 25 6.76 -10.46 33.67
N ASP C 26 7.87 -10.77 32.97
CA ASP C 26 7.84 -11.03 31.52
C ASP C 26 7.00 -12.25 31.16
N VAL C 27 6.96 -13.25 32.04
CA VAL C 27 6.20 -14.47 31.82
C VAL C 27 4.70 -14.22 31.88
N VAL C 28 4.23 -13.58 32.96
CA VAL C 28 2.81 -13.31 33.14
C VAL C 28 2.32 -12.12 32.30
N SER C 29 3.19 -11.13 32.03
CA SER C 29 2.76 -9.98 31.20
C SER C 29 2.44 -10.43 29.78
N SER C 30 2.84 -11.66 29.41
CA SER C 30 2.58 -12.22 28.09
C SER C 30 1.07 -12.36 27.86
N LEU C 31 0.23 -12.33 28.96
CA LEU C 31 -1.23 -12.44 28.81
C LEU C 31 -1.79 -11.28 27.98
N LYS C 32 -1.09 -10.12 27.96
CA LYS C 32 -1.50 -8.95 27.19
C LYS C 32 -1.29 -9.15 25.68
N ALA C 33 -0.39 -10.07 25.27
CA ALA C 33 -0.10 -10.33 23.85
C ALA C 33 -1.15 -11.24 23.20
N CYS C 34 -2.08 -11.81 23.96
CA CYS C 34 -3.09 -12.70 23.40
C CYS C 34 -3.98 -12.04 22.35
N TYR C 35 -4.10 -12.64 21.15
CA TYR C 35 -4.97 -12.07 20.12
C TYR C 35 -6.25 -12.92 19.88
N GLN C 36 -6.67 -13.69 20.90
CA GLN C 36 -7.87 -14.52 20.87
C GLN C 36 -8.05 -15.40 19.63
N CYS C 37 -7.01 -16.12 19.23
CA CYS C 37 -7.08 -16.99 18.06
C CYS C 37 -7.83 -18.31 18.32
N GLY C 38 -7.80 -18.79 19.56
CA GLY C 38 -8.47 -20.03 19.93
C GLY C 38 -7.62 -21.30 19.83
N THR C 39 -6.34 -21.19 19.44
CA THR C 39 -5.43 -22.34 19.32
C THR C 39 -5.31 -23.07 20.66
N CYS C 40 -5.31 -22.32 21.77
CA CYS C 40 -5.21 -22.90 23.11
C CYS C 40 -6.44 -23.76 23.44
N THR C 41 -7.63 -23.26 23.11
CA THR C 41 -8.88 -23.99 23.36
C THR C 41 -8.95 -25.28 22.56
N GLY C 42 -8.58 -25.22 21.28
CA GLY C 42 -8.60 -26.38 20.40
C GLY C 42 -7.61 -27.46 20.82
N SER C 43 -6.54 -27.06 21.52
CA SER C 43 -5.50 -27.96 22.00
C SER C 43 -5.82 -28.53 23.38
N CYS C 44 -6.77 -27.93 24.09
CA CYS C 44 -7.12 -28.34 25.43
C CYS C 44 -7.86 -29.68 25.58
N PRO C 45 -7.25 -30.65 26.29
CA PRO C 45 -7.92 -31.95 26.49
C PRO C 45 -9.16 -31.82 27.37
N SER C 46 -9.12 -30.90 28.36
CA SER C 46 -10.24 -30.68 29.28
C SER C 46 -11.41 -30.01 28.57
N GLY C 47 -11.12 -29.09 27.66
CA GLY C 47 -12.14 -28.38 26.90
C GLY C 47 -13.03 -29.29 26.07
N ARG C 48 -12.50 -30.45 25.66
CA ARG C 48 -13.23 -31.42 24.84
C ARG C 48 -14.33 -32.19 25.61
N ARG C 49 -14.37 -32.06 26.96
CA ARG C 49 -15.39 -32.74 27.78
C ARG C 49 -16.08 -31.82 28.80
N THR C 50 -15.76 -30.51 28.80
CA THR C 50 -16.36 -29.56 29.73
C THR C 50 -16.67 -28.25 29.01
N SER C 51 -17.20 -27.27 29.75
CA SER C 51 -17.54 -25.95 29.23
C SER C 51 -16.29 -25.05 29.28
N TYR C 52 -15.16 -25.58 29.78
CA TYR C 52 -13.91 -24.84 29.90
C TYR C 52 -13.34 -24.47 28.53
N ARG C 53 -13.10 -23.17 28.32
CA ARG C 53 -12.54 -22.67 27.07
C ARG C 53 -11.35 -21.81 27.48
N THR C 54 -10.13 -22.32 27.26
CA THR C 54 -8.89 -21.64 27.61
C THR C 54 -8.85 -20.19 27.15
N ARG C 55 -9.25 -19.93 25.90
CA ARG C 55 -9.26 -18.59 25.33
C ARG C 55 -10.13 -17.63 26.13
N LYS C 56 -11.33 -18.07 26.53
CA LYS C 56 -12.26 -17.23 27.29
C LYS C 56 -11.72 -16.84 28.65
N VAL C 57 -10.86 -17.67 29.26
CA VAL C 57 -10.28 -17.34 30.56
C VAL C 57 -9.35 -16.15 30.37
N ILE C 58 -8.55 -16.15 29.28
CA ILE C 58 -7.63 -15.06 28.99
C ILE C 58 -8.47 -13.81 28.65
N ARG C 59 -9.57 -13.99 27.90
CA ARG C 59 -10.45 -12.88 27.53
C ARG C 59 -11.05 -12.23 28.78
N LYS C 60 -11.59 -13.08 29.68
CA LYS C 60 -12.21 -12.65 30.94
C LYS C 60 -11.22 -11.89 31.81
N ALA C 61 -9.92 -12.22 31.72
CA ALA C 61 -8.87 -11.56 32.49
C ALA C 61 -8.60 -10.16 31.88
N LEU C 62 -8.43 -10.10 30.55
CA LEU C 62 -8.17 -8.84 29.83
C LEU C 62 -9.36 -7.87 29.94
N LEU C 63 -10.59 -8.42 29.98
CA LEU C 63 -11.80 -7.61 30.07
C LEU C 63 -12.05 -7.15 31.53
N GLY C 64 -11.63 -7.97 32.49
CA GLY C 64 -11.79 -7.65 33.90
C GLY C 64 -12.92 -8.37 34.60
N MET C 65 -13.38 -9.51 34.07
CA MET C 65 -14.47 -10.24 34.72
C MET C 65 -13.98 -10.89 36.00
N ASP C 66 -14.47 -10.39 37.14
CA ASP C 66 -14.14 -10.83 38.50
C ASP C 66 -14.42 -12.31 38.78
N ASP C 67 -15.52 -12.86 38.24
CA ASP C 67 -15.89 -14.27 38.47
C ASP C 67 -14.83 -15.28 38.07
N VAL C 68 -13.90 -14.94 37.15
CA VAL C 68 -12.87 -15.90 36.75
C VAL C 68 -12.12 -16.48 37.98
N LEU C 69 -11.99 -15.69 39.06
CA LEU C 69 -11.32 -16.13 40.29
C LEU C 69 -12.23 -17.04 41.11
N ASP C 70 -13.56 -16.86 40.95
CA ASP C 70 -14.56 -17.66 41.66
C ASP C 70 -15.02 -18.87 40.85
N SER C 71 -14.66 -18.91 39.56
CA SER C 71 -15.05 -20.00 38.66
C SER C 71 -14.37 -21.31 38.97
N ASP C 72 -15.03 -22.40 38.57
CA ASP C 72 -14.54 -23.76 38.74
C ASP C 72 -13.68 -24.11 37.52
N ASP C 73 -13.91 -23.42 36.39
CA ASP C 73 -13.22 -23.62 35.12
C ASP C 73 -11.70 -23.51 35.19
N ILE C 74 -11.17 -22.46 35.86
CA ILE C 74 -9.71 -22.29 35.97
C ILE C 74 -9.04 -23.49 36.64
N TRP C 75 -9.80 -24.26 37.44
CA TRP C 75 -9.29 -25.43 38.14
C TRP C 75 -9.41 -26.72 37.31
N LYS C 76 -9.86 -26.62 36.03
CA LYS C 76 -10.00 -27.79 35.15
C LYS C 76 -8.76 -27.97 34.26
N CYS C 77 -7.83 -27.01 34.31
CA CYS C 77 -6.58 -27.08 33.55
C CYS C 77 -5.65 -28.10 34.23
N THR C 78 -5.16 -29.09 33.46
CA THR C 78 -4.27 -30.12 33.99
C THR C 78 -2.80 -29.69 33.92
N THR C 79 -2.54 -28.50 33.36
CA THR C 79 -1.19 -27.95 33.18
C THR C 79 -0.37 -28.84 32.25
N CYS C 80 -0.97 -29.31 31.15
CA CYS C 80 -0.29 -30.15 30.17
C CYS C 80 0.68 -29.35 29.28
N TYR C 81 0.63 -27.99 29.32
CA TYR C 81 1.50 -27.11 28.52
C TYR C 81 1.31 -27.20 26.99
N THR C 82 0.23 -27.85 26.49
CA THR C 82 0.04 -27.96 25.03
C THR C 82 -0.27 -26.58 24.43
N CYS C 83 -1.08 -25.77 25.13
CA CYS C 83 -1.44 -24.43 24.67
C CYS C 83 -0.19 -23.54 24.66
N TYR C 84 0.67 -23.69 25.70
CA TYR C 84 1.92 -22.96 25.88
C TYR C 84 2.86 -23.25 24.70
N GLU C 85 2.90 -24.52 24.25
CA GLU C 85 3.74 -24.96 23.14
C GLU C 85 3.26 -24.46 21.78
N ARG C 86 1.93 -24.36 21.60
CA ARG C 86 1.35 -23.94 20.33
C ARG C 86 0.93 -22.48 20.21
N CYS C 87 0.97 -21.69 21.29
CA CYS C 87 0.53 -20.30 21.15
C CYS C 87 1.40 -19.51 20.17
N PRO C 88 0.78 -18.95 19.11
CA PRO C 88 1.57 -18.16 18.15
C PRO C 88 1.96 -16.79 18.66
N ARG C 89 1.36 -16.32 19.78
CA ARG C 89 1.69 -15.00 20.35
C ARG C 89 2.61 -15.10 21.58
N ASP C 90 3.18 -16.29 21.85
CA ASP C 90 4.09 -16.53 22.98
C ASP C 90 3.44 -16.29 24.36
N VAL C 91 2.15 -16.57 24.48
CA VAL C 91 1.44 -16.38 25.74
C VAL C 91 1.81 -17.57 26.63
N LYS C 92 2.37 -17.31 27.82
CA LYS C 92 2.76 -18.37 28.75
C LYS C 92 1.47 -18.73 29.50
N VAL C 93 0.52 -19.30 28.75
CA VAL C 93 -0.81 -19.66 29.23
C VAL C 93 -0.83 -20.46 30.51
N THR C 94 -0.11 -21.58 30.54
CA THR C 94 -0.08 -22.42 31.72
C THR C 94 0.36 -21.67 32.96
N GLU C 95 1.36 -20.78 32.83
CA GLU C 95 1.86 -20.00 33.96
C GLU C 95 0.87 -18.94 34.41
N ILE C 96 0.11 -18.38 33.46
CA ILE C 96 -0.88 -17.36 33.77
C ILE C 96 -2.03 -18.01 34.54
N ILE C 97 -2.44 -19.24 34.13
CA ILE C 97 -3.54 -19.96 34.80
C ILE C 97 -3.15 -20.21 36.27
N LYS C 98 -1.91 -20.67 36.50
CA LYS C 98 -1.42 -20.93 37.86
C LYS C 98 -1.41 -19.64 38.69
N THR C 99 -1.03 -18.50 38.08
CA THR C 99 -0.98 -17.22 38.79
C THR C 99 -2.40 -16.74 39.12
N ILE C 100 -3.37 -16.99 38.22
CA ILE C 100 -4.76 -16.59 38.46
C ILE C 100 -5.28 -17.42 39.63
N ARG C 101 -4.90 -18.72 39.69
CA ARG C 101 -5.32 -19.61 40.77
C ARG C 101 -4.79 -19.09 42.13
N ASN C 102 -3.62 -18.39 42.14
CA ASN C 102 -3.04 -17.83 43.38
C ASN C 102 -4.00 -16.77 43.91
N LEU C 103 -4.51 -15.91 43.01
CA LEU C 103 -5.46 -14.87 43.41
C LEU C 103 -6.78 -15.52 43.86
N ALA C 104 -7.15 -16.65 43.23
CA ALA C 104 -8.37 -17.37 43.59
C ALA C 104 -8.23 -17.90 45.01
N ALA C 105 -7.04 -18.48 45.32
CA ALA C 105 -6.77 -19.04 46.65
C ALA C 105 -6.81 -17.94 47.71
N GLN C 106 -6.29 -16.74 47.40
CA GLN C 106 -6.29 -15.62 48.35
C GLN C 106 -7.73 -15.17 48.65
N LYS C 107 -8.62 -15.32 47.66
CA LYS C 107 -10.03 -14.96 47.82
C LYS C 107 -10.78 -16.02 48.66
N GLY C 108 -10.20 -17.21 48.77
CA GLY C 108 -10.78 -18.31 49.53
C GLY C 108 -11.33 -19.41 48.66
N ASN C 109 -11.04 -19.36 47.34
CA ASN C 109 -11.52 -20.37 46.41
C ASN C 109 -10.52 -21.52 46.26
N MET C 110 -10.38 -22.31 47.34
CA MET C 110 -9.48 -23.48 47.41
C MET C 110 -10.31 -24.71 47.77
N ALA C 111 -10.10 -25.84 47.08
CA ALA C 111 -10.83 -27.06 47.39
C ALA C 111 -10.30 -27.62 48.69
N LYS C 112 -11.16 -28.30 49.48
CA LYS C 112 -10.73 -28.88 50.75
C LYS C 112 -9.60 -29.88 50.51
N ALA C 113 -9.71 -30.73 49.47
CA ALA C 113 -8.67 -31.71 49.17
C ALA C 113 -7.32 -31.05 48.90
N HIS C 114 -7.30 -29.90 48.20
CA HIS C 114 -6.04 -29.20 47.91
C HIS C 114 -5.43 -28.64 49.19
N LYS C 115 -6.27 -28.16 50.12
CA LYS C 115 -5.79 -27.61 51.38
C LYS C 115 -5.29 -28.71 52.29
N MET C 116 -5.91 -29.90 52.23
CA MET C 116 -5.49 -31.02 53.06
C MET C 116 -4.09 -31.40 52.61
N THR C 117 -3.84 -31.34 51.31
CA THR C 117 -2.56 -31.65 50.70
C THR C 117 -1.51 -30.66 51.18
N ALA C 118 -1.89 -29.38 51.23
CA ALA C 118 -1.02 -28.31 51.68
C ALA C 118 -0.73 -28.46 53.18
N MET C 119 -1.71 -28.98 53.94
CA MET C 119 -1.56 -29.19 55.39
C MET C 119 -0.60 -30.34 55.65
N TYR C 120 -0.70 -31.42 54.88
CA TYR C 120 0.19 -32.57 55.08
C TYR C 120 1.65 -32.14 54.91
N VAL C 121 1.93 -31.25 53.95
CA VAL C 121 3.30 -30.78 53.71
C VAL C 121 3.76 -29.87 54.85
N LEU C 122 2.84 -29.09 55.40
CA LEU C 122 3.15 -28.19 56.51
C LEU C 122 3.36 -29.01 57.80
N LYS C 123 2.54 -30.05 58.01
CA LYS C 123 2.63 -30.90 59.21
C LYS C 123 3.72 -31.99 59.11
N TYR C 124 3.64 -32.84 58.07
CA TYR C 124 4.59 -33.94 57.87
C TYR C 124 5.66 -33.69 56.82
N GLY C 125 5.65 -32.54 56.16
CA GLY C 125 6.62 -32.23 55.12
C GLY C 125 6.33 -32.90 53.79
N HIS C 126 5.29 -33.75 53.71
CA HIS C 126 4.97 -34.45 52.47
C HIS C 126 3.52 -34.43 52.13
N ALA C 127 3.24 -34.38 50.82
CA ALA C 127 1.88 -34.36 50.32
C ALA C 127 1.21 -35.71 50.55
N VAL C 128 1.99 -36.80 50.46
CA VAL C 128 1.50 -38.17 50.67
C VAL C 128 2.44 -38.77 51.73
N PRO C 129 2.13 -38.60 53.03
CA PRO C 129 3.03 -39.14 54.07
C PRO C 129 3.00 -40.64 54.27
N ALA C 130 4.06 -41.16 54.89
CA ALA C 130 4.21 -42.59 55.18
C ALA C 130 3.30 -43.01 56.34
N ASN C 131 2.80 -44.25 56.29
CA ASN C 131 1.92 -44.84 57.29
C ASN C 131 2.50 -46.19 57.76
N LYS C 132 1.83 -46.89 58.70
CA LYS C 132 2.32 -48.19 59.18
C LYS C 132 2.53 -49.18 58.02
N ASN C 133 1.67 -49.14 57.00
CA ASN C 133 1.79 -50.03 55.83
C ASN C 133 3.01 -49.71 54.98
N THR C 134 3.45 -48.44 54.98
CA THR C 134 4.62 -48.01 54.21
C THR C 134 5.85 -48.69 54.78
N ALA C 135 5.98 -48.63 56.13
CA ALA C 135 7.11 -49.24 56.82
C ALA C 135 7.19 -50.74 56.52
N GLU C 136 6.03 -51.42 56.58
CA GLU C 136 5.96 -52.86 56.30
C GLU C 136 6.34 -53.17 54.86
N LEU C 137 5.79 -52.42 53.90
CA LEU C 137 6.09 -52.64 52.48
C LEU C 137 7.57 -52.45 52.18
N ARG C 138 8.13 -51.30 52.59
CA ARG C 138 9.55 -50.99 52.36
C ARG C 138 10.47 -52.07 52.95
N LYS C 139 10.07 -52.64 54.09
CA LYS C 139 10.84 -53.69 54.76
C LYS C 139 10.89 -54.94 53.89
N SER C 140 9.71 -55.42 53.46
CA SER C 140 9.58 -56.62 52.63
C SER C 140 10.22 -56.46 51.24
N ILE C 141 10.36 -55.22 50.76
CA ILE C 141 10.95 -54.93 49.45
C ILE C 141 12.48 -54.89 49.52
N GLY C 142 13.04 -54.57 50.69
CA GLY C 142 14.48 -54.50 50.90
C GLY C 142 15.01 -53.08 51.03
N LEU C 143 14.10 -52.11 51.21
CA LEU C 143 14.48 -50.69 51.36
C LEU C 143 14.51 -50.34 52.83
N SER C 144 15.05 -49.15 53.16
CA SER C 144 15.11 -48.69 54.54
C SER C 144 13.67 -48.45 55.01
N GLU C 145 13.29 -49.01 56.16
CA GLU C 145 11.93 -48.88 56.71
C GLU C 145 11.37 -47.46 56.62
N LYS C 146 12.20 -46.45 56.88
CA LYS C 146 11.82 -45.04 56.81
C LYS C 146 12.75 -44.35 55.82
N ALA C 147 12.20 -43.77 54.75
CA ALA C 147 13.00 -43.09 53.72
C ALA C 147 13.75 -41.88 54.28
N PRO C 148 14.91 -41.52 53.70
CA PRO C 148 15.64 -40.35 54.22
C PRO C 148 15.00 -39.05 53.77
N ILE C 149 13.76 -38.81 54.24
CA ILE C 149 12.98 -37.63 53.89
C ILE C 149 12.68 -36.76 55.11
N ALA C 150 12.15 -35.54 54.86
CA ALA C 150 11.81 -34.57 55.89
C ALA C 150 10.84 -35.09 56.96
N GLN C 151 9.96 -36.05 56.60
CA GLN C 151 8.99 -36.61 57.54
C GLN C 151 9.63 -37.12 58.82
N PHE C 152 10.81 -37.75 58.71
CA PHE C 152 11.53 -38.31 59.86
C PHE C 152 12.74 -37.46 60.26
N SER C 153 12.68 -36.14 60.03
CA SER C 153 13.77 -35.22 60.36
C SER C 153 13.17 -33.92 60.92
N GLU C 154 13.18 -33.76 62.25
CA GLU C 154 12.64 -32.54 62.89
C GLU C 154 13.36 -31.26 62.44
N LYS C 155 14.66 -31.36 62.12
CA LYS C 155 15.46 -30.22 61.66
C LYS C 155 14.84 -29.67 60.37
N ASP C 156 14.57 -30.58 59.40
CA ASP C 156 13.98 -30.20 58.13
C ASP C 156 12.52 -29.78 58.26
N LEU C 157 11.75 -30.39 59.19
CA LEU C 157 10.35 -30.02 59.38
C LEU C 157 10.28 -28.62 59.96
N ASN C 158 11.18 -28.28 60.89
CA ASN C 158 11.20 -26.95 61.51
C ASN C 158 11.71 -25.91 60.51
N GLU C 159 12.56 -26.32 59.56
CA GLU C 159 13.08 -25.41 58.53
C GLU C 159 11.92 -24.98 57.63
N MET C 160 11.09 -25.96 57.20
CA MET C 160 9.94 -25.71 56.34
C MET C 160 8.90 -24.85 57.07
N ASN C 161 8.69 -25.09 58.37
CA ASN C 161 7.71 -24.33 59.17
C ASN C 161 8.12 -22.87 59.26
N THR C 162 9.43 -22.60 59.37
CA THR C 162 9.95 -21.24 59.46
C THR C 162 9.72 -20.53 58.12
N LEU C 163 9.92 -21.25 57.01
CA LEU C 163 9.74 -20.69 55.67
C LEU C 163 8.25 -20.44 55.40
N ILE C 164 7.40 -21.43 55.72
CA ILE C 164 5.94 -21.34 55.54
C ILE C 164 5.37 -20.12 56.29
N LYS C 165 5.79 -19.91 57.54
CA LYS C 165 5.32 -18.78 58.35
C LYS C 165 5.76 -17.45 57.72
N GLU C 166 7.01 -17.41 57.22
CA GLU C 166 7.57 -16.21 56.59
C GLU C 166 6.86 -15.89 55.26
N LEU C 167 6.46 -16.93 54.53
CA LEU C 167 5.77 -16.77 53.25
C LEU C 167 4.28 -16.44 53.43
N GLY C 168 3.73 -16.75 54.60
CA GLY C 168 2.32 -16.51 54.89
C GLY C 168 1.43 -17.56 54.28
N PHE C 169 2.01 -18.72 53.94
CA PHE C 169 1.27 -19.83 53.33
C PHE C 169 0.34 -20.47 54.36
N ASP C 170 0.73 -20.45 55.64
CA ASP C 170 -0.10 -21.02 56.72
C ASP C 170 -1.40 -20.21 56.83
N GLU C 171 -1.31 -18.87 56.72
CA GLU C 171 -2.47 -17.98 56.79
C GLU C 171 -3.34 -18.12 55.54
N LEU C 172 -2.70 -18.41 54.38
CA LEU C 172 -3.41 -18.60 53.11
C LEU C 172 -4.36 -19.78 53.21
N ILE C 173 -3.83 -20.95 53.62
CA ILE C 173 -4.64 -22.16 53.75
C ILE C 173 -5.52 -22.14 55.02
N GLY C 174 -5.24 -21.21 55.94
CA GLY C 174 -5.99 -21.08 57.18
C GLY C 174 -5.66 -22.16 58.18
N PHE C 175 -4.35 -22.38 58.42
CA PHE C 175 -3.89 -23.40 59.35
C PHE C 175 -3.59 -22.83 60.73
N ASP C 176 -4.11 -23.49 61.78
CA ASP C 176 -3.89 -23.08 63.16
C ASP C 176 -2.81 -24.00 63.72
N TRP C 177 -1.68 -23.42 64.14
CA TRP C 177 -0.56 -24.20 64.68
C TRP C 177 -0.85 -24.82 66.04
N GLU C 178 -1.59 -24.12 66.92
CA GLU C 178 -1.90 -24.66 68.24
C GLU C 178 -2.84 -25.87 68.14
N LYS C 179 -3.90 -25.76 67.35
CA LYS C 179 -4.86 -26.85 67.17
C LYS C 179 -4.31 -27.95 66.25
N GLY C 180 -3.35 -27.59 65.41
CA GLY C 180 -2.73 -28.54 64.48
C GLY C 180 -3.70 -28.97 63.38
N ALA C 181 -4.60 -28.05 62.97
CA ALA C 181 -5.58 -28.34 61.93
C ALA C 181 -6.00 -27.08 61.18
N LEU C 182 -6.72 -27.27 60.06
CA LEU C 182 -7.21 -26.18 59.22
C LEU C 182 -8.52 -25.61 59.72
N LYS C 183 -8.73 -24.31 59.48
CA LYS C 183 -9.94 -23.60 59.88
C LYS C 183 -10.80 -23.34 58.63
N GLU C 184 -12.02 -23.91 58.59
CA GLU C 184 -12.99 -23.77 57.50
C GLU C 184 -12.61 -24.59 56.27
N TRP D 4 -38.52 -17.91 -27.68
CA TRP D 4 -38.13 -16.60 -28.22
C TRP D 4 -37.34 -15.81 -27.18
N GLU D 5 -36.31 -15.10 -27.65
CA GLU D 5 -35.47 -14.28 -26.79
C GLU D 5 -35.33 -12.91 -27.45
N PRO D 6 -35.48 -11.81 -26.70
CA PRO D 6 -35.35 -10.49 -27.32
C PRO D 6 -33.99 -10.20 -27.94
N LYS D 7 -33.98 -9.41 -29.01
CA LYS D 7 -32.76 -9.01 -29.70
C LYS D 7 -32.58 -7.57 -29.33
N ILE D 8 -31.63 -7.31 -28.45
CA ILE D 8 -31.39 -5.95 -28.01
C ILE D 8 -30.03 -5.47 -28.46
N ILE D 9 -29.96 -4.25 -28.98
CA ILE D 9 -28.69 -3.69 -29.43
C ILE D 9 -28.36 -2.53 -28.49
N GLY D 10 -27.09 -2.39 -28.17
CA GLY D 10 -26.63 -1.33 -27.28
C GLY D 10 -25.58 -0.45 -27.91
N PHE D 11 -25.57 0.81 -27.51
CA PHE D 11 -24.60 1.80 -27.99
C PHE D 11 -24.05 2.41 -26.72
N CYS D 12 -22.76 2.17 -26.43
CA CYS D 12 -22.15 2.71 -25.21
C CYS D 12 -20.90 3.52 -25.51
N CYS D 13 -20.73 4.65 -24.79
CA CYS D 13 -19.55 5.48 -25.00
C CYS D 13 -18.34 4.79 -24.34
N ASN D 14 -17.19 4.91 -24.96
CA ASN D 14 -15.92 4.33 -24.53
C ASN D 14 -15.37 4.76 -23.16
N TRP D 15 -15.72 5.95 -22.67
CA TRP D 15 -15.17 6.45 -21.41
C TRP D 15 -15.86 6.06 -20.09
N CYS D 16 -17.08 6.48 -19.82
CA CYS D 16 -17.70 6.12 -18.54
C CYS D 16 -18.64 4.93 -18.65
N THR D 17 -19.45 4.85 -19.71
CA THR D 17 -20.41 3.75 -19.87
C THR D 17 -19.79 2.39 -20.22
N TYR D 18 -18.97 2.33 -21.28
CA TYR D 18 -18.31 1.10 -21.71
C TYR D 18 -17.53 0.60 -20.48
N GLY D 19 -17.02 1.55 -19.69
CA GLY D 19 -16.28 1.30 -18.46
C GLY D 19 -17.16 0.79 -17.33
N GLY D 20 -18.44 1.19 -17.36
CA GLY D 20 -19.42 0.76 -16.38
C GLY D 20 -19.81 -0.68 -16.68
N ALA D 21 -19.89 -1.03 -17.98
CA ALA D 21 -20.22 -2.40 -18.41
C ALA D 21 -19.03 -3.31 -18.05
N ASP D 22 -17.79 -2.79 -18.14
CA ASP D 22 -16.60 -3.56 -17.79
C ASP D 22 -16.56 -3.80 -16.29
N THR D 23 -16.96 -2.80 -15.48
CA THR D 23 -16.98 -2.94 -14.02
C THR D 23 -17.96 -4.05 -13.62
N ALA D 24 -19.13 -4.10 -14.28
CA ALA D 24 -20.13 -5.14 -14.02
C ALA D 24 -19.49 -6.51 -14.30
N GLY D 25 -18.66 -6.59 -15.34
CA GLY D 25 -17.97 -7.81 -15.70
C GLY D 25 -16.89 -8.19 -14.72
N VAL D 26 -16.08 -7.22 -14.28
CA VAL D 26 -15.01 -7.49 -13.32
C VAL D 26 -15.60 -7.99 -11.99
N GLY D 27 -16.75 -7.43 -11.59
CA GLY D 27 -17.42 -7.82 -10.36
C GLY D 27 -18.35 -9.02 -10.52
N ARG D 28 -18.31 -9.69 -11.69
CA ARG D 28 -19.16 -10.85 -11.98
C ARG D 28 -20.64 -10.55 -11.73
N MET D 29 -21.11 -9.37 -12.14
CA MET D 29 -22.50 -8.94 -11.97
C MET D 29 -23.30 -9.47 -13.16
N GLN D 30 -23.96 -10.61 -12.96
CA GLN D 30 -24.75 -11.27 -13.99
C GLN D 30 -25.98 -10.52 -14.46
N TYR D 31 -26.27 -10.58 -15.78
CA TYR D 31 -27.44 -9.94 -16.38
C TYR D 31 -27.86 -10.72 -17.64
N PRO D 32 -29.09 -10.54 -18.18
CA PRO D 32 -29.51 -11.33 -19.36
C PRO D 32 -28.66 -11.13 -20.63
N PRO D 33 -28.47 -12.23 -21.42
CA PRO D 33 -27.64 -12.14 -22.63
C PRO D 33 -28.31 -11.68 -23.93
N SER D 34 -29.32 -10.81 -23.87
CA SER D 34 -29.99 -10.35 -25.11
C SER D 34 -29.22 -9.22 -25.78
N ILE D 35 -28.65 -8.31 -24.98
CA ILE D 35 -27.91 -7.17 -25.52
C ILE D 35 -26.57 -7.53 -26.18
N ARG D 36 -26.20 -6.71 -27.18
CA ARG D 36 -24.95 -6.79 -27.92
C ARG D 36 -24.56 -5.32 -27.94
N ILE D 37 -23.41 -4.97 -27.37
CA ILE D 37 -22.98 -3.58 -27.31
C ILE D 37 -22.09 -3.16 -28.47
N ILE D 38 -22.29 -1.92 -28.95
CA ILE D 38 -21.52 -1.31 -30.02
C ILE D 38 -20.80 -0.17 -29.34
N ARG D 39 -19.50 -0.04 -29.59
CA ARG D 39 -18.70 1.01 -28.98
C ARG D 39 -18.56 2.25 -29.85
N VAL D 40 -18.74 3.42 -29.24
CA VAL D 40 -18.59 4.72 -29.86
C VAL D 40 -17.70 5.48 -28.87
N MET D 41 -17.09 6.60 -29.26
CA MET D 41 -16.23 7.33 -28.32
C MET D 41 -17.07 8.15 -27.36
N CYS D 42 -18.17 8.72 -27.86
CA CYS D 42 -19.06 9.55 -27.06
C CYS D 42 -20.51 9.25 -27.43
N SER D 43 -21.46 9.54 -26.50
CA SER D 43 -22.88 9.31 -26.81
C SER D 43 -23.31 10.37 -27.83
N GLY D 44 -22.53 11.45 -27.96
CA GLY D 44 -22.80 12.50 -28.93
C GLY D 44 -22.70 11.98 -30.35
N ARG D 45 -22.08 10.79 -30.53
CA ARG D 45 -21.95 10.14 -31.84
C ARG D 45 -23.28 9.51 -32.21
N ILE D 46 -24.12 9.22 -31.19
CA ILE D 46 -25.41 8.58 -31.45
C ILE D 46 -26.42 9.58 -31.99
N GLU D 47 -27.08 9.19 -33.09
CA GLU D 47 -28.08 10.00 -33.78
C GLU D 47 -29.28 9.12 -34.20
N PRO D 48 -30.44 9.74 -34.47
CA PRO D 48 -31.62 8.95 -34.89
C PRO D 48 -31.40 7.84 -35.92
N SER D 49 -30.63 8.10 -36.98
CA SER D 49 -30.41 7.10 -38.03
C SER D 49 -29.86 5.75 -37.57
N LEU D 50 -29.03 5.74 -36.50
CA LEU D 50 -28.47 4.47 -36.01
C LEU D 50 -29.55 3.67 -35.29
N ILE D 51 -30.41 4.36 -34.51
CA ILE D 51 -31.47 3.70 -33.75
C ILE D 51 -32.55 3.19 -34.70
N LEU D 52 -32.94 4.02 -35.67
CA LEU D 52 -33.97 3.64 -36.64
C LEU D 52 -33.45 2.49 -37.51
N LYS D 53 -32.13 2.49 -37.84
CA LYS D 53 -31.50 1.44 -38.62
C LYS D 53 -31.55 0.12 -37.84
N ALA D 54 -31.34 0.18 -36.52
CA ALA D 54 -31.37 -1.01 -35.66
C ALA D 54 -32.77 -1.63 -35.67
N PHE D 55 -33.82 -0.79 -35.55
CA PHE D 55 -35.20 -1.28 -35.59
C PHE D 55 -35.49 -1.89 -36.95
N LYS D 56 -35.03 -1.25 -38.04
CA LYS D 56 -35.22 -1.76 -39.41
C LYS D 56 -34.65 -3.17 -39.52
N GLU D 57 -33.44 -3.38 -38.97
CA GLU D 57 -32.77 -4.66 -39.01
C GLU D 57 -33.43 -5.77 -38.17
N GLY D 58 -34.32 -5.41 -37.26
CA GLY D 58 -35.03 -6.38 -36.43
C GLY D 58 -34.87 -6.25 -34.92
N ALA D 59 -34.27 -5.17 -34.42
CA ALA D 59 -34.09 -5.01 -32.96
C ALA D 59 -35.43 -4.93 -32.23
N ASP D 60 -35.55 -5.65 -31.11
CA ASP D 60 -36.77 -5.64 -30.30
C ASP D 60 -36.64 -4.50 -29.30
N GLY D 61 -35.41 -4.16 -28.96
CA GLY D 61 -35.09 -3.08 -28.04
C GLY D 61 -33.76 -2.45 -28.37
N VAL D 62 -33.64 -1.13 -28.15
CA VAL D 62 -32.41 -0.40 -28.42
C VAL D 62 -32.00 0.30 -27.13
N PHE D 63 -30.73 0.12 -26.69
CA PHE D 63 -30.23 0.75 -25.48
C PHE D 63 -29.09 1.69 -25.80
N VAL D 64 -29.02 2.84 -25.12
CA VAL D 64 -27.94 3.81 -25.33
C VAL D 64 -27.41 4.23 -23.98
N GLY D 65 -26.10 4.20 -23.82
CA GLY D 65 -25.45 4.60 -22.59
C GLY D 65 -24.38 5.64 -22.80
N GLY D 66 -24.39 6.66 -21.96
CA GLY D 66 -23.42 7.75 -22.02
C GLY D 66 -22.99 8.20 -20.64
N CYS D 67 -22.08 9.16 -20.57
CA CYS D 67 -21.60 9.68 -19.29
C CYS D 67 -22.70 10.46 -18.60
N HIS D 68 -22.53 10.73 -17.30
CA HIS D 68 -23.52 11.50 -16.57
C HIS D 68 -23.51 12.90 -17.15
N LEU D 69 -24.65 13.58 -17.12
CA LEU D 69 -24.71 14.93 -17.67
C LEU D 69 -23.75 15.82 -16.89
N GLY D 70 -22.77 16.37 -17.60
CA GLY D 70 -21.74 17.23 -17.03
C GLY D 70 -20.41 16.52 -16.90
N ASP D 71 -20.40 15.16 -17.01
CA ASP D 71 -19.19 14.34 -16.90
C ASP D 71 -18.75 13.73 -18.24
N CYS D 72 -19.23 14.25 -19.38
CA CYS D 72 -18.82 13.73 -20.69
C CYS D 72 -17.32 13.90 -20.85
N HIS D 73 -16.60 12.86 -21.33
CA HIS D 73 -15.15 12.94 -21.53
C HIS D 73 -14.86 14.10 -22.49
N TYR D 74 -15.79 14.36 -23.41
CA TYR D 74 -15.67 15.42 -24.38
C TYR D 74 -16.57 16.61 -24.01
N ASP D 75 -16.66 16.90 -22.69
CA ASP D 75 -17.43 18.01 -22.11
C ASP D 75 -18.95 18.07 -22.33
N SER D 76 -19.44 18.01 -23.57
CA SER D 76 -20.89 18.14 -23.78
C SER D 76 -21.51 17.32 -24.91
N GLY D 77 -20.89 16.21 -25.31
CA GLY D 77 -21.46 15.37 -26.36
C GLY D 77 -22.79 14.78 -25.96
N ASN D 78 -22.94 14.41 -24.66
CA ASN D 78 -24.19 13.82 -24.14
C ASN D 78 -25.38 14.80 -24.09
N TYR D 79 -25.14 16.11 -24.15
CA TYR D 79 -26.23 17.08 -24.12
C TYR D 79 -26.94 17.08 -25.48
N LYS D 80 -26.17 16.87 -26.56
CA LYS D 80 -26.74 16.84 -27.91
C LYS D 80 -27.54 15.54 -28.06
N TRP D 81 -26.98 14.42 -27.57
CA TRP D 81 -27.68 13.13 -27.64
C TRP D 81 -28.97 13.19 -26.83
N GLN D 82 -28.95 13.85 -25.66
CA GLN D 82 -30.15 13.94 -24.83
C GLN D 82 -31.29 14.63 -25.59
N ARG D 83 -30.97 15.69 -26.36
CA ARG D 83 -31.99 16.41 -27.12
C ARG D 83 -32.51 15.54 -28.27
N ARG D 84 -31.62 14.75 -28.88
CA ARG D 84 -31.99 13.87 -29.99
C ARG D 84 -32.87 12.71 -29.56
N VAL D 85 -32.59 12.11 -28.41
CA VAL D 85 -33.36 10.96 -27.92
C VAL D 85 -34.81 11.33 -27.51
N MET D 86 -35.02 12.55 -26.96
CA MET D 86 -36.37 12.96 -26.55
C MET D 86 -37.30 13.08 -27.75
N MET D 87 -36.74 13.54 -28.89
CA MET D 87 -37.50 13.68 -30.13
C MET D 87 -37.77 12.30 -30.70
N LEU D 88 -36.73 11.46 -30.68
CA LEU D 88 -36.78 10.09 -31.18
C LEU D 88 -37.83 9.25 -30.45
N TYR D 89 -38.04 9.48 -29.15
CA TYR D 89 -39.04 8.71 -28.39
C TYR D 89 -40.43 8.92 -28.97
N GLU D 90 -40.78 10.18 -29.25
CA GLU D 90 -42.09 10.52 -29.80
C GLU D 90 -42.21 10.15 -31.28
N LEU D 91 -41.09 10.16 -32.04
CA LEU D 91 -41.13 9.78 -33.46
C LEU D 91 -41.44 8.28 -33.52
N LEU D 92 -40.82 7.48 -32.63
CA LEU D 92 -41.05 6.04 -32.60
C LEU D 92 -42.53 5.76 -32.35
N GLU D 93 -43.19 6.54 -31.46
CA GLU D 93 -44.61 6.35 -31.17
C GLU D 93 -45.46 6.67 -32.40
N GLU D 94 -45.05 7.69 -33.19
CA GLU D 94 -45.79 8.06 -34.41
C GLU D 94 -45.65 6.95 -35.45
N LEU D 95 -44.55 6.18 -35.40
CA LEU D 95 -44.30 5.09 -36.34
C LEU D 95 -44.83 3.74 -35.81
N GLY D 96 -45.55 3.76 -34.69
CA GLY D 96 -46.11 2.56 -34.11
C GLY D 96 -45.10 1.71 -33.33
N ILE D 97 -43.96 2.31 -32.96
CA ILE D 97 -42.93 1.60 -32.18
C ILE D 97 -43.09 2.09 -30.75
N GLU D 98 -43.27 1.17 -29.81
CA GLU D 98 -43.45 1.57 -28.42
C GLU D 98 -42.24 2.33 -27.92
N LYS D 99 -42.51 3.49 -27.32
CA LYS D 99 -41.52 4.39 -26.73
C LYS D 99 -40.55 3.58 -25.84
N GLU D 100 -41.11 2.59 -25.14
CA GLU D 100 -40.41 1.68 -24.21
C GLU D 100 -39.38 0.76 -24.90
N ARG D 101 -39.41 0.65 -26.25
CA ARG D 101 -38.46 -0.20 -26.96
C ARG D 101 -37.09 0.50 -27.07
N LEU D 102 -37.03 1.78 -26.70
CA LEU D 102 -35.79 2.57 -26.69
C LEU D 102 -35.50 2.93 -25.24
N ASN D 103 -34.26 2.76 -24.79
CA ASN D 103 -33.89 3.09 -23.40
C ASN D 103 -32.56 3.79 -23.39
N HIS D 104 -32.48 4.97 -22.77
CA HIS D 104 -31.23 5.71 -22.68
C HIS D 104 -30.95 5.94 -21.21
N GLU D 105 -29.69 5.73 -20.79
CA GLU D 105 -29.31 5.92 -19.41
C GLU D 105 -27.94 6.53 -19.27
N TRP D 106 -27.69 7.16 -18.13
CA TRP D 106 -26.41 7.79 -17.85
C TRP D 106 -25.73 6.92 -16.81
N ILE D 107 -24.63 6.27 -17.18
CA ILE D 107 -23.91 5.38 -16.28
C ILE D 107 -22.42 5.73 -16.24
N SER D 108 -21.85 5.89 -15.04
CA SER D 108 -20.42 6.22 -14.90
C SER D 108 -19.60 4.93 -14.87
N ALA D 109 -18.25 5.07 -14.90
CA ALA D 109 -17.35 3.92 -14.88
C ALA D 109 -17.46 3.13 -13.57
N SER D 110 -17.85 3.81 -12.50
CA SER D 110 -18.01 3.19 -11.19
C SER D 110 -19.36 2.49 -11.02
N GLU D 111 -20.31 2.73 -11.92
CA GLU D 111 -21.64 2.16 -11.80
C GLU D 111 -21.87 0.81 -12.50
N GLY D 112 -21.19 -0.22 -12.04
CA GLY D 112 -21.33 -1.56 -12.57
C GLY D 112 -22.66 -2.16 -12.14
N GLU D 113 -23.02 -1.96 -10.85
CA GLU D 113 -24.29 -2.45 -10.31
C GLU D 113 -25.46 -1.80 -11.03
N LYS D 114 -25.38 -0.48 -11.28
CA LYS D 114 -26.45 0.24 -11.97
C LYS D 114 -26.61 -0.31 -13.38
N PHE D 115 -25.49 -0.59 -14.07
CA PHE D 115 -25.53 -1.14 -15.44
C PHE D 115 -26.23 -2.50 -15.44
N GLN D 116 -25.90 -3.34 -14.46
CA GLN D 116 -26.49 -4.68 -14.31
C GLN D 116 -28.00 -4.60 -14.15
N ASN D 117 -28.47 -3.73 -13.25
CA ASN D 117 -29.90 -3.55 -12.99
C ASN D 117 -30.60 -2.91 -14.19
N THR D 118 -29.90 -2.02 -14.93
CA THR D 118 -30.47 -1.39 -16.11
C THR D 118 -30.66 -2.46 -17.18
N MET D 119 -29.69 -3.38 -17.31
CA MET D 119 -29.77 -4.47 -18.29
C MET D 119 -30.90 -5.41 -17.92
N LYS D 120 -31.05 -5.73 -16.62
CA LYS D 120 -32.12 -6.63 -16.14
C LYS D 120 -33.49 -6.00 -16.40
N ASP D 121 -33.65 -4.73 -16.02
CA ASP D 121 -34.91 -4.01 -16.19
C ASP D 121 -35.28 -3.88 -17.65
N PHE D 122 -34.32 -3.50 -18.51
CA PHE D 122 -34.62 -3.35 -19.93
C PHE D 122 -34.99 -4.69 -20.55
N TYR D 123 -34.26 -5.76 -20.22
CA TYR D 123 -34.56 -7.08 -20.75
C TYR D 123 -36.00 -7.49 -20.39
N ASN D 124 -36.34 -7.37 -19.10
CA ASN D 124 -37.69 -7.72 -18.61
C ASN D 124 -38.77 -6.90 -19.30
N LYS D 125 -38.49 -5.62 -19.54
CA LYS D 125 -39.44 -4.72 -20.21
C LYS D 125 -39.70 -5.19 -21.64
N ILE D 126 -38.64 -5.49 -22.40
CA ILE D 126 -38.76 -5.95 -23.79
C ILE D 126 -39.36 -7.35 -23.87
N GLU D 127 -39.02 -8.25 -22.93
CA GLU D 127 -39.57 -9.60 -22.92
C GLU D 127 -41.08 -9.54 -22.77
N ALA D 128 -41.57 -8.64 -21.90
CA ALA D 128 -43.00 -8.46 -21.66
C ALA D 128 -43.72 -7.90 -22.89
N LEU D 129 -43.07 -6.99 -23.63
CA LEU D 129 -43.66 -6.38 -24.83
C LEU D 129 -43.76 -7.37 -25.98
N GLY D 130 -42.89 -8.37 -25.99
CA GLY D 130 -42.86 -9.36 -27.06
C GLY D 130 -42.04 -8.85 -28.22
N PRO D 131 -41.91 -9.63 -29.31
CA PRO D 131 -41.12 -9.16 -30.45
C PRO D 131 -41.70 -7.97 -31.22
N CYS D 132 -40.81 -7.12 -31.75
CA CYS D 132 -41.23 -5.97 -32.54
C CYS D 132 -41.45 -6.56 -33.94
N LYS D 133 -42.65 -6.42 -34.51
CA LYS D 133 -42.96 -7.01 -35.82
C LYS D 133 -42.67 -6.11 -37.04
N LEU D 134 -41.74 -5.13 -36.93
CA LEU D 134 -41.41 -4.26 -38.07
C LEU D 134 -40.82 -5.04 -39.22
N LYS D 135 -39.69 -5.74 -38.99
CA LYS D 135 -39.03 -6.52 -40.04
C LYS D 135 -40.00 -7.46 -40.75
N GLU D 136 -40.87 -8.14 -40.00
CA GLU D 136 -41.85 -9.06 -40.59
C GLU D 136 -42.81 -8.31 -41.51
N GLU D 137 -43.22 -7.10 -41.11
CA GLU D 137 -44.14 -6.29 -41.92
C GLU D 137 -43.43 -5.80 -43.19
N LEU D 138 -42.15 -5.41 -43.08
CA LEU D 138 -41.37 -4.92 -44.21
C LEU D 138 -40.98 -6.04 -45.17
N ASP D 139 -40.78 -7.27 -44.66
CA ASP D 139 -40.40 -8.40 -45.51
C ASP D 139 -41.57 -8.89 -46.39
N LYS D 140 -42.77 -8.27 -46.27
CA LYS D 140 -43.94 -8.65 -47.08
C LYS D 140 -43.88 -7.96 -48.45
N VAL E 2 -31.89 8.78 -81.21
CA VAL E 2 -31.82 8.13 -79.92
C VAL E 2 -33.24 7.90 -79.42
N LYS E 3 -33.68 6.63 -79.35
CA LYS E 3 -35.03 6.29 -78.91
C LYS E 3 -35.22 6.55 -77.42
N ILE E 4 -36.13 7.47 -77.08
CA ILE E 4 -36.41 7.84 -75.70
C ILE E 4 -37.89 7.61 -75.37
N ALA E 5 -38.20 7.19 -74.15
CA ALA E 5 -39.58 6.94 -73.75
C ALA E 5 -39.84 7.44 -72.34
N THR E 6 -41.09 7.77 -72.04
CA THR E 6 -41.45 8.24 -70.70
C THR E 6 -42.71 7.54 -70.26
N THR E 7 -42.89 7.43 -68.95
CA THR E 7 -44.08 6.83 -68.37
C THR E 7 -44.28 7.41 -67.01
N TRP E 8 -45.46 7.24 -66.45
CA TRP E 8 -45.78 7.77 -65.13
C TRP E 8 -46.41 6.70 -64.30
N LEU E 9 -46.13 6.69 -62.99
CA LEU E 9 -46.65 5.69 -62.08
C LEU E 9 -47.50 6.32 -60.94
N GLY E 10 -47.00 6.36 -59.72
CA GLY E 10 -47.73 6.91 -58.59
C GLY E 10 -47.46 8.38 -58.28
N GLY E 11 -47.20 9.17 -59.32
CA GLY E 11 -46.94 10.60 -59.15
C GLY E 11 -48.12 11.48 -59.47
N CYS E 12 -47.85 12.74 -59.89
CA CYS E 12 -48.89 13.72 -60.22
C CYS E 12 -48.79 14.33 -61.61
N SER E 13 -47.81 13.92 -62.45
CA SER E 13 -47.56 14.45 -63.81
C SER E 13 -46.65 15.69 -63.79
N GLY E 14 -46.36 16.23 -62.60
CA GLY E 14 -45.52 17.41 -62.43
C GLY E 14 -44.14 17.33 -63.04
N CYS E 15 -43.54 16.14 -63.05
CA CYS E 15 -42.20 15.99 -63.63
C CYS E 15 -42.30 16.12 -65.15
N HIS E 16 -43.36 15.57 -65.74
CA HIS E 16 -43.59 15.68 -67.19
C HIS E 16 -43.86 17.16 -67.51
N ILE E 17 -44.62 17.87 -66.66
CA ILE E 17 -44.91 19.29 -66.89
C ILE E 17 -43.62 20.11 -66.81
N SER E 18 -42.69 19.74 -65.90
CA SER E 18 -41.42 20.47 -65.79
C SER E 18 -40.61 20.24 -67.07
N LEU E 19 -40.74 19.05 -67.69
CA LEU E 19 -40.05 18.73 -68.92
C LEU E 19 -40.61 19.66 -70.01
N LEU E 20 -41.94 19.88 -70.02
CA LEU E 20 -42.57 20.78 -71.00
C LEU E 20 -42.15 22.21 -70.72
N ASP E 21 -41.77 22.52 -69.46
CA ASP E 21 -41.34 23.87 -69.07
C ASP E 21 -39.93 24.20 -69.63
N LEU E 22 -39.43 23.37 -70.58
CA LEU E 22 -38.16 23.60 -71.25
C LEU E 22 -38.51 24.67 -72.28
N HIS E 23 -39.81 24.68 -72.69
CA HIS E 23 -40.43 25.59 -73.62
C HIS E 23 -39.86 25.48 -75.03
N GLU E 24 -39.10 26.49 -75.50
CA GLU E 24 -38.51 26.47 -76.83
C GLU E 24 -37.48 25.37 -76.95
N GLU E 25 -36.77 25.09 -75.85
CA GLU E 25 -35.74 24.06 -75.82
C GLU E 25 -36.34 22.64 -75.95
N LEU E 26 -37.64 22.46 -75.66
CA LEU E 26 -38.28 21.16 -75.78
C LEU E 26 -38.26 20.74 -77.26
N LEU E 27 -38.56 21.69 -78.17
CA LEU E 27 -38.56 21.42 -79.60
C LEU E 27 -37.16 21.05 -80.08
N ASN E 28 -36.13 21.75 -79.58
CA ASN E 28 -34.73 21.48 -79.93
C ASN E 28 -34.34 20.08 -79.46
N LEU E 29 -34.86 19.68 -78.29
CA LEU E 29 -34.60 18.38 -77.70
C LEU E 29 -35.28 17.30 -78.54
N LEU E 30 -36.57 17.49 -78.84
CA LEU E 30 -37.36 16.54 -79.63
C LEU E 30 -36.84 16.35 -81.07
N GLU E 31 -36.06 17.31 -81.60
CA GLU E 31 -35.53 17.18 -82.96
C GLU E 31 -34.27 16.28 -82.92
N ASN E 32 -33.58 16.25 -81.77
CA ASN E 32 -32.38 15.43 -81.60
C ASN E 32 -32.74 13.99 -81.21
N VAL E 33 -33.73 13.84 -80.31
CA VAL E 33 -34.17 12.51 -79.84
C VAL E 33 -35.38 12.03 -80.62
N GLU E 34 -35.66 10.72 -80.51
CA GLU E 34 -36.80 10.09 -81.16
C GLU E 34 -37.73 9.64 -80.04
N LEU E 35 -38.77 10.44 -79.72
CA LEU E 35 -39.71 10.07 -78.66
C LEU E 35 -40.57 8.94 -79.20
N VAL E 36 -40.40 7.72 -78.66
CA VAL E 36 -41.14 6.55 -79.13
C VAL E 36 -42.34 6.20 -78.27
N HIS E 37 -42.45 6.77 -77.06
CA HIS E 37 -43.58 6.48 -76.18
C HIS E 37 -43.67 7.52 -75.09
N CYS E 38 -44.84 8.16 -74.96
CA CYS E 38 -45.10 9.19 -73.96
C CYS E 38 -46.62 9.31 -73.86
N PRO E 39 -47.28 8.68 -72.86
CA PRO E 39 -48.75 8.77 -72.78
C PRO E 39 -49.37 10.17 -72.83
N VAL E 40 -48.79 11.15 -72.14
CA VAL E 40 -49.34 12.50 -72.14
C VAL E 40 -49.22 13.22 -73.50
N LEU E 41 -48.20 12.90 -74.33
CA LEU E 41 -48.05 13.59 -75.62
C LEU E 41 -48.39 12.78 -76.86
N MET E 42 -48.26 11.44 -76.85
CA MET E 42 -48.55 10.64 -78.05
C MET E 42 -49.36 9.41 -77.77
N ASP E 43 -49.89 8.81 -78.86
CA ASP E 43 -50.76 7.65 -78.80
C ASP E 43 -50.12 6.28 -78.96
N VAL E 44 -48.81 6.14 -78.71
CA VAL E 44 -48.19 4.81 -78.81
C VAL E 44 -48.62 4.14 -77.50
N LYS E 45 -49.49 3.12 -77.59
CA LYS E 45 -50.04 2.42 -76.42
C LYS E 45 -49.08 1.53 -75.67
N GLU E 46 -48.34 0.68 -76.37
CA GLU E 46 -47.40 -0.24 -75.72
C GLU E 46 -45.99 0.29 -75.72
N ILE E 47 -45.20 -0.04 -74.68
CA ILE E 47 -43.81 0.39 -74.61
C ILE E 47 -43.10 -0.41 -75.70
N PRO E 48 -42.49 0.23 -76.70
CA PRO E 48 -41.83 -0.57 -77.75
C PRO E 48 -40.49 -1.13 -77.29
N ASP E 49 -39.95 -2.09 -78.04
CA ASP E 49 -38.66 -2.69 -77.70
C ASP E 49 -37.57 -1.73 -78.21
N GLU E 50 -36.35 -1.89 -77.71
CA GLU E 50 -35.21 -1.07 -78.09
C GLU E 50 -35.33 0.43 -77.71
N VAL E 51 -35.54 0.71 -76.42
CA VAL E 51 -35.64 2.06 -75.90
C VAL E 51 -34.23 2.34 -75.34
N GLU E 52 -33.59 3.43 -75.75
CA GLU E 52 -32.25 3.73 -75.25
C GLU E 52 -32.31 4.32 -73.86
N VAL E 53 -33.21 5.30 -73.66
CA VAL E 53 -33.36 5.96 -72.36
C VAL E 53 -34.83 6.00 -71.95
N ALA E 54 -35.11 5.78 -70.66
CA ALA E 54 -36.47 5.79 -70.17
C ALA E 54 -36.60 6.69 -68.94
N LEU E 55 -37.58 7.60 -68.95
CA LEU E 55 -37.83 8.51 -67.84
C LEU E 55 -39.07 7.98 -67.16
N ILE E 56 -38.95 7.48 -65.93
CA ILE E 56 -40.11 6.93 -65.22
C ILE E 56 -40.47 7.84 -64.06
N GLU E 57 -41.65 8.47 -64.15
CA GLU E 57 -42.12 9.36 -63.09
C GLU E 57 -42.95 8.58 -62.08
N GLY E 58 -42.92 9.02 -60.82
CA GLY E 58 -43.69 8.40 -59.75
C GLY E 58 -43.15 7.13 -59.15
N GLY E 59 -43.59 6.85 -57.93
CA GLY E 59 -43.21 5.66 -57.19
C GLY E 59 -44.19 4.54 -57.45
N ILE E 60 -44.05 3.44 -56.73
CA ILE E 60 -44.93 2.28 -56.88
C ILE E 60 -46.09 2.39 -55.90
N ARG E 61 -47.31 2.58 -56.41
CA ARG E 61 -48.52 2.69 -55.57
C ARG E 61 -49.47 1.50 -55.79
N ASN E 62 -49.53 0.94 -57.02
CA ASN E 62 -50.41 -0.20 -57.30
C ASN E 62 -49.73 -1.26 -58.17
N GLU E 63 -50.39 -2.41 -58.37
CA GLU E 63 -49.86 -3.52 -59.16
C GLU E 63 -49.55 -3.15 -60.60
N GLU E 64 -50.31 -2.23 -61.20
CA GLU E 64 -50.08 -1.80 -62.59
C GLU E 64 -48.74 -1.10 -62.66
N ASN E 65 -48.44 -0.23 -61.69
CA ASN E 65 -47.18 0.49 -61.65
C ASN E 65 -46.02 -0.49 -61.64
N LEU E 66 -46.18 -1.59 -60.91
CA LEU E 66 -45.15 -2.61 -60.80
C LEU E 66 -44.92 -3.29 -62.17
N GLU E 67 -46.02 -3.64 -62.87
CA GLU E 67 -45.91 -4.28 -64.19
C GLU E 67 -45.23 -3.35 -65.19
N ILE E 68 -45.67 -2.08 -65.23
CA ILE E 68 -45.12 -1.08 -66.16
C ILE E 68 -43.65 -0.86 -65.87
N ALA E 69 -43.28 -0.74 -64.59
CA ALA E 69 -41.89 -0.53 -64.20
C ALA E 69 -41.04 -1.67 -64.69
N LYS E 70 -41.51 -2.91 -64.47
CA LYS E 70 -40.80 -4.12 -64.90
C LYS E 70 -40.74 -4.21 -66.41
N GLU E 71 -41.82 -3.81 -67.11
CA GLU E 71 -41.85 -3.85 -68.57
C GLU E 71 -40.88 -2.80 -69.14
N MET E 72 -40.91 -1.57 -68.61
CA MET E 72 -40.01 -0.51 -69.08
C MET E 72 -38.55 -0.92 -68.83
N ARG E 73 -38.27 -1.60 -67.71
CA ARG E 73 -36.91 -2.04 -67.38
C ARG E 73 -36.39 -3.04 -68.42
N GLU E 74 -37.26 -3.94 -68.90
CA GLU E 74 -36.89 -4.94 -69.89
C GLU E 74 -36.67 -4.34 -71.29
N ARG E 75 -37.43 -3.29 -71.64
CA ARG E 75 -37.33 -2.64 -72.95
C ARG E 75 -36.26 -1.55 -73.04
N ALA E 76 -35.96 -0.86 -71.92
CA ALA E 76 -34.98 0.23 -71.90
C ALA E 76 -33.58 -0.17 -71.45
N LYS E 77 -32.56 0.43 -72.09
CA LYS E 77 -31.15 0.17 -71.75
C LYS E 77 -30.83 0.94 -70.48
N ILE E 78 -31.24 2.22 -70.45
CA ILE E 78 -31.00 3.09 -69.30
C ILE E 78 -32.35 3.50 -68.71
N VAL E 79 -32.52 3.29 -67.40
CA VAL E 79 -33.76 3.65 -66.71
C VAL E 79 -33.47 4.80 -65.75
N ILE E 80 -34.28 5.86 -65.83
CA ILE E 80 -34.10 7.01 -64.96
C ILE E 80 -35.28 7.20 -64.03
N ALA E 81 -35.01 7.35 -62.73
CA ALA E 81 -36.07 7.59 -61.75
C ALA E 81 -36.31 9.08 -61.92
N PHE E 82 -37.42 9.46 -62.57
CA PHE E 82 -37.74 10.86 -62.84
C PHE E 82 -38.51 11.55 -61.72
N GLY E 83 -37.80 12.35 -60.94
CA GLY E 83 -38.41 13.09 -59.84
C GLY E 83 -38.33 12.40 -58.50
N THR E 84 -38.66 13.16 -57.46
CA THR E 84 -38.66 12.76 -56.06
C THR E 84 -39.60 11.58 -55.75
N CYS E 85 -40.74 11.46 -56.45
CA CYS E 85 -41.64 10.35 -56.18
C CYS E 85 -40.97 9.04 -56.59
N ALA E 86 -40.42 8.99 -57.80
CA ALA E 86 -39.75 7.80 -58.31
C ALA E 86 -38.46 7.50 -57.55
N ALA E 87 -37.77 8.53 -57.05
CA ALA E 87 -36.52 8.40 -56.33
C ALA E 87 -36.66 8.10 -54.82
N PHE E 88 -37.53 8.85 -54.11
CA PHE E 88 -37.74 8.69 -52.66
C PHE E 88 -39.15 8.31 -52.21
N GLY E 89 -40.12 8.27 -53.12
CA GLY E 89 -41.50 7.93 -52.77
C GLY E 89 -42.46 9.10 -52.87
N GLY E 90 -42.01 10.28 -52.47
CA GLY E 90 -42.81 11.50 -52.54
C GLY E 90 -43.94 11.62 -51.54
N VAL E 91 -44.77 12.67 -51.72
CA VAL E 91 -45.92 12.97 -50.87
C VAL E 91 -46.89 11.78 -50.75
N PRO E 92 -47.19 11.04 -51.83
CA PRO E 92 -48.11 9.89 -51.70
C PRO E 92 -47.63 8.89 -50.65
N GLY E 93 -46.32 8.90 -50.39
CA GLY E 93 -45.69 8.03 -49.42
C GLY E 93 -46.26 8.19 -48.02
N LEU E 94 -46.85 9.35 -47.70
CA LEU E 94 -47.45 9.58 -46.39
C LEU E 94 -48.60 8.59 -46.15
N GLY E 95 -49.09 7.97 -47.22
CA GLY E 95 -50.16 6.97 -47.13
C GLY E 95 -49.70 5.77 -46.33
N ASN E 96 -48.36 5.60 -46.19
CA ASN E 96 -47.76 4.50 -45.43
C ASN E 96 -48.01 4.64 -43.93
N LEU E 97 -48.55 5.80 -43.50
CA LEU E 97 -48.87 6.04 -42.10
C LEU E 97 -50.23 5.41 -41.78
N TYR E 98 -50.90 4.80 -42.78
CA TYR E 98 -52.19 4.15 -42.62
C TYR E 98 -52.22 2.89 -43.47
N SER E 99 -53.20 2.03 -43.25
CA SER E 99 -53.33 0.80 -44.01
C SER E 99 -54.05 1.15 -45.30
N ASN E 100 -53.92 0.32 -46.34
CA ASN E 100 -54.58 0.58 -47.61
C ASN E 100 -56.08 0.65 -47.43
N ASP E 101 -56.63 -0.21 -46.56
CA ASP E 101 -58.06 -0.25 -46.26
C ASP E 101 -58.52 1.08 -45.70
N GLU E 102 -57.71 1.72 -44.85
CA GLU E 102 -58.05 3.02 -44.26
C GLU E 102 -58.06 4.09 -45.34
N LEU E 103 -57.08 4.06 -46.27
CA LEU E 103 -57.00 5.05 -47.35
C LEU E 103 -58.22 4.89 -48.26
N LEU E 104 -58.54 3.64 -48.62
CA LEU E 104 -59.66 3.33 -49.50
C LEU E 104 -61.02 3.54 -48.83
N ASP E 105 -61.16 3.19 -47.54
CA ASP E 105 -62.44 3.37 -46.84
C ASP E 105 -62.80 4.86 -46.75
N LYS E 106 -61.80 5.73 -46.60
CA LYS E 106 -62.05 7.16 -46.54
C LYS E 106 -62.50 7.72 -47.88
N ALA E 107 -61.77 7.39 -48.94
CA ALA E 107 -62.06 7.88 -50.27
C ALA E 107 -63.36 7.34 -50.87
N TYR E 108 -63.73 6.09 -50.56
CA TYR E 108 -64.94 5.50 -51.14
C TYR E 108 -66.08 5.23 -50.16
N LYS E 109 -66.01 5.69 -48.89
CA LYS E 109 -67.11 5.46 -47.95
C LYS E 109 -67.37 6.60 -46.97
N THR E 110 -66.40 6.92 -46.09
CA THR E 110 -66.57 7.95 -45.06
C THR E 110 -66.38 9.42 -45.48
N THR E 111 -65.99 9.73 -46.73
CA THR E 111 -65.85 11.16 -47.08
C THR E 111 -67.28 11.73 -46.99
N ILE E 112 -67.45 12.95 -46.45
CA ILE E 112 -68.78 13.56 -46.27
C ILE E 112 -69.72 13.54 -47.49
N THR E 113 -69.21 13.77 -48.71
CA THR E 113 -70.06 13.77 -49.90
C THR E 113 -70.23 12.40 -50.54
N THR E 114 -69.51 11.38 -50.06
CA THR E 114 -69.64 10.05 -50.66
C THR E 114 -70.93 9.33 -50.27
N LYS E 115 -71.60 8.76 -51.26
CA LYS E 115 -72.83 8.02 -51.09
C LYS E 115 -72.58 6.69 -51.74
N ASN E 116 -72.14 5.70 -50.96
CA ASN E 116 -71.84 4.36 -51.47
C ASN E 116 -73.02 3.45 -51.13
N ASP E 117 -73.86 3.16 -52.13
CA ASP E 117 -75.06 2.31 -52.00
C ASP E 117 -74.70 0.87 -51.64
N ASP E 118 -73.68 0.32 -52.34
CA ASP E 118 -73.23 -1.07 -52.15
C ASP E 118 -72.20 -1.28 -51.04
N GLY E 119 -71.65 -0.21 -50.47
CA GLY E 119 -70.62 -0.33 -49.44
C GLY E 119 -69.44 -1.13 -49.95
N ILE E 120 -69.10 -0.90 -51.23
CA ILE E 120 -68.01 -1.59 -51.93
C ILE E 120 -66.85 -0.68 -52.27
N ILE E 121 -65.69 -1.29 -52.45
CA ILE E 121 -64.48 -0.58 -52.82
C ILE E 121 -64.24 -0.97 -54.27
N PRO E 122 -63.95 -0.02 -55.18
CA PRO E 122 -63.73 -0.42 -56.57
C PRO E 122 -62.75 -1.57 -56.68
N ASN E 123 -63.11 -2.61 -57.44
CA ASN E 123 -62.27 -3.80 -57.60
C ASN E 123 -62.33 -4.45 -58.98
N GLU E 124 -63.17 -3.95 -59.89
CA GLU E 124 -63.30 -4.53 -61.23
C GLU E 124 -62.53 -3.67 -62.24
N GLU E 125 -61.64 -4.30 -63.01
CA GLU E 125 -60.83 -3.63 -64.04
C GLU E 125 -59.95 -2.50 -63.47
N VAL E 126 -59.65 -2.53 -62.15
CA VAL E 126 -58.80 -1.53 -61.50
C VAL E 126 -57.71 -2.32 -60.76
N PRO E 127 -56.47 -1.81 -60.68
CA PRO E 127 -55.43 -2.57 -59.99
C PRO E 127 -55.45 -2.44 -58.47
N GLU E 128 -54.98 -3.48 -57.79
CA GLU E 128 -54.92 -3.45 -56.33
C GLU E 128 -53.75 -2.59 -55.93
N LEU E 129 -53.81 -2.00 -54.75
CA LEU E 129 -52.72 -1.16 -54.25
C LEU E 129 -51.65 -2.09 -53.73
N VAL E 130 -50.37 -1.69 -53.80
CA VAL E 130 -49.31 -2.55 -53.24
C VAL E 130 -49.31 -2.23 -51.74
N SER E 131 -48.79 -3.13 -50.91
CA SER E 131 -48.77 -2.95 -49.45
C SER E 131 -48.36 -1.55 -48.97
N ARG E 132 -47.34 -0.97 -49.59
CA ARG E 132 -46.86 0.37 -49.22
C ARG E 132 -46.25 1.04 -50.43
N VAL E 133 -46.20 2.38 -50.42
CA VAL E 133 -45.62 3.13 -51.53
C VAL E 133 -44.13 2.81 -51.49
N LYS E 134 -43.52 2.51 -52.64
CA LYS E 134 -42.09 2.20 -52.68
C LYS E 134 -41.36 3.00 -53.74
N PRO E 135 -40.10 3.39 -53.50
CA PRO E 135 -39.36 4.11 -54.55
C PRO E 135 -39.09 3.11 -55.68
N LEU E 136 -38.94 3.61 -56.90
CA LEU E 136 -38.71 2.78 -58.08
C LEU E 136 -37.56 1.76 -57.92
N SER E 137 -36.43 2.19 -57.32
CA SER E 137 -35.25 1.35 -57.10
C SER E 137 -35.51 0.10 -56.23
N GLU E 138 -36.59 0.11 -55.44
CA GLU E 138 -36.94 -1.02 -54.57
C GLU E 138 -37.57 -2.18 -55.33
N VAL E 139 -38.03 -1.94 -56.58
CA VAL E 139 -38.65 -2.99 -57.39
C VAL E 139 -37.89 -3.29 -58.70
N ILE E 140 -37.12 -2.32 -59.23
CA ILE E 140 -36.36 -2.51 -60.46
C ILE E 140 -35.01 -1.84 -60.34
N GLU E 141 -34.08 -2.18 -61.24
CA GLU E 141 -32.77 -1.58 -61.22
C GLU E 141 -32.87 -0.20 -61.89
N VAL E 142 -32.51 0.85 -61.15
CA VAL E 142 -32.53 2.24 -61.62
C VAL E 142 -31.06 2.66 -61.89
N ASP E 143 -30.75 3.08 -63.13
CA ASP E 143 -29.39 3.48 -63.51
C ASP E 143 -29.04 4.88 -63.04
N TYR E 144 -29.99 5.83 -63.14
CA TYR E 144 -29.77 7.22 -62.73
C TYR E 144 -31.05 7.78 -62.15
N PHE E 145 -30.97 8.95 -61.52
CA PHE E 145 -32.15 9.56 -60.96
C PHE E 145 -32.08 11.08 -60.99
N ILE E 146 -33.20 11.73 -61.24
CA ILE E 146 -33.26 13.18 -61.29
C ILE E 146 -34.11 13.57 -60.09
N PRO E 147 -33.50 14.05 -59.00
CA PRO E 147 -34.30 14.42 -57.82
C PRO E 147 -34.97 15.78 -58.01
N GLY E 148 -36.01 16.02 -57.24
CA GLY E 148 -36.76 17.27 -57.30
C GLY E 148 -38.24 17.04 -57.42
N CYS E 149 -39.04 17.91 -56.80
CA CYS E 149 -40.48 17.79 -56.85
C CYS E 149 -41.14 19.05 -57.44
N PRO E 150 -41.08 19.23 -58.75
CA PRO E 150 -40.41 18.41 -59.75
C PRO E 150 -38.99 18.92 -59.95
N PRO E 151 -38.12 18.21 -60.65
CA PRO E 151 -36.78 18.73 -60.88
C PRO E 151 -36.86 19.96 -61.76
N ASN E 152 -35.91 20.89 -61.65
CA ASN E 152 -35.92 22.11 -62.47
C ASN E 152 -35.74 21.72 -63.94
N PRO E 153 -36.37 22.44 -64.89
CA PRO E 153 -36.20 22.07 -66.31
C PRO E 153 -34.77 22.01 -66.82
N GLU E 154 -33.89 22.89 -66.34
CA GLU E 154 -32.49 22.90 -66.77
C GLU E 154 -31.79 21.61 -66.36
N MET E 155 -32.04 21.12 -65.13
CA MET E 155 -31.42 19.89 -64.65
C MET E 155 -31.88 18.70 -65.48
N ILE E 156 -33.15 18.71 -65.90
CA ILE E 156 -33.70 17.63 -66.71
C ILE E 156 -32.95 17.61 -68.04
N ALA E 157 -32.79 18.78 -68.68
CA ALA E 157 -32.10 18.88 -69.95
C ALA E 157 -30.63 18.48 -69.81
N GLU E 158 -29.96 18.93 -68.73
CA GLU E 158 -28.55 18.61 -68.47
C GLU E 158 -28.33 17.10 -68.39
N VAL E 159 -29.20 16.39 -67.64
CA VAL E 159 -29.09 14.94 -67.47
C VAL E 159 -29.33 14.23 -68.79
N VAL E 160 -30.40 14.59 -69.50
CA VAL E 160 -30.73 13.95 -70.78
C VAL E 160 -29.64 14.23 -71.81
N LYS E 161 -29.25 15.49 -72.02
CA LYS E 161 -28.22 15.81 -73.01
C LYS E 161 -26.88 15.11 -72.68
N ALA E 162 -26.58 14.88 -71.38
CA ALA E 162 -25.33 14.20 -71.01
C ALA E 162 -25.39 12.76 -71.51
N LEU E 163 -26.56 12.13 -71.37
CA LEU E 163 -26.78 10.75 -71.80
C LEU E 163 -26.79 10.62 -73.33
N LEU E 164 -27.22 11.66 -74.05
CA LEU E 164 -27.24 11.62 -75.51
C LEU E 164 -25.80 11.69 -76.03
N GLU E 165 -24.97 12.50 -75.37
CA GLU E 165 -23.56 12.66 -75.73
C GLU E 165 -22.76 11.39 -75.36
N GLY E 166 -23.24 10.63 -74.38
CA GLY E 166 -22.59 9.42 -73.91
C GLY E 166 -21.91 9.62 -72.57
N LYS E 167 -21.92 10.87 -72.07
CA LYS E 167 -21.31 11.22 -70.79
C LYS E 167 -22.16 10.74 -69.64
N GLU E 168 -21.56 10.58 -68.45
CA GLU E 168 -22.29 10.14 -67.27
C GLU E 168 -22.87 11.38 -66.57
N PRO E 169 -24.19 11.45 -66.33
CA PRO E 169 -24.74 12.64 -65.66
C PRO E 169 -24.29 12.78 -64.22
N GLU E 170 -24.03 14.03 -63.79
CA GLU E 170 -23.59 14.30 -62.43
C GLU E 170 -24.50 15.33 -61.78
N LEU E 171 -25.07 14.98 -60.62
CA LEU E 171 -25.98 15.83 -59.87
C LEU E 171 -25.23 16.67 -58.86
N PRO E 172 -25.75 17.86 -58.48
CA PRO E 172 -25.06 18.66 -57.46
C PRO E 172 -24.99 17.87 -56.15
N LYS E 173 -23.93 18.02 -55.38
CA LYS E 173 -23.74 17.27 -54.13
C LYS E 173 -24.00 17.99 -52.80
N LYS E 174 -23.91 19.33 -52.77
CA LYS E 174 -24.10 20.08 -51.52
C LYS E 174 -25.52 20.19 -51.02
N ASN E 175 -25.68 20.76 -49.80
CA ASN E 175 -27.00 20.98 -49.21
C ASN E 175 -27.45 22.37 -49.68
N LEU E 176 -28.73 22.70 -49.48
CA LEU E 176 -29.35 23.96 -49.93
C LEU E 176 -28.80 25.31 -49.43
N CYS E 177 -28.22 25.38 -48.23
CA CYS E 177 -27.71 26.65 -47.71
C CYS E 177 -26.71 27.35 -48.65
N GLU E 178 -26.03 26.58 -49.51
CA GLU E 178 -25.07 27.10 -50.48
C GLU E 178 -25.79 28.07 -51.42
N GLU E 179 -26.83 27.58 -52.10
CA GLU E 179 -27.64 28.35 -53.04
C GLU E 179 -28.56 29.38 -52.37
N CYS E 180 -28.97 29.14 -51.12
CA CYS E 180 -29.87 30.05 -50.42
C CYS E 180 -29.20 31.41 -50.16
N ALA E 181 -29.89 32.51 -50.53
CA ALA E 181 -29.38 33.88 -50.38
C ALA E 181 -29.56 34.45 -48.96
N ARG E 182 -30.15 33.69 -48.02
CA ARG E 182 -30.34 34.21 -46.66
C ARG E 182 -29.03 34.28 -45.89
N LYS E 183 -28.87 35.35 -45.11
CA LYS E 183 -27.68 35.59 -44.31
C LYS E 183 -27.59 34.68 -43.10
N LYS E 184 -26.43 34.05 -42.94
CA LYS E 184 -26.16 33.14 -41.83
C LYS E 184 -25.27 33.82 -40.80
N SER E 185 -25.35 33.38 -39.55
CA SER E 185 -24.53 33.94 -38.48
C SER E 185 -23.14 33.29 -38.59
N GLU E 186 -22.07 34.10 -38.65
CA GLU E 186 -20.71 33.57 -38.76
C GLU E 186 -20.35 32.70 -37.54
N GLU E 187 -20.92 33.02 -36.36
CA GLU E 187 -20.66 32.25 -35.13
C GLU E 187 -21.20 30.83 -35.19
N GLY E 188 -22.20 30.57 -36.04
CA GLY E 188 -22.80 29.26 -36.19
C GLY E 188 -24.31 29.31 -35.96
N VAL E 189 -25.01 28.23 -36.27
CA VAL E 189 -26.46 28.18 -36.09
C VAL E 189 -26.83 27.88 -34.65
N ALA E 190 -27.79 28.63 -34.11
CA ALA E 190 -28.30 28.49 -32.75
C ALA E 190 -29.81 28.72 -32.77
N ILE E 191 -30.59 27.76 -32.28
CA ILE E 191 -32.05 27.86 -32.25
C ILE E 191 -32.53 28.08 -30.81
N GLU E 192 -33.30 29.15 -30.58
CA GLU E 192 -33.83 29.48 -29.25
C GLU E 192 -35.18 28.83 -29.02
N THR E 193 -36.10 28.97 -29.98
CA THR E 193 -37.44 28.42 -29.89
C THR E 193 -37.85 27.83 -31.25
N ILE E 194 -38.89 26.98 -31.27
CA ILE E 194 -39.38 26.39 -32.52
C ILE E 194 -40.79 26.88 -32.77
N LYS E 195 -41.01 27.44 -33.96
CA LYS E 195 -42.29 27.99 -34.36
C LYS E 195 -42.86 27.29 -35.55
N ARG E 196 -44.18 27.35 -35.70
CA ARG E 196 -44.83 26.77 -36.86
C ARG E 196 -44.79 27.87 -37.91
N ASN E 197 -44.84 27.53 -39.19
CA ASN E 197 -44.75 28.51 -40.28
C ASN E 197 -45.68 29.72 -40.19
N TYR E 198 -46.85 29.59 -39.53
CA TYR E 198 -47.77 30.73 -39.41
C TYR E 198 -47.45 31.66 -38.22
N GLU E 199 -46.66 31.17 -37.25
CA GLU E 199 -46.32 31.97 -36.07
C GLU E 199 -45.31 33.07 -36.39
N GLY E 200 -45.63 34.31 -35.99
CA GLY E 200 -44.78 35.46 -36.21
C GLY E 200 -44.71 35.95 -37.64
N ASN E 201 -43.77 36.86 -37.91
CA ASN E 201 -43.52 37.45 -39.23
C ASN E 201 -42.04 37.24 -39.52
N PRO E 202 -41.67 36.37 -40.46
CA PRO E 202 -40.24 36.13 -40.70
C PRO E 202 -39.46 37.25 -41.38
N ASP E 203 -38.22 37.47 -40.91
CA ASP E 203 -37.33 38.48 -41.47
C ASP E 203 -36.91 37.95 -42.86
N PRO E 204 -36.96 38.78 -43.92
CA PRO E 204 -36.60 38.27 -45.25
C PRO E 204 -35.12 38.04 -45.54
N GLU E 205 -34.21 38.53 -44.68
CA GLU E 205 -32.77 38.35 -44.90
C GLU E 205 -32.15 37.23 -44.07
N LYS E 206 -32.56 37.06 -42.82
CA LYS E 206 -31.99 36.03 -41.94
C LYS E 206 -32.44 34.60 -42.24
N CYS E 207 -31.53 33.64 -42.00
CA CYS E 207 -31.79 32.21 -42.19
C CYS E 207 -33.04 31.83 -41.39
N LEU E 208 -34.03 31.21 -42.04
CA LEU E 208 -35.27 30.81 -41.37
C LEU E 208 -35.05 29.80 -40.24
N LEU E 209 -34.04 28.92 -40.37
CA LEU E 209 -33.75 27.94 -39.33
C LEU E 209 -33.30 28.66 -38.04
N GLU E 210 -32.47 29.70 -38.18
CA GLU E 210 -31.99 30.47 -37.02
C GLU E 210 -33.14 31.28 -36.40
N GLN E 211 -34.18 31.59 -37.19
CA GLN E 211 -35.35 32.34 -36.71
C GLN E 211 -36.32 31.47 -35.91
N GLY E 212 -36.16 30.15 -35.96
CA GLY E 212 -37.01 29.21 -35.24
C GLY E 212 -37.98 28.42 -36.10
N TYR E 213 -37.81 28.43 -37.43
CA TYR E 213 -38.71 27.67 -38.32
C TYR E 213 -38.02 26.41 -38.78
N ILE E 214 -38.77 25.32 -38.94
CA ILE E 214 -38.17 24.07 -39.40
C ILE E 214 -37.90 24.17 -40.88
N CYS E 215 -36.67 24.53 -41.25
CA CYS E 215 -36.29 24.64 -42.65
C CYS E 215 -35.48 23.38 -43.00
N LEU E 216 -35.94 22.62 -44.00
CA LEU E 216 -35.29 21.39 -44.44
C LEU E 216 -34.06 21.63 -45.34
N GLY E 217 -33.76 22.88 -45.67
CA GLY E 217 -32.62 23.22 -46.52
C GLY E 217 -31.30 22.61 -46.09
N ILE E 218 -31.09 22.52 -44.78
CA ILE E 218 -29.85 21.96 -44.23
C ILE E 218 -29.70 20.47 -44.55
N ALA E 219 -30.81 19.74 -44.66
CA ALA E 219 -30.80 18.30 -44.96
C ALA E 219 -31.29 18.02 -46.38
N THR E 220 -31.29 19.02 -47.27
CA THR E 220 -31.77 18.82 -48.63
C THR E 220 -30.72 19.16 -49.67
N ARG E 221 -30.70 18.39 -50.76
CA ARG E 221 -29.76 18.59 -51.87
C ARG E 221 -30.11 19.88 -52.60
N GLU E 222 -29.08 20.60 -53.08
CA GLU E 222 -29.25 21.85 -53.82
C GLU E 222 -29.57 21.54 -55.29
N GLY E 223 -29.90 22.56 -56.06
CA GLY E 223 -30.23 22.42 -57.47
C GLY E 223 -31.46 23.20 -57.88
N CYS E 224 -32.44 23.28 -56.99
CA CYS E 224 -33.70 24.00 -57.22
C CYS E 224 -33.50 25.51 -57.35
N GLY E 225 -32.46 26.03 -56.71
CA GLY E 225 -32.15 27.44 -56.70
C GLY E 225 -32.70 28.06 -55.43
N ALA E 226 -33.21 27.21 -54.50
CA ALA E 226 -33.78 27.61 -53.23
C ALA E 226 -34.87 28.67 -53.43
N PRO E 227 -35.91 28.38 -54.24
CA PRO E 227 -36.96 29.39 -54.45
C PRO E 227 -37.89 29.58 -53.26
N CYS E 228 -38.02 28.55 -52.39
CA CYS E 228 -38.91 28.66 -51.24
C CYS E 228 -38.40 29.65 -50.21
N PRO E 229 -37.17 29.54 -49.67
CA PRO E 229 -36.72 30.56 -48.71
C PRO E 229 -36.68 31.96 -49.34
N SER E 230 -36.39 32.06 -50.65
CA SER E 230 -36.35 33.36 -51.34
C SER E 230 -37.74 33.96 -51.39
N SER E 231 -38.76 33.10 -51.49
CA SER E 231 -40.16 33.51 -51.55
C SER E 231 -40.79 33.79 -50.18
N GLY E 232 -40.05 33.59 -49.09
CA GLY E 232 -40.55 33.84 -47.73
C GLY E 232 -41.03 32.65 -46.93
N VAL E 233 -40.80 31.41 -47.41
CA VAL E 233 -41.25 30.23 -46.67
C VAL E 233 -40.10 29.24 -46.52
N PRO E 234 -40.08 28.40 -45.46
CA PRO E 234 -38.97 27.46 -45.33
C PRO E 234 -38.95 26.36 -46.39
N CYS E 235 -37.78 25.79 -46.63
CA CYS E 235 -37.64 24.70 -47.59
C CYS E 235 -38.39 23.52 -46.98
N SER E 236 -39.12 22.76 -47.78
CA SER E 236 -39.87 21.61 -47.29
C SER E 236 -39.10 20.28 -47.54
N GLY E 237 -37.93 20.38 -48.17
CA GLY E 237 -37.07 19.24 -48.48
C GLY E 237 -37.52 18.39 -49.65
N CYS E 238 -38.21 19.02 -50.60
CA CYS E 238 -38.74 18.32 -51.76
C CYS E 238 -37.68 17.71 -52.71
N SER E 239 -36.42 18.17 -52.67
CA SER E 239 -35.38 17.61 -53.55
C SER E 239 -34.74 16.32 -52.93
N GLY E 240 -35.04 16.03 -51.67
CA GLY E 240 -34.49 14.85 -51.00
C GLY E 240 -33.12 15.10 -50.42
N PRO E 241 -32.52 14.06 -49.81
CA PRO E 241 -31.20 14.23 -49.20
C PRO E 241 -30.03 14.18 -50.18
N THR E 242 -28.84 14.50 -49.66
CA THR E 242 -27.61 14.47 -50.45
C THR E 242 -27.22 13.00 -50.65
N ASP E 243 -26.15 12.75 -51.39
CA ASP E 243 -25.70 11.37 -51.64
C ASP E 243 -25.12 10.70 -50.41
N ALA E 244 -24.70 11.50 -49.40
CA ALA E 244 -24.11 10.96 -48.17
C ALA E 244 -25.13 10.73 -47.03
N VAL E 245 -26.43 10.94 -47.29
CA VAL E 245 -27.47 10.75 -46.28
C VAL E 245 -28.54 9.80 -46.83
N VAL E 246 -28.86 8.73 -46.09
CA VAL E 246 -29.86 7.74 -46.51
C VAL E 246 -31.23 8.20 -46.05
N ASP E 247 -31.36 8.46 -44.74
CA ASP E 247 -32.61 8.89 -44.13
C ASP E 247 -32.55 10.40 -43.85
N GLN E 248 -33.18 11.19 -44.72
CA GLN E 248 -33.21 12.65 -44.62
C GLN E 248 -33.82 13.16 -43.32
N GLY E 249 -34.97 12.60 -42.94
CA GLY E 249 -35.66 12.99 -41.72
C GLY E 249 -34.85 12.77 -40.47
N ALA E 250 -34.20 11.61 -40.38
CA ALA E 250 -33.36 11.25 -39.24
C ALA E 250 -32.23 12.25 -39.08
N LYS E 251 -31.57 12.62 -40.19
CA LYS E 251 -30.47 13.57 -40.18
C LYS E 251 -30.96 15.00 -39.87
N MET E 252 -32.16 15.35 -40.35
CA MET E 252 -32.72 16.68 -40.08
C MET E 252 -33.02 16.77 -38.58
N ILE E 253 -33.61 15.69 -38.01
CA ILE E 253 -33.92 15.65 -36.59
C ILE E 253 -32.62 15.75 -35.78
N SER E 254 -31.57 15.04 -36.22
CA SER E 254 -30.28 15.07 -35.52
C SER E 254 -29.72 16.48 -35.47
N ALA E 255 -29.72 17.18 -36.61
CA ALA E 255 -29.22 18.57 -36.70
C ALA E 255 -30.05 19.53 -35.87
N LEU E 256 -31.38 19.44 -35.98
CA LEU E 256 -32.28 20.33 -35.24
C LEU E 256 -32.10 20.18 -33.74
N CYS E 257 -32.05 18.94 -33.24
CA CYS E 257 -31.88 18.67 -31.82
C CYS E 257 -30.54 19.16 -31.30
N SER E 258 -29.48 19.01 -32.11
CA SER E 258 -28.13 19.43 -31.73
C SER E 258 -28.00 20.93 -31.52
N ASP E 259 -28.56 21.73 -32.42
CA ASP E 259 -28.48 23.19 -32.32
C ASP E 259 -29.55 23.83 -31.45
N PHE E 260 -30.60 23.08 -31.07
CA PHE E 260 -31.64 23.66 -30.22
C PHE E 260 -31.10 23.98 -28.82
N GLY E 261 -31.03 25.27 -28.50
CA GLY E 261 -30.53 25.74 -27.22
C GLY E 261 -29.05 25.49 -27.01
N ILE E 262 -28.27 25.52 -28.11
CA ILE E 262 -26.82 25.28 -28.05
C ILE E 262 -26.09 26.38 -27.24
N ASP E 263 -26.61 27.62 -27.22
CA ASP E 263 -25.98 28.71 -26.46
C ASP E 263 -26.15 28.47 -24.96
N ASN E 264 -27.19 27.70 -24.60
CA ASN E 264 -27.50 27.35 -23.21
C ASN E 264 -27.50 25.81 -23.14
N ASP E 265 -26.61 25.21 -23.94
CA ASP E 265 -26.40 23.77 -24.10
C ASP E 265 -26.63 22.89 -22.88
N ARG E 266 -25.99 23.24 -21.76
CA ARG E 266 -26.06 22.45 -20.54
C ARG E 266 -27.37 22.54 -19.75
N ASP E 267 -28.10 23.65 -19.85
CA ASP E 267 -29.35 23.83 -19.10
C ASP E 267 -30.64 23.80 -19.91
N VAL E 268 -30.58 23.92 -21.24
CA VAL E 268 -31.82 23.89 -22.02
C VAL E 268 -32.59 22.58 -21.78
N ASP E 269 -33.92 22.68 -21.65
CA ASP E 269 -34.78 21.53 -21.42
C ASP E 269 -34.90 20.67 -22.68
N PRO E 270 -34.55 19.37 -22.61
CA PRO E 270 -34.66 18.53 -23.81
C PRO E 270 -36.11 18.14 -24.19
N MET E 271 -37.11 18.54 -23.39
CA MET E 271 -38.52 18.23 -23.64
C MET E 271 -39.25 19.37 -24.39
N ILE E 272 -38.64 20.56 -24.54
CA ILE E 272 -39.29 21.68 -25.25
C ILE E 272 -39.52 21.34 -26.72
N LEU E 273 -38.50 20.83 -27.40
CA LEU E 273 -38.58 20.48 -28.82
C LEU E 273 -39.64 19.42 -29.13
N PRO E 274 -39.64 18.22 -28.49
CA PRO E 274 -40.69 17.24 -28.81
C PRO E 274 -42.09 17.73 -28.46
N LYS E 275 -42.21 18.57 -27.42
CA LYS E 275 -43.50 19.10 -27.01
C LYS E 275 -44.01 20.12 -28.05
N SER E 276 -43.10 20.88 -28.68
CA SER E 276 -43.50 21.89 -29.68
C SER E 276 -43.93 21.30 -31.02
N ILE E 277 -43.25 20.25 -31.49
CA ILE E 277 -43.57 19.63 -32.77
C ILE E 277 -44.63 18.56 -32.58
N LYS E 278 -45.89 18.88 -32.93
CA LYS E 278 -47.04 17.96 -32.79
C LYS E 278 -47.22 17.00 -33.97
N ASP E 279 -46.49 17.23 -35.08
CA ASP E 279 -46.53 16.38 -36.27
C ASP E 279 -45.08 16.21 -36.73
N LYS E 280 -44.43 15.18 -36.21
CA LYS E 280 -43.03 14.90 -36.54
C LYS E 280 -42.82 14.29 -37.91
N ILE E 281 -43.53 13.23 -38.25
CA ILE E 281 -43.34 12.61 -39.57
C ILE E 281 -43.64 13.60 -40.69
N GLY E 282 -44.72 14.37 -40.54
CA GLY E 282 -45.09 15.36 -41.53
C GLY E 282 -44.12 16.51 -41.61
N SER E 283 -43.37 16.76 -40.52
CA SER E 283 -42.38 17.85 -40.51
C SER E 283 -41.05 17.42 -41.15
N PHE E 284 -40.64 16.16 -40.97
CA PHE E 284 -39.36 15.69 -41.51
C PHE E 284 -39.38 14.67 -42.66
N TYR E 285 -40.54 14.04 -42.96
CA TYR E 285 -40.61 13.03 -44.05
C TYR E 285 -41.69 13.32 -45.07
N LYS E 286 -41.94 14.59 -45.40
CA LYS E 286 -42.98 14.95 -46.37
C LYS E 286 -42.84 14.22 -47.71
N PHE E 287 -41.64 14.27 -48.28
CA PHE E 287 -41.36 13.69 -49.59
C PHE E 287 -40.51 12.44 -49.62
N THR E 288 -40.04 11.95 -48.46
CA THR E 288 -39.16 10.78 -48.45
C THR E 288 -39.53 9.63 -47.51
N LEU E 289 -40.73 9.61 -46.90
CA LEU E 289 -41.06 8.50 -46.00
C LEU E 289 -40.80 7.11 -46.59
N PRO E 290 -41.23 6.79 -47.82
CA PRO E 290 -40.96 5.44 -48.35
C PRO E 290 -39.50 5.03 -48.46
N SER E 291 -38.55 5.99 -48.38
CA SER E 291 -37.13 5.67 -48.47
C SER E 291 -36.45 5.73 -47.09
N ALA E 292 -37.22 6.03 -46.01
CA ALA E 292 -36.70 6.11 -44.65
C ALA E 292 -36.41 4.70 -44.10
N PHE E 293 -35.66 4.62 -42.99
CA PHE E 293 -35.34 3.31 -42.39
C PHE E 293 -36.64 2.66 -41.91
N VAL E 294 -37.56 3.47 -41.35
CA VAL E 294 -38.87 2.99 -40.90
C VAL E 294 -39.84 3.72 -41.84
N PRO E 295 -40.20 3.10 -42.97
CA PRO E 295 -41.07 3.76 -43.94
C PRO E 295 -42.58 3.60 -43.77
N ILE E 296 -43.03 2.96 -42.69
CA ILE E 296 -44.45 2.75 -42.46
C ILE E 296 -44.78 2.94 -40.99
N ARG E 297 -46.07 3.04 -40.68
CA ARG E 297 -46.50 3.15 -39.30
C ARG E 297 -47.05 1.77 -38.99
N LEU E 298 -46.57 1.13 -37.92
CA LEU E 298 -47.05 -0.20 -37.56
C LEU E 298 -48.46 -0.14 -36.96
N VAL F 2 -64.54 -9.62 -79.64
CA VAL F 2 -65.39 -9.89 -78.48
C VAL F 2 -65.13 -8.84 -77.38
N LYS F 3 -63.90 -8.71 -76.85
CA LYS F 3 -63.60 -7.70 -75.83
C LYS F 3 -62.39 -6.88 -76.25
N LEU F 4 -62.60 -5.58 -76.48
CA LEU F 4 -61.54 -4.66 -76.89
C LEU F 4 -61.22 -3.72 -75.75
N SER F 5 -59.97 -3.29 -75.67
CA SER F 5 -59.55 -2.37 -74.62
C SER F 5 -58.63 -1.29 -75.17
N VAL F 6 -58.94 -0.04 -74.84
CA VAL F 6 -58.14 1.10 -75.27
C VAL F 6 -57.34 1.46 -74.03
N GLU F 7 -56.06 1.06 -73.97
CA GLU F 7 -55.25 1.38 -72.81
C GLU F 7 -53.78 1.56 -73.12
N PRO F 8 -53.19 2.66 -72.62
CA PRO F 8 -53.83 3.72 -71.83
C PRO F 8 -54.51 4.75 -72.70
N VAL F 9 -55.40 5.55 -72.13
CA VAL F 9 -56.04 6.61 -72.91
C VAL F 9 -54.89 7.61 -72.99
N THR F 10 -54.55 8.06 -74.19
CA THR F 10 -53.44 8.98 -74.34
C THR F 10 -53.89 10.41 -74.53
N ARG F 11 -52.97 11.34 -74.28
CA ARG F 11 -53.17 12.78 -74.39
C ARG F 11 -54.24 13.26 -73.42
N VAL F 12 -54.12 12.77 -72.17
CA VAL F 12 -54.96 13.07 -71.03
C VAL F 12 -54.00 13.01 -69.86
N GLU F 13 -54.28 13.68 -68.76
CA GLU F 13 -53.40 13.61 -67.61
C GLU F 13 -53.91 12.44 -66.78
N GLY F 14 -53.01 11.56 -66.36
CA GLY F 14 -53.39 10.43 -65.54
C GLY F 14 -53.61 9.11 -66.23
N HIS F 15 -54.11 8.15 -65.45
CA HIS F 15 -54.35 6.77 -65.87
C HIS F 15 -55.82 6.38 -66.07
N GLY F 16 -56.20 6.22 -67.34
CA GLY F 16 -57.56 5.84 -67.71
C GLY F 16 -57.59 4.81 -68.83
N LYS F 17 -58.73 4.17 -69.03
CA LYS F 17 -58.86 3.17 -70.11
C LYS F 17 -60.32 3.00 -70.51
N ILE F 18 -60.55 2.53 -71.76
CA ILE F 18 -61.88 2.31 -72.26
C ILE F 18 -62.03 0.84 -72.62
N SER F 19 -63.12 0.21 -72.18
CA SER F 19 -63.39 -1.20 -72.49
C SER F 19 -64.59 -1.23 -73.41
N VAL F 20 -64.51 -2.02 -74.48
CA VAL F 20 -65.58 -2.16 -75.46
C VAL F 20 -65.87 -3.65 -75.58
N SER F 21 -67.05 -4.09 -75.13
CA SER F 21 -67.40 -5.52 -75.20
C SER F 21 -68.50 -5.79 -76.19
N PHE F 22 -68.51 -7.00 -76.76
CA PHE F 22 -69.50 -7.44 -77.74
C PHE F 22 -70.06 -8.80 -77.36
N ASP F 23 -71.28 -9.09 -77.81
CA ASP F 23 -71.91 -10.38 -77.55
C ASP F 23 -71.43 -11.38 -78.61
N ASP F 24 -71.81 -12.66 -78.47
CA ASP F 24 -71.43 -13.72 -79.42
C ASP F 24 -71.91 -13.47 -80.85
N SER F 25 -73.05 -12.78 -81.02
CA SER F 25 -73.60 -12.46 -82.34
C SER F 25 -72.82 -11.32 -83.03
N GLY F 26 -71.96 -10.65 -82.28
CA GLY F 26 -71.16 -9.56 -82.79
C GLY F 26 -71.78 -8.20 -82.53
N ASN F 27 -72.85 -8.10 -81.72
CA ASN F 27 -73.46 -6.78 -81.47
C ASN F 27 -72.83 -6.10 -80.25
N LEU F 28 -72.71 -4.76 -80.30
CA LEU F 28 -72.16 -3.92 -79.24
C LEU F 28 -72.90 -4.19 -77.93
N ASP F 29 -72.16 -4.59 -76.88
CA ASP F 29 -72.76 -4.91 -75.59
C ASP F 29 -72.51 -3.85 -74.51
N LYS F 30 -71.26 -3.70 -74.02
CA LYS F 30 -70.95 -2.71 -72.98
C LYS F 30 -69.74 -1.86 -73.30
N VAL F 31 -69.80 -0.58 -72.93
CA VAL F 31 -68.72 0.36 -73.15
C VAL F 31 -68.53 1.15 -71.86
N ARG F 32 -67.35 1.06 -71.23
CA ARG F 32 -67.10 1.78 -69.97
C ARG F 32 -65.79 2.51 -69.94
N PHE F 33 -65.74 3.59 -69.16
CA PHE F 33 -64.53 4.38 -68.98
C PHE F 33 -64.00 4.04 -67.58
N HIS F 34 -62.77 3.53 -67.51
CA HIS F 34 -62.16 3.17 -66.22
C HIS F 34 -60.99 4.03 -65.86
N VAL F 35 -60.91 4.45 -64.59
CA VAL F 35 -59.80 5.25 -64.07
C VAL F 35 -59.12 4.25 -63.15
N VAL F 36 -57.88 3.93 -63.47
CA VAL F 36 -57.11 2.91 -62.75
C VAL F 36 -56.06 3.41 -61.74
N GLU F 37 -56.34 4.50 -61.00
CA GLU F 37 -55.38 5.00 -60.01
C GLU F 37 -56.04 5.72 -58.82
N VAL F 38 -55.35 5.70 -57.66
CA VAL F 38 -55.79 6.36 -56.42
C VAL F 38 -54.60 6.41 -55.46
N ARG F 39 -54.43 7.54 -54.75
CA ARG F 39 -53.31 7.71 -53.80
C ARG F 39 -53.77 7.87 -52.33
N GLY F 40 -55.00 8.29 -52.12
CA GLY F 40 -55.55 8.45 -50.77
C GLY F 40 -55.16 9.69 -50.00
N PHE F 41 -55.13 10.85 -50.67
CA PHE F 41 -54.79 12.13 -50.05
C PHE F 41 -55.74 12.51 -48.91
N GLU F 42 -57.03 12.20 -49.06
CA GLU F 42 -58.02 12.56 -48.05
C GLU F 42 -57.75 11.96 -46.68
N LYS F 43 -57.25 10.72 -46.65
CA LYS F 43 -56.95 10.06 -45.39
C LYS F 43 -55.55 10.38 -44.88
N PHE F 44 -54.52 10.37 -45.75
CA PHE F 44 -53.17 10.63 -45.25
C PHE F 44 -52.97 12.10 -44.80
N LEU F 45 -53.86 13.02 -45.16
CA LEU F 45 -53.73 14.40 -44.70
C LEU F 45 -54.07 14.44 -43.18
N GLU F 46 -54.83 13.43 -42.68
CA GLU F 46 -55.17 13.37 -41.26
C GLU F 46 -53.90 13.22 -40.45
N GLY F 47 -53.74 14.06 -39.42
CA GLY F 47 -52.56 14.03 -38.57
C GLY F 47 -51.54 15.07 -38.98
N ARG F 48 -51.71 15.68 -40.17
CA ARG F 48 -50.78 16.70 -40.65
C ARG F 48 -51.17 18.07 -40.12
N TYR F 49 -50.22 19.02 -40.12
CA TYR F 49 -50.50 20.38 -39.67
C TYR F 49 -51.42 20.96 -40.74
N VAL F 50 -52.47 21.70 -40.34
CA VAL F 50 -53.38 22.27 -41.33
C VAL F 50 -52.67 23.29 -42.24
N GLU F 51 -51.74 24.09 -41.68
CA GLU F 51 -51.02 25.09 -42.47
C GLU F 51 -50.13 24.44 -43.55
N ASP F 52 -49.87 23.12 -43.47
CA ASP F 52 -49.04 22.40 -44.45
C ASP F 52 -49.90 21.84 -45.59
N ALA F 53 -51.24 21.99 -45.54
CA ALA F 53 -52.12 21.49 -46.61
C ALA F 53 -51.76 22.12 -47.96
N PRO F 54 -51.49 23.46 -48.03
CA PRO F 54 -51.13 24.04 -49.33
C PRO F 54 -49.76 23.57 -49.87
N ILE F 55 -49.03 22.73 -49.11
CA ILE F 55 -47.74 22.19 -49.53
C ILE F 55 -48.01 20.77 -50.08
N TYR F 56 -48.92 20.02 -49.45
CA TYR F 56 -49.26 18.66 -49.87
C TYR F 56 -50.24 18.59 -51.04
N THR F 57 -51.34 19.37 -51.02
CA THR F 57 -52.35 19.31 -52.09
C THR F 57 -51.83 19.61 -53.48
N PRO F 58 -50.90 20.56 -53.71
CA PRO F 58 -50.44 20.77 -55.09
C PRO F 58 -49.91 19.47 -55.68
N ARG F 59 -49.33 18.59 -54.83
CA ARG F 59 -48.80 17.31 -55.32
C ARG F 59 -49.90 16.34 -55.80
N ILE F 60 -51.18 16.77 -55.74
CA ILE F 60 -52.28 15.95 -56.24
C ILE F 60 -52.15 16.02 -57.78
N CYS F 61 -51.70 17.18 -58.32
CA CYS F 61 -51.55 17.32 -59.76
C CYS F 61 -50.52 18.38 -60.17
N GLY F 62 -49.67 18.01 -61.11
CA GLY F 62 -48.61 18.87 -61.63
C GLY F 62 -49.05 19.92 -62.63
N ILE F 63 -50.30 19.84 -63.13
CA ILE F 63 -50.82 20.82 -64.09
C ILE F 63 -51.58 21.92 -63.36
N CYS F 64 -52.55 21.52 -62.53
CA CYS F 64 -53.40 22.44 -61.77
C CYS F 64 -52.96 22.55 -60.30
N GLN F 65 -51.66 22.52 -60.03
CA GLN F 65 -51.17 22.63 -58.65
C GLN F 65 -51.53 23.98 -58.02
N VAL F 66 -51.64 25.05 -58.85
CA VAL F 66 -51.98 26.37 -58.33
C VAL F 66 -53.39 26.33 -57.73
N ALA F 67 -54.35 25.72 -58.46
CA ALA F 67 -55.73 25.62 -57.99
C ALA F 67 -55.77 24.96 -56.60
N HIS F 68 -55.01 23.86 -56.42
CA HIS F 68 -54.97 23.15 -55.14
C HIS F 68 -54.32 24.00 -54.05
N HIS F 69 -53.20 24.65 -54.37
CA HIS F 69 -52.49 25.51 -53.42
C HIS F 69 -53.45 26.58 -52.88
N LEU F 70 -54.20 27.23 -53.78
CA LEU F 70 -55.14 28.29 -53.41
C LEU F 70 -56.39 27.77 -52.72
N ALA F 71 -56.93 26.63 -53.19
CA ALA F 71 -58.13 26.07 -52.57
C ALA F 71 -57.77 25.68 -51.13
N SER F 72 -56.57 25.11 -50.93
CA SER F 72 -56.12 24.72 -49.58
C SER F 72 -55.87 25.95 -48.74
N ALA F 73 -55.25 26.98 -49.32
CA ALA F 73 -54.97 28.22 -48.60
C ALA F 73 -56.28 28.85 -48.08
N LYS F 74 -57.33 28.81 -48.91
CA LYS F 74 -58.64 29.37 -48.53
C LYS F 74 -59.26 28.58 -47.41
N ALA F 75 -59.17 27.24 -47.48
CA ALA F 75 -59.73 26.39 -46.45
C ALA F 75 -58.97 26.66 -45.16
N VAL F 76 -57.63 26.76 -45.26
CA VAL F 76 -56.74 27.03 -44.13
C VAL F 76 -57.11 28.37 -43.49
N ASP F 77 -57.33 29.42 -44.31
CA ASP F 77 -57.69 30.75 -43.80
C ASP F 77 -59.01 30.70 -43.03
N ASN F 78 -59.95 29.82 -43.45
CA ASN F 78 -61.23 29.68 -42.76
C ASN F 78 -61.06 28.93 -41.45
N VAL F 79 -60.13 27.96 -41.40
CA VAL F 79 -59.88 27.22 -40.16
C VAL F 79 -59.36 28.21 -39.11
N PHE F 80 -58.53 29.17 -39.50
CA PHE F 80 -57.97 30.15 -38.58
C PHE F 80 -58.86 31.39 -38.32
N GLY F 81 -60.03 31.47 -38.94
CA GLY F 81 -60.93 32.60 -38.74
C GLY F 81 -60.34 33.93 -39.20
N VAL F 82 -59.42 33.88 -40.18
CA VAL F 82 -58.75 35.08 -40.69
C VAL F 82 -59.19 35.46 -42.10
N LYS F 83 -59.43 36.76 -42.30
CA LYS F 83 -59.82 37.33 -43.59
C LYS F 83 -58.53 37.98 -44.10
N ILE F 84 -58.04 37.53 -45.26
CA ILE F 84 -56.79 38.03 -45.81
C ILE F 84 -56.93 39.46 -46.38
N PRO F 85 -55.84 40.25 -46.38
CA PRO F 85 -55.93 41.62 -46.93
C PRO F 85 -56.25 41.62 -48.42
N GLU F 86 -56.75 42.74 -48.95
CA GLU F 86 -57.11 42.84 -50.36
C GLU F 86 -55.95 42.55 -51.32
N THR F 87 -54.75 43.05 -51.01
CA THR F 87 -53.59 42.81 -51.88
C THR F 87 -53.36 41.31 -52.06
N ALA F 88 -53.49 40.54 -50.98
CA ALA F 88 -53.29 39.10 -51.03
C ALA F 88 -54.33 38.45 -51.94
N GLU F 89 -55.61 38.89 -51.87
CA GLU F 89 -56.67 38.32 -52.71
C GLU F 89 -56.32 38.52 -54.19
N LEU F 90 -55.81 39.72 -54.53
CA LEU F 90 -55.42 40.08 -55.89
C LEU F 90 -54.21 39.26 -56.35
N LEU F 91 -53.23 39.02 -55.45
CA LEU F 91 -52.04 38.23 -55.79
C LEU F 91 -52.44 36.77 -56.02
N ARG F 92 -53.31 36.23 -55.16
CA ARG F 92 -53.77 34.85 -55.31
C ARG F 92 -54.54 34.69 -56.62
N ASN F 93 -55.38 35.68 -56.96
CA ASN F 93 -56.15 35.64 -58.20
C ASN F 93 -55.23 35.76 -59.42
N LEU F 94 -54.20 36.63 -59.35
CA LEU F 94 -53.27 36.80 -60.45
C LEU F 94 -52.55 35.46 -60.71
N MET F 95 -52.14 34.77 -59.65
CA MET F 95 -51.47 33.47 -59.73
C MET F 95 -52.40 32.46 -60.42
N HIS F 96 -53.67 32.45 -59.98
CA HIS F 96 -54.72 31.56 -60.50
C HIS F 96 -54.99 31.82 -62.00
N GLN F 97 -55.07 33.09 -62.41
CA GLN F 97 -55.33 33.43 -63.81
C GLN F 97 -54.15 32.98 -64.70
N GLY F 98 -52.93 33.23 -64.25
CA GLY F 98 -51.74 32.83 -65.00
C GLY F 98 -51.68 31.32 -65.17
N ALA F 99 -52.07 30.57 -64.13
CA ALA F 99 -52.08 29.10 -64.16
C ALA F 99 -53.14 28.58 -65.14
N THR F 100 -54.26 29.31 -65.29
CA THR F 100 -55.34 28.93 -66.20
C THR F 100 -54.86 29.08 -67.64
N VAL F 101 -54.08 30.13 -67.93
CA VAL F 101 -53.55 30.35 -69.27
C VAL F 101 -52.65 29.16 -69.63
N HIS F 102 -51.76 28.77 -68.70
CA HIS F 102 -50.85 27.64 -68.94
C HIS F 102 -51.59 26.33 -69.16
N SER F 103 -52.61 26.05 -68.32
CA SER F 103 -53.39 24.83 -68.40
C SER F 103 -54.23 24.74 -69.67
N HIS F 104 -54.99 25.81 -69.98
CA HIS F 104 -55.83 25.82 -71.19
C HIS F 104 -55.00 25.72 -72.46
N ALA F 105 -53.87 26.45 -72.53
CA ALA F 105 -52.99 26.43 -73.71
C ALA F 105 -52.37 25.03 -73.88
N LEU F 106 -51.97 24.42 -72.75
CA LEU F 106 -51.38 23.08 -72.73
C LEU F 106 -52.36 22.06 -73.30
N HIS F 107 -53.60 22.04 -72.77
CA HIS F 107 -54.59 21.09 -73.25
C HIS F 107 -55.00 21.31 -74.70
N PHE F 108 -55.43 22.52 -75.06
CA PHE F 108 -55.86 22.76 -76.42
C PHE F 108 -54.80 22.43 -77.47
N TYR F 109 -53.59 22.94 -77.32
CA TYR F 109 -52.54 22.70 -78.31
C TYR F 109 -51.82 21.38 -78.25
N MET F 110 -51.39 20.94 -77.08
CA MET F 110 -50.64 19.70 -76.99
C MET F 110 -51.48 18.44 -76.84
N LEU F 111 -52.66 18.52 -76.23
CA LEU F 111 -53.49 17.33 -76.06
C LEU F 111 -54.69 17.23 -77.01
N ALA F 112 -55.40 18.33 -77.22
CA ALA F 112 -56.59 18.33 -78.09
C ALA F 112 -56.38 18.57 -79.59
N ALA F 113 -55.61 19.61 -79.96
CA ALA F 113 -55.36 19.96 -81.36
C ALA F 113 -54.96 18.80 -82.29
N PRO F 114 -54.12 17.83 -81.87
CA PRO F 114 -53.76 16.74 -82.80
C PRO F 114 -54.96 16.04 -83.43
N ASP F 115 -56.07 15.87 -82.68
CA ASP F 115 -57.27 15.22 -83.20
C ASP F 115 -58.10 16.18 -84.02
N LEU F 116 -58.13 17.47 -83.62
CA LEU F 116 -58.91 18.48 -84.33
C LEU F 116 -58.26 18.76 -85.69
N MET F 117 -56.92 18.64 -85.78
CA MET F 117 -56.18 18.88 -87.01
C MET F 117 -56.17 17.61 -87.86
N PHE F 118 -55.95 16.43 -87.24
CA PHE F 118 -55.92 15.16 -87.96
C PHE F 118 -56.96 14.17 -87.40
N PRO F 119 -58.27 14.46 -87.57
CA PRO F 119 -59.29 13.55 -87.04
C PRO F 119 -59.50 12.21 -87.77
N THR F 120 -59.03 12.06 -89.02
CA THR F 120 -59.23 10.81 -89.79
C THR F 120 -57.92 10.18 -90.29
N THR F 121 -56.80 10.48 -89.64
CA THR F 121 -55.53 9.93 -90.09
C THR F 121 -55.22 8.52 -89.59
N ASP F 122 -54.46 7.78 -90.40
CA ASP F 122 -54.01 6.41 -90.12
C ASP F 122 -52.68 6.48 -89.37
N ASP F 123 -51.88 7.52 -89.64
CA ASP F 123 -50.58 7.68 -89.01
C ASP F 123 -50.70 8.17 -87.57
N VAL F 124 -50.55 7.25 -86.60
CA VAL F 124 -50.64 7.59 -85.18
C VAL F 124 -49.47 8.48 -84.77
N LEU F 125 -48.30 8.34 -85.43
CA LEU F 125 -47.10 9.13 -85.12
C LEU F 125 -47.23 10.60 -85.52
N LYS F 126 -48.26 10.96 -86.29
CA LYS F 126 -48.50 12.32 -86.72
C LYS F 126 -49.44 13.03 -85.74
N ARG F 127 -50.31 12.26 -85.04
CA ARG F 127 -51.27 12.82 -84.08
C ARG F 127 -50.62 13.19 -82.74
N ASN F 128 -49.88 14.31 -82.73
CA ASN F 128 -49.19 14.82 -81.53
C ASN F 128 -48.65 16.23 -81.82
N LEU F 129 -48.02 16.89 -80.85
CA LEU F 129 -47.49 18.24 -81.08
C LEU F 129 -46.32 18.26 -82.07
N MET F 130 -45.54 17.15 -82.15
CA MET F 130 -44.41 17.06 -83.08
C MET F 130 -44.93 17.07 -84.51
N GLY F 131 -46.05 16.38 -84.73
CA GLY F 131 -46.68 16.30 -86.04
C GLY F 131 -47.27 17.64 -86.46
N ILE F 132 -47.84 18.38 -85.49
CA ILE F 132 -48.43 19.69 -85.76
C ILE F 132 -47.30 20.69 -86.05
N ALA F 133 -46.19 20.59 -85.30
CA ALA F 133 -45.04 21.47 -85.45
C ALA F 133 -44.37 21.33 -86.82
N LYS F 134 -44.36 20.11 -87.37
CA LYS F 134 -43.73 19.85 -88.67
C LYS F 134 -44.45 20.58 -89.81
N GLU F 135 -45.79 20.63 -89.78
CA GLU F 135 -46.54 21.30 -90.84
C GLU F 135 -47.02 22.71 -90.45
N HIS F 136 -47.15 22.99 -89.14
CA HIS F 136 -47.59 24.30 -88.65
C HIS F 136 -46.74 24.66 -87.41
N PRO F 137 -45.46 25.03 -87.61
CA PRO F 137 -44.62 25.36 -86.44
C PRO F 137 -45.06 26.59 -85.65
N GLU F 138 -45.67 27.57 -86.34
CA GLU F 138 -46.18 28.80 -85.74
C GLU F 138 -47.17 28.50 -84.61
N ILE F 139 -48.02 27.50 -84.81
CA ILE F 139 -49.04 27.09 -83.84
C ILE F 139 -48.43 26.56 -82.53
N ILE F 140 -47.38 25.73 -82.61
CA ILE F 140 -46.73 25.18 -81.42
C ILE F 140 -45.86 26.23 -80.74
N LYS F 141 -45.30 27.18 -81.50
CA LYS F 141 -44.48 28.25 -80.93
C LYS F 141 -45.39 29.15 -80.09
N ASP F 142 -46.61 29.41 -80.60
CA ASP F 142 -47.59 30.25 -79.91
C ASP F 142 -48.04 29.56 -78.64
N ALA F 143 -48.23 28.23 -78.72
CA ALA F 143 -48.64 27.40 -77.59
C ALA F 143 -47.63 27.50 -76.47
N ILE F 144 -46.35 27.39 -76.84
CA ILE F 144 -45.21 27.46 -75.91
C ILE F 144 -45.11 28.85 -75.27
N GLU F 145 -45.26 29.90 -76.09
CA GLU F 145 -45.17 31.28 -75.59
C GLU F 145 -46.30 31.60 -74.61
N LEU F 146 -47.49 31.00 -74.81
CA LEU F 146 -48.64 31.22 -73.93
C LEU F 146 -48.36 30.55 -72.58
N ARG F 147 -47.93 29.28 -72.63
CA ARG F 147 -47.60 28.51 -71.43
C ARG F 147 -46.51 29.21 -70.65
N LYS F 148 -45.46 29.68 -71.35
CA LYS F 148 -44.33 30.38 -70.74
C LYS F 148 -44.81 31.66 -70.02
N ALA F 149 -45.76 32.39 -70.62
CA ALA F 149 -46.29 33.61 -70.00
C ALA F 149 -47.07 33.25 -68.72
N GLY F 150 -47.91 32.24 -68.80
CA GLY F 150 -48.70 31.80 -67.66
C GLY F 150 -47.84 31.32 -66.52
N GLN F 151 -46.87 30.45 -66.82
CA GLN F 151 -45.94 29.91 -65.81
C GLN F 151 -45.07 31.01 -65.22
N ASN F 152 -44.75 32.06 -66.00
CA ASN F 152 -43.91 33.16 -65.52
C ASN F 152 -44.68 33.93 -64.44
N VAL F 153 -45.97 34.20 -64.67
CA VAL F 153 -46.81 34.90 -63.69
C VAL F 153 -46.82 34.06 -62.40
N VAL F 154 -47.04 32.74 -62.53
CA VAL F 154 -47.07 31.82 -61.39
C VAL F 154 -45.73 31.83 -60.67
N ARG F 155 -44.62 31.74 -61.41
CA ARG F 155 -43.29 31.75 -60.81
C ARG F 155 -43.02 33.02 -60.01
N VAL F 156 -43.40 34.19 -60.55
CA VAL F 156 -43.18 35.48 -59.89
C VAL F 156 -44.07 35.67 -58.66
N VAL F 157 -45.37 35.37 -58.77
CA VAL F 157 -46.30 35.55 -57.65
C VAL F 157 -46.27 34.37 -56.66
N GLY F 158 -46.13 33.15 -57.17
CA GLY F 158 -46.11 31.95 -56.37
C GLY F 158 -44.76 31.47 -55.86
N GLY F 159 -43.67 31.99 -56.43
CA GLY F 159 -42.32 31.59 -56.04
C GLY F 159 -41.79 30.45 -56.89
N ARG F 160 -42.69 29.53 -57.32
CA ARG F 160 -42.35 28.39 -58.15
C ARG F 160 -43.41 28.21 -59.22
N ALA F 161 -43.02 27.89 -60.46
CA ALA F 161 -43.97 27.69 -61.56
C ALA F 161 -44.83 26.45 -61.31
N ILE F 162 -44.25 25.40 -60.72
CA ILE F 162 -44.95 24.17 -60.39
C ILE F 162 -44.85 23.99 -58.88
N HIS F 163 -46.02 23.91 -58.20
CA HIS F 163 -46.15 23.76 -56.75
C HIS F 163 -45.77 25.08 -56.06
N PRO F 164 -46.61 26.13 -56.25
CA PRO F 164 -46.33 27.44 -55.64
C PRO F 164 -46.32 27.38 -54.12
N VAL F 165 -45.69 28.37 -53.45
CA VAL F 165 -45.59 28.36 -51.98
C VAL F 165 -45.98 29.65 -51.25
N THR F 166 -46.33 30.73 -51.95
CA THR F 166 -46.64 32.00 -51.28
C THR F 166 -47.98 32.11 -50.58
N ALA F 167 -48.99 31.29 -50.91
CA ALA F 167 -50.27 31.42 -50.21
C ALA F 167 -50.15 30.76 -48.84
N VAL F 168 -49.99 31.60 -47.81
CA VAL F 168 -49.83 31.14 -46.42
C VAL F 168 -51.02 31.59 -45.56
N VAL F 169 -51.01 31.20 -44.27
CA VAL F 169 -52.09 31.56 -43.35
C VAL F 169 -52.17 33.09 -43.21
N GLY F 170 -53.32 33.66 -43.52
CA GLY F 170 -53.51 35.10 -43.40
C GLY F 170 -53.19 35.91 -44.63
N GLY F 171 -52.69 35.29 -45.69
CA GLY F 171 -52.36 36.01 -46.91
C GLY F 171 -51.18 35.45 -47.68
N GLN F 172 -50.27 36.34 -48.12
CA GLN F 172 -49.10 35.95 -48.89
C GLN F 172 -47.81 36.08 -48.09
N SER F 173 -46.80 35.26 -48.43
CA SER F 173 -45.51 35.26 -47.74
C SER F 173 -44.58 36.36 -48.30
N LYS F 174 -44.87 36.86 -49.52
CA LYS F 174 -44.07 37.91 -50.14
C LYS F 174 -44.96 38.80 -51.01
N SER F 175 -44.55 40.05 -51.20
CA SER F 175 -45.31 41.02 -52.01
C SER F 175 -44.73 41.10 -53.41
N LEU F 176 -45.51 41.63 -54.35
CA LEU F 176 -45.07 41.79 -55.73
C LEU F 176 -44.39 43.15 -55.80
N LYS F 177 -43.13 43.19 -56.21
CA LYS F 177 -42.41 44.45 -56.31
C LYS F 177 -42.85 45.21 -57.56
N GLU F 178 -42.89 46.56 -57.51
CA GLU F 178 -43.32 47.39 -58.65
C GLU F 178 -42.60 47.07 -59.95
N GLU F 179 -41.30 46.76 -59.89
CA GLU F 179 -40.53 46.42 -61.09
C GLU F 179 -41.01 45.07 -61.66
N GLU F 180 -41.37 44.10 -60.78
CA GLU F 180 -41.85 42.79 -61.21
C GLU F 180 -43.22 42.99 -61.85
N ARG F 181 -44.06 43.84 -61.24
CA ARG F 181 -45.41 44.16 -61.75
C ARG F 181 -45.30 44.83 -63.11
N ASP F 182 -44.32 45.74 -63.28
CA ASP F 182 -44.12 46.46 -64.54
C ASP F 182 -43.72 45.52 -65.67
N GLU F 183 -42.83 44.58 -65.40
CA GLU F 183 -42.40 43.63 -66.44
C GLU F 183 -43.55 42.71 -66.84
N LEU F 184 -44.25 42.12 -65.85
CA LEU F 184 -45.36 41.22 -66.15
C LEU F 184 -46.45 41.96 -66.95
N LEU F 185 -46.74 43.22 -66.58
CA LEU F 185 -47.76 44.01 -67.29
C LEU F 185 -47.39 44.26 -68.74
N LYS F 186 -46.08 44.48 -69.02
CA LYS F 186 -45.63 44.71 -70.38
C LYS F 186 -45.80 43.42 -71.19
N LEU F 187 -45.48 42.27 -70.58
CA LEU F 187 -45.60 40.96 -71.22
C LEU F 187 -47.05 40.49 -71.37
N SER F 188 -47.97 41.02 -70.54
CA SER F 188 -49.39 40.65 -70.56
C SER F 188 -50.09 40.89 -71.91
N GLU F 189 -49.70 41.93 -72.67
CA GLU F 189 -50.32 42.23 -73.96
C GLU F 189 -50.13 41.13 -75.00
N ARG F 190 -48.93 40.55 -75.06
CA ARG F 190 -48.63 39.49 -76.01
C ARG F 190 -49.47 38.23 -75.72
N THR F 191 -49.71 37.92 -74.42
CA THR F 191 -50.51 36.76 -73.99
C THR F 191 -51.94 36.92 -74.51
N ILE F 192 -52.47 38.15 -74.43
CA ILE F 192 -53.83 38.42 -74.91
C ILE F 192 -53.87 38.23 -76.43
N GLU F 193 -52.87 38.78 -77.16
CA GLU F 193 -52.83 38.64 -78.63
C GLU F 193 -52.84 37.16 -79.01
N LEU F 194 -51.97 36.35 -78.37
CA LEU F 194 -51.90 34.91 -78.67
C LEU F 194 -53.17 34.17 -78.30
N SER F 195 -53.89 34.62 -77.26
CA SER F 195 -55.14 33.98 -76.86
C SER F 195 -56.20 34.29 -77.92
N GLU F 196 -56.23 35.52 -78.44
CA GLU F 196 -57.21 35.89 -79.49
C GLU F 196 -56.91 35.05 -80.74
N LYS F 197 -55.61 34.90 -81.05
CA LYS F 197 -55.16 34.13 -82.20
C LYS F 197 -55.58 32.67 -82.02
N SER F 198 -55.45 32.14 -80.79
CA SER F 198 -55.81 30.76 -80.46
C SER F 198 -57.28 30.47 -80.72
N ILE F 199 -58.18 31.42 -80.39
CA ILE F 199 -59.61 31.24 -80.61
C ILE F 199 -59.89 31.00 -82.10
N GLU F 200 -59.19 31.75 -82.97
CA GLU F 200 -59.37 31.61 -84.41
C GLU F 200 -58.86 30.27 -84.91
N VAL F 201 -57.78 29.75 -84.32
CA VAL F 201 -57.23 28.45 -84.71
C VAL F 201 -58.31 27.41 -84.37
N GLY F 202 -58.96 27.60 -83.21
CA GLY F 202 -60.02 26.72 -82.75
C GLY F 202 -61.21 26.69 -83.68
N LYS F 203 -61.67 27.87 -84.13
CA LYS F 203 -62.81 27.96 -85.05
C LYS F 203 -62.53 27.10 -86.27
N LYS F 204 -61.36 27.32 -86.91
CA LYS F 204 -60.95 26.58 -88.10
C LYS F 204 -60.92 25.08 -87.87
N LEU F 205 -60.27 24.64 -86.79
CA LEU F 205 -60.17 23.23 -86.46
C LEU F 205 -61.52 22.62 -86.11
N LEU F 206 -62.40 23.36 -85.43
CA LEU F 206 -63.72 22.82 -85.10
C LEU F 206 -64.63 22.80 -86.34
N GLU F 207 -64.30 23.61 -87.37
CA GLU F 207 -65.05 23.65 -88.62
C GLU F 207 -64.71 22.34 -89.34
N ASN F 208 -63.41 21.95 -89.30
CA ASN F 208 -62.90 20.73 -89.91
C ASN F 208 -63.56 19.51 -89.24
N ILE F 209 -63.81 19.62 -87.91
CA ILE F 209 -64.45 18.56 -87.14
C ILE F 209 -65.92 18.46 -87.57
N LYS F 210 -66.58 19.62 -87.77
CA LYS F 210 -67.97 19.67 -88.20
C LYS F 210 -68.13 19.03 -89.59
N ASP F 211 -67.16 19.26 -90.50
CA ASP F 211 -67.20 18.70 -91.86
C ASP F 211 -67.18 17.17 -91.86
N GLU F 212 -66.52 16.54 -90.87
CA GLU F 212 -66.45 15.08 -90.78
C GLU F 212 -67.59 14.51 -89.93
N ASP F 213 -68.57 15.35 -89.51
CA ASP F 213 -69.70 14.94 -88.67
C ASP F 213 -69.21 14.40 -87.31
N LEU F 214 -68.24 15.11 -86.69
CA LEU F 214 -67.68 14.74 -85.40
C LEU F 214 -67.94 15.79 -84.32
N LEU F 215 -68.68 16.88 -84.64
CA LEU F 215 -68.94 17.92 -83.64
C LEU F 215 -69.95 17.49 -82.59
N ASP F 216 -70.77 16.47 -82.89
CA ASP F 216 -71.78 15.99 -81.96
C ASP F 216 -71.41 14.69 -81.23
N ILE F 217 -70.13 14.25 -81.31
CA ILE F 217 -69.73 13.00 -80.65
C ILE F 217 -69.95 13.07 -79.14
N GLY F 218 -70.49 11.98 -78.57
CA GLY F 218 -70.76 11.85 -77.15
C GLY F 218 -71.81 12.80 -76.62
N TYR F 219 -72.64 13.37 -77.50
CA TYR F 219 -73.68 14.31 -77.10
C TYR F 219 -74.72 13.72 -76.16
N PHE F 220 -75.10 14.51 -75.16
CA PHE F 220 -76.11 14.17 -74.16
C PHE F 220 -76.39 15.46 -73.41
N GLU F 221 -77.58 15.60 -72.82
CA GLU F 221 -77.95 16.80 -72.09
C GLU F 221 -77.80 16.57 -70.60
N SER F 222 -77.37 17.61 -69.86
CA SER F 222 -77.18 17.53 -68.43
C SER F 222 -77.27 18.90 -67.78
N ALA F 223 -77.14 18.94 -66.46
CA ALA F 223 -77.15 20.20 -65.73
C ALA F 223 -75.71 20.75 -65.84
N HIS F 224 -75.46 21.99 -65.42
CA HIS F 224 -74.12 22.55 -65.52
C HIS F 224 -73.82 23.34 -64.28
N MET F 225 -72.59 23.21 -63.74
CA MET F 225 -72.21 23.92 -62.53
C MET F 225 -70.95 24.77 -62.75
N GLY F 226 -70.97 25.97 -62.20
CA GLY F 226 -69.86 26.90 -62.30
C GLY F 226 -69.99 28.05 -61.32
N MET F 227 -68.87 28.64 -60.94
CA MET F 227 -68.83 29.74 -59.99
C MET F 227 -69.21 31.07 -60.66
N VAL F 228 -69.98 31.90 -59.95
CA VAL F 228 -70.38 33.20 -60.49
C VAL F 228 -70.29 34.24 -59.39
N ASN F 229 -69.87 35.45 -59.76
CA ASN F 229 -69.72 36.58 -58.84
C ASN F 229 -70.78 37.56 -59.33
N ASN F 230 -71.95 37.60 -58.66
CA ASN F 230 -73.07 38.48 -59.04
C ASN F 230 -73.50 38.11 -60.48
N GLY F 231 -73.51 36.80 -60.77
CA GLY F 231 -73.89 36.28 -62.08
C GLY F 231 -72.80 36.36 -63.14
N VAL F 232 -71.65 36.99 -62.82
CA VAL F 232 -70.55 37.14 -63.74
C VAL F 232 -69.56 35.98 -63.62
N HIS F 233 -69.05 35.51 -64.76
CA HIS F 233 -68.08 34.42 -64.82
C HIS F 233 -66.89 34.76 -63.91
N ASP F 234 -66.57 33.87 -62.96
CA ASP F 234 -65.45 34.10 -62.04
C ASP F 234 -64.82 32.76 -61.68
N LEU F 235 -63.49 32.66 -61.79
CA LEU F 235 -62.78 31.43 -61.47
C LEU F 235 -62.18 31.46 -60.06
N TYR F 236 -62.21 32.61 -59.39
CA TYR F 236 -61.63 32.76 -58.05
C TYR F 236 -62.62 32.94 -56.89
N ASP F 237 -63.57 33.87 -57.00
CA ASP F 237 -64.53 34.11 -55.92
C ASP F 237 -65.96 34.20 -56.44
N GLY F 238 -66.91 33.93 -55.55
CA GLY F 238 -68.32 33.98 -55.87
C GLY F 238 -69.07 32.79 -55.31
N LYS F 239 -70.25 32.52 -55.86
CA LYS F 239 -71.10 31.41 -55.42
C LYS F 239 -71.21 30.38 -56.52
N LEU F 240 -71.54 29.14 -56.16
CA LEU F 240 -71.68 28.06 -57.13
C LEU F 240 -73.10 28.02 -57.65
N ARG F 241 -73.26 28.20 -58.96
CA ARG F 241 -74.57 28.19 -59.60
C ARG F 241 -74.75 26.93 -60.42
N VAL F 242 -75.96 26.35 -60.39
CA VAL F 242 -76.30 25.16 -61.16
C VAL F 242 -77.49 25.48 -62.03
N VAL F 243 -77.42 25.15 -63.33
CA VAL F 243 -78.52 25.38 -64.27
C VAL F 243 -78.94 24.01 -64.80
N ASN F 244 -80.22 23.82 -65.08
CA ASN F 244 -80.69 22.54 -65.61
C ASN F 244 -80.41 22.48 -67.12
N SER F 245 -80.78 21.38 -67.79
CA SER F 245 -80.55 21.23 -69.23
C SER F 245 -81.21 22.32 -70.10
N GLU F 246 -82.21 23.05 -69.58
CA GLU F 246 -82.89 24.12 -70.32
C GLU F 246 -82.35 25.52 -69.96
N GLY F 247 -81.38 25.58 -69.06
CA GLY F 247 -80.77 26.84 -68.65
C GLY F 247 -81.43 27.48 -67.44
N LYS F 248 -82.40 26.80 -66.79
CA LYS F 248 -83.07 27.36 -65.60
C LYS F 248 -82.17 27.17 -64.38
N VAL F 249 -81.94 28.25 -63.61
CA VAL F 249 -81.09 28.17 -62.42
C VAL F 249 -81.77 27.28 -61.37
N GLU F 250 -81.15 26.13 -61.04
CA GLU F 250 -81.65 25.15 -60.05
C GLU F 250 -81.21 25.52 -58.64
N TYR F 251 -79.90 25.74 -58.45
CA TYR F 251 -79.35 26.10 -57.14
C TYR F 251 -78.23 27.12 -57.28
N GLU F 252 -78.10 27.97 -56.27
CA GLU F 252 -77.05 28.98 -56.17
C GLU F 252 -76.66 28.90 -54.71
N PHE F 253 -75.43 28.47 -54.42
CA PHE F 253 -75.02 28.30 -53.04
C PHE F 253 -73.57 28.64 -52.77
N ASP F 254 -73.29 28.91 -51.49
CA ASP F 254 -71.94 29.22 -51.07
C ASP F 254 -71.15 27.92 -51.04
N PRO F 255 -69.89 27.91 -51.52
CA PRO F 255 -69.13 26.65 -51.51
C PRO F 255 -69.05 25.91 -50.17
N SER F 256 -69.18 26.62 -49.03
CA SER F 256 -69.13 25.96 -47.72
C SER F 256 -70.34 25.03 -47.48
N GLU F 257 -71.40 25.15 -48.29
CA GLU F 257 -72.59 24.31 -48.17
C GLU F 257 -72.65 23.23 -49.25
N TYR F 258 -71.54 23.02 -49.99
CA TYR F 258 -71.45 22.03 -51.07
C TYR F 258 -71.96 20.62 -50.70
N MET F 259 -71.79 20.19 -49.43
CA MET F 259 -72.23 18.86 -49.00
C MET F 259 -73.76 18.67 -49.04
N ASN F 260 -74.52 19.77 -49.09
CA ASN F 260 -75.99 19.71 -49.14
C ASN F 260 -76.50 19.67 -50.59
N TYR F 261 -75.61 19.87 -51.59
CA TYR F 261 -75.99 19.86 -53.00
C TYR F 261 -75.27 18.81 -53.84
N ILE F 262 -74.08 18.38 -53.43
CA ILE F 262 -73.32 17.38 -54.18
C ILE F 262 -73.17 16.07 -53.44
N ALA F 263 -73.22 14.97 -54.20
CA ALA F 263 -73.06 13.61 -53.68
C ALA F 263 -72.14 12.90 -54.65
N GLU F 264 -71.38 11.90 -54.18
CA GLU F 264 -70.45 11.17 -55.03
C GLU F 264 -70.69 9.67 -54.93
N GLY F 265 -71.14 9.08 -56.02
CA GLY F 265 -71.41 7.65 -56.09
C GLY F 265 -70.17 6.84 -56.40
N VAL F 266 -70.21 5.54 -56.08
CA VAL F 266 -69.09 4.64 -56.32
C VAL F 266 -69.55 3.47 -57.16
N LYS F 267 -68.82 3.14 -58.23
CA LYS F 267 -69.13 2.02 -59.11
C LYS F 267 -67.93 1.06 -59.01
N PRO F 268 -68.15 -0.25 -59.11
CA PRO F 268 -67.02 -1.19 -58.97
C PRO F 268 -65.97 -1.21 -60.07
N TYR F 269 -66.24 -0.61 -61.23
CA TYR F 269 -65.28 -0.64 -62.34
C TYR F 269 -64.36 0.58 -62.47
N SER F 270 -64.35 1.48 -61.49
CA SER F 270 -63.47 2.66 -61.59
C SER F 270 -63.13 3.26 -60.24
N TYR F 271 -61.89 3.78 -60.11
CA TYR F 271 -61.46 4.42 -58.88
C TYR F 271 -62.00 5.85 -58.90
N LEU F 272 -62.58 6.28 -60.02
CA LEU F 272 -63.12 7.61 -60.13
C LEU F 272 -64.58 7.53 -59.73
N LYS F 273 -65.01 8.40 -58.81
CA LYS F 273 -66.38 8.44 -58.34
C LYS F 273 -67.30 9.08 -59.37
N PHE F 274 -68.62 8.93 -59.16
CA PHE F 274 -69.64 9.45 -60.06
C PHE F 274 -70.54 10.46 -59.34
N PRO F 275 -70.19 11.77 -59.33
CA PRO F 275 -71.02 12.74 -58.64
C PRO F 275 -72.36 13.06 -59.31
N TYR F 276 -73.22 13.72 -58.56
CA TYR F 276 -74.54 14.12 -59.05
C TYR F 276 -75.17 15.08 -58.09
N LEU F 277 -76.25 15.72 -58.52
CA LEU F 277 -76.98 16.66 -57.67
C LEU F 277 -77.78 15.84 -56.67
N LYS F 278 -77.37 15.92 -55.41
CA LYS F 278 -77.97 15.21 -54.27
C LYS F 278 -79.49 15.06 -54.30
N ASP F 279 -80.20 16.17 -54.52
CA ASP F 279 -81.68 16.18 -54.56
C ASP F 279 -82.30 15.42 -55.74
N LYS F 280 -81.69 15.51 -56.93
CA LYS F 280 -82.22 14.85 -58.13
C LYS F 280 -81.87 13.35 -58.22
N GLY F 281 -80.78 12.92 -57.60
CA GLY F 281 -80.37 11.52 -57.65
C GLY F 281 -79.41 11.28 -58.79
N GLU F 282 -78.90 10.04 -58.95
CA GLU F 282 -77.94 9.71 -60.01
C GLU F 282 -78.48 9.74 -61.44
N GLU F 283 -79.74 9.36 -61.66
CA GLU F 283 -80.31 9.36 -63.02
C GLU F 283 -80.59 10.77 -63.53
N ASP F 284 -81.35 11.57 -62.74
CA ASP F 284 -81.73 12.93 -63.11
C ASP F 284 -80.81 14.06 -62.63
N GLY F 285 -79.82 13.76 -61.80
CA GLY F 285 -78.93 14.79 -61.27
C GLY F 285 -77.55 14.87 -61.87
N ILE F 286 -77.37 14.42 -63.12
CA ILE F 286 -76.05 14.50 -63.73
C ILE F 286 -75.73 15.92 -64.12
N TYR F 287 -74.49 16.35 -63.85
CA TYR F 287 -74.05 17.70 -64.19
C TYR F 287 -72.63 17.66 -64.68
N ARG F 288 -72.22 18.74 -65.35
CA ARG F 288 -70.87 18.84 -65.87
C ARG F 288 -70.22 20.10 -65.33
N VAL F 289 -68.88 20.14 -65.38
CA VAL F 289 -68.13 21.28 -64.89
C VAL F 289 -67.08 21.68 -65.91
N ASN F 290 -66.58 22.91 -65.74
CA ASN F 290 -65.54 23.54 -66.54
C ASN F 290 -65.97 24.07 -67.90
N THR F 291 -65.16 25.02 -68.39
CA THR F 291 -65.27 25.76 -69.63
C THR F 291 -66.71 25.99 -70.10
N LEU F 292 -67.28 25.09 -70.91
CA LEU F 292 -68.65 25.28 -71.42
C LEU F 292 -69.71 25.32 -70.33
N SER F 293 -69.50 24.56 -69.25
CA SER F 293 -70.44 24.54 -68.13
C SER F 293 -70.41 25.90 -67.42
N ARG F 294 -69.21 26.50 -67.32
CA ARG F 294 -69.06 27.80 -66.67
C ARG F 294 -69.68 28.89 -67.56
N LEU F 295 -69.52 28.77 -68.89
CA LEU F 295 -70.09 29.76 -69.80
C LEU F 295 -71.61 29.67 -69.74
N ASN F 296 -72.15 28.43 -69.68
CA ASN F 296 -73.59 28.18 -69.61
C ASN F 296 -74.26 28.80 -68.38
N VAL F 297 -73.64 28.68 -67.19
CA VAL F 297 -74.21 29.23 -65.96
C VAL F 297 -74.01 30.75 -65.82
N SER F 298 -73.00 31.32 -66.50
CA SER F 298 -72.71 32.76 -66.40
C SER F 298 -73.65 33.66 -67.20
N ASP F 299 -73.94 34.85 -66.67
CA ASP F 299 -74.79 35.84 -67.34
C ASP F 299 -73.92 36.50 -68.41
N LYS F 300 -72.63 36.71 -68.06
CA LYS F 300 -71.65 37.33 -68.95
C LYS F 300 -70.22 37.07 -68.45
N MET F 301 -69.24 37.42 -69.28
CA MET F 301 -67.83 37.25 -68.94
C MET F 301 -67.39 38.49 -68.13
N ALA F 302 -66.27 38.39 -67.43
CA ALA F 302 -65.76 39.51 -66.62
C ALA F 302 -64.85 40.44 -67.40
N THR F 303 -64.42 40.03 -68.62
CA THR F 303 -63.53 40.83 -69.45
C THR F 303 -64.18 41.16 -70.81
N PRO F 304 -63.83 42.32 -71.42
CA PRO F 304 -64.47 42.72 -72.69
C PRO F 304 -64.19 41.88 -73.94
N LEU F 305 -62.92 41.57 -74.25
CA LEU F 305 -62.63 40.78 -75.45
C LEU F 305 -63.28 39.41 -75.39
N ALA F 306 -63.16 38.69 -74.26
CA ALA F 306 -63.77 37.36 -74.13
C ALA F 306 -65.29 37.44 -74.30
N GLN F 307 -65.91 38.50 -73.73
CA GLN F 307 -67.37 38.71 -73.82
C GLN F 307 -67.85 38.76 -75.27
N LYS F 308 -67.05 39.33 -76.18
CA LYS F 308 -67.41 39.44 -77.60
C LYS F 308 -67.47 38.07 -78.27
N TYR F 309 -66.51 37.18 -77.97
CA TYR F 309 -66.50 35.84 -78.55
C TYR F 309 -67.62 35.02 -77.92
N TYR F 310 -67.92 35.26 -76.63
CA TYR F 310 -68.98 34.57 -75.91
C TYR F 310 -70.34 34.95 -76.51
N ASP F 311 -70.53 36.24 -76.81
CA ASP F 311 -71.79 36.72 -77.42
C ASP F 311 -72.00 36.07 -78.78
N GLU F 312 -70.95 36.03 -79.60
CA GLU F 312 -70.99 35.43 -80.95
C GLU F 312 -71.28 33.91 -80.88
N PHE F 313 -70.74 33.24 -79.84
CA PHE F 313 -70.93 31.80 -79.64
C PHE F 313 -72.35 31.48 -79.18
N VAL F 314 -72.88 32.26 -78.23
CA VAL F 314 -74.23 32.09 -77.69
C VAL F 314 -75.29 32.27 -78.80
N LYS F 315 -75.08 33.23 -79.70
CA LYS F 315 -75.99 33.49 -80.81
C LYS F 315 -76.07 32.31 -81.76
N GLU F 316 -74.92 31.65 -81.97
CA GLU F 316 -74.80 30.52 -82.87
C GLU F 316 -75.24 29.18 -82.29
N PHE F 317 -74.81 28.85 -81.05
CA PHE F 317 -75.15 27.57 -80.42
C PHE F 317 -76.18 27.61 -79.27
N GLY F 318 -76.66 28.79 -78.90
CA GLY F 318 -77.64 28.94 -77.85
C GLY F 318 -77.11 28.71 -76.45
N LYS F 319 -78.02 28.78 -75.46
CA LYS F 319 -77.69 28.59 -74.05
C LYS F 319 -78.78 27.76 -73.36
N PRO F 320 -78.43 26.64 -72.73
CA PRO F 320 -77.09 26.08 -72.58
C PRO F 320 -76.68 25.19 -73.76
N CYS F 321 -75.38 25.13 -74.05
CA CYS F 321 -74.85 24.29 -75.10
C CYS F 321 -74.41 23.00 -74.39
N HIS F 322 -74.83 21.85 -74.90
CA HIS F 322 -74.50 20.55 -74.32
C HIS F 322 -73.44 19.77 -75.08
N HIS F 323 -72.98 20.30 -76.21
CA HIS F 323 -71.98 19.65 -77.06
C HIS F 323 -70.62 19.44 -76.39
N PRO F 324 -70.23 18.18 -76.10
CA PRO F 324 -68.90 17.98 -75.48
C PRO F 324 -67.76 18.60 -76.30
N MET F 325 -67.76 18.45 -77.63
CA MET F 325 -66.68 19.01 -78.46
C MET F 325 -66.60 20.54 -78.39
N LEU F 326 -67.69 21.24 -78.03
CA LEU F 326 -67.62 22.70 -77.93
C LEU F 326 -67.00 23.15 -76.60
N PHE F 327 -66.57 22.19 -75.75
CA PHE F 327 -65.90 22.54 -74.51
C PHE F 327 -64.54 23.08 -74.96
N HIS F 328 -64.04 22.57 -76.12
CA HIS F 328 -62.77 23.01 -76.69
C HIS F 328 -62.86 24.51 -76.99
N TYR F 329 -63.98 24.94 -77.60
CA TYR F 329 -64.18 26.35 -77.93
C TYR F 329 -64.34 27.20 -76.67
N ALA F 330 -65.11 26.71 -75.69
CA ALA F 330 -65.31 27.43 -74.44
C ALA F 330 -63.98 27.61 -73.72
N ARG F 331 -63.09 26.62 -73.83
CA ARG F 331 -61.77 26.63 -73.21
C ARG F 331 -60.92 27.79 -73.78
N LEU F 332 -61.04 28.05 -75.09
CA LEU F 332 -60.28 29.13 -75.72
C LEU F 332 -60.82 30.50 -75.30
N ILE F 333 -62.13 30.61 -75.05
CA ILE F 333 -62.72 31.89 -74.62
C ILE F 333 -62.18 32.19 -73.22
N GLU F 334 -62.08 31.16 -72.36
CA GLU F 334 -61.58 31.32 -71.00
C GLU F 334 -60.09 31.64 -71.03
N LEU F 335 -59.36 31.04 -71.97
CA LEU F 335 -57.91 31.27 -72.12
C LEU F 335 -57.71 32.78 -72.33
N LEU F 336 -58.57 33.41 -73.14
CA LEU F 336 -58.49 34.84 -73.42
C LEU F 336 -58.92 35.65 -72.18
N SER F 337 -60.01 35.24 -71.53
CA SER F 337 -60.49 35.95 -70.33
C SER F 337 -59.44 35.94 -69.23
N SER F 338 -58.74 34.81 -69.08
CA SER F 338 -57.69 34.69 -68.06
C SER F 338 -56.49 35.57 -68.43
N ALA F 339 -56.17 35.65 -69.73
CA ALA F 339 -55.05 36.49 -70.19
C ALA F 339 -55.42 37.95 -69.91
N GLU F 340 -56.68 38.33 -70.16
CA GLU F 340 -57.16 39.69 -69.93
C GLU F 340 -57.16 40.01 -68.45
N MET F 341 -57.47 39.01 -67.62
CA MET F 341 -57.52 39.19 -66.17
C MET F 341 -56.13 39.41 -65.60
N VAL F 342 -55.10 38.75 -66.16
CA VAL F 342 -53.73 38.92 -65.68
C VAL F 342 -53.38 40.41 -65.80
N LYS F 343 -53.64 41.00 -66.96
CA LYS F 343 -53.38 42.43 -67.22
C LYS F 343 -54.24 43.31 -66.31
N GLU F 344 -55.52 42.99 -66.20
CA GLU F 344 -56.44 43.75 -65.35
C GLU F 344 -55.95 43.78 -63.91
N LEU F 345 -55.54 42.63 -63.36
CA LEU F 345 -55.04 42.56 -61.99
C LEU F 345 -53.70 43.27 -61.85
N LEU F 346 -52.86 43.20 -62.89
CA LEU F 346 -51.55 43.87 -62.87
C LEU F 346 -51.71 45.39 -62.95
N GLU F 347 -52.85 45.88 -63.48
CA GLU F 347 -53.13 47.32 -63.60
C GLU F 347 -53.70 47.87 -62.29
N ASN F 348 -54.12 46.99 -61.38
CA ASN F 348 -54.66 47.40 -60.10
C ASN F 348 -53.51 47.72 -59.15
N ASP F 349 -53.33 49.01 -58.81
CA ASP F 349 -52.27 49.47 -57.91
C ASP F 349 -52.18 48.76 -56.57
N LYS F 350 -53.26 48.14 -56.10
CA LYS F 350 -53.23 47.41 -54.83
C LYS F 350 -52.42 46.12 -54.93
N ILE F 351 -52.13 45.64 -56.15
CA ILE F 351 -51.37 44.41 -56.36
C ILE F 351 -49.95 44.51 -55.78
N VAL F 352 -49.36 45.72 -55.80
CA VAL F 352 -48.00 45.96 -55.29
C VAL F 352 -47.98 46.46 -53.83
N GLY F 353 -49.07 46.28 -53.10
CA GLY F 353 -49.16 46.71 -51.71
C GLY F 353 -48.31 45.87 -50.78
N GLU F 354 -47.98 46.42 -49.60
CA GLU F 354 -47.17 45.73 -48.60
C GLU F 354 -48.03 45.07 -47.51
N ASP F 355 -49.32 45.47 -47.37
CA ASP F 355 -50.20 44.85 -46.37
C ASP F 355 -50.69 43.57 -47.04
N ILE F 356 -49.84 42.54 -47.03
CA ILE F 356 -50.12 41.25 -47.65
C ILE F 356 -50.52 40.16 -46.69
N ARG F 357 -50.43 40.40 -45.37
CA ARG F 357 -50.81 39.36 -44.42
C ARG F 357 -51.53 39.88 -43.19
N ALA F 358 -52.47 39.07 -42.68
CA ALA F 358 -53.26 39.36 -41.50
C ALA F 358 -52.90 38.30 -40.47
N GLU F 359 -52.72 38.67 -39.21
CA GLU F 359 -52.36 37.67 -38.19
C GLU F 359 -53.50 36.67 -37.94
N PRO F 360 -53.20 35.35 -37.91
CA PRO F 360 -54.27 34.36 -37.68
C PRO F 360 -54.97 34.50 -36.33
N GLU F 361 -56.26 34.15 -36.32
CA GLU F 361 -57.11 34.22 -35.14
C GLU F 361 -57.31 32.82 -34.55
N GLU F 362 -58.13 32.71 -33.47
CA GLU F 362 -58.40 31.42 -32.83
C GLU F 362 -58.79 30.34 -33.86
N VAL F 363 -58.41 29.09 -33.58
CA VAL F 363 -58.69 27.97 -34.46
C VAL F 363 -60.14 27.50 -34.43
N VAL F 364 -60.79 27.56 -35.60
CA VAL F 364 -62.17 27.12 -35.81
C VAL F 364 -61.89 25.82 -36.57
N GLY F 365 -62.18 24.68 -35.96
CA GLY F 365 -61.90 23.39 -36.58
C GLY F 365 -62.63 23.00 -37.85
N ASP F 366 -62.98 23.97 -38.72
CA ASP F 366 -63.67 23.66 -39.96
C ASP F 366 -63.43 24.77 -40.99
N GLY F 367 -63.01 24.39 -42.19
CA GLY F 367 -62.76 25.35 -43.24
C GLY F 367 -62.92 24.79 -44.63
N VAL F 368 -63.69 25.48 -45.48
CA VAL F 368 -63.91 25.05 -46.87
C VAL F 368 -63.26 26.07 -47.79
N GLY F 369 -62.47 25.58 -48.74
CA GLY F 369 -61.78 26.42 -49.71
C GLY F 369 -62.28 26.04 -51.09
N CYS F 370 -62.62 27.04 -51.92
CA CYS F 370 -63.13 26.75 -53.25
C CYS F 370 -62.69 27.74 -54.33
N VAL F 371 -62.29 27.20 -55.48
CA VAL F 371 -61.89 27.95 -56.66
C VAL F 371 -62.35 27.12 -57.84
N GLU F 372 -62.40 27.72 -59.02
CA GLU F 372 -62.76 27.00 -60.21
C GLU F 372 -61.42 26.61 -60.79
N ALA F 373 -61.06 25.33 -60.73
CA ALA F 373 -59.79 24.90 -61.27
C ALA F 373 -60.00 24.89 -62.79
N PRO F 374 -58.94 24.91 -63.61
CA PRO F 374 -59.19 24.90 -65.07
C PRO F 374 -60.11 23.78 -65.57
N ARG F 375 -60.23 22.67 -64.80
CA ARG F 375 -61.06 21.54 -65.18
C ARG F 375 -62.36 21.41 -64.41
N GLY F 376 -62.76 22.46 -63.69
CA GLY F 376 -64.00 22.45 -62.93
C GLY F 376 -63.88 22.91 -61.51
N THR F 377 -65.03 22.92 -60.81
CA THR F 377 -65.13 23.33 -59.42
C THR F 377 -64.23 22.50 -58.54
N LEU F 378 -63.42 23.16 -57.73
CA LEU F 378 -62.48 22.50 -56.83
C LEU F 378 -62.84 22.86 -55.40
N ILE F 379 -63.08 21.86 -54.56
CA ILE F 379 -63.43 22.09 -53.17
C ILE F 379 -62.49 21.32 -52.24
N HIS F 380 -61.85 22.03 -51.31
CA HIS F 380 -60.95 21.45 -50.32
C HIS F 380 -61.64 21.71 -48.98
N HIS F 381 -62.01 20.66 -48.25
CA HIS F 381 -62.70 20.78 -46.95
C HIS F 381 -61.86 20.12 -45.87
N PHE F 382 -61.42 20.90 -44.87
CA PHE F 382 -60.61 20.36 -43.77
C PHE F 382 -61.23 20.58 -42.40
N LYS F 383 -61.08 19.59 -41.52
CA LYS F 383 -61.57 19.65 -40.14
C LYS F 383 -60.34 19.41 -39.27
N THR F 384 -60.18 20.16 -38.19
CA THR F 384 -59.02 20.02 -37.31
C THR F 384 -59.39 20.08 -35.84
N ASP F 385 -58.39 19.84 -34.98
CA ASP F 385 -58.55 19.89 -33.54
C ASP F 385 -58.13 21.29 -33.08
N ASP F 386 -58.14 21.57 -31.76
CA ASP F 386 -57.76 22.88 -31.22
C ASP F 386 -56.31 23.28 -31.54
N ASP F 387 -55.43 22.30 -31.82
CA ASP F 387 -54.03 22.55 -32.16
C ASP F 387 -53.81 22.80 -33.66
N GLY F 388 -54.84 22.60 -34.47
CA GLY F 388 -54.73 22.81 -35.91
C GLY F 388 -54.20 21.60 -36.65
N ILE F 389 -54.40 20.40 -36.07
CA ILE F 389 -53.95 19.15 -36.67
C ILE F 389 -55.17 18.57 -37.36
N ILE F 390 -55.06 18.26 -38.65
CA ILE F 390 -56.16 17.72 -39.43
C ILE F 390 -56.70 16.42 -38.86
N THR F 391 -58.02 16.34 -38.71
CA THR F 391 -58.71 15.16 -38.20
C THR F 391 -59.54 14.52 -39.32
N ASP F 392 -60.04 15.33 -40.29
CA ASP F 392 -60.84 14.82 -41.42
C ASP F 392 -60.74 15.77 -42.61
N THR F 393 -60.80 15.22 -43.84
CA THR F 393 -60.74 16.04 -45.04
C THR F 393 -61.61 15.44 -46.12
N ASN F 394 -62.05 16.29 -47.05
CA ASN F 394 -62.86 15.86 -48.18
C ASN F 394 -62.47 16.72 -49.35
N LEU F 395 -62.16 16.10 -50.49
CA LEU F 395 -61.77 16.81 -51.68
C LEU F 395 -62.71 16.43 -52.84
N VAL F 396 -63.38 17.41 -53.43
CA VAL F 396 -64.28 17.21 -54.58
C VAL F 396 -63.47 17.91 -55.67
N VAL F 397 -62.71 17.12 -56.42
CA VAL F 397 -61.81 17.65 -57.43
C VAL F 397 -62.23 17.60 -58.89
N ALA F 398 -62.61 18.79 -59.37
CA ALA F 398 -63.01 19.11 -60.73
C ALA F 398 -63.42 17.92 -61.64
N THR F 399 -62.48 17.32 -62.41
CA THR F 399 -62.76 16.21 -63.33
C THR F 399 -63.67 15.10 -62.78
N VAL F 400 -63.65 14.83 -61.46
CA VAL F 400 -64.54 13.77 -60.94
C VAL F 400 -65.98 14.04 -61.34
N GLN F 401 -66.37 15.32 -61.37
CA GLN F 401 -67.72 15.74 -61.73
C GLN F 401 -68.06 15.51 -63.21
N ASN F 402 -67.05 15.26 -64.06
CA ASN F 402 -67.24 15.00 -65.48
C ASN F 402 -67.10 13.49 -65.75
N ASN F 403 -66.91 12.67 -64.70
CA ASN F 403 -66.76 11.23 -64.88
C ASN F 403 -68.05 10.65 -65.49
N PRO F 404 -69.25 10.96 -64.95
CA PRO F 404 -70.48 10.42 -65.56
C PRO F 404 -70.60 10.80 -67.04
N ALA F 405 -70.27 12.06 -67.38
CA ALA F 405 -70.34 12.57 -68.76
C ALA F 405 -69.37 11.83 -69.69
N MET F 406 -68.19 11.45 -69.18
CA MET F 406 -67.19 10.73 -69.97
C MET F 406 -67.62 9.29 -70.22
N ASP F 407 -68.16 8.63 -69.18
CA ASP F 407 -68.63 7.25 -69.25
C ASP F 407 -69.81 7.14 -70.22
N ILE F 408 -70.74 8.13 -70.15
CA ILE F 408 -71.91 8.17 -71.03
C ILE F 408 -71.49 8.47 -72.46
N GLY F 409 -70.66 9.50 -72.63
CA GLY F 409 -70.15 9.93 -73.92
C GLY F 409 -69.46 8.85 -74.73
N VAL F 410 -68.55 8.09 -74.12
CA VAL F 410 -67.85 7.01 -74.84
C VAL F 410 -68.85 5.99 -75.35
N ARG F 411 -69.89 5.70 -74.56
CA ARG F 411 -70.95 4.75 -74.93
C ARG F 411 -71.69 5.28 -76.15
N LYS F 412 -71.97 6.58 -76.14
CA LYS F 412 -72.67 7.26 -77.22
C LYS F 412 -71.84 7.27 -78.51
N VAL F 413 -70.51 7.40 -78.40
CA VAL F 413 -69.63 7.41 -79.57
C VAL F 413 -69.67 6.00 -80.17
N ALA F 414 -69.56 4.97 -79.33
CA ALA F 414 -69.59 3.59 -79.81
C ALA F 414 -70.96 3.27 -80.43
N GLU F 415 -72.05 3.80 -79.86
CA GLU F 415 -73.40 3.55 -80.40
C GLU F 415 -73.52 4.14 -81.81
N LYS F 416 -72.88 5.28 -82.05
CA LYS F 416 -72.93 5.97 -83.34
C LYS F 416 -72.06 5.32 -84.43
N TYR F 417 -70.85 4.88 -84.09
CA TYR F 417 -69.93 4.29 -85.07
C TYR F 417 -69.71 2.79 -85.00
N ILE F 418 -70.02 2.13 -83.88
CA ILE F 418 -69.78 0.69 -83.78
C ILE F 418 -71.04 -0.14 -83.68
N LYS F 419 -71.17 -1.09 -84.60
CA LYS F 419 -72.28 -2.04 -84.65
C LYS F 419 -71.64 -3.42 -84.43
N ALA F 420 -70.52 -3.70 -85.15
CA ALA F 420 -69.77 -4.95 -85.07
C ALA F 420 -68.28 -4.69 -84.77
N PRO F 421 -67.51 -5.69 -84.26
CA PRO F 421 -66.09 -5.44 -83.97
C PRO F 421 -65.28 -4.87 -85.14
N GLU F 422 -65.67 -5.19 -86.37
CA GLU F 422 -65.00 -4.69 -87.58
C GLU F 422 -65.07 -3.17 -87.67
N ASP F 423 -66.12 -2.57 -87.10
CA ASP F 423 -66.30 -1.12 -87.13
C ASP F 423 -65.35 -0.39 -86.17
N ALA F 424 -64.80 -1.09 -85.14
CA ALA F 424 -63.87 -0.46 -84.19
C ALA F 424 -62.48 -0.32 -84.80
N THR F 425 -62.34 0.57 -85.78
CA THR F 425 -61.08 0.83 -86.46
C THR F 425 -60.22 1.77 -85.60
N PRO F 426 -58.91 1.89 -85.87
CA PRO F 426 -58.08 2.80 -85.06
C PRO F 426 -58.64 4.22 -84.96
N GLN F 427 -59.23 4.73 -86.04
CA GLN F 427 -59.82 6.06 -86.08
C GLN F 427 -61.06 6.15 -85.20
N VAL F 428 -61.92 5.12 -85.27
CA VAL F 428 -63.15 5.09 -84.47
C VAL F 428 -62.81 4.94 -83.00
N LEU F 429 -61.78 4.14 -82.67
CA LEU F 429 -61.37 3.98 -81.28
C LEU F 429 -60.85 5.33 -80.79
N ASN F 430 -60.16 6.09 -81.68
CA ASN F 430 -59.64 7.40 -81.32
C ASN F 430 -60.79 8.39 -81.13
N TYR F 431 -61.95 8.19 -81.82
CA TYR F 431 -63.12 9.09 -81.67
C TYR F 431 -63.60 9.02 -80.23
N MET F 432 -63.53 7.83 -79.61
CA MET F 432 -63.95 7.66 -78.22
C MET F 432 -63.01 8.45 -77.31
N GLU F 433 -61.69 8.40 -77.61
CA GLU F 433 -60.69 9.13 -76.83
C GLU F 433 -60.86 10.64 -77.04
N MET F 434 -61.34 11.05 -78.22
CA MET F 434 -61.56 12.48 -78.53
C MET F 434 -62.66 13.03 -77.64
N LEU F 435 -63.67 12.22 -77.34
CA LEU F 435 -64.76 12.65 -76.48
C LEU F 435 -64.18 12.85 -75.09
N ILE F 436 -63.37 11.88 -74.61
CA ILE F 436 -62.74 11.96 -73.30
C ILE F 436 -61.94 13.25 -73.23
N ARG F 437 -61.07 13.48 -74.24
CA ARG F 437 -60.21 14.68 -74.33
C ARG F 437 -60.96 16.00 -74.35
N ALA F 438 -62.21 16.02 -74.85
CA ALA F 438 -62.98 17.26 -74.90
C ALA F 438 -63.16 17.86 -73.51
N TYR F 439 -63.24 17.00 -72.50
CA TYR F 439 -63.43 17.42 -71.11
C TYR F 439 -62.12 17.79 -70.41
N ASP F 440 -60.97 17.64 -71.08
CA ASP F 440 -59.66 17.97 -70.49
C ASP F 440 -59.56 17.25 -69.15
N PRO F 441 -59.68 15.92 -69.12
CA PRO F 441 -59.60 15.22 -67.84
C PRO F 441 -58.21 15.16 -67.22
N CYS F 442 -58.18 15.23 -65.90
CA CYS F 442 -56.98 15.16 -65.09
C CYS F 442 -57.32 14.06 -64.10
N LEU F 443 -57.01 12.83 -64.50
CA LEU F 443 -57.32 11.63 -63.72
C LEU F 443 -56.57 11.48 -62.39
N SER F 444 -55.36 12.07 -62.25
CA SER F 444 -54.62 11.98 -60.97
C SER F 444 -55.36 12.87 -59.98
N CYS F 445 -55.81 14.01 -60.51
CA CYS F 445 -56.55 15.03 -59.80
C CYS F 445 -57.90 14.52 -59.31
N ALA F 446 -58.66 13.94 -60.24
CA ALA F 446 -60.01 13.43 -59.98
C ALA F 446 -60.11 12.37 -58.89
N THR F 447 -59.09 11.50 -58.78
CA THR F 447 -59.07 10.42 -57.79
C THR F 447 -58.38 10.83 -56.49
N HIS F 448 -57.31 11.64 -56.59
CA HIS F 448 -56.52 12.10 -55.45
C HIS F 448 -56.33 11.01 -54.37
N GLU G 2 42.20 29.71 13.63
CA GLU G 2 41.02 30.51 13.96
C GLU G 2 40.40 30.00 15.26
N GLU G 3 40.14 30.91 16.21
CA GLU G 3 39.57 30.56 17.52
C GLU G 3 38.09 30.17 17.40
N PRO G 4 37.62 29.05 17.99
CA PRO G 4 36.20 28.72 17.85
C PRO G 4 35.25 29.71 18.53
N ARG G 5 34.16 30.04 17.84
CA ARG G 5 33.10 30.95 18.29
C ARG G 5 31.88 30.04 18.21
N ILE G 6 31.43 29.50 19.35
CA ILE G 6 30.31 28.57 19.35
C ILE G 6 28.98 29.16 19.77
N GLY G 7 27.94 28.71 19.08
CA GLY G 7 26.56 29.07 19.31
C GLY G 7 25.88 27.79 19.75
N VAL G 8 25.37 27.75 21.00
CA VAL G 8 24.71 26.57 21.55
C VAL G 8 23.20 26.79 21.61
N TYR G 9 22.43 25.87 21.03
CA TYR G 9 20.98 25.96 21.00
C TYR G 9 20.32 24.78 21.68
N VAL G 10 19.57 25.03 22.78
CA VAL G 10 18.90 23.98 23.55
C VAL G 10 17.42 23.95 23.22
N CYS G 11 16.97 22.89 22.54
CA CYS G 11 15.56 22.76 22.18
C CYS G 11 14.71 22.22 23.33
N HIS G 12 13.47 22.74 23.46
CA HIS G 12 12.52 22.30 24.49
C HIS G 12 11.62 21.25 23.87
N CYS G 13 11.45 21.28 22.54
CA CYS G 13 10.57 20.38 21.81
C CYS G 13 9.19 20.45 22.48
N GLY G 14 8.74 21.68 22.72
CA GLY G 14 7.46 21.93 23.39
C GLY G 14 7.67 21.55 24.83
N VAL G 15 7.32 20.32 25.19
CA VAL G 15 7.52 19.80 26.54
C VAL G 15 8.24 18.42 26.46
N ASN G 16 8.49 17.88 25.24
CA ASN G 16 9.16 16.59 25.09
C ASN G 16 10.53 16.61 25.77
N ILE G 17 11.28 17.73 25.65
CA ILE G 17 12.58 17.86 26.29
C ILE G 17 12.40 18.70 27.56
N GLY G 18 11.85 19.91 27.38
CA GLY G 18 11.61 20.87 28.45
C GLY G 18 10.87 20.37 29.68
N GLY G 19 9.97 19.40 29.49
CA GLY G 19 9.19 18.84 30.59
C GLY G 19 9.98 17.96 31.54
N THR G 20 11.14 17.45 31.10
CA THR G 20 12.01 16.58 31.92
C THR G 20 13.33 17.30 32.21
N VAL G 21 13.97 17.80 31.15
CA VAL G 21 15.23 18.52 31.25
C VAL G 21 14.96 20.01 31.47
N ASP G 22 15.71 20.64 32.40
CA ASP G 22 15.56 22.06 32.67
C ASP G 22 16.42 22.75 31.61
N CYS G 23 15.83 23.04 30.43
CA CYS G 23 16.54 23.67 29.32
C CYS G 23 17.15 25.03 29.69
N PRO G 24 16.43 25.96 30.33
CA PRO G 24 17.06 27.24 30.70
C PRO G 24 18.35 27.05 31.52
N ASP G 25 18.37 26.04 32.42
CA ASP G 25 19.54 25.77 33.26
C ASP G 25 20.69 25.19 32.41
N VAL G 26 20.37 24.39 31.37
CA VAL G 26 21.37 23.81 30.48
C VAL G 26 22.00 24.95 29.66
N THR G 27 21.17 25.91 29.25
CA THR G 27 21.63 27.05 28.46
C THR G 27 22.60 27.88 29.31
N GLU G 28 22.27 28.09 30.60
CA GLU G 28 23.14 28.86 31.50
C GLU G 28 24.48 28.13 31.63
N PHE G 29 24.43 26.80 31.75
CA PHE G 29 25.64 25.98 31.90
C PHE G 29 26.50 26.02 30.62
N ALA G 30 25.85 26.00 29.43
CA ALA G 30 26.56 26.03 28.15
C ALA G 30 27.44 27.28 28.04
N LYS G 31 26.95 28.41 28.56
CA LYS G 31 27.66 29.68 28.54
C LYS G 31 28.96 29.66 29.35
N THR G 32 29.09 28.75 30.32
CA THR G 32 30.31 28.66 31.15
C THR G 32 31.41 27.89 30.44
N LEU G 33 31.11 27.28 29.28
CA LEU G 33 32.11 26.52 28.54
C LEU G 33 32.95 27.44 27.67
N LYS G 34 34.22 27.08 27.47
CA LYS G 34 35.16 27.86 26.66
C LYS G 34 34.69 27.92 25.20
N ASN G 35 34.83 29.11 24.57
CA ASN G 35 34.45 29.37 23.17
C ASN G 35 32.96 29.55 22.92
N VAL G 36 32.11 29.35 23.93
CA VAL G 36 30.67 29.54 23.72
C VAL G 36 30.37 31.03 23.79
N VAL G 37 29.98 31.61 22.64
CA VAL G 37 29.67 33.04 22.54
C VAL G 37 28.18 33.26 22.67
N VAL G 38 27.37 32.36 22.10
CA VAL G 38 25.92 32.47 22.14
C VAL G 38 25.25 31.18 22.61
N ALA G 39 24.35 31.29 23.59
CA ALA G 39 23.61 30.14 24.11
C ALA G 39 22.15 30.56 24.27
N ARG G 40 21.23 29.87 23.58
CA ARG G 40 19.81 30.19 23.67
C ARG G 40 18.97 28.93 23.74
N ASP G 41 17.79 29.04 24.32
CA ASP G 41 16.85 27.92 24.41
C ASP G 41 15.61 28.35 23.66
N TYR G 42 15.04 27.45 22.85
CA TYR G 42 13.83 27.77 22.09
C TYR G 42 12.91 26.55 22.03
N LYS G 43 11.61 26.82 21.98
CA LYS G 43 10.59 25.77 21.95
C LYS G 43 10.77 24.72 20.83
N TYR G 44 11.01 25.17 19.58
CA TYR G 44 11.21 24.27 18.42
C TYR G 44 12.37 24.80 17.57
N MET G 45 13.57 24.24 17.76
CA MET G 45 14.76 24.67 17.00
C MET G 45 14.68 24.41 15.50
N CYS G 46 13.98 23.35 15.09
CA CYS G 46 13.85 23.00 13.67
C CYS G 46 12.79 23.86 12.95
N ALA G 47 11.95 24.60 13.70
CA ALA G 47 10.92 25.45 13.11
C ALA G 47 11.56 26.68 12.45
N ASP G 48 10.81 27.36 11.56
CA ASP G 48 11.29 28.56 10.86
C ASP G 48 11.93 29.57 11.84
N PRO G 49 11.25 29.98 12.94
CA PRO G 49 11.88 30.93 13.86
C PRO G 49 13.18 30.41 14.49
N GLY G 50 13.22 29.10 14.76
CA GLY G 50 14.40 28.48 15.34
C GLY G 50 15.57 28.45 14.37
N GLN G 51 15.29 28.13 13.10
CA GLN G 51 16.34 28.08 12.08
C GLN G 51 16.84 29.50 11.76
N GLU G 52 15.93 30.48 11.67
CA GLU G 52 16.28 31.87 11.37
C GLU G 52 17.11 32.46 12.52
N MET G 53 16.88 32.00 13.75
CA MET G 53 17.58 32.47 14.93
C MET G 53 19.06 32.05 14.83
N ILE G 54 19.35 30.84 14.30
CA ILE G 54 20.72 30.35 14.15
C ILE G 54 21.41 31.16 13.04
N LYS G 55 20.74 31.27 11.87
CA LYS G 55 21.27 32.01 10.72
C LYS G 55 21.62 33.46 11.10
N LYS G 56 20.71 34.13 11.83
CA LYS G 56 20.93 35.52 12.27
C LYS G 56 22.14 35.61 13.21
N ASP G 57 22.29 34.63 14.12
CA ASP G 57 23.42 34.62 15.07
C ASP G 57 24.76 34.31 14.39
N ILE G 58 24.76 33.42 13.37
CA ILE G 58 26.00 33.08 12.66
C ILE G 58 26.57 34.37 12.06
N LYS G 59 25.67 35.23 11.53
CA LYS G 59 26.06 36.49 10.92
C LYS G 59 26.39 37.57 11.94
N GLU G 60 25.48 37.82 12.88
CA GLU G 60 25.64 38.87 13.90
C GLU G 60 26.70 38.60 14.96
N HIS G 61 27.01 37.33 15.26
CA HIS G 61 28.03 37.01 16.27
C HIS G 61 29.29 36.39 15.65
N ASN G 62 29.34 36.31 14.29
CA ASN G 62 30.47 35.75 13.56
C ASN G 62 30.86 34.38 14.14
N LEU G 63 29.90 33.46 14.13
CA LEU G 63 30.13 32.12 14.65
C LEU G 63 30.80 31.25 13.60
N ASN G 64 31.60 30.30 14.07
CA ASN G 64 32.29 29.37 13.19
C ASN G 64 31.99 27.92 13.61
N ARG G 65 31.09 27.74 14.61
CA ARG G 65 30.67 26.43 15.13
C ARG G 65 29.24 26.57 15.64
N VAL G 66 28.42 25.54 15.47
CA VAL G 66 27.05 25.58 15.96
C VAL G 66 26.72 24.25 16.61
N VAL G 67 26.15 24.29 17.82
CA VAL G 67 25.77 23.10 18.56
C VAL G 67 24.26 23.16 18.82
N VAL G 68 23.54 22.09 18.46
CA VAL G 68 22.11 22.03 18.69
C VAL G 68 21.84 20.84 19.60
N ALA G 69 21.36 21.12 20.82
CA ALA G 69 21.03 20.07 21.77
C ALA G 69 19.55 19.87 21.61
N ALA G 70 19.15 18.76 20.98
CA ALA G 70 17.74 18.50 20.75
C ALA G 70 17.43 16.99 20.59
N CYS G 71 16.92 16.58 19.41
CA CYS G 71 16.56 15.19 19.15
C CYS G 71 17.74 14.37 18.57
N SER G 72 17.52 13.56 17.51
CA SER G 72 18.60 12.75 16.96
C SER G 72 19.11 13.24 15.63
N PRO G 73 20.44 13.12 15.38
CA PRO G 73 20.95 13.54 14.07
C PRO G 73 20.32 12.68 12.97
N ARG G 74 19.93 11.43 13.31
CA ARG G 74 19.29 10.53 12.35
C ARG G 74 17.97 11.12 11.84
N LEU G 75 17.41 12.13 12.56
CA LEU G 75 16.17 12.79 12.17
C LEU G 75 16.40 14.16 11.52
N HIS G 76 17.14 15.07 12.19
CA HIS G 76 17.36 16.44 11.68
C HIS G 76 18.82 16.87 11.37
N GLU G 77 19.76 15.94 11.15
CA GLU G 77 21.13 16.37 10.84
C GLU G 77 21.19 17.11 9.48
N PRO G 78 20.49 16.63 8.43
CA PRO G 78 20.53 17.33 7.13
C PRO G 78 19.90 18.72 7.23
N THR G 79 18.78 18.80 7.96
CA THR G 79 18.04 20.03 8.19
C THR G 79 18.93 21.11 8.76
N PHE G 80 19.61 20.81 9.89
CA PHE G 80 20.47 21.82 10.50
C PHE G 80 21.72 22.08 9.66
N ARG G 81 22.15 21.08 8.86
CA ARG G 81 23.32 21.24 8.00
C ARG G 81 23.02 22.28 6.93
N ARG G 82 21.83 22.16 6.29
CA ARG G 82 21.40 23.10 5.27
C ARG G 82 21.18 24.47 5.89
N CYS G 83 20.61 24.51 7.11
CA CYS G 83 20.34 25.77 7.80
C CYS G 83 21.62 26.58 8.00
N VAL G 84 22.67 25.94 8.55
CA VAL G 84 23.94 26.64 8.78
C VAL G 84 24.63 27.00 7.46
N ALA G 85 24.55 26.12 6.45
CA ALA G 85 25.16 26.39 5.15
C ALA G 85 24.53 27.61 4.49
N GLU G 86 23.23 27.86 4.72
CA GLU G 86 22.53 29.01 4.15
C GLU G 86 23.04 30.33 4.77
N ALA G 87 23.66 30.26 5.95
CA ALA G 87 24.21 31.43 6.63
C ALA G 87 25.71 31.58 6.32
N GLY G 88 26.24 30.68 5.50
CA GLY G 88 27.65 30.69 5.12
C GLY G 88 28.55 29.80 5.93
N LEU G 89 28.04 29.19 7.02
CA LEU G 89 28.86 28.31 7.87
C LEU G 89 28.94 26.92 7.25
N ASN G 90 30.14 26.37 7.13
CA ASN G 90 30.34 25.03 6.55
C ASN G 90 29.51 24.00 7.33
N PRO G 91 28.78 23.09 6.65
CA PRO G 91 27.94 22.11 7.37
C PRO G 91 28.69 21.14 8.29
N PHE G 92 30.01 20.98 8.14
CA PHE G 92 30.78 20.07 8.99
C PHE G 92 31.33 20.74 10.24
N LEU G 93 30.86 21.97 10.53
CA LEU G 93 31.26 22.72 11.71
C LEU G 93 30.03 22.78 12.63
N PHE G 94 29.04 21.91 12.36
CA PHE G 94 27.81 21.80 13.11
C PHE G 94 27.87 20.48 13.89
N GLU G 95 27.44 20.49 15.16
CA GLU G 95 27.47 19.30 16.00
C GLU G 95 26.12 19.12 16.69
N PHE G 96 25.58 17.89 16.66
CA PHE G 96 24.28 17.60 17.26
C PHE G 96 24.41 16.81 18.58
N ALA G 97 23.76 17.31 19.65
CA ALA G 97 23.73 16.66 20.97
C ALA G 97 22.31 16.10 21.12
N ASN G 98 22.17 14.80 21.40
CA ASN G 98 20.86 14.15 21.55
C ASN G 98 20.39 14.15 23.01
N ILE G 99 19.48 15.08 23.36
CA ILE G 99 18.97 15.17 24.73
C ILE G 99 17.47 14.80 24.84
N ARG G 100 16.90 14.21 23.76
CA ARG G 100 15.49 13.81 23.77
C ARG G 100 15.41 12.28 23.83
N GLU G 101 15.62 11.60 22.69
CA GLU G 101 15.56 10.13 22.64
C GLU G 101 16.51 9.50 23.64
N HIS G 102 17.71 10.06 23.76
CA HIS G 102 18.76 9.56 24.66
C HIS G 102 18.73 10.12 26.07
N CYS G 103 17.80 11.07 26.40
CA CYS G 103 17.78 11.62 27.75
C CYS G 103 16.37 11.95 28.30
N SER G 104 15.73 13.04 27.82
CA SER G 104 14.39 13.43 28.33
C SER G 104 13.32 12.33 28.23
N TRP G 105 13.29 11.58 27.12
CA TRP G 105 12.30 10.52 26.92
C TRP G 105 12.57 9.23 27.71
N VAL G 106 13.80 9.04 28.21
CA VAL G 106 14.15 7.82 28.96
C VAL G 106 14.47 8.05 30.45
N HIS G 107 14.47 9.31 30.91
CA HIS G 107 14.77 9.63 32.31
C HIS G 107 13.68 10.58 32.84
N MET G 108 12.44 10.33 32.44
CA MET G 108 11.26 11.12 32.83
C MET G 108 11.04 11.23 34.34
N HIS G 109 11.40 10.19 35.11
CA HIS G 109 11.20 10.20 36.56
C HIS G 109 12.47 10.57 37.33
N GLU G 110 13.49 11.07 36.64
CA GLU G 110 14.77 11.47 37.23
C GLU G 110 15.20 12.77 36.56
N LYS G 111 14.37 13.81 36.72
CA LYS G 111 14.54 15.15 36.14
C LYS G 111 15.88 15.82 36.47
N GLU G 112 16.31 15.77 37.74
CA GLU G 112 17.57 16.37 38.17
C GLU G 112 18.75 15.71 37.49
N LYS G 113 18.78 14.37 37.50
CA LYS G 113 19.87 13.62 36.87
C LYS G 113 19.80 13.75 35.34
N ALA G 114 18.59 13.90 34.78
CA ALA G 114 18.40 14.04 33.35
C ALA G 114 18.92 15.42 32.89
N THR G 115 18.82 16.44 33.76
CA THR G 115 19.30 17.79 33.44
C THR G 115 20.82 17.78 33.50
N GLU G 116 21.41 17.09 34.50
CA GLU G 116 22.86 17.01 34.60
C GLU G 116 23.41 16.22 33.41
N LYS G 117 22.64 15.23 32.91
CA LYS G 117 23.06 14.45 31.76
C LYS G 117 23.04 15.33 30.52
N ALA G 118 22.02 16.19 30.40
CA ALA G 118 21.92 17.09 29.26
C ALA G 118 23.13 18.05 29.24
N LYS G 119 23.55 18.54 30.41
CA LYS G 119 24.70 19.45 30.52
C LYS G 119 25.97 18.76 30.03
N ASP G 120 26.16 17.49 30.44
CA ASP G 120 27.33 16.70 30.02
C ASP G 120 27.29 16.45 28.52
N LEU G 121 26.11 16.12 27.98
CA LEU G 121 25.98 15.87 26.55
C LEU G 121 26.27 17.14 25.74
N VAL G 122 25.92 18.31 26.29
CA VAL G 122 26.19 19.58 25.63
C VAL G 122 27.70 19.84 25.69
N ARG G 123 28.33 19.59 26.85
CA ARG G 123 29.78 19.79 27.02
C ARG G 123 30.56 18.85 26.09
N MET G 124 30.04 17.63 25.88
CA MET G 124 30.69 16.66 25.00
C MET G 124 30.59 17.15 23.56
N ALA G 125 29.42 17.71 23.19
CA ALA G 125 29.20 18.24 21.84
C ALA G 125 30.11 19.45 21.60
N VAL G 126 30.16 20.36 22.58
CA VAL G 126 31.00 21.56 22.50
C VAL G 126 32.46 21.15 22.39
N ALA G 127 32.89 20.10 23.12
CA ALA G 127 34.27 19.61 23.08
C ALA G 127 34.66 19.14 21.68
N LYS G 128 33.79 18.34 21.04
CA LYS G 128 34.11 17.86 19.68
C LYS G 128 34.04 19.03 18.69
N ALA G 129 33.03 19.90 18.85
CA ALA G 129 32.82 21.05 17.98
C ALA G 129 34.06 21.90 17.80
N ARG G 130 34.78 22.20 18.88
CA ARG G 130 35.99 23.01 18.80
C ARG G 130 36.98 22.51 17.75
N LEU G 131 37.19 21.19 17.69
CA LEU G 131 38.14 20.63 16.73
C LEU G 131 37.54 20.20 15.40
N LEU G 132 36.25 20.51 15.13
CA LEU G 132 35.66 20.14 13.84
C LEU G 132 36.31 21.01 12.76
N GLU G 133 36.38 20.50 11.52
CA GLU G 133 36.98 21.22 10.40
C GLU G 133 36.03 21.40 9.23
N PRO G 134 36.23 22.44 8.39
CA PRO G 134 35.33 22.61 7.24
C PRO G 134 35.64 21.57 6.18
N LEU G 135 34.62 20.85 5.68
CA LEU G 135 34.80 19.81 4.67
C LEU G 135 33.97 20.08 3.43
N GLU G 136 34.40 19.53 2.26
CA GLU G 136 33.71 19.67 0.95
C GLU G 136 33.34 18.30 0.36
N PHE G 137 32.10 18.16 -0.18
CA PHE G 137 31.60 16.89 -0.78
C PHE G 137 32.36 16.49 -2.06
N ILE G 138 32.54 15.16 -2.31
CA ILE G 138 33.22 14.66 -3.52
C ILE G 138 32.20 14.51 -4.66
N LYS G 139 32.43 15.20 -5.78
CA LYS G 139 31.54 15.11 -6.92
C LYS G 139 32.04 14.01 -7.84
N VAL G 140 31.16 13.06 -8.20
CA VAL G 140 31.52 11.95 -9.08
C VAL G 140 30.51 11.85 -10.23
N GLY G 141 30.96 11.32 -11.36
CA GLY G 141 30.11 11.16 -12.52
C GLY G 141 29.18 9.97 -12.39
N VAL G 142 28.11 9.93 -13.20
CA VAL G 142 27.14 8.84 -13.14
C VAL G 142 27.08 8.11 -14.48
N THR G 143 27.35 6.80 -14.46
CA THR G 143 27.30 5.99 -15.67
C THR G 143 25.82 5.95 -16.08
N GLN G 144 25.51 6.30 -17.33
CA GLN G 144 24.13 6.32 -17.81
C GLN G 144 23.61 4.91 -18.13
N ARG G 145 23.51 4.07 -17.11
CA ARG G 145 23.03 2.70 -17.29
C ARG G 145 22.52 2.14 -15.95
N ALA G 146 21.42 1.38 -15.98
CA ALA G 146 20.85 0.79 -14.78
C ALA G 146 20.90 -0.73 -14.82
N LEU G 147 20.78 -1.36 -13.64
CA LEU G 147 20.79 -2.82 -13.51
C LEU G 147 19.62 -3.23 -12.66
N VAL G 148 18.83 -4.19 -13.13
CA VAL G 148 17.68 -4.68 -12.37
C VAL G 148 17.95 -6.16 -12.09
N ILE G 149 17.88 -6.56 -10.82
CA ILE G 149 18.12 -7.94 -10.43
C ILE G 149 16.79 -8.57 -10.05
N GLY G 150 16.31 -9.48 -10.88
CA GLY G 150 15.04 -10.16 -10.68
C GLY G 150 14.08 -9.75 -11.78
N GLY G 151 13.57 -10.74 -12.51
CA GLY G 151 12.65 -10.51 -13.61
C GLY G 151 11.19 -10.84 -13.35
N GLY G 152 10.71 -10.49 -12.17
CA GLY G 152 9.32 -10.73 -11.81
C GLY G 152 8.52 -9.51 -12.22
N VAL G 153 7.25 -9.41 -11.80
CA VAL G 153 6.44 -8.26 -12.19
C VAL G 153 7.08 -6.93 -11.76
N ALA G 154 7.72 -6.90 -10.59
CA ALA G 154 8.36 -5.69 -10.07
C ALA G 154 9.60 -5.28 -10.90
N GLY G 155 10.49 -6.24 -11.13
CA GLY G 155 11.71 -6.01 -11.91
C GLY G 155 11.40 -5.66 -13.35
N ILE G 156 10.43 -6.35 -13.95
CA ILE G 156 10.03 -6.08 -15.33
C ILE G 156 9.53 -4.65 -15.43
N GLN G 157 8.71 -4.21 -14.46
CA GLN G 157 8.17 -2.85 -14.48
C GLN G 157 9.27 -1.80 -14.37
N THR G 158 10.30 -2.05 -13.55
CA THR G 158 11.40 -1.08 -13.41
C THR G 158 12.16 -0.96 -14.72
N ALA G 159 12.52 -2.11 -15.31
CA ALA G 159 13.26 -2.14 -16.58
C ALA G 159 12.46 -1.50 -17.73
N LEU G 160 11.14 -1.72 -17.77
CA LEU G 160 10.32 -1.13 -18.84
C LEU G 160 10.24 0.38 -18.68
N ASP G 161 10.05 0.86 -17.44
CA ASP G 161 9.97 2.30 -17.18
C ASP G 161 11.30 2.98 -17.49
N LEU G 162 12.42 2.40 -17.04
CA LEU G 162 13.72 3.00 -17.30
C LEU G 162 14.04 2.96 -18.79
N GLY G 163 13.70 1.86 -19.45
CA GLY G 163 13.91 1.71 -20.89
C GLY G 163 13.09 2.73 -21.66
N ASP G 164 11.81 2.87 -21.30
CA ASP G 164 10.91 3.84 -21.95
C ASP G 164 11.39 5.28 -21.76
N MET G 165 12.11 5.57 -20.66
CA MET G 165 12.64 6.91 -20.39
C MET G 165 13.86 7.20 -21.29
N GLY G 166 14.43 6.16 -21.88
CA GLY G 166 15.60 6.30 -22.75
C GLY G 166 16.90 5.89 -22.10
N PHE G 167 16.84 5.25 -20.91
CA PHE G 167 18.05 4.82 -20.21
C PHE G 167 18.40 3.38 -20.54
N GLU G 168 19.69 3.09 -20.79
CA GLU G 168 20.11 1.72 -21.07
C GLU G 168 19.89 0.93 -19.79
N THR G 169 19.27 -0.24 -19.87
CA THR G 169 19.01 -1.04 -18.69
C THR G 169 19.39 -2.48 -18.91
N ILE G 170 19.84 -3.13 -17.84
CA ILE G 170 20.23 -4.53 -17.87
C ILE G 170 19.31 -5.24 -16.91
N LEU G 171 18.63 -6.31 -17.34
CA LEU G 171 17.72 -7.07 -16.49
C LEU G 171 18.27 -8.48 -16.33
N VAL G 172 18.67 -8.85 -15.10
CA VAL G 172 19.23 -10.17 -14.83
C VAL G 172 18.18 -11.05 -14.16
N GLU G 173 17.91 -12.22 -14.75
CA GLU G 173 16.92 -13.16 -14.24
C GLU G 173 17.62 -14.52 -13.96
N LYS G 174 17.53 -15.01 -12.71
CA LYS G 174 18.15 -16.26 -12.27
C LYS G 174 17.65 -17.53 -12.98
N THR G 175 16.33 -17.65 -13.16
CA THR G 175 15.74 -18.83 -13.81
C THR G 175 15.72 -18.66 -15.32
N PRO G 176 15.41 -19.73 -16.08
CA PRO G 176 15.39 -19.59 -17.55
C PRO G 176 14.35 -18.62 -18.12
N SER G 177 13.33 -18.24 -17.33
CA SER G 177 12.31 -17.33 -17.82
C SER G 177 11.96 -16.24 -16.84
N VAL G 178 11.49 -15.11 -17.36
CA VAL G 178 11.08 -13.97 -16.54
C VAL G 178 9.62 -14.26 -16.18
N GLY G 179 9.05 -13.45 -15.30
CA GLY G 179 7.66 -13.63 -14.89
C GLY G 179 7.48 -13.82 -13.39
N GLY G 180 8.43 -14.48 -12.74
CA GLY G 180 8.41 -14.72 -11.31
C GLY G 180 7.28 -15.60 -10.81
N ARG G 181 6.83 -15.34 -9.57
CA ARG G 181 5.74 -16.11 -8.94
C ARG G 181 4.40 -15.79 -9.58
N MET G 182 4.25 -14.60 -10.17
CA MET G 182 3.00 -14.22 -10.83
C MET G 182 2.70 -15.26 -11.92
N ALA G 183 3.74 -15.67 -12.67
CA ALA G 183 3.60 -16.67 -13.73
C ALA G 183 3.03 -18.01 -13.22
N GLN G 184 3.29 -18.34 -11.95
CA GLN G 184 2.79 -19.59 -11.37
C GLN G 184 1.30 -19.50 -11.00
N LEU G 185 0.79 -18.29 -10.74
CA LEU G 185 -0.62 -18.09 -10.37
C LEU G 185 -1.54 -18.25 -11.55
N ASP G 186 -2.79 -18.70 -11.32
CA ASP G 186 -3.77 -18.86 -12.38
C ASP G 186 -4.40 -17.51 -12.56
N LYS G 187 -5.19 -17.07 -11.56
CA LYS G 187 -5.84 -15.76 -11.60
C LYS G 187 -5.20 -14.85 -10.58
N THR G 188 -5.57 -13.57 -10.58
CA THR G 188 -5.03 -12.61 -9.66
C THR G 188 -6.14 -11.73 -9.10
N PHE G 189 -6.22 -11.60 -7.77
CA PHE G 189 -7.23 -10.78 -7.11
C PHE G 189 -6.88 -9.31 -7.27
N PRO G 190 -7.84 -8.38 -7.16
CA PRO G 190 -9.26 -8.58 -6.90
C PRO G 190 -10.10 -8.61 -8.19
N THR G 191 -9.44 -8.50 -9.36
CA THR G 191 -10.13 -8.50 -10.67
C THR G 191 -10.36 -9.90 -11.23
N ASN G 192 -9.67 -10.89 -10.66
CA ASN G 192 -9.75 -12.28 -11.10
C ASN G 192 -9.36 -12.44 -12.57
N ASP G 193 -8.41 -11.61 -13.01
CA ASP G 193 -7.88 -11.64 -14.37
C ASP G 193 -6.91 -12.83 -14.34
N CYS G 194 -6.46 -13.33 -15.49
CA CYS G 194 -5.47 -14.41 -15.42
C CYS G 194 -4.19 -13.67 -15.06
N SER G 195 -3.22 -14.36 -14.48
CA SER G 195 -1.97 -13.70 -14.16
C SER G 195 -1.31 -13.32 -15.51
N ILE G 196 -1.52 -14.18 -16.52
CA ILE G 196 -0.99 -14.00 -17.87
C ILE G 196 -1.50 -12.69 -18.50
N CYS G 197 -2.78 -12.33 -18.26
CA CYS G 197 -3.41 -11.11 -18.80
C CYS G 197 -2.54 -9.89 -18.65
N ILE G 198 -1.98 -9.68 -17.46
CA ILE G 198 -1.14 -8.53 -17.17
C ILE G 198 0.35 -8.78 -17.37
N LEU G 199 0.81 -9.94 -16.93
CA LEU G 199 2.22 -10.29 -17.02
C LEU G 199 2.78 -10.62 -18.41
N ALA G 200 2.15 -11.54 -19.18
CA ALA G 200 2.71 -11.89 -20.50
C ALA G 200 3.01 -10.71 -21.42
N PRO G 201 2.11 -9.75 -21.64
CA PRO G 201 2.45 -8.62 -22.52
C PRO G 201 3.69 -7.87 -22.03
N LYS G 202 3.83 -7.72 -20.70
CA LYS G 202 4.99 -7.04 -20.10
C LYS G 202 6.25 -7.89 -20.35
N MET G 203 6.13 -9.22 -20.28
CA MET G 203 7.27 -10.12 -20.49
C MET G 203 7.71 -9.99 -21.95
N VAL G 204 6.74 -9.92 -22.86
CA VAL G 204 7.01 -9.79 -24.29
C VAL G 204 7.70 -8.45 -24.56
N ASP G 205 7.15 -7.37 -23.99
CA ASP G 205 7.69 -6.02 -24.16
C ASP G 205 9.12 -5.89 -23.68
N VAL G 206 9.42 -6.41 -22.49
CA VAL G 206 10.77 -6.31 -21.92
C VAL G 206 11.79 -7.15 -22.69
N ALA G 207 11.37 -8.25 -23.30
CA ALA G 207 12.27 -9.12 -24.05
C ALA G 207 12.72 -8.51 -25.39
N LYS G 208 11.90 -7.62 -26.00
CA LYS G 208 12.25 -7.01 -27.28
C LYS G 208 12.41 -5.48 -27.16
N HIS G 209 12.62 -4.96 -25.94
CA HIS G 209 12.78 -3.52 -25.76
C HIS G 209 14.17 -3.08 -26.26
N PRO G 210 14.26 -2.03 -27.09
CA PRO G 210 15.59 -1.60 -27.59
C PRO G 210 16.56 -1.09 -26.52
N ASN G 211 16.05 -0.63 -25.36
CA ASN G 211 16.92 -0.12 -24.29
C ASN G 211 17.10 -1.09 -23.12
N VAL G 212 16.59 -2.33 -23.23
CA VAL G 212 16.72 -3.32 -22.16
C VAL G 212 17.47 -4.56 -22.67
N LYS G 213 18.56 -4.91 -21.99
CA LYS G 213 19.36 -6.08 -22.36
C LYS G 213 18.95 -7.15 -21.34
N LEU G 214 18.24 -8.19 -21.79
CA LEU G 214 17.78 -9.25 -20.90
C LEU G 214 18.76 -10.40 -20.82
N TYR G 215 19.22 -10.70 -19.61
CA TYR G 215 20.14 -11.80 -19.35
C TYR G 215 19.38 -12.81 -18.51
N ALA G 216 18.62 -13.72 -19.16
CA ALA G 216 17.85 -14.74 -18.45
C ALA G 216 18.81 -15.87 -18.09
N TYR G 217 18.43 -16.70 -17.11
CA TYR G 217 19.27 -17.81 -16.67
C TYR G 217 20.68 -17.27 -16.39
N SER G 218 20.76 -16.12 -15.71
CA SER G 218 22.01 -15.46 -15.36
C SER G 218 21.95 -14.94 -13.94
N GLU G 219 23.10 -14.72 -13.31
CA GLU G 219 23.17 -14.23 -11.94
C GLU G 219 24.28 -13.21 -11.75
N VAL G 220 24.06 -12.21 -10.90
CA VAL G 220 25.06 -11.19 -10.61
C VAL G 220 25.98 -11.86 -9.59
N VAL G 221 27.27 -12.02 -9.93
CA VAL G 221 28.23 -12.67 -9.03
C VAL G 221 29.13 -11.68 -8.31
N ASP G 222 29.20 -10.43 -8.76
CA ASP G 222 30.06 -9.43 -8.10
C ASP G 222 29.64 -8.00 -8.47
N VAL G 223 29.74 -7.10 -7.49
CA VAL G 223 29.41 -5.68 -7.64
C VAL G 223 30.46 -4.91 -6.90
N GLN G 224 31.13 -3.97 -7.56
CA GLN G 224 32.17 -3.17 -6.94
C GLN G 224 31.98 -1.71 -7.28
N GLY G 225 32.39 -0.83 -6.39
CA GLY G 225 32.27 0.60 -6.62
C GLY G 225 31.27 1.32 -5.71
N TYR G 226 30.76 2.44 -6.21
CA TYR G 226 29.81 3.28 -5.47
C TYR G 226 28.81 3.91 -6.44
N VAL G 227 27.83 4.65 -5.90
CA VAL G 227 26.80 5.32 -6.71
C VAL G 227 27.39 5.97 -7.97
N GLY G 228 26.79 5.66 -9.11
CA GLY G 228 27.22 6.19 -10.40
C GLY G 228 28.47 5.56 -10.98
N ASN G 229 29.17 4.71 -10.21
CA ASN G 229 30.40 4.08 -10.68
C ASN G 229 30.48 2.61 -10.26
N PHE G 230 29.42 1.84 -10.52
CA PHE G 230 29.42 0.42 -10.17
C PHE G 230 29.99 -0.42 -11.30
N LYS G 231 30.79 -1.42 -10.96
CA LYS G 231 31.40 -2.34 -11.90
C LYS G 231 30.81 -3.69 -11.55
N VAL G 232 29.91 -4.22 -12.39
CA VAL G 232 29.25 -5.49 -12.09
C VAL G 232 29.70 -6.65 -12.97
N LYS G 233 29.65 -7.87 -12.41
CA LYS G 233 30.00 -9.10 -13.10
C LYS G 233 28.75 -9.96 -13.14
N ILE G 234 28.29 -10.31 -14.34
CA ILE G 234 27.10 -11.13 -14.50
C ILE G 234 27.53 -12.47 -15.08
N MET G 235 27.11 -13.57 -14.45
CA MET G 235 27.46 -14.90 -14.93
C MET G 235 26.33 -15.46 -15.77
N LYS G 236 26.51 -15.49 -17.09
CA LYS G 236 25.49 -16.02 -17.99
C LYS G 236 25.63 -17.53 -17.92
N LYS G 237 24.75 -18.18 -17.14
CA LYS G 237 24.79 -19.64 -16.98
C LYS G 237 24.56 -20.35 -18.30
N ALA G 238 25.24 -21.47 -18.51
CA ALA G 238 25.09 -22.22 -19.75
C ALA G 238 23.83 -23.06 -19.82
N ARG G 239 22.99 -22.78 -20.82
CA ARG G 239 21.72 -23.49 -21.05
C ARG G 239 21.99 -24.73 -21.89
N TYR G 240 23.17 -24.78 -22.54
CA TYR G 240 23.61 -25.85 -23.41
C TYR G 240 22.77 -25.93 -24.70
N ILE G 241 22.23 -24.77 -25.12
CA ILE G 241 21.43 -24.60 -26.33
C ILE G 241 21.78 -23.24 -26.91
N ASP G 242 21.93 -23.16 -28.23
CA ASP G 242 22.26 -21.89 -28.88
C ASP G 242 20.95 -21.10 -28.99
N GLU G 243 20.82 -20.04 -28.18
CA GLU G 243 19.63 -19.18 -28.13
C GLU G 243 19.25 -18.57 -29.47
N THR G 244 20.24 -18.09 -30.25
CA THR G 244 19.97 -17.47 -31.55
C THR G 244 19.47 -18.49 -32.60
N LYS G 245 19.88 -19.77 -32.49
CA LYS G 245 19.45 -20.82 -33.42
C LYS G 245 18.17 -21.51 -32.95
N CYS G 246 17.92 -21.53 -31.63
CA CYS G 246 16.73 -22.18 -31.05
C CYS G 246 15.42 -21.55 -31.50
N THR G 247 14.44 -22.42 -31.79
CA THR G 247 13.10 -22.04 -32.22
C THR G 247 12.13 -22.10 -31.03
N GLY G 248 12.35 -23.04 -30.11
CA GLY G 248 11.49 -23.20 -28.94
C GLY G 248 10.24 -23.99 -29.30
N CYS G 249 10.35 -24.93 -30.24
CA CYS G 249 9.23 -25.75 -30.68
C CYS G 249 8.92 -26.84 -29.65
N GLY G 250 9.95 -27.42 -29.07
CA GLY G 250 9.78 -28.46 -28.06
C GLY G 250 9.67 -29.87 -28.61
N GLN G 251 10.27 -30.14 -29.78
CA GLN G 251 10.23 -31.49 -30.34
C GLN G 251 11.17 -32.33 -29.48
N CYS G 252 12.20 -31.67 -28.94
CA CYS G 252 13.21 -32.25 -28.06
C CYS G 252 12.60 -32.83 -26.79
N SER G 253 11.71 -32.06 -26.13
CA SER G 253 11.06 -32.49 -24.88
C SER G 253 10.29 -33.80 -25.05
N GLU G 254 9.68 -34.02 -26.22
CA GLU G 254 8.92 -35.25 -26.45
C GLU G 254 9.82 -36.50 -26.59
N VAL G 255 11.14 -36.32 -26.84
CA VAL G 255 12.06 -37.45 -26.99
C VAL G 255 12.92 -37.72 -25.71
N CYS G 256 13.18 -36.70 -24.88
CA CYS G 256 13.99 -36.88 -23.67
C CYS G 256 13.46 -38.01 -22.76
N PRO G 257 14.32 -38.99 -22.35
CA PRO G 257 13.84 -40.09 -21.49
C PRO G 257 13.97 -39.87 -19.96
N ILE G 258 14.66 -38.81 -19.50
CA ILE G 258 14.82 -38.57 -18.04
C ILE G 258 13.78 -37.55 -17.53
N ASP G 259 13.09 -37.89 -16.43
CA ASP G 259 12.05 -37.04 -15.83
C ASP G 259 12.58 -36.36 -14.56
N VAL G 260 12.57 -35.01 -14.52
CA VAL G 260 13.05 -34.22 -13.38
C VAL G 260 11.84 -33.52 -12.75
N PRO G 261 11.73 -33.41 -11.41
CA PRO G 261 10.57 -32.71 -10.84
C PRO G 261 10.61 -31.23 -11.24
N ASN G 262 9.51 -30.70 -11.77
CA ASN G 262 9.45 -29.31 -12.19
C ASN G 262 9.42 -28.36 -11.00
N GLU G 263 10.48 -27.55 -10.88
CA GLU G 263 10.59 -26.57 -9.78
C GLU G 263 9.47 -25.54 -9.91
N PHE G 264 9.10 -25.18 -11.15
CA PHE G 264 8.04 -24.22 -11.42
C PHE G 264 6.70 -24.72 -10.87
N ASP G 265 6.45 -26.04 -10.94
CA ASP G 265 5.20 -26.61 -10.43
C ASP G 265 5.30 -27.02 -8.95
N MET G 266 6.37 -26.58 -8.25
CA MET G 266 6.60 -26.88 -6.84
C MET G 266 6.72 -28.38 -6.54
N GLY G 267 7.33 -29.14 -7.46
CA GLY G 267 7.52 -30.58 -7.31
C GLY G 267 6.30 -31.42 -7.65
N ILE G 268 5.14 -30.77 -7.86
CA ILE G 268 3.86 -31.41 -8.18
C ILE G 268 3.82 -31.82 -9.67
N GLY G 269 4.72 -31.26 -10.47
CA GLY G 269 4.82 -31.54 -11.90
C GLY G 269 6.14 -32.20 -12.26
N MET G 270 6.17 -32.88 -13.41
CA MET G 270 7.36 -33.56 -13.90
C MET G 270 7.78 -32.95 -15.22
N ARG G 271 9.03 -32.50 -15.33
CA ARG G 271 9.56 -31.90 -16.56
C ARG G 271 10.70 -32.78 -17.07
N LYS G 272 11.26 -32.44 -18.23
CA LYS G 272 12.36 -33.20 -18.82
C LYS G 272 13.69 -32.49 -18.59
N ALA G 273 14.82 -33.15 -18.92
CA ALA G 273 16.14 -32.52 -18.75
C ALA G 273 16.21 -31.30 -19.63
N ILE G 274 15.67 -31.42 -20.86
CA ILE G 274 15.63 -30.31 -21.81
C ILE G 274 14.24 -29.73 -21.58
N TYR G 275 14.17 -28.51 -21.03
CA TYR G 275 12.86 -27.93 -20.73
C TYR G 275 12.72 -26.45 -20.96
N LYS G 276 11.47 -26.05 -20.85
CA LYS G 276 10.97 -24.69 -20.97
C LYS G 276 10.15 -24.50 -19.64
N PRO G 277 10.44 -23.50 -18.76
CA PRO G 277 9.68 -23.38 -17.49
C PRO G 277 8.16 -23.52 -17.59
N PHE G 278 7.53 -22.76 -18.46
CA PHE G 278 6.07 -22.82 -18.66
C PHE G 278 5.76 -22.48 -20.13
N PRO G 279 4.57 -22.86 -20.65
CA PRO G 279 4.25 -22.58 -22.08
C PRO G 279 4.31 -21.13 -22.56
N GLN G 280 4.11 -20.15 -21.67
CA GLN G 280 4.16 -18.74 -22.05
C GLN G 280 5.51 -18.12 -21.61
N ALA G 281 6.55 -18.96 -21.41
CA ALA G 281 7.89 -18.49 -20.98
C ALA G 281 8.54 -17.54 -21.96
N VAL G 282 9.36 -16.63 -21.43
CA VAL G 282 10.09 -15.62 -22.19
C VAL G 282 11.49 -15.52 -21.56
N PRO G 283 12.58 -15.77 -22.31
CA PRO G 283 12.65 -16.12 -23.73
C PRO G 283 12.12 -17.50 -24.05
N ALA G 284 11.46 -17.65 -25.22
CA ALA G 284 10.88 -18.92 -25.65
C ALA G 284 11.98 -19.76 -26.23
N LYS G 285 12.85 -20.24 -25.33
CA LYS G 285 14.01 -21.04 -25.62
C LYS G 285 14.05 -22.17 -24.61
N TYR G 286 14.78 -23.24 -24.93
CA TYR G 286 14.90 -24.39 -24.05
C TYR G 286 16.20 -24.39 -23.25
N THR G 287 16.24 -25.17 -22.17
CA THR G 287 17.40 -25.29 -21.29
C THR G 287 17.65 -26.74 -20.90
N ILE G 288 18.92 -27.16 -20.91
CA ILE G 288 19.29 -28.53 -20.54
C ILE G 288 19.84 -28.50 -19.12
N ASP G 289 19.33 -29.37 -18.24
CA ASP G 289 19.80 -29.43 -16.86
C ASP G 289 20.89 -30.50 -16.84
N LYS G 290 22.16 -30.07 -16.72
CA LYS G 290 23.30 -31.00 -16.71
C LYS G 290 23.33 -31.85 -15.44
N GLU G 291 22.61 -31.43 -14.39
CA GLU G 291 22.55 -32.16 -13.13
C GLU G 291 21.79 -33.49 -13.32
N HIS G 292 20.88 -33.56 -14.31
CA HIS G 292 20.09 -34.78 -14.57
C HIS G 292 20.20 -35.27 -16.01
N CYS G 293 20.94 -34.57 -16.89
CA CYS G 293 21.08 -34.99 -18.28
C CYS G 293 21.99 -36.22 -18.40
N ILE G 294 21.55 -37.23 -19.15
CA ILE G 294 22.32 -38.46 -19.35
C ILE G 294 23.20 -38.35 -20.61
N GLU G 295 23.07 -37.22 -21.35
CA GLU G 295 23.84 -36.94 -22.57
C GLU G 295 23.69 -38.03 -23.65
N CYS G 296 22.48 -38.58 -23.81
CA CYS G 296 22.20 -39.61 -24.81
C CYS G 296 22.15 -39.02 -26.23
N GLY G 297 21.87 -37.72 -26.33
CA GLY G 297 21.79 -37.03 -27.62
C GLY G 297 20.53 -37.26 -28.40
N LEU G 298 19.45 -37.75 -27.76
CA LEU G 298 18.19 -38.01 -28.46
C LEU G 298 17.49 -36.70 -28.86
N CYS G 299 17.63 -35.65 -28.03
CA CYS G 299 17.01 -34.35 -28.30
C CYS G 299 17.68 -33.67 -29.52
N ALA G 300 19.00 -33.86 -29.68
CA ALA G 300 19.77 -33.28 -30.78
C ALA G 300 19.36 -33.84 -32.15
N LYS G 301 18.88 -35.10 -32.20
CA LYS G 301 18.46 -35.74 -33.44
C LYS G 301 17.19 -35.10 -34.02
N VAL G 302 16.25 -34.66 -33.16
CA VAL G 302 15.01 -34.04 -33.63
C VAL G 302 15.17 -32.52 -33.81
N CYS G 303 16.13 -31.89 -33.10
CA CYS G 303 16.35 -30.45 -33.23
C CYS G 303 16.86 -30.12 -34.64
N GLY G 304 16.07 -29.37 -35.38
CA GLY G 304 16.39 -28.99 -36.74
C GLY G 304 17.52 -28.02 -36.88
N PRO G 305 17.45 -26.83 -36.27
CA PRO G 305 18.54 -25.84 -36.42
C PRO G 305 19.88 -26.22 -35.78
N ASN G 306 19.97 -27.38 -35.11
CA ASN G 306 21.19 -27.88 -34.47
C ASN G 306 21.73 -26.88 -33.42
N ALA G 307 20.85 -26.46 -32.50
CA ALA G 307 21.21 -25.50 -31.43
C ALA G 307 21.87 -26.17 -30.21
N ILE G 308 21.43 -27.38 -29.83
CA ILE G 308 21.95 -28.14 -28.69
C ILE G 308 23.46 -28.27 -28.78
N ASP G 309 24.16 -27.78 -27.75
CA ASP G 309 25.62 -27.83 -27.67
C ASP G 309 26.04 -28.11 -26.23
N PHE G 310 26.51 -29.32 -25.95
CA PHE G 310 26.93 -29.72 -24.60
C PHE G 310 28.29 -29.10 -24.22
N ASP G 311 29.02 -28.55 -25.19
CA ASP G 311 30.33 -27.92 -24.94
C ASP G 311 30.20 -26.43 -24.53
N GLN G 312 28.98 -25.98 -24.16
CA GLN G 312 28.75 -24.58 -23.76
C GLN G 312 29.39 -24.27 -22.38
N GLU G 313 30.06 -23.11 -22.25
CA GLU G 313 30.73 -22.66 -21.02
C GLU G 313 30.07 -21.36 -20.51
N PRO G 314 29.85 -21.17 -19.20
CA PRO G 314 29.23 -19.91 -18.74
C PRO G 314 30.11 -18.68 -19.01
N GLU G 315 29.49 -17.58 -19.46
CA GLU G 315 30.19 -16.35 -19.79
C GLU G 315 30.08 -15.29 -18.69
N ILE G 316 31.21 -14.66 -18.32
CA ILE G 316 31.24 -13.62 -17.30
C ILE G 316 31.18 -12.29 -18.05
N ILE G 317 30.09 -11.53 -17.88
CA ILE G 317 29.94 -10.25 -18.56
C ILE G 317 30.24 -9.11 -17.62
N GLU G 318 31.21 -8.26 -17.99
CA GLU G 318 31.58 -7.12 -17.16
C GLU G 318 30.78 -5.93 -17.66
N ALA G 319 30.02 -5.28 -16.78
CA ALA G 319 29.21 -4.14 -17.16
C ALA G 319 29.35 -3.02 -16.14
N GLU G 320 29.26 -1.77 -16.62
CA GLU G 320 29.35 -0.61 -15.75
C GLU G 320 27.97 0.02 -15.65
N VAL G 321 27.48 0.22 -14.41
CA VAL G 321 26.16 0.80 -14.19
C VAL G 321 26.22 1.92 -13.16
N GLY G 322 25.24 2.80 -13.20
CA GLY G 322 25.16 3.92 -12.28
C GLY G 322 24.27 3.63 -11.09
N THR G 323 23.16 2.90 -11.31
CA THR G 323 22.22 2.55 -10.25
C THR G 323 21.82 1.08 -10.34
N ILE G 324 21.43 0.49 -9.20
CA ILE G 324 21.03 -0.91 -9.14
C ILE G 324 19.69 -1.04 -8.42
N ILE G 325 18.78 -1.85 -8.97
CA ILE G 325 17.47 -2.07 -8.37
C ILE G 325 17.34 -3.55 -8.04
N CYS G 326 17.16 -3.88 -6.75
CA CYS G 326 17.02 -5.25 -6.31
C CYS G 326 15.52 -5.60 -6.28
N ALA G 327 15.11 -6.57 -7.11
CA ALA G 327 13.71 -7.00 -7.20
C ALA G 327 13.66 -8.52 -7.31
N ILE G 328 14.40 -9.19 -6.41
CA ILE G 328 14.53 -10.65 -6.36
C ILE G 328 13.33 -11.41 -5.76
N GLY G 329 12.32 -10.70 -5.30
CA GLY G 329 11.10 -11.30 -4.75
C GLY G 329 11.13 -12.06 -3.45
N TYR G 330 10.36 -13.15 -3.41
CA TYR G 330 10.20 -13.97 -2.22
C TYR G 330 10.01 -15.45 -2.51
N ASP G 331 9.94 -16.24 -1.43
CA ASP G 331 9.73 -17.67 -1.46
C ASP G 331 8.56 -17.96 -0.55
N ALA G 332 7.86 -19.07 -0.79
CA ALA G 332 6.74 -19.44 0.05
C ALA G 332 7.29 -20.07 1.31
N PHE G 333 6.63 -19.84 2.44
CA PHE G 333 7.05 -20.40 3.72
C PHE G 333 6.92 -21.93 3.67
N ASP G 334 7.86 -22.65 4.29
CA ASP G 334 7.84 -24.11 4.32
C ASP G 334 7.05 -24.48 5.59
N PRO G 335 5.81 -25.02 5.44
CA PRO G 335 5.01 -25.36 6.62
C PRO G 335 5.31 -26.69 7.32
N THR G 336 6.43 -27.35 7.01
CA THR G 336 6.78 -28.62 7.66
C THR G 336 6.94 -28.41 9.18
N VAL G 337 7.56 -27.29 9.58
CA VAL G 337 7.80 -26.97 10.99
C VAL G 337 6.53 -26.98 11.84
N ARG G 338 5.38 -26.50 11.33
CA ARG G 338 4.13 -26.54 12.11
C ARG G 338 3.61 -27.97 11.92
N GLU G 339 4.24 -28.92 12.61
CA GLU G 339 3.96 -30.36 12.57
C GLU G 339 2.53 -30.76 12.86
N GLU G 340 1.82 -29.98 13.68
CA GLU G 340 0.41 -30.29 14.01
C GLU G 340 -0.48 -30.26 12.77
N TYR G 341 -0.05 -29.55 11.71
CA TYR G 341 -0.79 -29.45 10.46
C TYR G 341 -0.49 -30.60 9.49
N GLY G 342 0.58 -31.35 9.77
CA GLY G 342 0.97 -32.51 8.97
C GLY G 342 1.44 -32.31 7.55
N TYR G 343 2.03 -31.16 7.19
CA TYR G 343 2.51 -30.97 5.81
C TYR G 343 3.80 -31.79 5.67
N GLY G 344 3.91 -32.55 4.58
CA GLY G 344 5.08 -33.39 4.35
C GLY G 344 4.88 -34.77 4.93
N VAL G 345 3.79 -34.96 5.69
CA VAL G 345 3.41 -36.22 6.33
C VAL G 345 2.11 -36.69 5.66
N TYR G 346 1.10 -35.80 5.57
CA TYR G 346 -0.19 -36.13 4.96
C TYR G 346 -0.20 -35.75 3.47
N ASP G 347 -0.69 -36.66 2.63
CA ASP G 347 -0.75 -36.45 1.18
C ASP G 347 -1.71 -35.34 0.76
N ASN G 348 -2.87 -35.22 1.47
CA ASN G 348 -3.89 -34.20 1.15
C ASN G 348 -3.71 -32.84 1.84
N VAL G 349 -2.52 -32.56 2.38
CA VAL G 349 -2.25 -31.27 3.02
C VAL G 349 -1.32 -30.59 2.03
N VAL G 350 -1.78 -29.50 1.40
CA VAL G 350 -0.98 -28.78 0.41
C VAL G 350 -0.85 -27.32 0.77
N THR G 351 0.08 -26.62 0.11
CA THR G 351 0.28 -25.19 0.36
C THR G 351 -0.57 -24.48 -0.67
N ALA G 352 -0.77 -23.17 -0.50
CA ALA G 352 -1.56 -22.40 -1.44
C ALA G 352 -0.84 -22.26 -2.78
N LEU G 353 0.51 -22.15 -2.76
CA LEU G 353 1.26 -22.01 -4.01
C LEU G 353 1.17 -23.31 -4.84
N GLU G 354 1.04 -24.47 -4.16
CA GLU G 354 0.91 -25.76 -4.85
C GLU G 354 -0.48 -25.82 -5.47
N LEU G 355 -1.49 -25.25 -4.76
CA LEU G 355 -2.86 -25.22 -5.25
C LEU G 355 -2.93 -24.35 -6.51
N GLU G 356 -2.16 -23.25 -6.54
CA GLU G 356 -2.12 -22.37 -7.71
C GLU G 356 -1.72 -23.18 -8.93
N ARG G 357 -0.71 -24.05 -8.79
CA ARG G 357 -0.24 -24.89 -9.90
C ARG G 357 -1.32 -25.90 -10.27
N MET G 358 -2.01 -26.48 -9.29
CA MET G 358 -3.07 -27.45 -9.54
C MET G 358 -4.27 -26.82 -10.25
N ILE G 359 -4.65 -25.60 -9.83
CA ILE G 359 -5.78 -24.89 -10.43
C ILE G 359 -5.44 -24.36 -11.82
N ASN G 360 -4.16 -23.99 -12.05
CA ASN G 360 -3.72 -23.46 -13.33
C ASN G 360 -3.96 -24.41 -14.48
N ALA G 361 -4.52 -23.88 -15.58
CA ALA G 361 -4.82 -24.67 -16.77
C ALA G 361 -3.59 -25.35 -17.36
N SER G 362 -2.45 -24.64 -17.37
CA SER G 362 -1.19 -25.16 -17.91
C SER G 362 -0.37 -25.92 -16.86
N GLY G 363 -1.00 -26.22 -15.72
CA GLY G 363 -0.35 -26.91 -14.62
C GLY G 363 -0.15 -28.40 -14.84
N PRO G 364 0.38 -29.09 -13.82
CA PRO G 364 0.61 -30.53 -13.94
C PRO G 364 -0.65 -31.40 -13.96
N THR G 365 -1.74 -30.92 -13.34
CA THR G 365 -3.00 -31.68 -13.29
C THR G 365 -3.99 -31.23 -14.39
N GLY G 366 -3.56 -30.35 -15.29
CA GLY G 366 -4.41 -29.87 -16.36
C GLY G 366 -5.51 -28.94 -15.87
N GLY G 367 -5.24 -28.24 -14.77
CA GLY G 367 -6.20 -27.31 -14.18
C GLY G 367 -7.25 -27.97 -13.32
N LYS G 368 -6.99 -29.22 -12.88
CA LYS G 368 -7.93 -29.95 -12.03
C LYS G 368 -7.42 -30.07 -10.60
N VAL G 369 -8.23 -29.65 -9.64
CA VAL G 369 -7.87 -29.72 -8.23
C VAL G 369 -8.12 -31.17 -7.83
N ILE G 370 -7.05 -31.92 -7.51
CA ILE G 370 -7.18 -33.32 -7.13
C ILE G 370 -6.33 -33.68 -5.91
N ARG G 371 -6.80 -34.68 -5.16
CA ARG G 371 -6.11 -35.17 -3.97
C ARG G 371 -4.85 -35.91 -4.44
N LEU G 372 -3.71 -35.67 -3.80
CA LEU G 372 -2.45 -36.33 -4.18
C LEU G 372 -2.38 -37.79 -3.73
N SER G 373 -3.29 -38.23 -2.85
CA SER G 373 -3.31 -39.60 -2.34
C SER G 373 -4.01 -40.58 -3.30
N ASP G 374 -5.11 -40.16 -3.95
CA ASP G 374 -5.87 -41.02 -4.86
C ASP G 374 -6.26 -40.38 -6.21
N GLY G 375 -5.87 -39.13 -6.45
CA GLY G 375 -6.20 -38.45 -7.70
C GLY G 375 -7.65 -38.05 -7.86
N GLN G 376 -8.43 -38.12 -6.78
CA GLN G 376 -9.85 -37.76 -6.84
C GLN G 376 -10.00 -36.27 -6.58
N LYS G 377 -11.11 -35.70 -7.00
CA LYS G 377 -11.36 -34.29 -6.81
C LYS G 377 -12.04 -34.08 -5.43
N PRO G 378 -11.52 -33.16 -4.62
CA PRO G 378 -12.12 -32.93 -3.29
C PRO G 378 -13.49 -32.26 -3.28
N LYS G 379 -14.41 -32.77 -2.46
CA LYS G 379 -15.77 -32.22 -2.33
C LYS G 379 -15.83 -31.20 -1.20
N ARG G 380 -14.90 -31.28 -0.24
CA ARG G 380 -14.83 -30.38 0.91
C ARG G 380 -13.40 -29.88 1.04
N ILE G 381 -13.19 -28.56 1.08
CA ILE G 381 -11.84 -28.00 1.20
C ILE G 381 -11.74 -27.03 2.36
N ALA G 382 -10.63 -27.06 3.09
CA ALA G 382 -10.41 -26.14 4.20
C ALA G 382 -9.17 -25.34 3.96
N PHE G 383 -9.25 -24.02 4.17
CA PHE G 383 -8.11 -23.14 3.99
C PHE G 383 -7.70 -22.77 5.40
N ILE G 384 -6.40 -22.83 5.71
CA ILE G 384 -5.90 -22.47 7.03
C ILE G 384 -5.04 -21.23 6.86
N GLN G 385 -5.50 -20.10 7.40
CA GLN G 385 -4.79 -18.82 7.29
C GLN G 385 -3.62 -18.64 8.24
N CYS G 386 -2.78 -17.65 7.94
CA CYS G 386 -1.60 -17.25 8.72
C CYS G 386 -0.58 -18.37 8.96
N VAL G 387 -0.41 -19.29 7.99
CA VAL G 387 0.56 -20.38 8.17
C VAL G 387 1.96 -19.81 7.90
N GLY G 388 2.76 -19.70 8.96
CA GLY G 388 4.11 -19.15 8.86
C GLY G 388 4.14 -17.64 9.02
N SER G 389 3.04 -17.05 9.48
CA SER G 389 2.92 -15.60 9.67
C SER G 389 2.25 -15.33 11.00
N ARG G 390 2.46 -14.13 11.59
CA ARG G 390 1.85 -13.79 12.87
C ARG G 390 2.07 -14.94 13.85
N ASP G 391 3.25 -15.57 13.82
CA ASP G 391 3.56 -16.71 14.67
C ASP G 391 5.00 -16.64 15.22
N ALA G 392 5.13 -16.45 16.54
CA ALA G 392 6.42 -16.35 17.21
C ALA G 392 7.16 -17.69 17.27
N LYS G 393 6.43 -18.81 17.22
CA LYS G 393 7.05 -20.14 17.28
C LYS G 393 7.90 -20.47 16.06
N VAL G 394 7.59 -19.88 14.90
CA VAL G 394 8.38 -20.11 13.68
C VAL G 394 9.29 -18.90 13.39
N GLY G 395 9.28 -17.93 14.30
CA GLY G 395 10.11 -16.72 14.19
C GLY G 395 9.59 -15.70 13.20
N ASN G 396 8.33 -15.83 12.75
CA ASN G 396 7.73 -14.89 11.79
C ASN G 396 6.56 -14.20 12.46
N LYS G 397 6.83 -13.04 13.09
CA LYS G 397 5.83 -12.25 13.81
C LYS G 397 5.18 -11.17 12.93
N TYR G 398 5.22 -11.32 11.62
CA TYR G 398 4.65 -10.34 10.71
C TYR G 398 3.49 -10.90 9.92
N CYS G 399 2.72 -10.00 9.29
CA CYS G 399 1.59 -10.35 8.45
C CYS G 399 2.14 -10.51 7.06
N SER G 400 1.86 -11.64 6.38
CA SER G 400 2.38 -11.83 5.01
C SER G 400 1.57 -11.08 3.94
N ASN G 401 0.62 -10.23 4.36
CA ASN G 401 -0.18 -9.35 3.52
C ASN G 401 -1.16 -9.91 2.48
N VAL G 402 -0.78 -10.92 1.69
CA VAL G 402 -1.61 -11.46 0.62
C VAL G 402 -2.41 -12.73 0.87
N CYS G 403 -2.10 -13.49 1.92
CA CYS G 403 -2.77 -14.76 2.15
C CYS G 403 -4.31 -14.71 2.37
N CYS G 404 -4.88 -13.64 2.95
CA CYS G 404 -6.34 -13.57 3.12
C CYS G 404 -6.98 -13.49 1.75
N MET G 405 -6.46 -12.58 0.92
CA MET G 405 -6.98 -12.36 -0.43
C MET G 405 -6.78 -13.53 -1.38
N TYR G 406 -5.61 -14.21 -1.38
CA TYR G 406 -5.47 -15.32 -2.32
C TYR G 406 -6.29 -16.53 -1.92
N ALA G 407 -6.57 -16.71 -0.61
CA ALA G 407 -7.38 -17.84 -0.14
C ALA G 407 -8.80 -17.65 -0.63
N MET G 408 -9.31 -16.42 -0.52
CA MET G 408 -10.67 -16.09 -0.98
C MET G 408 -10.76 -16.18 -2.50
N LYS G 409 -9.69 -15.75 -3.19
CA LYS G 409 -9.63 -15.79 -4.66
C LYS G 409 -9.64 -17.23 -5.17
N ASN G 410 -8.75 -18.09 -4.61
CA ASN G 410 -8.71 -19.49 -5.04
C ASN G 410 -10.00 -20.20 -4.68
N SER G 411 -10.66 -19.79 -3.59
CA SER G 411 -11.92 -20.42 -3.19
C SER G 411 -13.00 -20.09 -4.24
N GLN G 412 -13.01 -18.82 -4.75
CA GLN G 412 -13.97 -18.38 -5.78
C GLN G 412 -13.76 -19.15 -7.06
N LEU G 413 -12.49 -19.37 -7.41
CA LEU G 413 -12.07 -20.09 -8.60
C LEU G 413 -12.48 -21.59 -8.53
N ILE G 414 -12.38 -22.23 -7.34
CA ILE G 414 -12.77 -23.64 -7.18
C ILE G 414 -14.29 -23.72 -7.31
N LYS G 415 -15.02 -22.76 -6.71
CA LYS G 415 -16.49 -22.73 -6.78
C LYS G 415 -16.95 -22.58 -8.24
N GLU G 416 -16.21 -21.81 -9.05
CA GLU G 416 -16.56 -21.61 -10.47
C GLU G 416 -16.42 -22.91 -11.23
N LYS G 417 -15.34 -23.65 -10.95
CA LYS G 417 -15.07 -24.92 -11.63
C LYS G 417 -15.96 -26.04 -11.10
N SER G 418 -16.31 -25.99 -9.80
CA SER G 418 -17.15 -27.01 -9.16
C SER G 418 -18.01 -26.33 -8.07
N PRO G 419 -19.24 -25.88 -8.41
CA PRO G 419 -20.09 -25.21 -7.40
C PRO G 419 -20.50 -26.06 -6.21
N ASP G 420 -20.58 -27.38 -6.37
CA ASP G 420 -20.97 -28.29 -5.29
C ASP G 420 -19.95 -28.32 -4.15
N THR G 421 -18.69 -27.94 -4.43
CA THR G 421 -17.63 -27.94 -3.43
C THR G 421 -17.95 -27.07 -2.23
N GLU G 422 -17.65 -27.58 -1.04
CA GLU G 422 -17.87 -26.89 0.21
C GLU G 422 -16.51 -26.29 0.60
N ILE G 423 -16.44 -24.99 0.85
CA ILE G 423 -15.16 -24.38 1.23
C ILE G 423 -15.28 -23.57 2.49
N ASP G 424 -14.39 -23.86 3.45
CA ASP G 424 -14.36 -23.17 4.74
C ASP G 424 -12.99 -22.54 4.90
N ILE G 425 -12.94 -21.29 5.34
CA ILE G 425 -11.68 -20.57 5.55
C ILE G 425 -11.51 -20.33 7.05
N TYR G 426 -10.46 -20.91 7.65
CA TYR G 426 -10.16 -20.78 9.09
C TYR G 426 -9.23 -19.60 9.27
N TYR G 427 -9.75 -18.50 9.83
CA TYR G 427 -9.00 -17.27 10.01
C TYR G 427 -9.06 -16.65 11.42
N MET G 428 -8.30 -15.56 11.60
CA MET G 428 -8.23 -14.77 12.83
C MET G 428 -8.78 -13.39 12.46
N ASP G 429 -8.22 -12.78 11.41
CA ASP G 429 -8.65 -11.48 10.87
C ASP G 429 -8.65 -11.60 9.35
N ILE G 430 -9.69 -11.10 8.69
CA ILE G 430 -9.71 -11.13 7.23
C ILE G 430 -9.10 -9.79 6.86
N ARG G 431 -7.96 -9.81 6.18
CA ARG G 431 -7.28 -8.58 5.79
C ARG G 431 -7.46 -8.29 4.30
N ALA G 432 -8.54 -7.53 4.01
CA ALA G 432 -8.98 -7.09 2.67
C ALA G 432 -9.00 -5.57 2.78
N PHE G 433 -7.80 -5.01 2.88
CA PHE G 433 -7.49 -3.60 3.10
C PHE G 433 -7.36 -2.64 1.92
N SER G 434 -7.21 -3.10 0.68
CA SER G 434 -7.07 -2.15 -0.44
C SER G 434 -8.34 -2.00 -1.32
N LYS G 435 -8.19 -1.26 -2.45
CA LYS G 435 -9.27 -0.98 -3.40
C LYS G 435 -9.92 -2.23 -3.99
N GLY G 436 -11.22 -2.39 -3.73
CA GLY G 436 -11.98 -3.54 -4.22
C GLY G 436 -11.73 -4.82 -3.44
N TYR G 437 -10.91 -4.77 -2.37
CA TYR G 437 -10.61 -5.97 -1.56
C TYR G 437 -11.75 -6.35 -0.63
N GLU G 438 -12.30 -5.38 0.11
CA GLU G 438 -13.41 -5.64 1.03
C GLU G 438 -14.62 -6.15 0.22
N GLU G 439 -14.80 -5.57 -0.97
CA GLU G 439 -15.89 -5.94 -1.88
C GLU G 439 -15.69 -7.39 -2.36
N PHE G 440 -14.42 -7.78 -2.61
CA PHE G 440 -14.03 -9.12 -3.04
C PHE G 440 -14.39 -10.11 -1.93
N TYR G 441 -14.16 -9.70 -0.68
CA TYR G 441 -14.45 -10.49 0.53
C TYR G 441 -15.97 -10.66 0.67
N GLU G 442 -16.72 -9.57 0.46
CA GLU G 442 -18.19 -9.61 0.55
C GLU G 442 -18.71 -10.57 -0.51
N ARG G 443 -18.18 -10.46 -1.72
CA ARG G 443 -18.54 -11.26 -2.89
C ARG G 443 -18.29 -12.76 -2.67
N SER G 444 -17.13 -13.09 -2.07
CA SER G 444 -16.75 -14.48 -1.78
C SER G 444 -17.82 -15.18 -0.94
N ALA G 445 -18.35 -14.48 0.06
CA ALA G 445 -19.37 -15.03 0.95
C ALA G 445 -20.77 -15.00 0.31
N LYS G 446 -21.19 -13.81 -0.17
CA LYS G 446 -22.51 -13.59 -0.77
C LYS G 446 -22.75 -14.29 -2.09
N GLN G 447 -21.83 -14.17 -3.04
CA GLN G 447 -22.01 -14.79 -4.36
C GLN G 447 -21.55 -16.23 -4.44
N TYR G 448 -20.34 -16.53 -3.93
CA TYR G 448 -19.77 -17.88 -4.00
C TYR G 448 -20.08 -18.81 -2.82
N GLY G 449 -20.73 -18.31 -1.78
CA GLY G 449 -21.06 -19.14 -0.63
C GLY G 449 -19.86 -19.68 0.13
N ILE G 450 -18.73 -18.96 0.11
CA ILE G 450 -17.53 -19.39 0.81
C ILE G 450 -17.77 -19.12 2.29
N LYS G 451 -17.46 -20.10 3.16
CA LYS G 451 -17.68 -19.95 4.60
C LYS G 451 -16.44 -19.53 5.35
N PHE G 452 -16.61 -18.72 6.38
CA PHE G 452 -15.50 -18.23 7.18
C PHE G 452 -15.67 -18.68 8.63
N MET G 453 -14.63 -19.29 9.19
CA MET G 453 -14.64 -19.79 10.55
C MET G 453 -13.58 -19.00 11.32
N ARG G 454 -13.98 -18.13 12.27
CA ARG G 454 -12.98 -17.37 13.02
C ARG G 454 -12.39 -18.30 14.08
N GLY G 455 -11.19 -18.78 13.82
CA GLY G 455 -10.50 -19.68 14.72
C GLY G 455 -9.27 -20.27 14.06
N ARG G 456 -8.09 -20.04 14.66
CA ARG G 456 -6.84 -20.56 14.11
C ARG G 456 -6.76 -22.04 14.52
N PRO G 457 -6.76 -22.98 13.56
CA PRO G 457 -6.71 -24.40 13.93
C PRO G 457 -5.55 -24.82 14.82
N SER G 458 -5.84 -25.72 15.77
CA SER G 458 -4.84 -26.24 16.71
C SER G 458 -4.05 -27.34 16.02
N GLN G 459 -4.71 -28.19 15.24
CA GLN G 459 -4.04 -29.28 14.54
C GLN G 459 -4.92 -29.89 13.44
N VAL G 460 -4.28 -30.68 12.58
CA VAL G 460 -4.93 -31.39 11.48
C VAL G 460 -4.66 -32.87 11.74
N ILE G 461 -5.69 -33.72 11.66
CA ILE G 461 -5.51 -35.16 11.90
C ILE G 461 -5.96 -35.92 10.67
N GLU G 462 -5.09 -36.76 10.13
CA GLU G 462 -5.38 -37.55 8.94
C GLU G 462 -5.97 -38.89 9.29
N ASP G 463 -6.89 -39.38 8.45
CA ASP G 463 -7.49 -40.69 8.63
C ASP G 463 -6.55 -41.51 7.73
N PRO G 464 -5.69 -42.39 8.28
CA PRO G 464 -4.76 -43.14 7.41
C PRO G 464 -5.42 -44.04 6.39
N GLU G 465 -6.64 -44.40 6.65
CA GLU G 465 -7.38 -45.27 5.80
C GLU G 465 -8.06 -44.60 4.60
N THR G 466 -8.57 -43.37 4.75
CA THR G 466 -9.22 -42.66 3.64
C THR G 466 -8.37 -41.52 3.07
N GLY G 467 -7.47 -40.97 3.88
CA GLY G 467 -6.63 -39.86 3.47
C GLY G 467 -7.30 -38.54 3.76
N ASN G 468 -8.55 -38.59 4.27
CA ASN G 468 -9.32 -37.40 4.61
C ASN G 468 -8.70 -36.77 5.83
N LEU G 469 -8.87 -35.47 5.98
CA LEU G 469 -8.30 -34.76 7.12
C LEU G 469 -9.35 -34.13 7.98
N VAL G 470 -9.08 -34.07 9.28
CA VAL G 470 -9.98 -33.47 10.24
C VAL G 470 -9.28 -32.24 10.76
N VAL G 471 -9.96 -31.09 10.80
CA VAL G 471 -9.37 -29.85 11.28
C VAL G 471 -9.93 -29.55 12.65
N ARG G 472 -9.05 -29.51 13.68
CA ARG G 472 -9.46 -29.23 15.05
C ARG G 472 -9.28 -27.75 15.26
N ALA G 473 -10.36 -27.05 15.59
CA ALA G 473 -10.28 -25.62 15.79
C ALA G 473 -11.46 -25.15 16.59
N GLU G 474 -11.29 -24.07 17.32
CA GLU G 474 -12.39 -23.53 18.10
C GLU G 474 -13.09 -22.49 17.26
N ASP G 475 -14.41 -22.53 17.18
CA ASP G 475 -15.14 -21.52 16.44
C ASP G 475 -15.29 -20.46 17.52
N THR G 476 -14.37 -19.49 17.56
CA THR G 476 -14.36 -18.43 18.57
C THR G 476 -15.64 -17.62 18.60
N LEU G 477 -16.37 -17.53 17.46
CA LEU G 477 -17.61 -16.76 17.40
C LEU G 477 -18.80 -17.52 18.01
N LEU G 478 -18.59 -18.81 18.37
CA LEU G 478 -19.62 -19.63 19.02
C LEU G 478 -19.14 -20.16 20.39
N GLY G 479 -17.82 -20.14 20.62
CA GLY G 479 -17.26 -20.64 21.87
C GLY G 479 -17.39 -22.14 21.96
N GLU G 480 -17.26 -22.82 20.81
CA GLU G 480 -17.38 -24.26 20.71
C GLU G 480 -16.27 -24.82 19.84
N ILE G 481 -15.84 -26.06 20.13
CA ILE G 481 -14.77 -26.71 19.37
C ILE G 481 -15.36 -27.42 18.16
N LEU G 482 -14.75 -27.21 16.98
CA LEU G 482 -15.19 -27.83 15.74
C LEU G 482 -14.20 -28.92 15.38
N GLU G 483 -14.68 -29.97 14.75
CA GLU G 483 -13.85 -31.09 14.31
C GLU G 483 -14.42 -31.56 12.97
N LYS G 484 -14.43 -30.65 11.98
CA LYS G 484 -14.95 -30.92 10.65
C LYS G 484 -13.98 -31.68 9.78
N GLU G 485 -14.50 -32.59 8.96
CA GLU G 485 -13.72 -33.41 8.05
C GLU G 485 -13.65 -32.78 6.65
N TYR G 486 -12.48 -32.91 5.99
CA TYR G 486 -12.27 -32.38 4.66
C TYR G 486 -11.54 -33.37 3.77
N ASP G 487 -11.69 -33.17 2.47
CA ASP G 487 -11.06 -34.02 1.46
C ASP G 487 -9.68 -33.45 1.11
N LEU G 488 -9.49 -32.14 1.34
CA LEU G 488 -8.23 -31.47 1.07
C LEU G 488 -8.06 -30.30 2.03
N VAL G 489 -6.85 -30.10 2.56
CA VAL G 489 -6.57 -29.00 3.47
C VAL G 489 -5.52 -28.14 2.78
N VAL G 490 -5.81 -26.85 2.61
CA VAL G 490 -4.88 -25.94 1.96
C VAL G 490 -4.30 -24.99 2.99
N LEU G 491 -2.99 -24.99 3.13
CA LEU G 491 -2.30 -24.13 4.07
C LEU G 491 -1.95 -22.82 3.40
N SER G 492 -2.55 -21.71 3.86
CA SER G 492 -2.26 -20.41 3.28
C SER G 492 -0.93 -19.92 3.81
N VAL G 493 0.15 -20.46 3.22
CA VAL G 493 1.53 -20.14 3.59
C VAL G 493 1.90 -18.68 3.38
N GLY G 494 2.72 -18.15 4.28
CA GLY G 494 3.17 -16.76 4.23
C GLY G 494 4.35 -16.59 3.30
N MET G 495 4.93 -15.40 3.31
CA MET G 495 6.07 -15.08 2.45
C MET G 495 7.34 -15.00 3.28
N VAL G 496 8.44 -15.47 2.71
CA VAL G 496 9.74 -15.41 3.36
C VAL G 496 10.72 -14.88 2.30
N PRO G 497 11.88 -14.32 2.69
CA PRO G 497 12.81 -13.84 1.67
C PRO G 497 13.27 -15.01 0.80
N THR G 498 13.63 -14.75 -0.46
CA THR G 498 14.07 -15.83 -1.35
C THR G 498 15.41 -16.42 -0.86
N LYS G 499 15.67 -17.71 -1.18
CA LYS G 499 16.90 -18.43 -0.77
C LYS G 499 18.20 -17.71 -1.14
N SER G 500 18.23 -17.01 -2.29
CA SER G 500 19.40 -16.29 -2.76
C SER G 500 19.58 -14.92 -2.09
N ALA G 501 18.59 -14.46 -1.30
CA ALA G 501 18.66 -13.16 -0.63
C ALA G 501 19.96 -12.93 0.13
N ASP G 502 20.51 -13.96 0.77
CA ASP G 502 21.77 -13.82 1.51
C ASP G 502 22.90 -13.45 0.57
N GLU G 503 22.99 -14.14 -0.58
CA GLU G 503 24.03 -13.88 -1.57
C GLU G 503 23.93 -12.44 -2.10
N VAL G 504 22.71 -12.01 -2.47
CA VAL G 504 22.45 -10.68 -3.01
C VAL G 504 22.77 -9.59 -1.97
N GLN G 505 22.44 -9.85 -0.70
CA GLN G 505 22.70 -8.90 0.40
C GLN G 505 24.19 -8.58 0.50
N LYS G 506 25.02 -9.61 0.48
CA LYS G 506 26.48 -9.47 0.56
C LYS G 506 27.07 -8.77 -0.64
N ILE G 507 26.55 -9.06 -1.84
CA ILE G 507 27.02 -8.44 -3.07
C ILE G 507 26.67 -6.95 -3.14
N LEU G 508 25.43 -6.57 -2.75
CA LEU G 508 25.01 -5.17 -2.78
C LEU G 508 25.37 -4.37 -1.52
N GLY G 509 25.60 -5.05 -0.41
CA GLY G 509 25.93 -4.37 0.83
C GLY G 509 24.72 -3.64 1.39
N ILE G 510 23.58 -4.34 1.48
CA ILE G 510 22.35 -3.75 1.98
C ILE G 510 21.93 -4.45 3.25
N SER G 511 21.05 -3.84 4.04
CA SER G 511 20.60 -4.39 5.30
C SER G 511 19.22 -5.04 5.23
N ARG G 512 18.87 -5.75 6.30
CA ARG G 512 17.59 -6.44 6.43
C ARG G 512 16.83 -5.93 7.65
N THR G 513 15.50 -5.92 7.56
CA THR G 513 14.62 -5.49 8.64
C THR G 513 14.33 -6.72 9.50
N PRO G 514 13.71 -6.58 10.69
CA PRO G 514 13.42 -7.75 11.53
C PRO G 514 12.69 -8.91 10.83
N ASP G 515 11.88 -8.63 9.80
CA ASP G 515 11.15 -9.66 9.05
C ASP G 515 12.07 -10.46 8.09
N GLN G 516 13.36 -10.08 8.01
CA GLN G 516 14.39 -10.71 7.15
C GLN G 516 14.33 -10.23 5.71
N PHE G 517 13.42 -9.32 5.37
CA PHE G 517 13.32 -8.79 4.02
C PHE G 517 14.28 -7.60 3.95
N PHE G 518 14.47 -6.99 2.77
CA PHE G 518 15.41 -5.87 2.67
C PHE G 518 14.91 -4.60 3.31
N MET G 519 15.83 -3.87 3.93
CA MET G 519 15.56 -2.62 4.63
C MET G 519 15.59 -1.40 3.74
N GLU G 520 14.48 -0.65 3.74
CA GLU G 520 14.36 0.58 2.96
C GLU G 520 15.03 1.70 3.78
N ALA G 521 15.48 2.79 3.12
CA ALA G 521 16.14 3.89 3.82
C ALA G 521 15.27 4.47 4.91
N HIS G 522 13.98 4.65 4.61
CA HIS G 522 13.03 5.16 5.58
C HIS G 522 11.65 4.62 5.25
N PRO G 523 10.92 4.11 6.26
CA PRO G 523 9.60 3.55 5.97
C PRO G 523 8.58 4.49 5.36
N LYS G 524 8.58 5.74 5.83
CA LYS G 524 7.62 6.75 5.39
C LYS G 524 7.98 7.51 4.14
N LEU G 525 9.19 8.14 4.09
CA LEU G 525 9.59 8.97 2.95
C LEU G 525 10.50 8.34 1.87
N ARG G 526 11.27 7.28 2.15
CA ARG G 526 12.09 6.68 1.09
C ARG G 526 11.77 5.17 1.06
N PRO G 527 10.54 4.80 0.66
CA PRO G 527 10.18 3.38 0.66
C PRO G 527 10.89 2.45 -0.34
N VAL G 528 11.55 2.98 -1.38
CA VAL G 528 12.25 2.13 -2.35
C VAL G 528 13.77 2.37 -2.39
N ASP G 529 14.27 3.27 -1.55
CA ASP G 529 15.71 3.55 -1.51
C ASP G 529 16.31 2.73 -0.38
N THR G 530 17.63 2.56 -0.38
CA THR G 530 18.33 1.85 0.68
C THR G 530 19.30 2.87 1.21
N ALA G 531 19.92 2.60 2.36
CA ALA G 531 20.89 3.54 2.94
C ALA G 531 22.18 3.56 2.09
N THR G 532 22.35 2.57 1.20
CA THR G 532 23.49 2.46 0.30
C THR G 532 23.12 3.27 -0.96
N ASP G 533 23.80 4.41 -1.20
CA ASP G 533 23.49 5.25 -2.37
C ASP G 533 23.59 4.48 -3.69
N GLY G 534 22.62 4.72 -4.57
CA GLY G 534 22.57 4.07 -5.87
C GLY G 534 21.96 2.68 -5.88
N VAL G 535 21.55 2.16 -4.70
CA VAL G 535 20.95 0.83 -4.62
C VAL G 535 19.50 1.03 -4.16
N TYR G 536 18.55 0.47 -4.92
CA TYR G 536 17.12 0.60 -4.64
C TYR G 536 16.43 -0.75 -4.54
N LEU G 537 15.17 -0.75 -4.07
CA LEU G 537 14.37 -1.96 -3.90
C LEU G 537 13.03 -1.84 -4.61
N ALA G 538 12.45 -2.99 -4.96
CA ALA G 538 11.15 -3.04 -5.62
C ALA G 538 10.54 -4.44 -5.51
N GLY G 539 9.29 -4.52 -5.11
CA GLY G 539 8.59 -5.79 -4.98
C GLY G 539 8.66 -6.46 -3.63
N ALA G 540 8.24 -7.74 -3.59
CA ALA G 540 8.20 -8.58 -2.39
C ALA G 540 9.55 -8.75 -1.63
N CYS G 541 10.73 -8.50 -2.28
CA CYS G 541 12.01 -8.65 -1.57
C CYS G 541 12.17 -7.55 -0.48
N GLN G 542 11.39 -6.46 -0.60
CA GLN G 542 11.41 -5.37 0.37
C GLN G 542 10.41 -5.65 1.51
N GLY G 543 9.45 -6.54 1.28
CA GLY G 543 8.46 -6.91 2.29
C GLY G 543 7.23 -7.55 1.66
N PRO G 544 6.49 -8.40 2.40
CA PRO G 544 5.29 -9.03 1.80
C PRO G 544 4.29 -8.03 1.26
N LYS G 545 3.91 -8.18 -0.02
CA LYS G 545 2.97 -7.28 -0.67
C LYS G 545 2.43 -7.92 -1.94
N ASP G 546 1.33 -7.37 -2.48
CA ASP G 546 0.68 -7.89 -3.70
C ASP G 546 1.22 -7.28 -5.02
N ILE G 547 0.65 -7.72 -6.16
CA ILE G 547 1.04 -7.27 -7.52
C ILE G 547 0.83 -5.76 -7.69
N PRO G 548 -0.35 -5.19 -7.38
CA PRO G 548 -0.51 -3.73 -7.54
C PRO G 548 0.59 -2.94 -6.81
N ALA G 549 0.96 -3.37 -5.58
CA ALA G 549 2.00 -2.71 -4.80
C ALA G 549 3.40 -2.96 -5.38
N SER G 550 3.65 -4.19 -5.89
CA SER G 550 4.95 -4.52 -6.48
C SER G 550 5.15 -3.77 -7.78
N VAL G 551 4.07 -3.58 -8.56
CA VAL G 551 4.14 -2.85 -9.83
C VAL G 551 4.40 -1.36 -9.54
N ALA G 552 3.69 -0.80 -8.56
CA ALA G 552 3.87 0.61 -8.17
C ALA G 552 5.29 0.80 -7.63
N GLN G 553 5.82 -0.18 -6.88
CA GLN G 553 7.18 -0.09 -6.35
C GLN G 553 8.19 -0.17 -7.47
N GLY G 554 7.88 -0.95 -8.50
CA GLY G 554 8.76 -1.08 -9.64
C GLY G 554 8.88 0.27 -10.34
N SER G 555 7.75 0.97 -10.48
CA SER G 555 7.72 2.30 -11.11
C SER G 555 8.37 3.33 -10.19
N ALA G 556 8.15 3.22 -8.88
CA ALA G 556 8.74 4.14 -7.91
C ALA G 556 10.26 4.01 -7.96
N ALA G 557 10.77 2.77 -8.01
CA ALA G 557 12.22 2.52 -8.06
C ALA G 557 12.84 3.07 -9.34
N ALA G 558 12.12 3.00 -10.47
CA ALA G 558 12.60 3.52 -11.76
C ALA G 558 12.82 5.02 -11.64
N SER G 559 11.85 5.73 -11.05
CA SER G 559 11.92 7.19 -10.86
C SER G 559 13.10 7.55 -9.97
N ARG G 560 13.22 6.87 -8.82
CA ARG G 560 14.30 7.14 -7.87
C ARG G 560 15.67 6.80 -8.46
N ALA G 561 15.78 5.67 -9.16
CA ALA G 561 17.04 5.26 -9.78
C ALA G 561 17.35 6.14 -11.02
N ALA G 562 16.33 6.83 -11.58
CA ALA G 562 16.53 7.70 -12.74
C ALA G 562 17.06 9.08 -12.34
N ILE G 563 16.94 9.46 -11.05
CA ILE G 563 17.42 10.75 -10.59
C ILE G 563 18.94 10.89 -10.77
N PRO G 564 19.78 10.00 -10.21
CA PRO G 564 21.23 10.14 -10.42
C PRO G 564 21.60 10.06 -11.89
N LEU G 565 20.95 9.16 -12.65
CA LEU G 565 21.23 8.98 -14.08
C LEU G 565 20.93 10.27 -14.82
N ALA G 566 19.77 10.86 -14.57
CA ALA G 566 19.36 12.10 -15.23
C ALA G 566 20.28 13.26 -14.84
N LYS G 567 20.70 13.32 -13.57
CA LYS G 567 21.60 14.36 -13.09
C LYS G 567 22.99 14.25 -13.75
N GLY G 568 23.48 13.02 -13.91
CA GLY G 568 24.78 12.77 -14.52
C GLY G 568 25.93 13.01 -13.55
N GLU G 569 25.63 13.52 -12.34
CA GLU G 569 26.64 13.80 -11.32
C GLU G 569 26.01 13.65 -9.94
N VAL G 570 26.71 12.98 -9.03
CA VAL G 570 26.22 12.76 -7.66
C VAL G 570 27.32 13.13 -6.67
N GLU G 571 26.95 13.47 -5.44
CA GLU G 571 27.91 13.84 -4.41
C GLU G 571 28.09 12.72 -3.39
N VAL G 572 29.31 12.60 -2.84
CA VAL G 572 29.64 11.60 -1.85
C VAL G 572 30.12 12.30 -0.57
N GLU G 573 29.67 11.80 0.60
CA GLU G 573 30.04 12.37 1.90
C GLU G 573 31.56 12.46 2.10
N PRO G 574 32.05 13.63 2.58
CA PRO G 574 33.49 13.77 2.79
C PRO G 574 34.01 13.22 4.13
N ILE G 575 33.17 12.48 4.90
CA ILE G 575 33.60 11.91 6.19
C ILE G 575 34.44 10.65 5.89
N ILE G 576 35.50 10.80 5.07
CA ILE G 576 36.38 9.70 4.66
C ILE G 576 37.76 9.69 5.29
N ALA G 577 38.50 8.59 5.06
CA ALA G 577 39.85 8.42 5.58
C ALA G 577 40.91 8.94 4.60
N SER G 578 42.01 9.48 5.13
CA SER G 578 43.11 10.01 4.32
C SER G 578 44.42 9.82 5.10
N VAL G 579 45.53 9.57 4.39
CA VAL G 579 46.84 9.34 5.02
C VAL G 579 47.74 10.58 5.04
N ASP G 580 48.36 10.86 6.19
CA ASP G 580 49.29 11.98 6.33
C ASP G 580 50.64 11.38 5.92
N ALA G 581 51.06 11.65 4.67
CA ALA G 581 52.32 11.12 4.12
C ALA G 581 53.55 11.36 4.98
N GLU G 582 53.61 12.50 5.70
CA GLU G 582 54.76 12.81 6.57
C GLU G 582 54.86 11.90 7.78
N ILE G 583 53.76 11.24 8.19
CA ILE G 583 53.76 10.35 9.36
C ILE G 583 53.71 8.86 8.95
N CYS G 584 53.08 8.51 7.82
CA CYS G 584 53.00 7.12 7.40
C CYS G 584 54.33 6.56 6.91
N GLY G 585 54.79 5.48 7.53
CA GLY G 585 56.02 4.79 7.18
C GLY G 585 55.73 3.51 6.41
N GLY G 586 54.51 3.40 5.87
CA GLY G 586 54.06 2.25 5.10
C GLY G 586 54.11 0.92 5.84
N CYS G 587 53.47 0.84 7.01
CA CYS G 587 53.46 -0.42 7.76
C CYS G 587 52.52 -1.47 7.14
N GLY G 588 51.57 -1.05 6.30
CA GLY G 588 50.64 -1.94 5.62
C GLY G 588 49.50 -2.52 6.44
N VAL G 589 49.32 -2.06 7.70
CA VAL G 589 48.25 -2.57 8.56
C VAL G 589 46.84 -2.21 8.03
N CYS G 590 46.70 -1.03 7.42
CA CYS G 590 45.42 -0.52 6.90
C CYS G 590 44.88 -1.23 5.66
N VAL G 591 45.75 -1.61 4.73
CA VAL G 591 45.37 -2.25 3.46
C VAL G 591 44.25 -3.32 3.57
N LYS G 592 44.47 -4.40 4.32
CA LYS G 592 43.47 -5.47 4.43
C LYS G 592 42.23 -5.17 5.30
N GLN G 593 42.24 -4.08 6.10
CA GLN G 593 41.10 -3.76 6.95
C GLN G 593 39.88 -3.26 6.18
N CYS G 594 40.10 -2.57 5.05
CA CYS G 594 38.99 -2.03 4.24
C CYS G 594 38.29 -3.09 3.38
N PRO G 595 36.97 -3.30 3.57
CA PRO G 595 36.27 -4.30 2.73
C PRO G 595 36.06 -3.83 1.29
N TYR G 596 36.30 -2.53 1.01
CA TYR G 596 36.14 -1.95 -0.31
C TYR G 596 37.50 -1.73 -1.00
N GLY G 597 38.58 -2.04 -0.28
CA GLY G 597 39.94 -1.88 -0.79
C GLY G 597 40.34 -0.46 -1.12
N ALA G 598 39.79 0.55 -0.40
CA ALA G 598 40.14 1.95 -0.65
C ALA G 598 41.62 2.23 -0.29
N PRO G 599 42.09 1.95 0.95
CA PRO G 599 43.49 2.20 1.28
C PRO G 599 44.47 1.35 0.46
N ARG G 600 45.46 1.98 -0.20
CA ARG G 600 46.44 1.26 -1.03
C ARG G 600 47.87 1.76 -0.82
N LEU G 601 48.85 0.83 -0.82
CA LEU G 601 50.26 1.17 -0.66
C LEU G 601 50.83 1.65 -1.97
N VAL G 602 51.67 2.69 -1.93
CA VAL G 602 52.26 3.25 -3.14
C VAL G 602 53.65 3.84 -2.87
N GLU G 603 54.39 4.12 -3.96
CA GLU G 603 55.73 4.70 -3.90
C GLU G 603 55.61 6.21 -4.13
N LYS G 604 56.18 7.02 -3.23
CA LYS G 604 56.12 8.49 -3.35
C LYS G 604 57.43 9.07 -2.82
N ASP G 605 58.15 9.86 -3.65
CA ASP G 605 59.43 10.47 -3.27
C ASP G 605 60.47 9.42 -2.85
N GLY G 606 60.56 8.33 -3.61
CA GLY G 606 61.52 7.26 -3.36
C GLY G 606 61.22 6.32 -2.20
N LYS G 607 60.12 6.55 -1.45
CA LYS G 607 59.79 5.70 -0.29
C LYS G 607 58.33 5.21 -0.33
N VAL G 608 58.03 4.15 0.45
CA VAL G 608 56.68 3.57 0.50
C VAL G 608 55.80 4.29 1.54
N VAL G 609 54.55 4.59 1.14
CA VAL G 609 53.59 5.27 1.98
C VAL G 609 52.17 4.82 1.58
N ALA G 610 51.21 4.84 2.51
CA ALA G 610 49.85 4.43 2.20
C ALA G 610 49.08 5.59 1.61
N GLU G 611 48.06 5.29 0.80
CA GLU G 611 47.22 6.32 0.18
C GLU G 611 45.81 5.78 0.01
N VAL G 612 44.79 6.56 0.39
CA VAL G 612 43.41 6.11 0.28
C VAL G 612 42.76 6.63 -1.00
N ILE G 613 42.08 5.74 -1.74
CA ILE G 613 41.37 6.11 -2.97
C ILE G 613 40.05 6.66 -2.42
N SER G 614 39.95 7.99 -2.28
CA SER G 614 38.79 8.70 -1.72
C SER G 614 37.39 8.22 -2.15
N ALA G 615 37.16 7.99 -3.43
CA ALA G 615 35.83 7.55 -3.90
C ALA G 615 35.41 6.20 -3.29
N LEU G 616 36.38 5.31 -3.06
CA LEU G 616 36.14 3.98 -2.49
C LEU G 616 35.84 3.98 -0.97
N CYS G 617 36.27 5.01 -0.23
CA CYS G 617 36.00 5.05 1.21
C CYS G 617 34.52 5.31 1.49
N LYS G 618 33.91 4.50 2.37
CA LYS G 618 32.50 4.68 2.71
C LYS G 618 32.34 5.45 4.04
N GLY G 619 33.43 5.61 4.79
CA GLY G 619 33.43 6.34 6.06
C GLY G 619 33.10 5.55 7.30
N CYS G 620 33.65 4.33 7.44
CA CYS G 620 33.37 3.52 8.64
C CYS G 620 34.31 3.91 9.80
N GLY G 621 35.57 4.16 9.48
CA GLY G 621 36.57 4.56 10.46
C GLY G 621 37.33 3.38 11.04
N THR G 622 37.33 2.23 10.34
CA THR G 622 38.04 1.05 10.84
C THR G 622 39.55 1.13 10.62
N CYS G 623 40.01 1.48 9.41
CA CYS G 623 41.47 1.56 9.21
C CYS G 623 42.13 2.67 10.05
N PRO G 624 41.53 3.88 10.24
CA PRO G 624 42.20 4.87 11.09
C PRO G 624 42.29 4.41 12.54
N ALA G 625 41.30 3.61 13.00
CA ALA G 625 41.30 3.09 14.36
C ALA G 625 42.41 2.05 14.52
N GLY G 626 42.71 1.34 13.43
CA GLY G 626 43.76 0.32 13.43
C GLY G 626 45.14 0.82 13.06
N CYS G 627 45.27 2.08 12.60
CA CYS G 627 46.57 2.66 12.22
C CYS G 627 47.46 2.87 13.46
N PRO G 628 48.63 2.20 13.53
CA PRO G 628 49.51 2.37 14.69
C PRO G 628 50.35 3.64 14.73
N SER G 629 50.46 4.39 13.61
CA SER G 629 51.26 5.63 13.56
C SER G 629 50.43 6.90 13.72
N GLY G 630 49.11 6.80 13.53
CA GLY G 630 48.25 7.96 13.65
C GLY G 630 48.23 8.78 12.37
N ALA G 631 48.83 8.26 11.30
CA ALA G 631 48.88 8.96 10.00
C ALA G 631 47.53 8.94 9.31
N LEU G 632 46.75 7.87 9.53
CA LEU G 632 45.44 7.67 8.94
C LEU G 632 44.36 8.28 9.83
N GLU G 633 43.50 9.12 9.25
CA GLU G 633 42.44 9.76 10.03
C GLU G 633 41.16 9.91 9.23
N GLN G 634 40.01 9.71 9.88
CA GLN G 634 38.71 9.84 9.26
C GLN G 634 38.23 11.24 9.57
N ASP G 635 38.01 12.07 8.54
CA ASP G 635 37.54 13.42 8.76
C ASP G 635 36.18 13.37 9.45
N HIS G 636 35.98 14.22 10.46
CA HIS G 636 34.75 14.30 11.25
C HIS G 636 34.73 13.29 12.42
N PHE G 637 35.65 12.30 12.44
CA PHE G 637 35.74 11.31 13.52
C PHE G 637 37.21 11.04 13.80
N LYS G 638 38.00 12.12 13.88
CA LYS G 638 39.43 12.02 14.16
C LYS G 638 39.63 11.62 15.60
N THR G 639 40.73 10.94 15.91
CA THR G 639 41.01 10.50 17.28
C THR G 639 41.02 11.67 18.25
N ILE G 640 41.63 12.81 17.87
CA ILE G 640 41.68 13.96 18.77
C ILE G 640 40.26 14.49 19.04
N GLN G 641 39.39 14.48 18.01
CA GLN G 641 38.01 14.95 18.16
C GLN G 641 37.26 14.05 19.15
N LEU G 642 37.36 12.72 18.99
CA LEU G 642 36.71 11.74 19.88
C LEU G 642 37.30 11.82 21.29
N PHE G 643 38.61 12.09 21.40
CA PHE G 643 39.28 12.20 22.69
C PHE G 643 38.70 13.35 23.49
N LYS G 644 38.48 14.49 22.84
CA LYS G 644 37.91 15.67 23.50
C LYS G 644 36.48 15.40 23.92
N GLN G 645 35.76 14.64 23.11
CA GLN G 645 34.37 14.31 23.42
C GLN G 645 34.32 13.47 24.70
N ILE G 646 35.27 12.55 24.88
CA ILE G 646 35.34 11.71 26.07
C ILE G 646 35.65 12.58 27.30
N GLU G 647 36.58 13.54 27.15
CA GLU G 647 36.96 14.45 28.24
C GLU G 647 35.78 15.31 28.65
N GLY G 648 35.01 15.75 27.65
CA GLY G 648 33.83 16.58 27.82
C GLY G 648 32.77 16.03 28.76
N MET G 649 32.75 14.71 28.97
CA MET G 649 31.77 14.11 29.87
C MET G 649 32.10 14.42 31.32
N PHE G 650 33.40 14.55 31.64
CA PHE G 650 33.86 14.81 33.00
C PHE G 650 34.32 16.24 33.26
N ARG G 651 34.86 16.92 32.23
CA ARG G 651 35.34 18.29 32.41
C ARG G 651 35.30 19.08 31.10
N ASP G 652 35.51 20.40 31.18
CA ASP G 652 35.52 21.25 30.00
C ASP G 652 36.86 21.11 29.28
N THR G 653 36.78 21.13 27.94
CA THR G 653 37.86 21.00 26.96
C THR G 653 38.26 19.54 26.86
N MET H 1 -59.50 15.40 1.47
CA MET H 1 -58.84 14.10 1.55
C MET H 1 -59.86 13.02 1.90
N LYS H 2 -59.90 11.94 1.10
CA LYS H 2 -60.81 10.82 1.32
C LYS H 2 -59.96 9.55 1.43
N TYR H 3 -60.12 8.78 2.52
CA TYR H 3 -59.33 7.56 2.72
C TYR H 3 -60.15 6.41 3.30
N ALA H 4 -59.87 5.17 2.84
CA ALA H 4 -60.55 3.98 3.35
C ALA H 4 -59.95 3.74 4.73
N PHE H 5 -60.73 3.93 5.78
CA PHE H 5 -60.23 3.77 7.14
C PHE H 5 -60.10 2.30 7.59
N PHE H 6 -58.84 1.78 7.64
CA PHE H 6 -58.59 0.42 8.08
C PHE H 6 -58.58 0.50 9.61
N LEU H 7 -59.41 -0.32 10.27
CA LEU H 7 -59.53 -0.31 11.73
C LEU H 7 -58.56 -1.27 12.43
N GLY H 8 -58.46 -2.48 11.92
CA GLY H 8 -57.58 -3.50 12.50
C GLY H 8 -58.29 -4.41 13.47
N CYS H 9 -57.73 -4.62 14.68
CA CYS H 9 -58.33 -5.51 15.68
C CYS H 9 -58.43 -4.89 17.07
N ILE H 10 -57.29 -4.50 17.66
CA ILE H 10 -57.25 -3.93 19.01
C ILE H 10 -58.03 -2.63 19.14
N MET H 11 -57.84 -1.68 18.21
CA MET H 11 -58.56 -0.42 18.29
C MET H 11 -60.08 -0.66 18.18
N PRO H 12 -60.58 -1.38 17.16
CA PRO H 12 -62.02 -1.59 17.06
C PRO H 12 -62.62 -2.52 18.13
N ASN H 13 -61.87 -3.53 18.61
CA ASN H 13 -62.38 -4.49 19.59
C ASN H 13 -61.91 -4.32 21.05
N ARG H 14 -60.94 -3.42 21.35
CA ARG H 14 -60.48 -3.22 22.73
C ARG H 14 -60.50 -1.75 23.11
N TYR H 15 -59.68 -0.93 22.44
CA TYR H 15 -59.61 0.50 22.72
C TYR H 15 -60.46 1.25 21.71
N ALA H 16 -61.78 1.13 21.86
CA ALA H 16 -62.77 1.77 20.99
C ALA H 16 -62.70 3.30 21.07
N GLY H 17 -62.26 3.84 22.21
CA GLY H 17 -62.15 5.29 22.36
C GLY H 17 -61.15 5.88 21.40
N VAL H 18 -60.14 5.09 21.02
CA VAL H 18 -59.10 5.52 20.08
C VAL H 18 -59.75 5.71 18.70
N GLU H 19 -60.74 4.86 18.37
CA GLU H 19 -61.46 4.96 17.10
C GLU H 19 -62.26 6.26 17.11
N ALA H 20 -63.11 6.44 18.14
CA ALA H 20 -63.94 7.64 18.30
C ALA H 20 -63.09 8.91 18.27
N ALA H 21 -61.92 8.86 18.93
CA ALA H 21 -61.01 10.01 18.98
C ALA H 21 -60.45 10.31 17.59
N THR H 22 -60.15 9.25 16.80
CA THR H 22 -59.61 9.41 15.44
C THR H 22 -60.68 9.97 14.51
N ARG H 23 -61.89 9.41 14.58
CA ARG H 23 -63.01 9.83 13.73
C ARG H 23 -63.27 11.33 13.78
N THR H 24 -63.28 11.92 14.98
CA THR H 24 -63.52 13.36 15.14
C THR H 24 -62.29 14.19 14.81
N VAL H 25 -61.09 13.75 15.27
CA VAL H 25 -59.85 14.48 15.01
C VAL H 25 -59.60 14.59 13.50
N MET H 26 -59.77 13.49 12.75
CA MET H 26 -59.55 13.50 11.29
C MET H 26 -60.63 14.34 10.59
N GLU H 27 -61.86 14.36 11.13
CA GLU H 27 -62.96 15.14 10.55
C GLU H 27 -62.64 16.63 10.72
N LYS H 28 -62.11 17.00 11.90
CA LYS H 28 -61.74 18.39 12.20
C LYS H 28 -60.59 18.85 11.29
N LEU H 29 -59.73 17.92 10.86
CA LEU H 29 -58.59 18.22 9.99
C LEU H 29 -58.95 18.19 8.49
N GLY H 30 -60.21 17.89 8.18
CA GLY H 30 -60.70 17.83 6.81
C GLY H 30 -60.47 16.52 6.09
N VAL H 31 -60.51 15.39 6.81
CA VAL H 31 -60.31 14.08 6.20
C VAL H 31 -61.59 13.26 6.26
N GLU H 32 -62.09 12.81 5.11
CA GLU H 32 -63.30 12.01 5.01
C GLU H 32 -62.95 10.53 5.16
N LEU H 33 -63.26 9.94 6.33
CA LEU H 33 -62.96 8.54 6.60
C LEU H 33 -64.12 7.65 6.12
N VAL H 34 -63.92 6.91 5.00
CA VAL H 34 -64.96 6.01 4.46
C VAL H 34 -64.77 4.58 4.99
N ASP H 35 -65.89 3.90 5.29
CA ASP H 35 -65.85 2.52 5.81
C ASP H 35 -65.29 1.49 4.83
N MET H 36 -64.27 0.75 5.28
CA MET H 36 -63.62 -0.29 4.49
C MET H 36 -64.31 -1.61 4.88
N THR H 37 -65.58 -1.76 4.42
CA THR H 37 -66.44 -2.90 4.71
C THR H 37 -65.83 -4.28 4.43
N GLY H 38 -65.88 -5.14 5.44
CA GLY H 38 -65.36 -6.50 5.36
C GLY H 38 -63.88 -6.66 5.62
N ALA H 39 -63.18 -5.58 6.01
CA ALA H 39 -61.74 -5.66 6.29
C ALA H 39 -61.47 -6.52 7.52
N SER H 40 -60.56 -7.50 7.40
CA SER H 40 -60.21 -8.43 8.47
C SER H 40 -58.90 -8.01 9.15
N CYS H 41 -58.19 -8.98 9.79
CA CYS H 41 -56.90 -8.75 10.45
C CYS H 41 -55.98 -8.27 9.31
N CYS H 42 -55.01 -7.36 9.57
CA CYS H 42 -54.12 -6.85 8.50
C CYS H 42 -53.50 -7.92 7.57
N PRO H 43 -52.97 -9.08 8.05
CA PRO H 43 -52.87 -9.57 9.43
C PRO H 43 -51.57 -9.17 10.11
N ALA H 44 -51.52 -9.21 11.47
CA ALA H 44 -50.33 -8.86 12.27
C ALA H 44 -49.06 -9.24 11.49
N PRO H 45 -48.18 -8.27 11.14
CA PRO H 45 -46.98 -8.61 10.35
C PRO H 45 -45.91 -9.43 11.04
N GLY H 46 -45.59 -9.09 12.27
CA GLY H 46 -44.57 -9.82 13.02
C GLY H 46 -45.04 -11.20 13.43
N VAL H 47 -46.32 -11.32 13.82
CA VAL H 47 -46.90 -12.60 14.25
C VAL H 47 -47.16 -13.55 13.07
N PHE H 48 -47.97 -13.12 12.07
CA PHE H 48 -48.28 -13.99 10.92
C PHE H 48 -47.13 -14.16 9.95
N GLY H 49 -46.35 -13.11 9.74
CA GLY H 49 -45.19 -13.15 8.89
C GLY H 49 -44.22 -14.21 9.38
N SER H 50 -44.20 -14.43 10.71
CA SER H 50 -43.33 -15.42 11.34
C SER H 50 -43.85 -16.84 11.16
N PHE H 51 -45.17 -17.03 11.07
CA PHE H 51 -45.75 -18.37 10.90
C PHE H 51 -45.66 -18.81 9.45
N ASP H 52 -46.11 -17.95 8.52
CA ASP H 52 -46.08 -18.24 7.09
C ASP H 52 -46.19 -16.95 6.29
N GLN H 53 -45.11 -16.55 5.59
CA GLN H 53 -45.06 -15.32 4.79
C GLN H 53 -46.10 -15.30 3.68
N LYS H 54 -46.29 -16.42 2.97
CA LYS H 54 -47.26 -16.52 1.88
C LYS H 54 -48.65 -16.16 2.37
N THR H 55 -49.02 -16.66 3.56
CA THR H 55 -50.32 -16.38 4.16
C THR H 55 -50.43 -14.91 4.56
N TRP H 56 -49.37 -14.32 5.11
CA TRP H 56 -49.42 -12.91 5.52
C TRP H 56 -49.71 -12.00 4.32
N LEU H 57 -48.95 -12.17 3.22
CA LEU H 57 -49.13 -11.33 2.03
C LEU H 57 -50.44 -11.58 1.31
N THR H 58 -50.87 -12.86 1.19
CA THR H 58 -52.12 -13.18 0.51
C THR H 58 -53.31 -12.54 1.23
N LEU H 59 -53.35 -12.67 2.57
CA LEU H 59 -54.44 -12.08 3.36
C LEU H 59 -54.33 -10.55 3.38
N ALA H 60 -53.10 -10.00 3.33
CA ALA H 60 -52.90 -8.55 3.32
C ALA H 60 -53.39 -7.97 1.99
N ALA H 61 -53.08 -8.65 0.87
CA ALA H 61 -53.50 -8.21 -0.46
C ALA H 61 -55.02 -8.29 -0.60
N ARG H 62 -55.67 -9.21 0.14
CA ARG H 62 -57.13 -9.34 0.10
C ARG H 62 -57.73 -8.05 0.66
N ASN H 63 -57.14 -7.51 1.73
CA ASN H 63 -57.62 -6.26 2.35
C ASN H 63 -57.35 -5.10 1.41
N LEU H 64 -56.18 -5.08 0.76
CA LEU H 64 -55.83 -4.00 -0.17
C LEU H 64 -56.88 -3.95 -1.29
N CYS H 65 -57.31 -5.13 -1.78
CA CYS H 65 -58.31 -5.23 -2.85
C CYS H 65 -59.62 -4.53 -2.46
N ILE H 66 -60.01 -4.57 -1.17
CA ILE H 66 -61.25 -3.93 -0.70
C ILE H 66 -61.17 -2.42 -1.00
N ALA H 67 -60.05 -1.77 -0.64
CA ALA H 67 -59.87 -0.34 -0.88
C ALA H 67 -59.70 -0.05 -2.38
N GLU H 68 -59.09 -0.99 -3.13
CA GLU H 68 -58.90 -0.82 -4.57
C GLU H 68 -60.24 -0.83 -5.30
N GLU H 69 -61.17 -1.69 -4.85
CA GLU H 69 -62.51 -1.79 -5.44
C GLU H 69 -63.27 -0.48 -5.17
N MET H 70 -62.97 0.18 -4.04
CA MET H 70 -63.60 1.45 -3.66
C MET H 70 -62.96 2.63 -4.43
N GLY H 71 -61.79 2.39 -5.02
CA GLY H 71 -61.07 3.41 -5.77
C GLY H 71 -60.49 4.50 -4.89
N VAL H 72 -60.07 4.14 -3.66
CA VAL H 72 -59.48 5.11 -2.72
C VAL H 72 -58.29 4.48 -1.97
N ASP H 73 -57.43 5.33 -1.38
CA ASP H 73 -56.25 4.86 -0.65
C ASP H 73 -56.61 4.53 0.81
N ILE H 74 -55.70 3.84 1.54
CA ILE H 74 -55.94 3.46 2.92
C ILE H 74 -55.22 4.34 3.95
N VAL H 75 -55.84 4.49 5.13
CA VAL H 75 -55.29 5.26 6.25
C VAL H 75 -55.46 4.38 7.49
N THR H 76 -54.49 4.42 8.40
CA THR H 76 -54.56 3.62 9.62
C THR H 76 -53.89 4.34 10.78
N VAL H 77 -54.29 3.99 12.01
CA VAL H 77 -53.74 4.60 13.22
C VAL H 77 -52.92 3.59 14.00
N CYS H 78 -52.60 2.45 13.37
CA CYS H 78 -51.83 1.41 14.01
C CYS H 78 -50.58 1.12 13.21
N ASN H 79 -49.43 1.01 13.90
CA ASN H 79 -48.15 0.72 13.28
C ASN H 79 -48.14 -0.69 12.74
N GLY H 80 -48.78 -1.62 13.45
CA GLY H 80 -48.86 -3.01 13.03
C GLY H 80 -49.58 -3.14 11.71
N CYS H 81 -50.72 -2.48 11.58
CA CYS H 81 -51.51 -2.52 10.36
C CYS H 81 -50.81 -1.73 9.26
N TYR H 82 -50.21 -0.58 9.63
CA TYR H 82 -49.49 0.26 8.67
C TYR H 82 -48.34 -0.53 8.07
N GLY H 83 -47.51 -1.09 8.94
CA GLY H 83 -46.36 -1.88 8.52
C GLY H 83 -46.76 -3.06 7.66
N SER H 84 -47.81 -3.77 8.07
CA SER H 84 -48.31 -4.94 7.35
C SER H 84 -48.86 -4.60 5.97
N LEU H 85 -49.79 -3.64 5.91
CA LEU H 85 -50.39 -3.25 4.64
C LEU H 85 -49.42 -2.49 3.72
N PHE H 86 -48.56 -1.62 4.30
CA PHE H 86 -47.60 -0.85 3.51
C PHE H 86 -46.55 -1.77 2.87
N GLU H 87 -45.96 -2.67 3.68
CA GLU H 87 -44.94 -3.59 3.17
C GLU H 87 -45.55 -4.55 2.15
N ALA H 88 -46.83 -4.90 2.33
CA ALA H 88 -47.52 -5.80 1.41
C ALA H 88 -47.66 -5.10 0.06
N ALA H 89 -48.14 -3.84 0.08
CA ALA H 89 -48.33 -3.04 -1.14
C ALA H 89 -47.01 -2.85 -1.88
N HIS H 90 -45.94 -2.49 -1.15
CA HIS H 90 -44.62 -2.29 -1.75
C HIS H 90 -44.14 -3.56 -2.43
N LEU H 91 -44.19 -4.67 -1.71
CA LEU H 91 -43.76 -5.99 -2.20
C LEU H 91 -44.52 -6.42 -3.45
N LEU H 92 -45.83 -6.17 -3.51
CA LEU H 92 -46.65 -6.54 -4.67
C LEU H 92 -46.30 -5.66 -5.88
N HIS H 93 -45.93 -4.39 -5.62
CA HIS H 93 -45.56 -3.45 -6.69
C HIS H 93 -44.16 -3.75 -7.22
N ASP H 94 -43.21 -4.05 -6.31
CA ASP H 94 -41.81 -4.32 -6.65
C ASP H 94 -41.53 -5.77 -7.11
N ASN H 95 -42.18 -6.78 -6.50
CA ASN H 95 -41.96 -8.18 -6.86
C ASN H 95 -43.13 -8.77 -7.66
N LYS H 96 -42.91 -9.06 -8.95
CA LYS H 96 -43.95 -9.62 -9.82
C LYS H 96 -44.22 -11.10 -9.50
N GLU H 97 -43.19 -11.86 -9.07
CA GLU H 97 -43.35 -13.28 -8.72
C GLU H 97 -44.31 -13.38 -7.53
N ALA H 98 -44.17 -12.47 -6.56
CA ALA H 98 -45.01 -12.44 -5.36
C ALA H 98 -46.42 -12.04 -5.75
N LEU H 99 -46.55 -11.05 -6.65
CA LEU H 99 -47.84 -10.56 -7.13
C LEU H 99 -48.58 -11.70 -7.85
N ASN H 100 -47.86 -12.45 -8.69
CA ASN H 100 -48.44 -13.58 -9.43
C ASN H 100 -48.95 -14.65 -8.48
N PHE H 101 -48.16 -14.99 -7.45
CA PHE H 101 -48.54 -16.01 -6.46
C PHE H 101 -49.81 -15.59 -5.73
N VAL H 102 -49.86 -14.33 -5.28
CA VAL H 102 -51.01 -13.79 -4.55
C VAL H 102 -52.25 -13.67 -5.43
N ASN H 103 -52.12 -13.17 -6.67
CA ASN H 103 -53.28 -13.04 -7.56
C ASN H 103 -53.81 -14.39 -7.98
N GLU H 104 -52.95 -15.43 -7.99
CA GLU H 104 -53.39 -16.77 -8.36
C GLU H 104 -54.28 -17.32 -7.23
N LYS H 105 -53.98 -16.89 -5.99
CA LYS H 105 -54.75 -17.29 -4.80
C LYS H 105 -56.02 -16.45 -4.69
N LEU H 106 -55.93 -15.13 -4.96
CA LEU H 106 -57.10 -14.24 -4.89
C LEU H 106 -58.11 -14.53 -6.02
N ASP H 107 -57.68 -15.18 -7.11
CA ASP H 107 -58.56 -15.51 -8.23
C ASP H 107 -59.63 -16.50 -7.78
N LYS H 108 -59.32 -17.32 -6.75
CA LYS H 108 -60.24 -18.32 -6.20
C LYS H 108 -61.43 -17.63 -5.50
N VAL H 109 -61.24 -16.39 -5.00
CA VAL H 109 -62.29 -15.63 -4.32
C VAL H 109 -62.78 -14.44 -5.18
N GLY H 110 -62.47 -14.46 -6.47
CA GLY H 110 -62.86 -13.42 -7.41
C GLY H 110 -62.25 -12.06 -7.14
N LYS H 111 -60.97 -12.03 -6.76
CA LYS H 111 -60.26 -10.77 -6.48
C LYS H 111 -58.96 -10.71 -7.26
N GLU H 112 -58.43 -9.50 -7.43
CA GLU H 112 -57.18 -9.28 -8.15
C GLU H 112 -56.60 -7.93 -7.77
N TYR H 113 -55.37 -7.91 -7.23
CA TYR H 113 -54.74 -6.65 -6.85
C TYR H 113 -54.02 -6.08 -8.07
N LYS H 114 -54.28 -4.80 -8.38
CA LYS H 114 -53.69 -4.10 -9.53
C LYS H 114 -52.56 -3.10 -9.17
N GLY H 115 -52.30 -2.85 -7.89
CA GLY H 115 -51.25 -1.94 -7.46
C GLY H 115 -51.59 -0.47 -7.42
N ASN H 116 -52.87 -0.12 -7.22
CA ASN H 116 -53.31 1.29 -7.17
C ASN H 116 -53.51 1.81 -5.74
N VAL H 117 -53.33 0.96 -4.71
CA VAL H 117 -53.53 1.38 -3.33
C VAL H 117 -52.26 1.87 -2.64
N LYS H 118 -52.38 3.02 -1.95
CA LYS H 118 -51.28 3.63 -1.19
C LYS H 118 -51.70 3.55 0.26
N VAL H 119 -50.84 3.03 1.14
CA VAL H 119 -51.18 2.93 2.55
C VAL H 119 -50.55 4.10 3.29
N ARG H 120 -51.34 4.76 4.15
CA ARG H 120 -50.85 5.93 4.92
C ARG H 120 -51.07 5.75 6.41
N HIS H 121 -50.19 6.36 7.20
CA HIS H 121 -50.31 6.31 8.66
C HIS H 121 -50.90 7.67 8.99
N PHE H 122 -51.88 7.74 9.90
CA PHE H 122 -52.50 9.03 10.25
C PHE H 122 -51.52 10.08 10.77
N ALA H 123 -50.46 9.67 11.49
CA ALA H 123 -49.47 10.61 12.04
C ALA H 123 -48.65 11.29 10.94
N GLU H 124 -48.14 10.51 9.97
CA GLU H 124 -47.34 11.09 8.88
C GLU H 124 -48.26 11.81 7.90
N LEU H 125 -49.52 11.36 7.77
CA LEU H 125 -50.51 11.99 6.89
C LEU H 125 -50.72 13.41 7.41
N ILE H 126 -50.77 13.53 8.74
CA ILE H 126 -50.95 14.82 9.42
C ILE H 126 -49.72 15.72 9.22
N TYR H 127 -48.53 15.13 9.29
CA TYR H 127 -47.28 15.85 9.13
C TYR H 127 -46.98 16.31 7.70
N ASN H 128 -47.11 15.40 6.71
CA ASN H 128 -46.82 15.70 5.29
C ASN H 128 -47.96 16.29 4.44
N ASP H 129 -49.22 15.88 4.64
CA ASP H 129 -50.32 16.37 3.81
C ASP H 129 -51.20 17.46 4.45
N ILE H 130 -51.40 17.42 5.77
CA ILE H 130 -52.25 18.41 6.44
C ILE H 130 -51.42 19.57 6.97
N GLY H 131 -50.43 19.24 7.80
CA GLY H 131 -49.55 20.23 8.41
C GLY H 131 -49.72 20.30 9.91
N VAL H 132 -48.61 20.44 10.65
CA VAL H 132 -48.62 20.54 12.12
C VAL H 132 -49.31 21.85 12.55
N ASP H 133 -49.28 22.88 11.68
CA ASP H 133 -49.91 24.17 11.97
C ASP H 133 -51.42 24.04 12.16
N LYS H 134 -52.06 23.11 11.41
CA LYS H 134 -53.50 22.90 11.50
C LYS H 134 -53.91 22.25 12.84
N ILE H 135 -52.98 21.54 13.50
CA ILE H 135 -53.27 20.91 14.79
C ILE H 135 -53.46 22.04 15.80
N ALA H 136 -52.45 22.94 15.92
CA ALA H 136 -52.47 24.08 16.83
C ALA H 136 -53.70 24.98 16.63
N GLU H 137 -54.15 25.15 15.39
CA GLU H 137 -55.33 25.98 15.08
C GLU H 137 -56.60 25.40 15.71
N LYS H 138 -56.71 24.07 15.75
CA LYS H 138 -57.88 23.38 16.30
C LYS H 138 -57.78 23.09 17.80
N VAL H 139 -56.70 23.51 18.48
CA VAL H 139 -56.55 23.28 19.92
C VAL H 139 -57.50 24.14 20.74
N GLU H 140 -58.47 23.49 21.40
CA GLU H 140 -59.47 24.16 22.25
C GLU H 140 -58.96 24.18 23.70
N ARG H 141 -58.34 23.06 24.14
CA ARG H 141 -57.78 22.91 25.48
C ARG H 141 -56.29 22.58 25.39
N PRO H 142 -55.37 23.55 25.56
CA PRO H 142 -53.94 23.21 25.47
C PRO H 142 -53.51 22.26 26.59
N LEU H 143 -52.82 21.17 26.24
CA LEU H 143 -52.37 20.16 27.21
C LEU H 143 -50.94 20.47 27.61
N ASN H 144 -50.77 21.30 28.64
CA ASN H 144 -49.44 21.68 29.11
C ASN H 144 -48.90 20.68 30.13
N ILE H 145 -48.39 19.55 29.61
CA ILE H 145 -47.83 18.46 30.43
C ILE H 145 -46.60 17.87 29.74
N ASN H 146 -45.82 17.07 30.48
CA ASN H 146 -44.61 16.44 29.93
C ASN H 146 -45.01 15.09 29.34
N VAL H 147 -44.61 14.80 28.10
CA VAL H 147 -44.97 13.54 27.47
C VAL H 147 -43.75 12.76 26.98
N GLY H 148 -43.74 11.46 27.26
CA GLY H 148 -42.68 10.57 26.83
C GLY H 148 -43.18 10.01 25.53
N VAL H 149 -42.73 10.55 24.40
CA VAL H 149 -43.22 10.08 23.09
C VAL H 149 -42.75 8.67 22.76
N HIS H 150 -43.68 7.82 22.33
CA HIS H 150 -43.38 6.45 21.95
C HIS H 150 -43.75 6.29 20.49
N TYR H 151 -42.73 6.23 19.63
CA TYR H 151 -42.92 6.09 18.19
C TYR H 151 -43.31 4.68 17.77
N GLY H 152 -42.86 3.68 18.51
CA GLY H 152 -43.11 2.29 18.16
C GLY H 152 -42.03 1.87 17.20
N CYS H 153 -42.20 0.74 16.49
CA CYS H 153 -41.17 0.27 15.54
C CYS H 153 -41.65 0.21 14.11
N HIS H 154 -42.85 -0.30 13.88
CA HIS H 154 -43.39 -0.41 12.53
C HIS H 154 -43.92 0.90 11.94
N PHE H 155 -43.73 2.05 12.61
CA PHE H 155 -44.20 3.33 12.08
C PHE H 155 -43.19 3.84 11.05
N LEU H 156 -41.93 4.03 11.48
CA LEU H 156 -40.86 4.54 10.63
C LEU H 156 -40.00 3.47 9.95
N LYS H 157 -39.88 2.27 10.54
CA LYS H 157 -39.05 1.20 9.99
C LYS H 157 -39.87 0.16 9.21
N PRO H 158 -39.30 -0.44 8.13
CA PRO H 158 -37.96 -0.20 7.59
C PRO H 158 -37.90 1.10 6.79
N THR H 159 -36.89 1.94 7.06
CA THR H 159 -36.73 3.23 6.37
C THR H 159 -36.51 3.11 4.87
N ASP H 160 -35.91 2.00 4.40
CA ASP H 160 -35.64 1.79 2.97
C ASP H 160 -36.90 1.87 2.10
N VAL H 161 -38.05 1.46 2.65
CA VAL H 161 -39.33 1.47 1.92
C VAL H 161 -40.30 2.54 2.44
N LYS H 162 -40.27 2.84 3.75
CA LYS H 162 -41.17 3.84 4.35
C LYS H 162 -40.86 5.26 3.86
N HIS H 163 -39.58 5.65 3.87
CA HIS H 163 -39.12 6.97 3.43
C HIS H 163 -39.80 8.10 4.23
N LEU H 164 -39.80 7.97 5.57
CA LEU H 164 -40.38 8.97 6.47
C LEU H 164 -39.27 9.63 7.28
N GLY H 165 -38.04 9.52 6.80
CA GLY H 165 -36.88 10.11 7.46
C GLY H 165 -36.21 9.20 8.47
N SER H 166 -35.42 9.80 9.35
CA SER H 166 -34.67 9.12 10.40
C SER H 166 -35.53 8.30 11.36
N ALA H 167 -35.01 7.13 11.76
CA ALA H 167 -35.65 6.21 12.70
C ALA H 167 -34.86 6.25 14.01
N GLU H 168 -33.66 6.89 14.01
CA GLU H 168 -32.80 7.02 15.17
C GLU H 168 -33.11 8.30 15.93
N ARG H 169 -33.29 9.42 15.19
CA ARG H 169 -33.59 10.72 15.77
C ARG H 169 -34.74 11.42 15.05
N PRO H 170 -35.97 10.87 15.16
CA PRO H 170 -37.10 11.50 14.48
C PRO H 170 -37.67 12.69 15.25
N VAL H 171 -38.43 13.56 14.55
CA VAL H 171 -39.07 14.74 15.13
C VAL H 171 -40.59 14.76 14.85
N MET H 172 -41.04 13.97 13.86
CA MET H 172 -42.44 13.85 13.43
C MET H 172 -43.47 13.89 14.58
N LEU H 173 -43.47 12.88 15.46
CA LEU H 173 -44.43 12.84 16.57
C LEU H 173 -44.18 13.89 17.64
N ASP H 174 -42.92 14.20 17.91
CA ASP H 174 -42.57 15.19 18.93
C ASP H 174 -43.19 16.53 18.55
N GLU H 175 -43.10 16.90 17.26
CA GLU H 175 -43.66 18.16 16.77
C GLU H 175 -45.19 18.12 16.77
N ILE H 176 -45.80 16.93 16.57
CA ILE H 176 -47.25 16.79 16.57
C ILE H 176 -47.78 16.90 18.01
N VAL H 177 -47.10 16.26 19.00
CA VAL H 177 -47.57 16.33 20.40
C VAL H 177 -47.30 17.74 20.95
N GLU H 178 -46.15 18.36 20.59
CA GLU H 178 -45.82 19.70 21.08
C GLU H 178 -46.80 20.75 20.54
N ALA H 179 -47.50 20.48 19.42
CA ALA H 179 -48.47 21.41 18.85
C ALA H 179 -49.74 21.49 19.71
N THR H 180 -49.93 20.54 20.66
CA THR H 180 -51.10 20.53 21.54
C THR H 180 -50.82 21.35 22.81
N GLY H 181 -49.58 21.82 22.97
CA GLY H 181 -49.17 22.60 24.13
C GLY H 181 -48.27 21.81 25.06
N ALA H 182 -48.14 20.49 24.82
CA ALA H 182 -47.31 19.59 25.62
C ALA H 182 -45.82 19.73 25.32
N LYS H 183 -44.98 19.01 26.09
CA LYS H 183 -43.53 19.00 25.94
C LYS H 183 -43.01 17.56 25.82
N SER H 184 -42.38 17.21 24.69
CA SER H 184 -41.84 15.86 24.50
C SER H 184 -40.53 15.74 25.28
N VAL H 185 -40.55 15.06 26.43
CA VAL H 185 -39.34 14.91 27.24
C VAL H 185 -38.38 13.87 26.68
N PRO H 186 -37.07 14.17 26.59
CA PRO H 186 -36.13 13.17 26.08
C PRO H 186 -35.82 12.14 27.15
N TYR H 187 -35.85 10.85 26.80
CA TYR H 187 -35.55 9.79 27.77
C TYR H 187 -34.57 8.77 27.19
N ALA H 188 -34.00 7.91 28.04
CA ALA H 188 -33.03 6.90 27.63
C ALA H 188 -33.67 5.83 26.75
N ASP H 189 -32.97 5.45 25.65
CA ASP H 189 -33.44 4.44 24.71
C ASP H 189 -34.85 4.79 24.22
N LYS H 190 -35.03 6.03 23.78
CA LYS H 190 -36.32 6.53 23.29
C LYS H 190 -36.91 5.70 22.14
N MET H 191 -36.06 5.29 21.19
CA MET H 191 -36.54 4.52 20.04
C MET H 191 -36.63 3.00 20.26
N MET H 192 -36.41 2.49 21.49
CA MET H 192 -36.49 1.05 21.70
C MET H 192 -37.95 0.54 21.65
N CYS H 193 -38.09 -0.77 21.40
CA CYS H 193 -39.37 -1.46 21.30
C CYS H 193 -40.09 -1.56 22.66
N CYS H 194 -41.44 -1.61 22.65
CA CYS H 194 -42.22 -1.74 23.88
C CYS H 194 -42.14 -3.21 24.37
N GLY H 195 -41.81 -4.13 23.46
CA GLY H 195 -41.68 -5.55 23.75
C GLY H 195 -42.83 -6.42 23.27
N ALA H 196 -43.94 -5.82 22.84
CA ALA H 196 -45.12 -6.57 22.40
C ALA H 196 -45.03 -7.22 21.01
N GLY H 197 -44.35 -6.58 20.07
CA GLY H 197 -44.20 -7.05 18.70
C GLY H 197 -43.70 -8.47 18.48
N GLY H 198 -43.79 -8.91 17.23
CA GLY H 198 -43.35 -10.24 16.77
C GLY H 198 -43.91 -11.43 17.51
N GLY H 199 -45.10 -11.29 18.09
CA GLY H 199 -45.73 -12.36 18.85
C GLY H 199 -45.09 -12.61 20.20
N VAL H 200 -44.24 -11.69 20.66
CA VAL H 200 -43.55 -11.85 21.94
C VAL H 200 -44.51 -11.68 23.12
N ARG H 201 -45.48 -10.76 23.03
CA ARG H 201 -46.42 -10.59 24.15
C ARG H 201 -47.15 -11.89 24.48
N ALA H 202 -47.68 -12.56 23.44
CA ALA H 202 -48.42 -13.81 23.59
C ALA H 202 -47.56 -15.02 24.00
N ARG H 203 -46.37 -15.19 23.43
CA ARG H 203 -45.50 -16.33 23.73
C ARG H 203 -44.57 -16.11 24.94
N GLU H 204 -43.92 -14.94 25.02
CA GLU H 204 -42.99 -14.61 26.12
C GLU H 204 -43.47 -13.33 26.79
N LEU H 205 -44.56 -13.43 27.56
CA LEU H 205 -45.14 -12.28 28.26
C LEU H 205 -44.15 -11.57 29.19
N GLU H 206 -43.51 -12.30 30.13
CA GLU H 206 -42.56 -11.68 31.05
C GLU H 206 -41.44 -10.90 30.32
N LEU H 207 -40.96 -11.44 29.18
CA LEU H 207 -39.90 -10.80 28.38
C LEU H 207 -40.41 -9.46 27.85
N SER H 208 -41.66 -9.44 27.33
CA SER H 208 -42.28 -8.22 26.79
C SER H 208 -42.48 -7.16 27.88
N LEU H 209 -42.83 -7.60 29.09
CA LEU H 209 -43.07 -6.70 30.23
C LEU H 209 -41.76 -6.09 30.74
N ASP H 210 -40.65 -6.84 30.63
CA ASP H 210 -39.34 -6.37 31.06
C ASP H 210 -38.93 -5.15 30.23
N MET H 211 -39.22 -5.19 28.92
CA MET H 211 -38.90 -4.09 28.01
C MET H 211 -39.82 -2.90 28.23
N THR H 212 -41.11 -3.14 28.51
CA THR H 212 -42.07 -2.05 28.77
C THR H 212 -41.71 -1.36 30.08
N ASN H 213 -41.30 -2.16 31.09
CA ASN H 213 -40.93 -1.65 32.39
C ASN H 213 -39.74 -0.68 32.26
N GLU H 214 -38.76 -1.03 31.40
CA GLU H 214 -37.59 -0.18 31.18
C GLU H 214 -38.01 1.13 30.54
N LYS H 215 -38.91 1.06 29.54
CA LYS H 215 -39.41 2.26 28.86
C LYS H 215 -40.16 3.17 29.84
N ILE H 216 -41.04 2.58 30.68
CA ILE H 216 -41.81 3.34 31.67
C ILE H 216 -40.86 4.01 32.67
N GLU H 217 -39.86 3.25 33.17
CA GLU H 217 -38.87 3.77 34.11
C GLU H 217 -38.11 4.95 33.52
N ASN H 218 -37.65 4.81 32.27
CA ASN H 218 -36.91 5.88 31.59
C ASN H 218 -37.77 7.12 31.40
N MET H 219 -39.07 6.94 31.06
CA MET H 219 -39.97 8.07 30.86
C MET H 219 -40.20 8.78 32.19
N ILE H 220 -40.42 8.01 33.27
CA ILE H 220 -40.65 8.59 34.60
C ILE H 220 -39.41 9.34 35.08
N LYS H 221 -38.20 8.80 34.83
CA LYS H 221 -36.95 9.47 35.23
C LYS H 221 -36.75 10.78 34.46
N ALA H 222 -37.27 10.86 33.23
CA ALA H 222 -37.16 12.06 32.39
C ALA H 222 -38.15 13.16 32.82
N GLY H 223 -39.10 12.82 33.68
CA GLY H 223 -40.10 13.75 34.18
C GLY H 223 -41.41 13.72 33.42
N ALA H 224 -41.72 12.60 32.76
CA ALA H 224 -42.95 12.47 32.00
C ALA H 224 -44.17 12.28 32.90
N ASP H 225 -45.28 12.91 32.52
CA ASP H 225 -46.54 12.81 33.25
C ASP H 225 -47.36 11.71 32.60
N CYS H 226 -47.11 11.46 31.30
CA CYS H 226 -47.81 10.43 30.54
C CYS H 226 -46.94 10.04 29.35
N THR H 227 -47.42 9.08 28.54
CA THR H 227 -46.72 8.65 27.36
C THR H 227 -47.72 8.62 26.21
N VAL H 228 -47.30 9.08 25.04
CA VAL H 228 -48.19 9.10 23.89
C VAL H 228 -47.65 8.12 22.87
N ASN H 229 -48.55 7.41 22.22
CA ASN H 229 -48.18 6.41 21.24
C ASN H 229 -49.02 6.56 19.99
N VAL H 230 -48.73 5.74 18.99
CA VAL H 230 -49.46 5.73 17.73
C VAL H 230 -49.77 4.29 17.38
N CYS H 231 -49.83 3.42 18.39
CA CYS H 231 -50.12 2.02 18.14
C CYS H 231 -51.00 1.42 19.23
N PRO H 232 -52.19 0.93 18.84
CA PRO H 232 -53.09 0.30 19.83
C PRO H 232 -52.40 -0.79 20.64
N PHE H 233 -51.44 -1.50 20.03
CA PHE H 233 -50.72 -2.57 20.73
C PHE H 233 -49.73 -1.99 21.72
N CYS H 234 -49.03 -0.91 21.35
CA CYS H 234 -48.08 -0.28 22.29
C CYS H 234 -48.93 0.28 23.41
N HIS H 235 -50.07 0.89 23.04
CA HIS H 235 -51.02 1.47 23.97
C HIS H 235 -51.51 0.41 24.95
N LEU H 236 -51.84 -0.77 24.45
CA LEU H 236 -52.30 -1.88 25.28
C LEU H 236 -51.17 -2.28 26.21
N GLN H 237 -49.96 -2.49 25.64
CA GLN H 237 -48.77 -2.90 26.38
C GLN H 237 -48.44 -1.95 27.54
N PHE H 238 -48.57 -0.64 27.32
CA PHE H 238 -48.28 0.34 28.37
C PHE H 238 -49.41 0.44 29.37
N ASP H 239 -50.65 0.45 28.88
CA ASP H 239 -51.84 0.57 29.73
C ASP H 239 -52.18 -0.67 30.54
N ARG H 240 -52.21 -1.85 29.91
CA ARG H 240 -52.54 -3.09 30.61
C ARG H 240 -51.30 -3.82 31.16
N GLY H 241 -50.16 -3.65 30.51
CA GLY H 241 -48.93 -4.31 30.95
C GLY H 241 -48.56 -3.96 32.38
N GLN H 242 -48.86 -2.72 32.80
CA GLN H 242 -48.59 -2.26 34.16
C GLN H 242 -49.29 -3.12 35.22
N ILE H 243 -50.47 -3.69 34.88
CA ILE H 243 -51.21 -4.55 35.81
C ILE H 243 -50.43 -5.85 35.93
N GLU H 244 -49.89 -6.34 34.81
CA GLU H 244 -49.10 -7.57 34.78
C GLU H 244 -47.75 -7.35 35.48
N ILE H 245 -47.15 -6.16 35.30
CA ILE H 245 -45.86 -5.82 35.93
C ILE H 245 -46.05 -5.80 37.46
N LYS H 246 -47.21 -5.32 37.92
CA LYS H 246 -47.57 -5.25 39.33
C LYS H 246 -47.84 -6.67 39.89
N GLU H 247 -48.45 -7.55 39.08
CA GLU H 247 -48.75 -8.93 39.49
C GLU H 247 -47.54 -9.87 39.36
N LYS H 248 -46.56 -9.57 38.44
CA LYS H 248 -45.37 -10.42 38.23
C LYS H 248 -44.09 -9.88 38.89
N PHE H 249 -43.81 -8.57 38.79
CA PHE H 249 -42.60 -8.01 39.38
C PHE H 249 -42.85 -7.29 40.71
N GLY H 250 -44.09 -6.91 40.96
CA GLY H 250 -44.47 -6.20 42.19
C GLY H 250 -44.19 -4.71 42.12
N LYS H 251 -43.90 -4.18 40.92
CA LYS H 251 -43.62 -2.77 40.73
C LYS H 251 -44.87 -2.02 40.29
N GLU H 252 -45.21 -0.93 41.00
CA GLU H 252 -46.39 -0.13 40.67
C GLU H 252 -45.97 1.28 40.24
N TYR H 253 -46.54 1.75 39.13
CA TYR H 253 -46.23 3.08 38.57
C TYR H 253 -47.48 3.95 38.42
N ASN H 254 -48.61 3.36 37.97
CA ASN H 254 -49.87 4.08 37.73
C ASN H 254 -49.56 5.20 36.75
N PHE H 255 -48.75 4.89 35.73
CA PHE H 255 -48.32 5.84 34.71
C PHE H 255 -49.36 6.02 33.60
N PRO H 256 -49.93 7.23 33.45
CA PRO H 256 -50.95 7.46 32.40
C PRO H 256 -50.45 7.20 30.97
N VAL H 257 -51.32 6.64 30.11
CA VAL H 257 -50.99 6.33 28.71
C VAL H 257 -52.07 6.89 27.80
N LEU H 258 -51.69 7.70 26.81
CA LEU H 258 -52.65 8.30 25.88
C LEU H 258 -52.26 8.08 24.43
N HIS H 259 -53.20 7.62 23.60
CA HIS H 259 -52.92 7.40 22.19
C HIS H 259 -52.88 8.79 21.55
N LEU H 260 -52.13 8.98 20.47
CA LEU H 260 -52.07 10.30 19.83
C LEU H 260 -53.46 10.82 19.49
N SER H 261 -54.36 9.97 18.98
CA SER H 261 -55.72 10.40 18.64
C SER H 261 -56.41 10.90 19.90
N GLN H 262 -56.26 10.17 21.03
CA GLN H 262 -56.86 10.55 22.31
C GLN H 262 -56.23 11.84 22.82
N LEU H 263 -54.92 12.01 22.62
CA LEU H 263 -54.22 13.23 23.05
C LEU H 263 -54.68 14.39 22.18
N LEU H 264 -54.80 14.17 20.86
CA LEU H 264 -55.24 15.20 19.93
C LEU H 264 -56.70 15.53 20.22
N GLY H 265 -57.47 14.53 20.66
CA GLY H 265 -58.87 14.71 20.99
C GLY H 265 -59.03 15.59 22.21
N LEU H 266 -58.28 15.30 23.29
CA LEU H 266 -58.32 16.11 24.51
C LEU H 266 -58.01 17.55 24.16
N ALA H 267 -56.97 17.75 23.34
CA ALA H 267 -56.53 19.06 22.90
C ALA H 267 -57.59 19.78 22.07
N MET H 268 -58.36 19.02 21.27
CA MET H 268 -59.42 19.59 20.42
C MET H 268 -60.79 19.72 21.15
N GLY H 269 -60.74 19.83 22.48
CA GLY H 269 -61.94 19.99 23.29
C GLY H 269 -62.90 18.81 23.36
N MET H 270 -62.43 17.59 23.05
CA MET H 270 -63.30 16.42 23.10
C MET H 270 -63.56 16.10 24.58
N ASP H 271 -64.74 15.57 24.91
CA ASP H 271 -65.04 15.24 26.29
C ASP H 271 -64.35 13.93 26.70
N PRO H 272 -63.66 13.87 27.86
CA PRO H 272 -62.99 12.61 28.26
C PRO H 272 -63.87 11.36 28.13
N LYS H 273 -65.21 11.52 28.29
CA LYS H 273 -66.13 10.39 28.17
C LYS H 273 -66.24 9.94 26.71
N ASP H 274 -66.26 10.90 25.78
CA ASP H 274 -66.33 10.61 24.34
C ASP H 274 -64.98 10.00 23.92
N LEU H 275 -63.90 10.45 24.57
CA LEU H 275 -62.54 9.98 24.32
C LEU H 275 -62.32 8.60 24.96
N ALA H 276 -63.11 8.27 26.00
CA ALA H 276 -63.04 7.00 26.74
C ALA H 276 -61.70 6.83 27.44
N LEU H 277 -61.32 7.81 28.27
CA LEU H 277 -60.08 7.78 29.02
C LEU H 277 -60.26 7.02 30.33
N SER H 278 -61.51 6.91 30.79
CA SER H 278 -61.86 6.22 32.04
C SER H 278 -61.77 4.70 31.92
N VAL H 279 -61.99 4.13 30.71
CA VAL H 279 -61.95 2.68 30.49
C VAL H 279 -60.56 2.06 30.71
N HIS H 280 -59.49 2.83 30.49
CA HIS H 280 -58.11 2.34 30.64
C HIS H 280 -57.84 1.56 31.93
N GLN H 281 -57.10 0.43 31.83
CA GLN H 281 -56.74 -0.41 32.97
C GLN H 281 -56.06 0.50 33.99
N ILE H 282 -55.05 1.26 33.55
CA ILE H 282 -54.34 2.20 34.40
C ILE H 282 -55.14 3.48 34.30
N SER H 283 -55.50 4.05 35.43
CA SER H 283 -56.30 5.27 35.44
C SER H 283 -55.58 6.48 34.84
N VAL H 284 -56.29 7.24 34.01
CA VAL H 284 -55.76 8.45 33.37
C VAL H 284 -56.15 9.64 34.27
N ASP H 285 -57.02 9.40 35.27
CA ASP H 285 -57.47 10.45 36.18
C ASP H 285 -56.32 11.30 36.71
N PRO H 286 -55.15 10.75 37.12
CA PRO H 286 -54.08 11.62 37.59
C PRO H 286 -53.64 12.61 36.52
N LEU H 287 -53.68 12.20 35.25
CA LEU H 287 -53.30 13.08 34.15
C LEU H 287 -54.41 14.09 33.91
N LEU H 288 -55.69 13.65 33.99
CA LEU H 288 -56.82 14.55 33.78
C LEU H 288 -56.79 15.70 34.79
N LYS H 289 -56.21 15.47 35.99
CA LYS H 289 -56.12 16.51 37.02
C LYS H 289 -55.04 17.54 36.60
N LYS H 290 -53.98 17.07 35.91
CA LYS H 290 -52.91 17.95 35.45
C LYS H 290 -53.34 18.82 34.26
N ILE H 291 -54.50 18.51 33.63
CA ILE H 291 -55.04 19.27 32.50
C ILE H 291 -56.50 19.64 32.78
N MET I 1 -18.17 -30.28 21.22
CA MET I 1 -17.62 -30.84 19.99
C MET I 1 -18.66 -30.88 18.89
N ILE I 2 -18.36 -30.26 17.75
CA ILE I 2 -19.28 -30.22 16.61
C ILE I 2 -18.56 -30.88 15.45
N TYR I 3 -19.12 -31.96 14.91
CA TYR I 3 -18.52 -32.69 13.79
C TYR I 3 -19.26 -32.37 12.50
N SER I 4 -18.67 -32.76 11.36
CA SER I 4 -19.29 -32.53 10.04
C SER I 4 -20.64 -33.25 9.95
N SER I 5 -20.71 -34.45 10.57
CA SER I 5 -21.92 -35.28 10.57
C SER I 5 -23.11 -34.62 11.29
N ASP I 6 -22.84 -33.68 12.21
CA ASP I 6 -23.91 -33.00 12.95
C ASP I 6 -24.41 -31.76 12.20
N LEU I 7 -23.73 -31.37 11.11
CA LEU I 7 -24.11 -30.19 10.34
C LEU I 7 -24.82 -30.49 9.02
N ASN I 8 -25.72 -29.57 8.63
CA ASN I 8 -26.49 -29.63 7.41
C ASN I 8 -25.94 -28.55 6.50
N LYS I 9 -25.29 -28.97 5.44
CA LYS I 9 -24.68 -28.07 4.44
C LYS I 9 -25.68 -27.16 3.70
N ASN I 10 -26.92 -27.64 3.48
CA ASN I 10 -27.96 -26.88 2.76
C ASN I 10 -28.85 -26.01 3.65
N LEU I 11 -28.57 -25.90 4.96
CA LEU I 11 -29.42 -25.08 5.84
C LEU I 11 -29.69 -23.68 5.27
N ALA I 12 -28.65 -22.96 4.83
CA ALA I 12 -28.81 -21.61 4.28
C ALA I 12 -29.68 -21.64 3.01
N SER I 13 -29.43 -22.60 2.11
CA SER I 13 -30.21 -22.73 0.87
C SER I 13 -31.68 -22.99 1.20
N GLN I 14 -31.93 -23.91 2.14
CA GLN I 14 -33.28 -24.27 2.57
C GLN I 14 -34.00 -23.05 3.16
N ILE I 15 -33.28 -22.18 3.91
CA ILE I 15 -33.87 -20.97 4.50
C ILE I 15 -34.19 -20.02 3.35
N ILE I 16 -33.25 -19.87 2.39
CA ILE I 16 -33.44 -18.99 1.24
C ILE I 16 -34.62 -19.47 0.39
N GLU I 17 -34.74 -20.79 0.19
CA GLU I 17 -35.85 -21.38 -0.60
C GLU I 17 -37.19 -21.04 0.05
N ALA I 18 -37.27 -21.16 1.38
CA ALA I 18 -38.48 -20.86 2.13
C ALA I 18 -38.88 -19.39 1.99
N GLY I 19 -37.91 -18.53 1.73
CA GLY I 19 -38.13 -17.10 1.55
C GLY I 19 -38.40 -16.70 0.12
N THR I 20 -38.46 -17.68 -0.80
CA THR I 20 -38.71 -17.43 -2.22
C THR I 20 -40.12 -17.90 -2.60
N PRO I 21 -40.96 -17.05 -3.21
CA PRO I 21 -40.73 -15.64 -3.62
C PRO I 21 -41.11 -14.59 -2.57
N ILE I 22 -41.56 -15.02 -1.36
CA ILE I 22 -41.96 -14.08 -0.29
C ILE I 22 -41.12 -14.38 0.96
N PRO I 23 -40.38 -13.41 1.53
CA PRO I 23 -40.27 -11.99 1.15
C PRO I 23 -39.42 -11.71 -0.09
N GLY I 24 -38.77 -12.74 -0.64
CA GLY I 24 -37.94 -12.59 -1.82
C GLY I 24 -36.61 -13.31 -1.69
N ASP I 25 -36.12 -13.85 -2.80
CA ASP I 25 -34.83 -14.57 -2.86
C ASP I 25 -33.69 -13.61 -2.47
N ASP I 26 -33.68 -12.40 -3.06
CA ASP I 26 -32.64 -11.39 -2.79
C ASP I 26 -32.67 -10.92 -1.33
N VAL I 27 -33.85 -10.89 -0.72
CA VAL I 27 -34.01 -10.46 0.67
C VAL I 27 -33.41 -11.46 1.64
N VAL I 28 -33.76 -12.74 1.51
CA VAL I 28 -33.27 -13.77 2.41
C VAL I 28 -31.83 -14.21 2.07
N SER I 29 -31.42 -14.14 0.78
CA SER I 29 -30.04 -14.51 0.40
C SER I 29 -29.03 -13.55 1.02
N SER I 30 -29.50 -12.41 1.57
CA SER I 30 -28.64 -11.43 2.21
C SER I 30 -27.98 -12.03 3.45
N LEU I 31 -28.48 -13.17 3.96
CA LEU I 31 -27.88 -13.81 5.12
C LEU I 31 -26.42 -14.20 4.81
N LYS I 32 -26.13 -14.53 3.53
CA LYS I 32 -24.78 -14.92 3.11
C LYS I 32 -23.78 -13.78 3.20
N ALA I 33 -24.25 -12.52 3.25
CA ALA I 33 -23.39 -11.35 3.36
C ALA I 33 -22.95 -11.03 4.81
N CYS I 34 -23.53 -11.70 5.81
CA CYS I 34 -23.20 -11.43 7.21
C CYS I 34 -21.73 -11.66 7.55
N TYR I 35 -21.06 -10.64 8.15
CA TYR I 35 -19.65 -10.83 8.52
C TYR I 35 -19.46 -10.91 10.06
N GLN I 36 -20.51 -11.34 10.78
CA GLN I 36 -20.50 -11.53 12.24
C GLN I 36 -19.92 -10.38 13.07
N CYS I 37 -20.34 -9.15 12.78
CA CYS I 37 -19.84 -7.99 13.50
C CYS I 37 -20.47 -7.82 14.90
N GLY I 38 -21.70 -8.31 15.07
CA GLY I 38 -22.40 -8.22 16.34
C GLY I 38 -23.27 -7.00 16.54
N THR I 39 -23.34 -6.10 15.53
CA THR I 39 -24.15 -4.88 15.61
C THR I 39 -25.62 -5.22 15.89
N CYS I 40 -26.11 -6.31 15.30
CA CYS I 40 -27.49 -6.75 15.48
C CYS I 40 -27.75 -7.15 16.95
N THR I 41 -26.82 -7.90 17.56
CA THR I 41 -26.95 -8.34 18.94
C THR I 41 -26.95 -7.16 19.91
N GLY I 42 -26.04 -6.22 19.70
CA GLY I 42 -25.93 -5.04 20.56
C GLY I 42 -27.14 -4.13 20.48
N SER I 43 -27.87 -4.19 19.35
CA SER I 43 -29.06 -3.37 19.11
C SER I 43 -30.32 -4.07 19.61
N CYS I 44 -30.24 -5.37 19.88
CA CYS I 44 -31.39 -6.15 20.31
C CYS I 44 -31.90 -5.88 21.73
N PRO I 45 -33.16 -5.42 21.86
CA PRO I 45 -33.72 -5.17 23.20
C PRO I 45 -33.92 -6.48 23.97
N SER I 46 -34.25 -7.57 23.26
CA SER I 46 -34.48 -8.88 23.88
C SER I 46 -33.18 -9.49 24.39
N GLY I 47 -32.10 -9.30 23.64
CA GLY I 47 -30.79 -9.81 24.00
C GLY I 47 -30.27 -9.31 25.34
N ARG I 48 -30.70 -8.11 25.77
CA ARG I 48 -30.27 -7.54 27.06
C ARG I 48 -30.87 -8.22 28.28
N ARG I 49 -31.89 -9.06 28.10
CA ARG I 49 -32.54 -9.73 29.23
C ARG I 49 -32.64 -11.24 29.05
N THR I 50 -32.09 -11.80 27.95
CA THR I 50 -32.13 -13.23 27.70
C THR I 50 -30.80 -13.70 27.14
N SER I 51 -30.70 -15.00 26.84
CA SER I 51 -29.51 -15.62 26.27
C SER I 51 -29.53 -15.47 24.75
N TYR I 52 -30.59 -14.83 24.20
CA TYR I 52 -30.74 -14.62 22.77
C TYR I 52 -29.67 -13.68 22.20
N ARG I 53 -28.93 -14.16 21.18
CA ARG I 53 -27.90 -13.38 20.52
C ARG I 53 -28.20 -13.45 19.03
N THR I 54 -28.72 -12.34 18.46
CA THR I 54 -29.08 -12.26 17.05
C THR I 54 -27.99 -12.77 16.11
N ARG I 55 -26.74 -12.37 16.35
CA ARG I 55 -25.61 -12.77 15.51
C ARG I 55 -25.43 -14.29 15.48
N LYS I 56 -25.55 -14.96 16.64
CA LYS I 56 -25.39 -16.42 16.73
C LYS I 56 -26.46 -17.16 15.93
N VAL I 57 -27.65 -16.59 15.77
CA VAL I 57 -28.71 -17.24 15.01
C VAL I 57 -28.27 -17.28 13.54
N ILE I 58 -27.70 -16.17 13.05
CA ILE I 58 -27.22 -16.09 11.66
C ILE I 58 -26.02 -17.05 11.50
N ARG I 59 -25.14 -17.11 12.52
CA ARG I 59 -23.97 -17.99 12.49
C ARG I 59 -24.39 -19.44 12.36
N LYS I 60 -25.41 -19.87 13.10
CA LYS I 60 -25.91 -21.24 13.04
C LYS I 60 -26.40 -21.57 11.63
N ALA I 61 -27.20 -20.66 11.04
CA ALA I 61 -27.73 -20.86 9.68
C ALA I 61 -26.59 -21.06 8.68
N LEU I 62 -25.53 -20.25 8.80
CA LEU I 62 -24.38 -20.34 7.90
C LEU I 62 -23.51 -21.58 8.14
N LEU I 63 -23.38 -22.00 9.40
CA LEU I 63 -22.57 -23.17 9.75
C LEU I 63 -23.30 -24.48 9.43
N GLY I 64 -24.64 -24.44 9.49
CA GLY I 64 -25.47 -25.61 9.21
C GLY I 64 -26.03 -26.31 10.44
N MET I 65 -26.15 -25.60 11.57
CA MET I 65 -26.68 -26.20 12.80
C MET I 65 -28.19 -26.14 12.77
N ASP I 66 -28.82 -27.30 12.50
CA ASP I 66 -30.28 -27.43 12.43
C ASP I 66 -31.01 -27.08 13.72
N ASP I 67 -30.36 -27.22 14.90
CA ASP I 67 -31.01 -26.92 16.18
C ASP I 67 -31.56 -25.49 16.28
N VAL I 68 -31.05 -24.55 15.47
CA VAL I 68 -31.55 -23.16 15.51
C VAL I 68 -33.08 -23.14 15.25
N LEU I 69 -33.60 -24.09 14.45
CA LEU I 69 -35.04 -24.18 14.14
C LEU I 69 -35.84 -24.65 15.37
N ASP I 70 -35.22 -25.48 16.23
CA ASP I 70 -35.81 -26.05 17.45
C ASP I 70 -35.62 -25.13 18.66
N SER I 71 -34.83 -24.07 18.52
CA SER I 71 -34.55 -23.14 19.62
C SER I 71 -35.72 -22.23 19.99
N ASP I 72 -35.81 -21.86 21.27
CA ASP I 72 -36.85 -20.95 21.79
C ASP I 72 -36.40 -19.53 21.50
N ASP I 73 -35.07 -19.35 21.32
CA ASP I 73 -34.43 -18.08 21.04
C ASP I 73 -34.97 -17.33 19.82
N ILE I 74 -35.14 -18.01 18.68
CA ILE I 74 -35.64 -17.36 17.47
C ILE I 74 -37.02 -16.71 17.70
N TRP I 75 -37.76 -17.21 18.70
CA TRP I 75 -39.09 -16.69 19.02
C TRP I 75 -39.06 -15.52 20.02
N LYS I 76 -37.86 -15.05 20.41
CA LYS I 76 -37.72 -13.93 21.35
C LYS I 76 -37.55 -12.59 20.61
N CYS I 77 -37.42 -12.64 19.28
CA CYS I 77 -37.30 -11.44 18.45
C CYS I 77 -38.67 -10.75 18.37
N THR I 78 -38.73 -9.45 18.69
CA THR I 78 -39.99 -8.70 18.64
C THR I 78 -40.22 -8.08 17.26
N THR I 79 -39.26 -8.26 16.32
CA THR I 79 -39.32 -7.72 14.96
C THR I 79 -39.34 -6.19 14.98
N CYS I 80 -38.50 -5.59 15.83
CA CYS I 80 -38.41 -4.13 15.95
C CYS I 80 -37.65 -3.49 14.76
N TYR I 81 -36.97 -4.32 13.91
CA TYR I 81 -36.20 -3.85 12.74
C TYR I 81 -34.97 -2.98 13.07
N THR I 82 -34.53 -2.90 14.35
CA THR I 82 -33.36 -2.08 14.69
C THR I 82 -32.08 -2.68 14.08
N CYS I 83 -31.96 -4.01 14.09
CA CYS I 83 -30.79 -4.69 13.53
C CYS I 83 -30.76 -4.48 12.00
N TYR I 84 -31.95 -4.55 11.38
CA TYR I 84 -32.16 -4.36 9.94
C TYR I 84 -31.69 -2.96 9.52
N GLU I 85 -31.99 -1.97 10.35
CA GLU I 85 -31.62 -0.57 10.10
C GLU I 85 -30.14 -0.30 10.26
N ARG I 86 -29.49 -0.99 11.21
CA ARG I 86 -28.08 -0.78 11.48
C ARG I 86 -27.10 -1.77 10.86
N CYS I 87 -27.55 -2.86 10.21
CA CYS I 87 -26.59 -3.80 9.63
C CYS I 87 -25.71 -3.16 8.57
N PRO I 88 -24.38 -3.16 8.76
CA PRO I 88 -23.49 -2.57 7.76
C PRO I 88 -23.32 -3.43 6.51
N ARG I 89 -23.74 -4.70 6.55
CA ARG I 89 -23.62 -5.61 5.40
C ARG I 89 -24.95 -5.79 4.64
N ASP I 90 -25.97 -4.97 4.96
CA ASP I 90 -27.30 -5.02 4.32
C ASP I 90 -28.02 -6.37 4.51
N VAL I 91 -27.77 -7.05 5.64
CA VAL I 91 -28.45 -8.32 5.91
C VAL I 91 -29.87 -7.92 6.35
N LYS I 92 -30.90 -8.51 5.74
CA LYS I 92 -32.30 -8.20 6.07
C LYS I 92 -32.63 -9.14 7.21
N VAL I 93 -31.99 -8.90 8.35
CA VAL I 93 -32.09 -9.70 9.58
C VAL I 93 -33.50 -10.07 10.00
N THR I 94 -34.37 -9.08 10.20
CA THR I 94 -35.75 -9.32 10.64
C THR I 94 -36.50 -10.26 9.71
N GLU I 95 -36.29 -10.13 8.39
CA GLU I 95 -36.97 -10.98 7.42
C GLU I 95 -36.40 -12.40 7.44
N ILE I 96 -35.10 -12.54 7.75
CA ILE I 96 -34.45 -13.86 7.83
C ILE I 96 -34.96 -14.61 9.05
N ILE I 97 -35.19 -13.89 10.16
CA ILE I 97 -35.71 -14.50 11.40
C ILE I 97 -37.12 -15.03 11.14
N LYS I 98 -37.98 -14.23 10.50
CA LYS I 98 -39.35 -14.63 10.19
C LYS I 98 -39.34 -15.84 9.28
N THR I 99 -38.38 -15.88 8.34
CA THR I 99 -38.25 -17.00 7.42
C THR I 99 -37.77 -18.25 8.18
N ILE I 100 -36.82 -18.10 9.12
CA ILE I 100 -36.34 -19.25 9.89
C ILE I 100 -37.50 -19.81 10.75
N ARG I 101 -38.41 -18.91 11.22
CA ARG I 101 -39.57 -19.31 12.02
C ARG I 101 -40.57 -20.12 11.20
N ASN I 102 -40.68 -19.82 9.89
CA ASN I 102 -41.59 -20.54 9.00
C ASN I 102 -41.16 -22.01 8.98
N LEU I 103 -39.85 -22.26 8.81
CA LEU I 103 -39.31 -23.62 8.78
C LEU I 103 -39.48 -24.28 10.16
N ALA I 104 -39.38 -23.47 11.23
CA ALA I 104 -39.54 -23.98 12.59
C ALA I 104 -40.98 -24.47 12.76
N ALA I 105 -41.96 -23.67 12.29
CA ALA I 105 -43.37 -24.02 12.38
C ALA I 105 -43.68 -25.29 11.61
N GLN I 106 -43.07 -25.46 10.43
CA GLN I 106 -43.28 -26.65 9.60
C GLN I 106 -42.75 -27.90 10.32
N LYS I 107 -41.68 -27.74 11.14
CA LYS I 107 -41.08 -28.83 11.90
C LYS I 107 -41.95 -29.19 13.12
N GLY I 108 -42.86 -28.28 13.50
CA GLY I 108 -43.75 -28.47 14.63
C GLY I 108 -43.39 -27.65 15.84
N ASN I 109 -42.45 -26.69 15.68
CA ASN I 109 -42.02 -25.84 16.77
C ASN I 109 -42.83 -24.55 16.80
N MET I 110 -44.11 -24.65 17.12
CA MET I 110 -44.96 -23.47 17.18
C MET I 110 -45.63 -23.48 18.54
N ALA I 111 -45.54 -22.37 19.29
CA ALA I 111 -46.14 -22.31 20.61
C ALA I 111 -47.63 -22.39 20.55
N LYS I 112 -48.21 -22.95 21.59
CA LYS I 112 -49.66 -23.11 21.69
C LYS I 112 -50.37 -21.75 21.66
N ALA I 113 -49.85 -20.76 22.38
CA ALA I 113 -50.44 -19.41 22.41
C ALA I 113 -50.49 -18.80 21.00
N HIS I 114 -49.51 -19.15 20.16
CA HIS I 114 -49.44 -18.64 18.79
C HIS I 114 -50.43 -19.36 17.89
N LYS I 115 -50.58 -20.68 18.07
CA LYS I 115 -51.54 -21.46 17.27
C LYS I 115 -52.97 -20.96 17.57
N MET I 116 -53.22 -20.49 18.81
CA MET I 116 -54.52 -19.96 19.21
C MET I 116 -54.75 -18.61 18.55
N THR I 117 -53.74 -17.73 18.55
CA THR I 117 -53.84 -16.41 17.89
C THR I 117 -54.10 -16.66 16.40
N ALA I 118 -53.43 -17.66 15.81
CA ALA I 118 -53.60 -18.02 14.40
C ALA I 118 -55.00 -18.58 14.17
N MET I 119 -55.52 -19.31 15.17
CA MET I 119 -56.85 -19.92 15.11
C MET I 119 -57.92 -18.80 15.17
N TYR I 120 -57.68 -17.72 15.97
CA TYR I 120 -58.65 -16.61 16.08
C TYR I 120 -58.90 -15.96 14.72
N VAL I 121 -57.85 -15.83 13.89
CA VAL I 121 -57.97 -15.22 12.56
C VAL I 121 -58.70 -16.19 11.63
N LEU I 122 -58.45 -17.49 11.80
CA LEU I 122 -59.10 -18.51 10.98
C LEU I 122 -60.58 -18.62 11.34
N LYS I 123 -60.89 -18.71 12.64
CA LYS I 123 -62.25 -18.84 13.16
C LYS I 123 -63.09 -17.55 13.04
N TYR I 124 -62.58 -16.43 13.58
CA TYR I 124 -63.29 -15.14 13.57
C TYR I 124 -62.77 -14.11 12.57
N GLY I 125 -61.62 -14.34 11.95
CA GLY I 125 -61.06 -13.39 11.00
C GLY I 125 -60.16 -12.34 11.64
N HIS I 126 -60.01 -12.38 12.99
CA HIS I 126 -59.18 -11.40 13.72
C HIS I 126 -58.38 -12.03 14.88
N ALA I 127 -57.13 -11.57 15.11
CA ALA I 127 -56.26 -12.05 16.20
C ALA I 127 -56.87 -11.67 17.55
N VAL I 128 -57.55 -10.50 17.59
CA VAL I 128 -58.21 -10.00 18.81
C VAL I 128 -59.68 -9.74 18.45
N PRO I 129 -60.55 -10.76 18.57
CA PRO I 129 -61.97 -10.56 18.22
C PRO I 129 -62.81 -9.80 19.25
N ALA I 130 -63.97 -9.31 18.80
CA ALA I 130 -64.92 -8.57 19.62
C ALA I 130 -65.69 -9.54 20.55
N ASN I 131 -66.05 -9.05 21.74
CA ASN I 131 -66.79 -9.82 22.75
C ASN I 131 -68.04 -9.03 23.19
N LYS I 132 -68.84 -9.58 24.12
CA LYS I 132 -70.05 -8.88 24.60
C LYS I 132 -69.72 -7.48 25.13
N ASN I 133 -68.56 -7.33 25.80
CA ASN I 133 -68.14 -6.04 26.36
C ASN I 133 -67.79 -5.03 25.26
N THR I 134 -67.34 -5.51 24.09
CA THR I 134 -66.98 -4.64 22.96
C THR I 134 -68.25 -3.95 22.48
N ALA I 135 -69.32 -4.74 22.28
CA ALA I 135 -70.61 -4.23 21.83
C ALA I 135 -71.15 -3.15 22.77
N GLU I 136 -71.21 -3.44 24.07
CA GLU I 136 -71.73 -2.48 25.06
C GLU I 136 -70.84 -1.24 25.20
N LEU I 137 -69.53 -1.37 24.92
CA LEU I 137 -68.60 -0.24 25.01
C LEU I 137 -68.83 0.68 23.80
N ARG I 138 -68.74 0.12 22.58
CA ARG I 138 -68.95 0.86 21.33
C ARG I 138 -70.29 1.59 21.33
N LYS I 139 -71.33 0.99 21.93
CA LYS I 139 -72.67 1.55 22.02
C LYS I 139 -72.65 2.84 22.86
N SER I 140 -72.07 2.77 24.07
CA SER I 140 -71.97 3.90 24.99
C SER I 140 -71.05 5.03 24.48
N ILE I 141 -70.11 4.69 23.58
CA ILE I 141 -69.17 5.66 23.00
C ILE I 141 -69.79 6.42 21.82
N GLY I 142 -70.76 5.82 21.14
CA GLY I 142 -71.44 6.42 20.00
C GLY I 142 -71.05 5.81 18.67
N LEU I 143 -70.36 4.67 18.69
CA LEU I 143 -69.93 3.96 17.48
C LEU I 143 -70.91 2.86 17.16
N SER I 144 -70.79 2.28 15.95
CA SER I 144 -71.67 1.18 15.55
C SER I 144 -71.37 -0.02 16.46
N GLU I 145 -72.40 -0.61 17.07
CA GLU I 145 -72.25 -1.75 17.98
C GLU I 145 -71.25 -2.81 17.47
N LYS I 146 -71.30 -3.11 16.17
CA LYS I 146 -70.41 -4.08 15.54
C LYS I 146 -69.67 -3.36 14.42
N ALA I 147 -68.33 -3.33 14.48
CA ALA I 147 -67.51 -2.64 13.47
C ALA I 147 -67.66 -3.27 12.08
N PRO I 148 -67.46 -2.50 10.99
CA PRO I 148 -67.60 -3.09 9.65
C PRO I 148 -66.37 -3.91 9.29
N ILE I 149 -66.16 -5.00 10.03
CA ILE I 149 -65.01 -5.90 9.84
C ILE I 149 -65.45 -7.30 9.45
N ALA I 150 -64.47 -8.14 9.04
CA ALA I 150 -64.70 -9.52 8.60
C ALA I 150 -65.41 -10.39 9.63
N GLN I 151 -65.23 -10.10 10.94
CA GLN I 151 -65.87 -10.88 12.01
C GLN I 151 -67.38 -11.03 11.82
N PHE I 152 -68.05 -9.95 11.38
CA PHE I 152 -69.49 -9.94 11.17
C PHE I 152 -69.88 -9.99 9.68
N SER I 153 -69.05 -10.63 8.85
CA SER I 153 -69.30 -10.74 7.42
C SER I 153 -68.93 -12.16 6.95
N GLU I 154 -69.95 -13.01 6.74
CA GLU I 154 -69.73 -14.39 6.28
C GLU I 154 -69.03 -14.46 4.93
N LYS I 155 -69.28 -13.48 4.05
CA LYS I 155 -68.66 -13.43 2.74
C LYS I 155 -67.14 -13.34 2.90
N ASP I 156 -66.68 -12.41 3.74
CA ASP I 156 -65.26 -12.20 4.00
C ASP I 156 -64.64 -13.34 4.82
N LEU I 157 -65.42 -13.93 5.75
CA LEU I 157 -64.93 -15.04 6.56
C LEU I 157 -64.71 -16.27 5.69
N ASN I 158 -65.61 -16.50 4.72
CA ASN I 158 -65.50 -17.64 3.80
C ASN I 158 -64.38 -17.40 2.78
N GLU I 159 -64.11 -16.11 2.45
CA GLU I 159 -63.05 -15.77 1.50
C GLU I 159 -61.71 -16.15 2.12
N MET I 160 -61.51 -15.78 3.40
CA MET I 160 -60.27 -16.08 4.13
C MET I 160 -60.09 -17.59 4.31
N ASN I 161 -61.20 -18.32 4.58
CA ASN I 161 -61.19 -19.77 4.76
C ASN I 161 -60.73 -20.47 3.48
N THR I 162 -61.15 -19.96 2.32
CA THR I 162 -60.79 -20.52 1.02
C THR I 162 -59.30 -20.30 0.77
N LEU I 163 -58.79 -19.11 1.15
CA LEU I 163 -57.38 -18.79 0.96
C LEU I 163 -56.52 -19.61 1.92
N ILE I 164 -56.92 -19.68 3.21
CA ILE I 164 -56.19 -20.45 4.23
C ILE I 164 -56.05 -21.92 3.82
N LYS I 165 -57.14 -22.54 3.31
CA LYS I 165 -57.12 -23.93 2.88
C LYS I 165 -56.17 -24.11 1.68
N GLU I 166 -56.18 -23.15 0.74
CA GLU I 166 -55.34 -23.19 -0.44
C GLU I 166 -53.85 -23.02 -0.08
N LEU I 167 -53.58 -22.20 0.94
CA LEU I 167 -52.21 -21.95 1.40
C LEU I 167 -51.67 -23.08 2.27
N GLY I 168 -52.57 -23.88 2.84
CA GLY I 168 -52.20 -24.99 3.70
C GLY I 168 -51.85 -24.53 5.11
N PHE I 169 -52.31 -23.30 5.46
CA PHE I 169 -52.05 -22.72 6.78
C PHE I 169 -52.84 -23.45 7.86
N ASP I 170 -54.02 -23.99 7.50
CA ASP I 170 -54.85 -24.73 8.45
C ASP I 170 -54.12 -26.01 8.87
N GLU I 171 -53.46 -26.70 7.91
CA GLU I 171 -52.70 -27.93 8.17
C GLU I 171 -51.43 -27.62 8.95
N LEU I 172 -50.84 -26.43 8.72
CA LEU I 172 -49.63 -26.00 9.41
C LEU I 172 -49.89 -25.89 10.91
N ILE I 173 -50.94 -25.13 11.28
CA ILE I 173 -51.29 -24.95 12.70
C ILE I 173 -52.01 -26.18 13.28
N GLY I 174 -52.46 -27.09 12.42
CA GLY I 174 -53.15 -28.30 12.83
C GLY I 174 -54.58 -28.04 13.27
N PHE I 175 -55.33 -27.30 12.45
CA PHE I 175 -56.73 -26.97 12.75
C PHE I 175 -57.72 -27.92 12.10
N ASP I 176 -58.70 -28.41 12.88
CA ASP I 176 -59.74 -29.31 12.38
C ASP I 176 -60.99 -28.46 12.19
N TRP I 177 -61.48 -28.39 10.94
CA TRP I 177 -62.65 -27.59 10.62
C TRP I 177 -63.96 -28.14 11.21
N GLU I 178 -64.12 -29.47 11.26
CA GLU I 178 -65.35 -30.05 11.81
C GLU I 178 -65.46 -29.81 13.32
N LYS I 179 -64.37 -30.05 14.06
CA LYS I 179 -64.34 -29.85 15.51
C LYS I 179 -64.27 -28.36 15.86
N GLY I 180 -63.75 -27.55 14.94
CA GLY I 180 -63.61 -26.11 15.15
C GLY I 180 -62.55 -25.79 16.19
N ALA I 181 -61.50 -26.62 16.25
CA ALA I 181 -60.41 -26.43 17.22
C ALA I 181 -59.11 -27.04 16.71
N LEU I 182 -58.01 -26.82 17.44
CA LEU I 182 -56.70 -27.36 17.08
C LEU I 182 -56.60 -28.81 17.53
N LYS I 183 -55.88 -29.62 16.75
CA LYS I 183 -55.71 -31.04 17.07
C LYS I 183 -54.83 -31.22 18.32
N GLU J 3 23.96 8.94 47.35
CA GLU J 3 25.23 9.62 47.65
C GLU J 3 26.26 9.44 46.52
N TRP J 4 26.06 8.42 45.65
CA TRP J 4 26.97 8.15 44.52
C TRP J 4 26.19 7.51 43.38
N GLU J 5 26.51 7.91 42.14
CA GLU J 5 25.89 7.37 40.95
C GLU J 5 26.99 7.02 39.96
N PRO J 6 26.94 5.84 39.33
CA PRO J 6 27.99 5.49 38.36
C PRO J 6 28.11 6.43 37.17
N LYS J 7 29.34 6.60 36.67
CA LYS J 7 29.62 7.42 35.50
C LYS J 7 29.90 6.44 34.40
N ILE J 8 28.96 6.27 33.48
CA ILE J 8 29.14 5.33 32.39
C ILE J 8 29.21 6.06 31.06
N ILE J 9 30.15 5.66 30.21
CA ILE J 9 30.31 6.27 28.89
C ILE J 9 29.96 5.21 27.86
N GLY J 10 29.29 5.63 26.80
CA GLY J 10 28.88 4.73 25.74
C GLY J 10 29.40 5.12 24.38
N PHE J 11 29.65 4.13 23.53
CA PHE J 11 30.12 4.33 22.16
C PHE J 11 29.16 3.53 21.32
N CYS J 12 28.34 4.19 20.50
CA CYS J 12 27.35 3.49 19.68
C CYS J 12 27.49 3.80 18.20
N CYS J 13 27.32 2.78 17.34
CA CYS J 13 27.42 2.96 15.91
C CYS J 13 26.13 3.64 15.40
N ASN J 14 26.29 4.59 14.47
CA ASN J 14 25.20 5.36 13.89
C ASN J 14 24.10 4.56 13.19
N TRP J 15 24.40 3.38 12.66
CA TRP J 15 23.41 2.61 11.92
C TRP J 15 22.52 1.71 12.77
N CYS J 16 23.08 0.98 13.72
CA CYS J 16 22.28 0.08 14.54
C CYS J 16 22.06 0.51 15.98
N THR J 17 23.09 0.38 16.85
CA THR J 17 22.88 0.74 18.25
C THR J 17 22.42 2.19 18.45
N TYR J 18 22.85 3.16 17.60
CA TYR J 18 22.37 4.52 17.81
C TYR J 18 20.85 4.56 17.55
N GLY J 19 20.41 3.84 16.54
CA GLY J 19 18.99 3.77 16.21
C GLY J 19 18.24 2.99 17.27
N GLY J 20 18.89 1.97 17.83
CA GLY J 20 18.32 1.14 18.87
C GLY J 20 18.07 1.97 20.12
N ALA J 21 18.97 2.91 20.38
CA ALA J 21 18.85 3.81 21.52
C ALA J 21 17.72 4.81 21.24
N ASP J 22 17.56 5.23 19.97
CA ASP J 22 16.51 6.18 19.59
C ASP J 22 15.14 5.48 19.70
N THR J 23 15.08 4.19 19.32
CA THR J 23 13.84 3.41 19.40
C THR J 23 13.38 3.33 20.83
N ALA J 24 14.33 3.08 21.75
CA ALA J 24 14.03 2.98 23.18
C ALA J 24 13.41 4.32 23.64
N GLY J 25 13.93 5.42 23.10
CA GLY J 25 13.43 6.75 23.43
C GLY J 25 12.05 7.01 22.85
N VAL J 26 11.82 6.62 21.58
CA VAL J 26 10.51 6.83 20.96
C VAL J 26 9.43 6.04 21.72
N GLY J 27 9.77 4.83 22.17
CA GLY J 27 8.84 3.99 22.92
C GLY J 27 8.82 4.27 24.41
N ARG J 28 9.49 5.37 24.86
CA ARG J 28 9.58 5.81 26.26
C ARG J 28 10.03 4.67 27.18
N MET J 29 11.01 3.87 26.70
CA MET J 29 11.54 2.74 27.43
C MET J 29 12.57 3.29 28.40
N GLN J 30 12.14 3.49 29.65
CA GLN J 30 12.98 4.05 30.71
C GLN J 30 14.16 3.18 31.12
N TYR J 31 15.29 3.82 31.39
CA TYR J 31 16.50 3.13 31.85
C TYR J 31 17.34 4.12 32.71
N PRO J 32 18.30 3.64 33.51
CA PRO J 32 19.05 4.57 34.38
C PRO J 32 19.85 5.66 33.64
N PRO J 33 19.93 6.88 34.23
CA PRO J 33 20.64 8.00 33.57
C PRO J 33 22.15 8.11 33.80
N SER J 34 22.86 6.99 33.98
CA SER J 34 24.31 7.05 34.19
C SER J 34 25.08 7.19 32.87
N ILE J 35 24.63 6.50 31.83
CA ILE J 35 25.30 6.54 30.52
C ILE J 35 25.19 7.86 29.77
N ARG J 36 26.22 8.16 28.97
CA ARG J 36 26.33 9.31 28.08
C ARG J 36 26.86 8.65 26.82
N ILE J 37 26.13 8.74 25.72
CA ILE J 37 26.54 8.09 24.48
C ILE J 37 27.34 8.99 23.53
N ILE J 38 28.35 8.40 22.88
CA ILE J 38 29.21 9.06 21.91
C ILE J 38 28.90 8.36 20.61
N ARG J 39 28.69 9.12 19.54
CA ARG J 39 28.36 8.55 18.23
C ARG J 39 29.56 8.38 17.32
N VAL J 40 29.65 7.21 16.69
CA VAL J 40 30.69 6.87 15.71
C VAL J 40 29.90 6.30 14.54
N MET J 41 30.49 6.19 13.34
CA MET J 41 29.75 5.64 12.21
C MET J 41 29.67 4.12 12.30
N CYS J 42 30.75 3.50 12.76
CA CYS J 42 30.84 2.05 12.87
C CYS J 42 31.54 1.68 14.17
N SER J 43 31.29 0.45 14.68
CA SER J 43 31.96 0.01 15.91
C SER J 43 33.43 -0.24 15.56
N GLY J 44 33.75 -0.41 14.27
CA GLY J 44 35.11 -0.60 13.81
C GLY J 44 35.97 0.61 14.10
N ARG J 45 35.32 1.77 14.40
CA ARG J 45 36.02 3.00 14.75
C ARG J 45 36.53 2.89 16.19
N ILE J 46 35.91 2.03 17.00
CA ILE J 46 36.29 1.86 18.38
C ILE J 46 37.58 1.06 18.51
N GLU J 47 38.53 1.59 19.29
CA GLU J 47 39.84 0.97 19.53
C GLU J 47 40.22 1.12 21.02
N PRO J 48 41.16 0.29 21.52
CA PRO J 48 41.58 0.38 22.92
C PRO J 48 41.80 1.77 23.51
N SER J 49 42.46 2.66 22.74
CA SER J 49 42.76 4.03 23.16
C SER J 49 41.55 4.83 23.65
N LEU J 50 40.36 4.64 23.02
CA LEU J 50 39.16 5.37 23.42
C LEU J 50 38.58 4.86 24.75
N ILE J 51 38.68 3.54 25.00
CA ILE J 51 38.18 2.92 26.23
C ILE J 51 39.11 3.20 27.40
N LEU J 52 40.42 3.08 27.18
CA LEU J 52 41.41 3.34 28.23
C LEU J 52 41.38 4.82 28.63
N LYS J 53 41.14 5.71 27.64
CA LYS J 53 41.05 7.16 27.87
C LYS J 53 39.83 7.44 28.76
N ALA J 54 38.72 6.73 28.52
CA ALA J 54 37.50 6.89 29.31
C ALA J 54 37.75 6.52 30.77
N PHE J 55 38.43 5.38 31.00
CA PHE J 55 38.75 4.95 32.38
C PHE J 55 39.66 5.99 33.03
N LYS J 56 40.65 6.51 32.28
CA LYS J 56 41.58 7.52 32.82
C LYS J 56 40.79 8.75 33.31
N GLU J 57 39.80 9.18 32.51
CA GLU J 57 38.97 10.34 32.84
C GLU J 57 38.03 10.13 34.04
N GLY J 58 37.81 8.89 34.46
CA GLY J 58 36.96 8.59 35.59
C GLY J 58 35.77 7.70 35.36
N ALA J 59 35.65 7.07 34.18
CA ALA J 59 34.51 6.21 33.92
C ALA J 59 34.47 5.00 34.87
N ASP J 60 33.29 4.70 35.40
CA ASP J 60 33.10 3.55 36.29
C ASP J 60 32.77 2.35 35.42
N GLY J 61 32.20 2.62 34.26
CA GLY J 61 31.83 1.60 33.29
C GLY J 61 31.90 2.14 31.87
N VAL J 62 32.27 1.29 30.91
CA VAL J 62 32.36 1.69 29.50
C VAL J 62 31.49 0.73 28.70
N PHE J 63 30.60 1.27 27.87
CA PHE J 63 29.71 0.45 27.03
C PHE J 63 29.99 0.70 25.56
N VAL J 64 29.92 -0.36 24.75
CA VAL J 64 30.13 -0.24 23.31
C VAL J 64 29.03 -1.01 22.60
N GLY J 65 28.40 -0.38 21.62
CA GLY J 65 27.33 -0.98 20.85
C GLY J 65 27.58 -0.92 19.35
N GLY J 66 27.40 -2.04 18.67
CA GLY J 66 27.59 -2.16 17.23
C GLY J 66 26.53 -3.02 16.59
N CYS J 67 26.59 -3.18 15.26
CA CYS J 67 25.61 -4.00 14.53
C CYS J 67 25.82 -5.46 14.86
N HIS J 68 24.84 -6.30 14.53
CA HIS J 68 24.99 -7.74 14.77
C HIS J 68 26.11 -8.24 13.87
N LEU J 69 26.83 -9.27 14.29
CA LEU J 69 27.92 -9.79 13.47
C LEU J 69 27.36 -10.29 12.15
N GLY J 70 27.81 -9.67 11.06
CA GLY J 70 27.37 -9.98 9.71
C GLY J 70 26.43 -8.92 9.15
N ASP J 71 25.89 -8.04 10.03
CA ASP J 71 24.96 -6.97 9.64
C ASP J 71 25.58 -5.56 9.72
N CYS J 72 26.91 -5.45 9.76
CA CYS J 72 27.57 -4.14 9.83
C CYS J 72 27.21 -3.35 8.58
N HIS J 73 26.85 -2.05 8.73
CA HIS J 73 26.49 -1.21 7.58
C HIS J 73 27.68 -1.16 6.63
N TYR J 74 28.90 -1.28 7.19
CA TYR J 74 30.11 -1.26 6.40
C TYR J 74 30.70 -2.68 6.31
N ASP J 75 29.83 -3.69 6.16
CA ASP J 75 30.17 -5.11 6.01
C ASP J 75 30.96 -5.81 7.12
N SER J 76 32.15 -5.32 7.53
CA SER J 76 32.93 -6.05 8.55
C SER J 76 33.64 -5.20 9.62
N GLY J 77 33.20 -3.97 9.86
CA GLY J 77 33.86 -3.14 10.86
C GLY J 77 33.77 -3.74 12.26
N ASN J 78 32.61 -4.36 12.59
CA ASN J 78 32.39 -4.98 13.90
C ASN J 78 33.26 -6.23 14.17
N TYR J 79 33.84 -6.86 13.13
CA TYR J 79 34.67 -8.04 13.32
C TYR J 79 36.02 -7.61 13.87
N LYS J 80 36.50 -6.42 13.45
CA LYS J 80 37.78 -5.89 13.92
C LYS J 80 37.61 -5.47 15.37
N TRP J 81 36.48 -4.79 15.68
CA TRP J 81 36.21 -4.34 17.06
C TRP J 81 36.07 -5.55 17.98
N GLN J 82 35.43 -6.63 17.50
CA GLN J 82 35.27 -7.82 18.35
C GLN J 82 36.64 -8.39 18.75
N ARG J 83 37.62 -8.39 17.83
CA ARG J 83 38.96 -8.92 18.15
C ARG J 83 39.67 -7.98 19.12
N ARG J 84 39.45 -6.67 18.98
CA ARG J 84 40.08 -5.68 19.87
C ARG J 84 39.54 -5.71 21.28
N VAL J 85 38.22 -5.89 21.44
CA VAL J 85 37.59 -5.92 22.76
C VAL J 85 37.98 -7.14 23.60
N MET J 86 38.20 -8.32 22.96
CA MET J 86 38.59 -9.53 23.69
C MET J 86 39.95 -9.37 24.32
N MET J 87 40.86 -8.67 23.63
CA MET J 87 42.21 -8.41 24.13
C MET J 87 42.12 -7.39 25.26
N LEU J 88 41.32 -6.36 25.03
CA LEU J 88 41.10 -5.28 25.98
C LEU J 88 40.52 -5.78 27.31
N TYR J 89 39.66 -6.81 27.29
CA TYR J 89 39.08 -7.35 28.51
C TYR J 89 40.17 -7.87 29.44
N GLU J 90 41.12 -8.64 28.87
CA GLU J 90 42.21 -9.21 29.64
C GLU J 90 43.26 -8.18 30.02
N LEU J 91 43.45 -7.13 29.21
CA LEU J 91 44.42 -6.07 29.52
C LEU J 91 43.89 -5.31 30.74
N LEU J 92 42.56 -5.04 30.77
CA LEU J 92 41.94 -4.34 31.89
C LEU J 92 42.18 -5.14 33.19
N GLU J 93 42.06 -6.47 33.13
CA GLU J 93 42.28 -7.31 34.32
C GLU J 93 43.74 -7.21 34.78
N GLU J 94 44.69 -7.12 33.83
CA GLU J 94 46.11 -7.01 34.18
C GLU J 94 46.38 -5.65 34.84
N LEU J 95 45.56 -4.63 34.53
CA LEU J 95 45.68 -3.28 35.08
C LEU J 95 44.83 -3.12 36.35
N GLY J 96 44.22 -4.19 36.84
CA GLY J 96 43.38 -4.14 38.03
C GLY J 96 42.00 -3.57 37.80
N ILE J 97 41.55 -3.51 36.54
CA ILE J 97 40.22 -3.00 36.20
C ILE J 97 39.36 -4.23 35.95
N GLU J 98 38.24 -4.35 36.66
CA GLU J 98 37.37 -5.51 36.48
C GLU J 98 36.86 -5.61 35.06
N LYS J 99 36.95 -6.80 34.44
CA LYS J 99 36.48 -7.07 33.07
C LYS J 99 35.03 -6.60 32.90
N GLU J 100 34.27 -6.75 33.98
CA GLU J 100 32.86 -6.38 34.03
C GLU J 100 32.63 -4.88 33.89
N ARG J 101 33.68 -4.02 34.02
CA ARG J 101 33.52 -2.58 33.88
C ARG J 101 33.43 -2.19 32.41
N LEU J 102 33.69 -3.14 31.50
CA LEU J 102 33.60 -2.94 30.06
C LEU J 102 32.48 -3.86 29.57
N ASN J 103 31.55 -3.35 28.78
CA ASN J 103 30.45 -4.15 28.26
C ASN J 103 30.27 -3.84 26.80
N HIS J 104 30.26 -4.87 25.95
CA HIS J 104 30.07 -4.66 24.53
C HIS J 104 28.89 -5.55 24.11
N GLU J 105 27.99 -5.00 23.30
CA GLU J 105 26.80 -5.73 22.85
C GLU J 105 26.49 -5.45 21.40
N TRP J 106 25.76 -6.37 20.77
CA TRP J 106 25.35 -6.24 19.39
C TRP J 106 23.87 -5.92 19.43
N ILE J 107 23.49 -4.67 19.13
CA ILE J 107 22.09 -4.20 19.17
C ILE J 107 21.72 -3.49 17.87
N SER J 108 20.64 -3.94 17.20
CA SER J 108 20.17 -3.34 15.93
C SER J 108 19.39 -2.02 16.14
N ALA J 109 18.99 -1.37 15.05
CA ALA J 109 18.23 -0.10 15.12
C ALA J 109 16.79 -0.31 15.62
N SER J 110 16.26 -1.54 15.46
CA SER J 110 14.92 -1.92 15.87
C SER J 110 14.87 -2.50 17.29
N GLU J 111 16.03 -2.76 17.90
CA GLU J 111 16.08 -3.35 19.24
C GLU J 111 16.13 -2.32 20.37
N GLY J 112 15.00 -1.65 20.59
CA GLY J 112 14.88 -0.66 21.64
C GLY J 112 14.76 -1.30 22.99
N GLU J 113 13.94 -2.35 23.08
CA GLU J 113 13.72 -3.10 24.34
C GLU J 113 15.02 -3.74 24.81
N LYS J 114 15.79 -4.34 23.87
CA LYS J 114 17.07 -4.96 24.21
C LYS J 114 18.03 -3.91 24.75
N PHE J 115 18.07 -2.72 24.11
CA PHE J 115 18.95 -1.63 24.55
C PHE J 115 18.60 -1.20 25.97
N GLN J 116 17.30 -1.09 26.26
CA GLN J 116 16.80 -0.69 27.58
C GLN J 116 17.27 -1.66 28.65
N ASN J 117 17.09 -2.97 28.41
CA ASN J 117 17.50 -4.02 29.34
C ASN J 117 19.02 -4.10 29.46
N THR J 118 19.75 -3.82 28.38
CA THR J 118 21.21 -3.84 28.41
C THR J 118 21.68 -2.67 29.29
N MET J 119 21.02 -1.50 29.18
CA MET J 119 21.35 -0.33 29.98
C MET J 119 21.05 -0.60 31.46
N LYS J 120 19.89 -1.26 31.75
CA LYS J 120 19.51 -1.58 33.13
C LYS J 120 20.50 -2.55 33.74
N ASP J 121 20.81 -3.63 33.01
CA ASP J 121 21.75 -4.66 33.48
C ASP J 121 23.14 -4.08 33.70
N PHE J 122 23.64 -3.28 32.76
CA PHE J 122 24.97 -2.72 32.92
C PHE J 122 25.02 -1.76 34.10
N TYR J 123 23.99 -0.91 34.25
CA TYR J 123 23.94 0.04 35.37
C TYR J 123 23.99 -0.73 36.71
N ASN J 124 23.13 -1.74 36.86
CA ASN J 124 23.05 -2.56 38.07
C ASN J 124 24.39 -3.23 38.37
N LYS J 125 25.07 -3.72 37.32
CA LYS J 125 26.36 -4.38 37.44
C LYS J 125 27.42 -3.41 38.00
N ILE J 126 27.50 -2.20 37.41
CA ILE J 126 28.46 -1.17 37.83
C ILE J 126 28.10 -0.62 39.22
N GLU J 127 26.81 -0.45 39.53
CA GLU J 127 26.39 0.06 40.84
C GLU J 127 26.87 -0.91 41.94
N ALA J 128 26.74 -2.22 41.68
CA ALA J 128 27.16 -3.26 42.62
C ALA J 128 28.69 -3.26 42.83
N LEU J 129 29.46 -3.02 41.75
CA LEU J 129 30.92 -2.99 41.82
C LEU J 129 31.44 -1.79 42.59
N GLY J 130 30.66 -0.71 42.60
CA GLY J 130 31.06 0.53 43.26
C GLY J 130 31.93 1.35 42.34
N PRO J 131 32.39 2.53 42.78
CA PRO J 131 33.23 3.36 41.90
C PRO J 131 34.59 2.79 41.57
N CYS J 132 35.08 3.07 40.35
CA CYS J 132 36.41 2.63 39.93
C CYS J 132 37.32 3.68 40.53
N LYS J 133 38.30 3.27 41.36
CA LYS J 133 39.20 4.22 42.02
C LYS J 133 40.47 4.59 41.23
N LEU J 134 40.46 4.49 39.89
CA LEU J 134 41.64 4.85 39.10
C LEU J 134 41.95 6.34 39.21
N LYS J 135 41.01 7.21 38.81
CA LYS J 135 41.21 8.65 38.86
C LYS J 135 41.69 9.10 40.25
N GLU J 136 41.09 8.56 41.32
CA GLU J 136 41.49 8.90 42.67
C GLU J 136 42.94 8.52 42.94
N GLU J 137 43.38 7.35 42.46
CA GLU J 137 44.76 6.89 42.64
C GLU J 137 45.71 7.77 41.85
N LEU J 138 45.32 8.16 40.62
CA LEU J 138 46.15 8.99 39.76
C LEU J 138 46.23 10.44 40.25
N ASP J 139 45.16 10.94 40.89
CA ASP J 139 45.13 12.31 41.41
C ASP J 139 45.94 12.49 42.71
N LYS J 140 46.39 11.39 43.34
CA LYS J 140 47.17 11.47 44.58
C LYS J 140 48.46 12.26 44.34
N VAL K 2 76.23 30.45 26.46
CA VAL K 2 74.88 29.97 26.73
C VAL K 2 74.92 28.97 27.90
N LYS K 3 74.39 29.38 29.07
CA LYS K 3 74.37 28.55 30.27
C LYS K 3 73.47 27.35 30.12
N ILE K 4 74.05 26.13 30.16
CA ILE K 4 73.32 24.88 30.03
C ILE K 4 73.53 24.04 31.28
N ALA K 5 72.51 23.29 31.69
CA ALA K 5 72.61 22.44 32.87
C ALA K 5 71.92 21.13 32.65
N THR K 6 72.34 20.10 33.39
CA THR K 6 71.72 18.79 33.26
C THR K 6 71.50 18.20 34.63
N THR K 7 70.58 17.27 34.71
CA THR K 7 70.28 16.58 35.96
C THR K 7 69.64 15.25 35.61
N TRP K 8 69.60 14.36 36.59
CA TRP K 8 69.01 13.05 36.38
C TRP K 8 68.05 12.73 37.50
N LEU K 9 66.97 12.04 37.18
CA LEU K 9 65.95 11.70 38.16
C LEU K 9 65.79 10.18 38.31
N GLY K 10 64.70 9.61 37.81
CA GLY K 10 64.45 8.18 37.92
C GLY K 10 64.91 7.33 36.75
N GLY K 11 66.01 7.71 36.12
CA GLY K 11 66.55 6.98 34.98
C GLY K 11 67.73 6.09 35.35
N CYS K 12 68.59 5.81 34.36
CA CYS K 12 69.77 4.94 34.54
C CYS K 12 71.10 5.58 34.18
N SER K 13 71.12 6.87 33.78
CA SER K 13 72.33 7.61 33.35
C SER K 13 72.63 7.40 31.85
N GLY K 14 71.92 6.48 31.19
CA GLY K 14 72.12 6.17 29.78
C GLY K 14 71.99 7.34 28.82
N CYS K 15 71.13 8.32 29.13
CA CYS K 15 70.97 9.47 28.26
C CYS K 15 72.22 10.35 28.37
N HIS K 16 72.78 10.48 29.59
CA HIS K 16 73.99 11.26 29.80
C HIS K 16 75.14 10.54 29.08
N ILE K 17 75.18 9.19 29.13
CA ILE K 17 76.25 8.43 28.46
C ILE K 17 76.13 8.61 26.94
N SER K 18 74.90 8.70 26.40
CA SER K 18 74.74 8.90 24.95
C SER K 18 75.25 10.29 24.59
N LEU K 19 75.11 11.26 25.51
CA LEU K 19 75.60 12.62 25.28
C LEU K 19 77.13 12.55 25.20
N LEU K 20 77.77 11.73 26.07
CA LEU K 20 79.22 11.58 26.06
C LEU K 20 79.64 10.82 24.79
N ASP K 21 78.73 10.03 24.20
CA ASP K 21 79.00 9.28 22.98
C ASP K 21 79.07 10.20 21.74
N LEU K 22 79.13 11.52 21.97
CA LEU K 22 79.28 12.50 20.89
C LEU K 22 80.78 12.44 20.58
N HIS K 23 81.56 12.01 21.59
CA HIS K 23 83.01 11.82 21.56
C HIS K 23 83.76 13.12 21.30
N GLU K 24 84.37 13.28 20.11
CA GLU K 24 85.13 14.48 19.78
C GLU K 24 84.21 15.69 19.71
N GLU K 25 82.97 15.47 19.26
CA GLU K 25 81.98 16.54 19.13
C GLU K 25 81.54 17.08 20.50
N LEU K 26 81.73 16.30 21.59
CA LEU K 26 81.35 16.76 22.93
C LEU K 26 82.21 17.97 23.29
N LEU K 27 83.51 17.91 22.99
CA LEU K 27 84.44 19.01 23.27
C LEU K 27 84.05 20.25 22.47
N ASN K 28 83.67 20.07 21.20
CA ASN K 28 83.25 21.19 20.34
C ASN K 28 81.98 21.82 20.90
N LEU K 29 81.09 21.00 21.46
CA LEU K 29 79.84 21.45 22.05
C LEU K 29 80.14 22.24 23.32
N LEU K 30 80.96 21.65 24.21
CA LEU K 30 81.33 22.28 25.49
C LEU K 30 82.11 23.60 25.33
N GLU K 31 82.73 23.84 24.16
CA GLU K 31 83.46 25.08 23.95
C GLU K 31 82.48 26.20 23.56
N ASN K 32 81.34 25.83 22.96
CA ASN K 32 80.30 26.78 22.55
C ASN K 32 79.36 27.10 23.72
N VAL K 33 78.98 26.08 24.51
CA VAL K 33 78.08 26.26 25.66
C VAL K 33 78.87 26.39 26.95
N GLU K 34 78.18 26.86 28.00
CA GLU K 34 78.79 27.03 29.32
C GLU K 34 78.06 26.05 30.25
N LEU K 35 78.65 24.88 30.50
CA LEU K 35 78.03 23.88 31.37
C LEU K 35 78.17 24.39 32.82
N VAL K 36 77.05 24.68 33.48
CA VAL K 36 77.07 25.20 34.86
C VAL K 36 76.64 24.19 35.93
N HIS K 37 76.05 23.05 35.54
CA HIS K 37 75.61 22.05 36.51
C HIS K 37 75.40 20.72 35.80
N CYS K 38 76.05 19.68 36.30
CA CYS K 38 75.98 18.35 35.73
C CYS K 38 76.62 17.43 36.75
N PRO K 39 75.81 16.79 37.61
CA PRO K 39 76.36 15.93 38.66
C PRO K 39 77.40 14.89 38.23
N VAL K 40 77.20 14.21 37.10
CA VAL K 40 78.14 13.19 36.64
C VAL K 40 79.49 13.77 36.20
N LEU K 41 79.55 15.02 35.70
CA LEU K 41 80.83 15.59 35.24
C LEU K 41 81.45 16.66 36.13
N MET K 42 80.65 17.43 36.88
CA MET K 42 81.24 18.49 37.72
C MET K 42 80.67 18.52 39.11
N ASP K 43 81.35 19.25 40.00
CA ASP K 43 80.99 19.36 41.41
C ASP K 43 80.12 20.54 41.83
N VAL K 44 79.38 21.17 40.91
CA VAL K 44 78.51 22.27 41.30
C VAL K 44 77.31 21.55 41.95
N LYS K 45 77.15 21.69 43.27
CA LYS K 45 76.09 21.01 44.03
C LYS K 45 74.68 21.52 43.82
N GLU K 46 74.49 22.83 43.85
CA GLU K 46 73.16 23.41 43.68
C GLU K 46 72.93 23.89 42.25
N ILE K 47 71.68 23.80 41.77
CA ILE K 47 71.35 24.27 40.44
C ILE K 47 71.46 25.79 40.50
N PRO K 48 72.34 26.42 39.71
CA PRO K 48 72.44 27.88 39.80
C PRO K 48 71.29 28.60 39.11
N ASP K 49 71.14 29.89 39.36
CA ASP K 49 70.07 30.67 38.74
C ASP K 49 70.54 31.06 37.35
N GLU K 50 69.62 31.47 36.47
CA GLU K 50 69.91 31.89 35.11
C GLU K 50 70.46 30.79 34.21
N VAL K 51 69.71 29.69 34.08
CA VAL K 51 70.09 28.58 33.22
C VAL K 51 69.27 28.83 31.95
N GLU K 52 69.90 28.76 30.78
CA GLU K 52 69.16 29.00 29.53
C GLU K 52 68.48 27.72 29.07
N VAL K 53 69.21 26.60 29.07
CA VAL K 53 68.67 25.30 28.64
C VAL K 53 68.95 24.24 29.70
N ALA K 54 67.97 23.37 29.96
CA ALA K 54 68.13 22.31 30.96
C ALA K 54 67.75 20.96 30.38
N LEU K 55 68.62 19.96 30.54
CA LEU K 55 68.39 18.60 30.07
C LEU K 55 68.07 17.80 31.31
N ILE K 56 66.84 17.31 31.44
CA ILE K 56 66.45 16.53 32.61
C ILE K 56 66.22 15.10 32.21
N GLU K 57 67.08 14.20 32.69
CA GLU K 57 66.98 12.78 32.40
C GLU K 57 66.13 12.08 33.47
N GLY K 58 65.41 11.04 33.06
CA GLY K 58 64.58 10.25 33.97
C GLY K 58 63.23 10.83 34.34
N GLY K 59 62.34 9.95 34.76
CA GLY K 59 60.99 10.31 35.18
C GLY K 59 60.96 10.56 36.69
N ILE K 60 59.77 10.77 37.26
CA ILE K 60 59.63 11.03 38.70
C ILE K 60 59.39 9.73 39.46
N ARG K 61 60.37 9.30 40.29
CA ARG K 61 60.27 8.07 41.07
C ARG K 61 60.16 8.35 42.58
N ASN K 62 60.80 9.42 43.09
CA ASN K 62 60.73 9.76 44.51
C ASN K 62 60.53 11.26 44.74
N GLU K 63 60.31 11.64 46.00
CA GLU K 63 60.06 13.04 46.40
C GLU K 63 61.20 13.97 46.02
N GLU K 64 62.45 13.47 46.07
CA GLU K 64 63.61 14.29 45.71
C GLU K 64 63.54 14.65 44.23
N ASN K 65 63.20 13.66 43.36
CA ASN K 65 63.08 13.90 41.91
C ASN K 65 62.11 15.04 41.65
N LEU K 66 60.99 15.05 42.40
CA LEU K 66 59.94 16.08 42.29
C LEU K 66 60.49 17.45 42.64
N GLU K 67 61.24 17.56 43.75
CA GLU K 67 61.83 18.83 44.18
C GLU K 67 62.82 19.35 43.15
N ILE K 68 63.72 18.47 42.68
CA ILE K 68 64.74 18.83 41.69
C ILE K 68 64.09 19.30 40.39
N ALA K 69 63.06 18.58 39.94
CA ALA K 69 62.34 18.94 38.71
C ALA K 69 61.77 20.33 38.84
N LYS K 70 61.11 20.60 39.99
CA LYS K 70 60.50 21.92 40.25
C LYS K 70 61.58 22.99 40.38
N GLU K 71 62.71 22.66 41.00
CA GLU K 71 63.80 23.63 41.15
C GLU K 71 64.42 23.95 39.78
N MET K 72 64.70 22.92 38.97
CA MET K 72 65.29 23.13 37.64
C MET K 72 64.32 23.98 36.79
N ARG K 73 63.01 23.73 36.92
CA ARG K 73 62.00 24.47 36.15
C ARG K 73 62.05 25.97 36.48
N GLU K 74 62.25 26.32 37.76
CA GLU K 74 62.32 27.73 38.19
C GLU K 74 63.61 28.42 37.75
N ARG K 75 64.73 27.67 37.67
CA ARG K 75 66.02 28.23 37.29
C ARG K 75 66.27 28.26 35.77
N ALA K 76 65.68 27.31 35.02
CA ALA K 76 65.88 27.24 33.57
C ALA K 76 64.79 27.89 32.73
N LYS K 77 65.19 28.54 31.61
CA LYS K 77 64.29 29.20 30.69
C LYS K 77 63.61 28.11 29.83
N ILE K 78 64.41 27.17 29.30
CA ILE K 78 63.92 26.07 28.47
C ILE K 78 64.22 24.76 29.18
N VAL K 79 63.20 23.91 29.35
CA VAL K 79 63.34 22.62 30.01
C VAL K 79 63.14 21.53 28.98
N ILE K 80 64.07 20.57 28.89
CA ILE K 80 63.98 19.48 27.94
C ILE K 80 63.85 18.15 28.66
N ALA K 81 62.86 17.32 28.27
CA ALA K 81 62.67 16.01 28.85
C ALA K 81 63.68 15.19 28.06
N PHE K 82 64.79 14.87 28.71
CA PHE K 82 65.89 14.15 28.09
C PHE K 82 65.77 12.63 28.14
N GLY K 83 65.30 12.04 27.05
CA GLY K 83 65.15 10.59 26.93
C GLY K 83 63.75 10.07 27.20
N THR K 84 63.54 8.79 26.88
CA THR K 84 62.27 8.09 27.03
C THR K 84 61.77 8.04 28.49
N CYS K 85 62.66 7.98 29.48
CA CYS K 85 62.20 7.93 30.88
C CYS K 85 61.54 9.27 31.23
N ALA K 86 62.20 10.37 30.93
CA ALA K 86 61.66 11.69 31.23
C ALA K 86 60.40 11.99 30.43
N ALA K 87 60.36 11.56 29.16
CA ALA K 87 59.21 11.80 28.28
C ALA K 87 58.04 10.87 28.47
N PHE K 88 58.29 9.56 28.58
CA PHE K 88 57.19 8.59 28.73
C PHE K 88 57.18 7.75 30.02
N GLY K 89 58.23 7.85 30.84
CA GLY K 89 58.30 7.08 32.08
C GLY K 89 59.38 6.01 32.07
N GLY K 90 59.54 5.34 30.93
CA GLY K 90 60.55 4.30 30.76
C GLY K 90 60.30 2.99 31.47
N VAL K 91 61.31 2.10 31.42
CA VAL K 91 61.26 0.77 32.04
C VAL K 91 60.92 0.83 33.55
N PRO K 92 61.46 1.78 34.33
CA PRO K 92 61.11 1.83 35.76
C PRO K 92 59.60 1.95 35.99
N GLY K 93 58.91 2.45 34.96
CA GLY K 93 57.46 2.61 34.98
C GLY K 93 56.72 1.32 35.22
N LEU K 94 57.34 0.17 34.90
CA LEU K 94 56.71 -1.13 35.12
C LEU K 94 56.45 -1.37 36.61
N GLY K 95 57.12 -0.59 37.47
CA GLY K 95 56.94 -0.66 38.91
C GLY K 95 55.53 -0.29 39.30
N ASN K 96 54.84 0.48 38.41
CA ASN K 96 53.47 0.92 38.60
C ASN K 96 52.49 -0.27 38.60
N LEU K 97 52.96 -1.45 38.20
CA LEU K 97 52.13 -2.66 38.20
C LEU K 97 52.06 -3.27 39.59
N TYR K 98 52.76 -2.68 40.56
CA TYR K 98 52.78 -3.12 41.94
C TYR K 98 52.75 -1.90 42.83
N SER K 99 52.48 -2.11 44.12
CA SER K 99 52.45 -1.02 45.07
C SER K 99 53.88 -0.74 45.48
N ASN K 100 54.17 0.45 46.00
CA ASN K 100 55.52 0.79 46.43
C ASN K 100 55.97 -0.16 47.53
N ASP K 101 55.06 -0.56 48.43
CA ASP K 101 55.36 -1.48 49.53
C ASP K 101 55.82 -2.81 48.97
N GLU K 102 55.22 -3.28 47.87
CA GLU K 102 55.60 -4.55 47.25
C GLU K 102 57.00 -4.44 46.65
N LEU K 103 57.31 -3.31 45.99
CA LEU K 103 58.63 -3.10 45.39
C LEU K 103 59.68 -3.06 46.49
N LEU K 104 59.41 -2.32 47.57
CA LEU K 104 60.32 -2.18 48.69
C LEU K 104 60.44 -3.44 49.54
N ASP K 105 59.34 -4.14 49.80
CA ASP K 105 59.42 -5.36 50.60
C ASP K 105 60.28 -6.40 49.90
N LYS K 106 60.22 -6.48 48.56
CA LYS K 106 61.03 -7.46 47.82
C LYS K 106 62.51 -7.12 47.92
N ALA K 107 62.86 -5.88 47.64
CA ALA K 107 64.25 -5.44 47.69
C ALA K 107 64.87 -5.45 49.07
N TYR K 108 64.11 -5.14 50.13
CA TYR K 108 64.67 -5.09 51.47
C TYR K 108 64.20 -6.17 52.45
N LYS K 109 63.47 -7.21 51.98
CA LYS K 109 63.03 -8.27 52.90
C LYS K 109 63.00 -9.68 52.29
N THR K 110 62.15 -9.91 51.28
CA THR K 110 62.00 -11.23 50.67
C THR K 110 63.04 -11.66 49.61
N THR K 111 64.00 -10.83 49.21
CA THR K 111 65.00 -11.30 48.23
C THR K 111 65.76 -12.42 48.95
N ILE K 112 66.07 -13.53 48.26
CA ILE K 112 66.76 -14.69 48.86
C ILE K 112 68.03 -14.37 49.69
N THR K 113 68.87 -13.43 49.26
CA THR K 113 70.09 -13.11 50.00
C THR K 113 69.90 -12.04 51.08
N THR K 114 68.73 -11.41 51.14
CA THR K 114 68.51 -10.37 52.14
C THR K 114 68.33 -10.88 53.57
N LYS K 115 69.03 -10.23 54.51
CA LYS K 115 69.00 -10.52 55.95
C LYS K 115 68.54 -9.22 56.63
N ASN K 116 67.25 -9.13 56.99
CA ASN K 116 66.70 -7.95 57.65
C ASN K 116 65.98 -8.40 58.93
N ASP K 117 66.72 -8.43 60.05
CA ASP K 117 66.20 -8.88 61.34
C ASP K 117 64.97 -8.12 61.80
N ASP K 118 65.09 -6.81 62.03
CA ASP K 118 63.97 -6.00 62.50
C ASP K 118 62.85 -5.82 61.45
N GLY K 119 63.13 -6.15 60.19
CA GLY K 119 62.14 -6.02 59.13
C GLY K 119 61.80 -4.58 58.83
N ILE K 120 62.81 -3.73 58.70
CA ILE K 120 62.59 -2.31 58.42
C ILE K 120 62.90 -1.98 56.99
N ILE K 121 62.30 -0.91 56.50
CA ILE K 121 62.50 -0.43 55.16
C ILE K 121 63.32 0.85 55.33
N PRO K 122 64.41 1.07 54.58
CA PRO K 122 65.16 2.31 54.77
C PRO K 122 64.25 3.53 54.78
N ASN K 123 64.42 4.40 55.76
CA ASN K 123 63.58 5.60 55.91
C ASN K 123 64.31 6.82 56.47
N GLU K 124 65.60 6.69 56.83
CA GLU K 124 66.37 7.79 57.39
C GLU K 124 67.28 8.40 56.32
N GLU K 125 67.18 9.72 56.11
CA GLU K 125 68.00 10.44 55.12
C GLU K 125 67.81 9.93 53.68
N VAL K 126 66.67 9.25 53.40
CA VAL K 126 66.37 8.75 52.06
C VAL K 126 64.97 9.27 51.70
N PRO K 127 64.70 9.61 50.43
CA PRO K 127 63.38 10.13 50.09
C PRO K 127 62.33 9.05 49.89
N GLU K 128 61.08 9.40 50.16
CA GLU K 128 59.97 8.47 49.97
C GLU K 128 59.68 8.37 48.49
N LEU K 129 59.15 7.25 48.05
CA LEU K 129 58.81 7.05 46.66
C LEU K 129 57.50 7.77 46.39
N VAL K 130 57.29 8.28 45.17
CA VAL K 130 56.01 8.93 44.86
C VAL K 130 55.07 7.77 44.54
N SER K 131 53.75 7.97 44.66
CA SER K 131 52.75 6.92 44.42
C SER K 131 52.99 6.07 43.17
N ARG K 132 53.39 6.70 42.06
CA ARG K 132 53.64 6.00 40.80
CA ARG K 132 53.64 6.00 40.80
C ARG K 132 54.69 6.75 40.00
N VAL K 133 55.38 6.05 39.10
CA VAL K 133 56.40 6.68 38.27
C VAL K 133 55.61 7.60 37.32
N LYS K 134 56.07 8.85 37.13
CA LYS K 134 55.36 9.79 36.26
C LYS K 134 56.29 10.44 35.25
N PRO K 135 55.83 10.72 34.02
CA PRO K 135 56.71 11.42 33.08
C PRO K 135 56.90 12.85 33.60
N LEU K 136 58.02 13.46 33.25
CA LEU K 136 58.35 14.81 33.69
C LEU K 136 57.24 15.86 33.45
N SER K 137 56.59 15.82 32.29
CA SER K 137 55.50 16.75 31.92
C SER K 137 54.29 16.70 32.86
N GLU K 138 54.11 15.61 33.61
CA GLU K 138 53.00 15.45 34.55
C GLU K 138 53.19 16.25 35.83
N VAL K 139 54.42 16.72 36.11
CA VAL K 139 54.70 17.50 37.32
C VAL K 139 55.22 18.92 37.03
N ILE K 140 55.83 19.15 35.86
CA ILE K 140 56.35 20.47 35.49
C ILE K 140 56.10 20.74 34.02
N GLU K 141 56.23 22.01 33.62
CA GLU K 141 56.02 22.39 32.24
C GLU K 141 57.29 22.03 31.46
N VAL K 142 57.15 21.20 30.45
CA VAL K 142 58.26 20.77 29.61
C VAL K 142 58.14 21.46 28.27
N ASP K 143 59.19 22.16 27.83
CA ASP K 143 59.17 22.88 26.56
C ASP K 143 59.44 21.99 25.35
N TYR K 144 60.39 21.05 25.47
CA TYR K 144 60.74 20.14 24.38
C TYR K 144 61.12 18.78 24.94
N PHE K 145 61.30 17.79 24.08
CA PHE K 145 61.69 16.46 24.54
C PHE K 145 62.49 15.73 23.47
N ILE K 146 63.44 14.91 23.91
CA ILE K 146 64.28 14.11 23.03
C ILE K 146 63.94 12.66 23.32
N PRO K 147 63.17 12.00 22.45
CA PRO K 147 62.81 10.60 22.73
C PRO K 147 63.94 9.64 22.38
N GLY K 148 63.88 8.45 22.96
CA GLY K 148 64.88 7.42 22.74
C GLY K 148 65.42 6.86 24.03
N CYS K 149 65.73 5.55 24.03
CA CYS K 149 66.25 4.89 25.22
C CYS K 149 67.62 4.27 24.97
N PRO K 150 68.69 5.07 24.91
CA PRO K 150 68.73 6.54 25.01
C PRO K 150 68.62 7.14 23.61
N PRO K 151 68.46 8.46 23.47
CA PRO K 151 68.39 9.06 22.14
C PRO K 151 69.75 8.96 21.45
N ASN K 152 69.79 8.80 20.12
CA ASN K 152 71.08 8.69 19.44
C ASN K 152 71.89 9.99 19.65
N PRO K 153 73.22 9.92 19.75
CA PRO K 153 74.01 11.13 19.99
C PRO K 153 73.81 12.26 19.00
N GLU K 154 73.60 11.93 17.71
CA GLU K 154 73.39 12.94 16.67
C GLU K 154 72.11 13.73 16.93
N MET K 155 71.02 13.04 17.33
CA MET K 155 69.75 13.70 17.60
C MET K 155 69.90 14.65 18.79
N ILE K 156 70.70 14.27 19.79
CA ILE K 156 70.91 15.11 20.97
C ILE K 156 71.61 16.39 20.54
N ALA K 157 72.65 16.25 19.69
CA ALA K 157 73.39 17.42 19.20
C ALA K 157 72.50 18.30 18.32
N GLU K 158 71.70 17.68 17.43
CA GLU K 158 70.79 18.43 16.54
C GLU K 158 69.81 19.30 17.34
N VAL K 159 69.20 18.73 18.39
CA VAL K 159 68.24 19.44 19.22
C VAL K 159 68.92 20.58 19.96
N VAL K 160 70.06 20.30 20.61
CA VAL K 160 70.78 21.32 21.37
C VAL K 160 71.26 22.42 20.42
N LYS K 161 71.90 22.05 19.29
CA LYS K 161 72.40 23.00 18.28
C LYS K 161 71.30 23.94 17.77
N ALA K 162 70.08 23.40 17.54
CA ALA K 162 68.95 24.20 17.06
C ALA K 162 68.57 25.24 18.11
N LEU K 163 68.62 24.86 19.40
CA LEU K 163 68.29 25.79 20.49
C LEU K 163 69.35 26.86 20.68
N LEU K 164 70.63 26.54 20.40
CA LEU K 164 71.71 27.52 20.54
C LEU K 164 71.57 28.57 19.44
N GLU K 165 71.19 28.13 18.23
CA GLU K 165 71.00 29.02 17.09
C GLU K 165 69.72 29.87 17.25
N GLY K 166 68.77 29.38 18.03
CA GLY K 166 67.52 30.07 18.28
C GLY K 166 66.36 29.43 17.53
N LYS K 167 66.67 28.42 16.70
CA LYS K 167 65.67 27.69 15.92
C LYS K 167 64.88 26.74 16.80
N GLU K 168 63.68 26.34 16.35
CA GLU K 168 62.85 25.42 17.11
C GLU K 168 63.22 23.99 16.70
N PRO K 169 63.60 23.10 17.65
CA PRO K 169 63.96 21.74 17.25
C PRO K 169 62.80 20.93 16.69
N GLU K 170 63.09 20.11 15.65
CA GLU K 170 62.08 19.28 15.01
C GLU K 170 62.54 17.81 14.98
N LEU K 171 61.69 16.93 15.53
CA LEU K 171 61.95 15.49 15.61
C LEU K 171 61.36 14.75 14.42
N PRO K 172 61.91 13.58 14.04
CA PRO K 172 61.31 12.82 12.92
C PRO K 172 59.87 12.45 13.28
N LYS K 173 58.96 12.41 12.30
CA LYS K 173 57.55 12.12 12.56
C LYS K 173 57.01 10.73 12.21
N LYS K 174 57.65 10.01 11.29
CA LYS K 174 57.16 8.69 10.86
C LYS K 174 57.37 7.56 11.85
N ASN K 175 56.79 6.38 11.54
CA ASN K 175 56.95 5.18 12.36
C ASN K 175 58.20 4.45 11.83
N LEU K 176 58.69 3.48 12.58
CA LEU K 176 59.93 2.74 12.26
C LEU K 176 60.03 1.95 10.95
N CYS K 177 58.91 1.44 10.39
CA CYS K 177 58.98 0.65 9.15
C CYS K 177 59.67 1.40 7.99
N GLU K 178 59.69 2.74 8.03
CA GLU K 178 60.35 3.58 7.02
C GLU K 178 61.85 3.27 6.99
N GLU K 179 62.51 3.43 8.16
CA GLU K 179 63.94 3.17 8.33
C GLU K 179 64.30 1.69 8.33
N CYS K 180 63.37 0.80 8.72
CA CYS K 180 63.65 -0.63 8.76
C CYS K 180 63.89 -1.20 7.35
N ALA K 181 65.00 -1.94 7.18
CA ALA K 181 65.37 -2.54 5.89
C ALA K 181 64.63 -3.85 5.57
N ARG K 182 63.68 -4.31 6.42
CA ARG K 182 62.97 -5.55 6.14
C ARG K 182 61.90 -5.38 5.06
N LYS K 183 61.77 -6.39 4.19
CA LYS K 183 60.80 -6.39 3.08
C LYS K 183 59.37 -6.67 3.56
N LYS K 184 58.42 -5.84 3.11
CA LYS K 184 57.00 -5.94 3.43
C LYS K 184 56.22 -6.52 2.26
N SER K 185 55.06 -7.12 2.55
CA SER K 185 54.20 -7.69 1.52
C SER K 185 53.41 -6.55 0.90
N GLU K 186 53.42 -6.42 -0.44
CA GLU K 186 52.69 -5.35 -1.11
C GLU K 186 51.18 -5.48 -0.87
N GLU K 187 50.68 -6.71 -0.71
CA GLU K 187 49.26 -6.97 -0.46
C GLU K 187 48.77 -6.40 0.88
N GLY K 188 49.69 -6.22 1.82
CA GLY K 188 49.37 -5.70 3.14
C GLY K 188 49.82 -6.64 4.24
N VAL K 189 49.79 -6.18 5.49
CA VAL K 189 50.20 -7.02 6.62
C VAL K 189 49.07 -7.97 7.03
N ALA K 190 49.42 -9.25 7.23
CA ALA K 190 48.48 -10.29 7.65
C ALA K 190 49.20 -11.20 8.64
N ILE K 191 48.63 -11.39 9.84
CA ILE K 191 49.24 -12.22 10.87
C ILE K 191 48.43 -13.51 11.03
N GLU K 192 49.10 -14.66 10.91
CA GLU K 192 48.45 -15.98 11.03
C GLU K 192 48.46 -16.46 12.48
N THR K 193 49.64 -16.43 13.11
CA THR K 193 49.81 -16.87 14.51
C THR K 193 50.72 -15.88 15.24
N ILE K 194 50.73 -15.94 16.58
CA ILE K 194 51.58 -15.06 17.38
C ILE K 194 52.58 -15.91 18.13
N LYS K 195 53.85 -15.59 17.98
CA LYS K 195 54.95 -16.31 18.60
C LYS K 195 55.72 -15.43 19.55
N ARG K 196 56.38 -16.07 20.52
CA ARG K 196 57.22 -15.34 21.46
C ARG K 196 58.57 -15.27 20.77
N ASN K 197 59.39 -14.27 21.10
CA ASN K 197 60.70 -14.08 20.45
C ASN K 197 61.61 -15.31 20.37
N TYR K 198 61.49 -16.27 21.31
CA TYR K 198 62.35 -17.46 21.26
C TYR K 198 61.79 -18.57 20.36
N GLU K 199 60.49 -18.52 20.01
CA GLU K 199 59.86 -19.54 19.17
C GLU K 199 60.29 -19.42 17.70
N GLY K 200 60.73 -20.54 17.13
CA GLY K 200 61.16 -20.60 15.74
C GLY K 200 62.48 -19.91 15.44
N ASN K 201 62.79 -19.76 14.15
CA ASN K 201 64.01 -19.12 13.64
C ASN K 201 63.52 -18.05 12.67
N PRO K 202 63.66 -16.75 13.00
CA PRO K 202 63.18 -15.72 12.09
C PRO K 202 63.98 -15.50 10.80
N ASP K 203 63.25 -15.27 9.70
CA ASP K 203 63.84 -15.01 8.39
C ASP K 203 64.47 -13.60 8.50
N PRO K 204 65.73 -13.41 8.05
CA PRO K 204 66.36 -12.08 8.17
C PRO K 204 65.88 -10.99 7.21
N GLU K 205 65.10 -11.32 6.18
CA GLU K 205 64.64 -10.33 5.21
C GLU K 205 63.19 -9.89 5.43
N LYS K 206 62.29 -10.84 5.78
CA LYS K 206 60.87 -10.53 5.97
C LYS K 206 60.54 -9.78 7.26
N CYS K 207 59.51 -8.91 7.19
CA CYS K 207 59.03 -8.12 8.33
C CYS K 207 58.71 -9.08 9.47
N LEU K 208 59.27 -8.83 10.67
CA LEU K 208 59.05 -9.70 11.82
C LEU K 208 57.58 -9.74 12.26
N LEU K 209 56.83 -8.64 12.08
CA LEU K 209 55.42 -8.61 12.45
C LEU K 209 54.62 -9.60 11.57
N GLU K 210 54.94 -9.66 10.27
CA GLU K 210 54.24 -10.58 9.35
C GLU K 210 54.63 -12.04 9.66
N GLN K 211 55.81 -12.24 10.29
CA GLN K 211 56.29 -13.58 10.65
C GLN K 211 55.60 -14.11 11.93
N GLY K 212 54.89 -13.26 12.65
CA GLY K 212 54.19 -13.65 13.87
C GLY K 212 54.82 -13.16 15.16
N TYR K 213 55.79 -12.23 15.10
CA TYR K 213 56.44 -11.70 16.31
C TYR K 213 55.87 -10.34 16.63
N ILE K 214 55.74 -10.01 17.93
CA ILE K 214 55.21 -8.71 18.30
C ILE K 214 56.31 -7.67 18.11
N CYS K 215 56.29 -6.99 16.96
CA CYS K 215 57.28 -5.95 16.68
C CYS K 215 56.60 -4.60 16.90
N LEU K 216 57.17 -3.77 17.79
CA LEU K 216 56.63 -2.44 18.11
C LEU K 216 56.97 -1.37 17.08
N GLY K 217 57.77 -1.70 16.07
CA GLY K 217 58.15 -0.74 15.04
C GLY K 217 57.01 -0.01 14.39
N ILE K 218 55.85 -0.68 14.22
CA ILE K 218 54.68 -0.07 13.60
C ILE K 218 54.11 1.07 14.47
N ALA K 219 54.24 0.95 15.81
CA ALA K 219 53.73 1.96 16.74
C ALA K 219 54.87 2.76 17.38
N THR K 220 56.07 2.77 16.78
CA THR K 220 57.19 3.51 17.36
C THR K 220 57.77 4.54 16.40
N ARG K 221 58.19 5.69 16.95
CA ARG K 221 58.79 6.78 16.17
C ARG K 221 60.14 6.35 15.65
N GLU K 222 60.49 6.80 14.43
CA GLU K 222 61.77 6.49 13.79
C GLU K 222 62.85 7.44 14.35
N GLY K 223 64.11 7.20 13.99
CA GLY K 223 65.24 8.02 14.43
C GLY K 223 66.42 7.20 14.89
N CYS K 224 66.15 6.04 15.52
CA CYS K 224 67.17 5.12 16.03
C CYS K 224 67.97 4.46 14.90
N GLY K 225 67.35 4.32 13.74
CA GLY K 225 67.97 3.67 12.59
C GLY K 225 67.51 2.22 12.52
N ALA K 226 66.55 1.85 13.40
CA ALA K 226 66.00 0.49 13.50
C ALA K 226 67.11 -0.54 13.64
N PRO K 227 67.97 -0.42 14.66
CA PRO K 227 69.05 -1.40 14.82
C PRO K 227 68.59 -2.77 15.31
N CYS K 228 67.45 -2.82 16.03
CA CYS K 228 66.96 -4.09 16.56
C CYS K 228 66.47 -5.04 15.47
N PRO K 229 65.54 -4.67 14.57
CA PRO K 229 65.14 -5.61 13.51
C PRO K 229 66.31 -5.95 12.60
N SER K 230 67.24 -4.99 12.40
CA SER K 230 68.44 -5.21 11.56
C SER K 230 69.33 -6.26 12.20
N SER K 231 69.35 -6.31 13.55
CA SER K 231 70.15 -7.26 14.33
C SER K 231 69.48 -8.63 14.55
N GLY K 232 68.25 -8.81 14.08
CA GLY K 232 67.54 -10.09 14.21
C GLY K 232 66.50 -10.19 15.31
N VAL K 233 66.14 -9.07 15.97
CA VAL K 233 65.13 -9.12 17.04
C VAL K 233 64.07 -8.06 16.80
N PRO K 234 62.83 -8.24 17.26
CA PRO K 234 61.81 -7.21 17.04
C PRO K 234 62.07 -5.93 17.80
N CYS K 235 61.50 -4.83 17.30
CA CYS K 235 61.64 -3.53 17.96
C CYS K 235 60.85 -3.65 19.25
N SER K 236 61.38 -3.07 20.34
CA SER K 236 60.72 -3.12 21.64
C SER K 236 59.95 -1.82 21.94
N GLY K 237 60.02 -0.86 21.01
CA GLY K 237 59.34 0.43 21.11
C GLY K 237 59.97 1.42 22.07
N CYS K 238 61.29 1.33 22.24
CA CYS K 238 62.02 2.18 23.18
C CYS K 238 62.01 3.69 22.83
N SER K 239 61.73 4.07 21.56
CA SER K 239 61.69 5.50 21.21
C SER K 239 60.31 6.14 21.50
N GLY K 240 59.31 5.33 21.85
CA GLY K 240 57.99 5.83 22.13
C GLY K 240 57.15 6.03 20.90
N PRO K 241 55.91 6.53 21.06
CA PRO K 241 55.04 6.74 19.90
C PRO K 241 55.31 8.00 19.10
N THR K 242 54.63 8.11 17.96
CA THR K 242 54.74 9.27 17.07
C THR K 242 53.96 10.42 17.72
N ASP K 243 53.98 11.60 17.11
CA ASP K 243 53.28 12.76 17.65
C ASP K 243 51.76 12.64 17.55
N ALA K 244 51.26 11.76 16.67
CA ALA K 244 49.82 11.56 16.48
C ALA K 244 49.22 10.44 17.36
N VAL K 245 50.04 9.82 18.24
CA VAL K 245 49.58 8.74 19.12
C VAL K 245 49.92 9.08 20.57
N VAL K 246 48.92 9.04 21.47
CA VAL K 246 49.12 9.35 22.89
C VAL K 246 49.52 8.08 23.63
N ASP K 247 48.72 7.03 23.49
CA ASP K 247 48.95 5.75 24.14
C ASP K 247 49.49 4.74 23.11
N GLN K 248 50.80 4.54 23.12
CA GLN K 248 51.49 3.63 22.20
C GLN K 248 50.98 2.20 22.28
N GLY K 249 50.85 1.67 23.48
CA GLY K 249 50.38 0.30 23.69
C GLY K 249 48.99 0.06 23.16
N ALA K 250 48.08 1.00 23.41
CA ALA K 250 46.69 0.90 22.95
C ALA K 250 46.65 0.84 21.44
N LYS K 251 47.44 1.68 20.76
CA LYS K 251 47.48 1.71 19.30
C LYS K 251 48.16 0.45 18.74
N MET K 252 49.17 -0.07 19.43
CA MET K 252 49.87 -1.28 18.99
C MET K 252 48.87 -2.46 19.09
N ILE K 253 48.11 -2.50 20.20
CA ILE K 253 47.11 -3.56 20.42
C ILE K 253 46.03 -3.44 19.33
N SER K 254 45.60 -2.21 19.02
CA SER K 254 44.58 -1.99 17.99
C SER K 254 45.04 -2.55 16.64
N ALA K 255 46.28 -2.21 16.24
CA ALA K 255 46.85 -2.67 14.96
C ALA K 255 47.02 -4.18 14.93
N LEU K 256 47.58 -4.76 16.00
CA LEU K 256 47.81 -6.20 16.08
C LEU K 256 46.51 -6.98 15.98
N CYS K 257 45.48 -6.56 16.73
CA CYS K 257 44.17 -7.23 16.72
C CYS K 257 43.49 -7.13 15.36
N SER K 258 43.63 -5.98 14.68
CA SER K 258 43.03 -5.75 13.38
C SER K 258 43.57 -6.67 12.30
N ASP K 259 44.90 -6.83 12.23
CA ASP K 259 45.54 -7.69 11.22
C ASP K 259 45.60 -9.16 11.59
N PHE K 260 45.34 -9.53 12.84
CA PHE K 260 45.40 -10.94 13.22
C PHE K 260 44.26 -11.73 12.55
N GLY K 261 44.63 -12.63 11.64
CA GLY K 261 43.68 -13.44 10.92
C GLY K 261 42.81 -12.64 9.96
N ILE K 262 43.37 -11.56 9.38
CA ILE K 262 42.64 -10.70 8.44
C ILE K 262 42.26 -11.46 7.15
N ASP K 263 43.08 -12.45 6.73
CA ASP K 263 42.78 -13.22 5.52
C ASP K 263 41.53 -14.11 5.75
N ASN K 264 41.22 -14.39 7.03
CA ASN K 264 40.07 -15.19 7.46
C ASN K 264 39.28 -14.37 8.53
N ASP K 265 39.17 -13.06 8.31
CA ASP K 265 38.50 -12.07 9.18
C ASP K 265 37.17 -12.50 9.85
N ARG K 266 36.18 -12.96 9.08
CA ARG K 266 34.88 -13.38 9.66
C ARG K 266 34.92 -14.68 10.48
N ASP K 267 35.86 -15.59 10.20
CA ASP K 267 35.93 -16.86 10.92
C ASP K 267 37.05 -17.01 11.94
N VAL K 268 38.11 -16.17 11.89
CA VAL K 268 39.19 -16.33 12.86
C VAL K 268 38.64 -16.16 14.29
N ASP K 269 39.11 -16.99 15.22
CA ASP K 269 38.67 -16.94 16.61
C ASP K 269 39.25 -15.71 17.31
N PRO K 270 38.41 -14.83 17.88
CA PRO K 270 38.94 -13.64 18.56
C PRO K 270 39.59 -13.93 19.92
N MET K 271 39.57 -15.20 20.40
CA MET K 271 40.17 -15.58 21.68
C MET K 271 41.60 -16.15 21.53
N ILE K 272 42.08 -16.42 20.30
CA ILE K 272 43.44 -16.96 20.11
C ILE K 272 44.50 -15.95 20.54
N LEU K 273 44.37 -14.69 20.07
CA LEU K 273 45.33 -13.63 20.40
C LEU K 273 45.42 -13.38 21.92
N PRO K 274 44.31 -13.04 22.63
CA PRO K 274 44.44 -12.83 24.09
C PRO K 274 44.99 -14.05 24.85
N LYS K 275 44.69 -15.26 24.37
CA LYS K 275 45.17 -16.50 25.01
C LYS K 275 46.67 -16.74 24.74
N SER K 276 47.15 -16.32 23.55
CA SER K 276 48.55 -16.46 23.14
C SER K 276 49.50 -15.45 23.81
N ILE K 277 48.98 -14.30 24.31
CA ILE K 277 49.83 -13.30 24.97
C ILE K 277 49.59 -13.38 26.47
N LYS K 278 50.54 -13.97 27.20
CA LYS K 278 50.42 -14.12 28.65
C LYS K 278 50.92 -12.91 29.44
N ASP K 279 51.66 -11.99 28.80
CA ASP K 279 52.16 -10.78 29.45
C ASP K 279 51.87 -9.65 28.48
N LYS K 280 50.69 -9.06 28.60
CA LYS K 280 50.25 -7.98 27.72
C LYS K 280 50.90 -6.65 28.03
N ILE K 281 50.88 -6.21 29.31
CA ILE K 281 51.49 -4.92 29.63
C ILE K 281 52.98 -4.92 29.29
N GLY K 282 53.68 -6.00 29.59
CA GLY K 282 55.09 -6.11 29.28
C GLY K 282 55.36 -6.19 27.79
N SER K 283 54.39 -6.62 27.01
CA SER K 283 54.55 -6.72 25.56
C SER K 283 54.31 -5.38 24.86
N PHE K 284 53.36 -4.57 25.36
CA PHE K 284 53.02 -3.29 24.73
C PHE K 284 53.39 -2.00 25.48
N TYR K 285 53.74 -2.06 26.77
CA TYR K 285 54.08 -0.85 27.54
C TYR K 285 55.44 -0.92 28.24
N LYS K 286 56.44 -1.55 27.62
CA LYS K 286 57.77 -1.67 28.24
C LYS K 286 58.36 -0.33 28.68
N PHE K 287 58.36 0.64 27.78
CA PHE K 287 58.94 1.96 28.02
C PHE K 287 57.97 3.11 28.19
N THR K 288 56.66 2.88 28.06
CA THR K 288 55.70 3.97 28.15
C THR K 288 54.53 3.81 29.13
N LEU K 289 54.53 2.79 30.00
CA LEU K 289 53.39 2.64 30.91
C LEU K 289 52.98 3.92 31.64
N PRO K 290 53.90 4.69 32.26
CA PRO K 290 53.50 5.92 32.96
C PRO K 290 52.79 6.98 32.12
N SER K 291 53.00 6.97 30.79
CA SER K 291 52.36 7.94 29.88
C SER K 291 51.07 7.37 29.26
N ALA K 292 50.70 6.13 29.60
CA ALA K 292 49.50 5.48 29.09
C ALA K 292 48.27 6.08 29.74
N PHE K 293 47.07 5.82 29.17
CA PHE K 293 45.83 6.33 29.75
C PHE K 293 45.63 5.70 31.12
N VAL K 294 45.95 4.40 31.25
CA VAL K 294 45.86 3.66 32.52
C VAL K 294 47.33 3.32 32.82
N PRO K 295 48.03 4.20 33.57
CA PRO K 295 49.45 3.96 33.85
C PRO K 295 49.80 3.13 35.10
N ILE K 296 48.80 2.52 35.75
CA ILE K 296 49.04 1.72 36.96
C ILE K 296 48.12 0.54 37.00
N ARG K 297 48.42 -0.42 37.89
CA ARG K 297 47.58 -1.58 38.09
C ARG K 297 46.84 -1.28 39.38
N LEU K 298 45.51 -1.34 39.38
CA LEU K 298 44.73 -1.06 40.58
C LEU K 298 44.81 -2.22 41.56
N VAL L 2 75.91 20.20 65.43
CA VAL L 2 76.18 20.66 64.07
C VAL L 2 76.08 19.46 63.12
N LYS L 3 75.49 19.69 61.93
CA LYS L 3 75.30 18.62 60.94
C LYS L 3 75.62 19.13 59.54
N LEU L 4 76.60 18.48 58.89
CA LEU L 4 77.00 18.85 57.54
C LEU L 4 76.54 17.78 56.57
N SER L 5 76.24 18.16 55.34
CA SER L 5 75.80 17.21 54.34
C SER L 5 76.44 17.47 53.00
N VAL L 6 77.00 16.44 52.38
CA VAL L 6 77.61 16.55 51.07
C VAL L 6 76.58 15.96 50.12
N GLU L 7 75.83 16.81 49.42
CA GLU L 7 74.83 16.29 48.51
C GLU L 7 74.59 17.19 47.29
N PRO L 8 74.60 16.60 46.10
CA PRO L 8 74.81 15.16 45.82
C PRO L 8 76.30 14.84 45.73
N VAL L 9 76.65 13.56 45.84
CA VAL L 9 78.04 13.17 45.70
C VAL L 9 78.21 13.30 44.19
N THR L 10 79.22 14.04 43.74
CA THR L 10 79.41 14.24 42.30
C THR L 10 80.49 13.36 41.72
N ARG L 11 80.45 13.19 40.41
CA ARG L 11 81.39 12.38 39.64
C ARG L 11 81.34 10.91 40.04
N VAL L 12 80.10 10.43 40.18
CA VAL L 12 79.75 9.06 40.52
C VAL L 12 78.47 8.85 39.75
N GLU L 13 78.13 7.60 39.44
CA GLU L 13 76.89 7.37 38.72
C GLU L 13 75.83 7.18 39.81
N GLY L 14 74.71 7.85 39.66
CA GLY L 14 73.62 7.70 40.62
C GLY L 14 73.51 8.75 41.69
N HIS L 15 72.61 8.48 42.64
CA HIS L 15 72.26 9.34 43.75
C HIS L 15 72.77 8.91 45.12
N GLY L 16 73.77 9.62 45.62
CA GLY L 16 74.35 9.34 46.92
C GLY L 16 74.63 10.61 47.71
N LYS L 17 74.88 10.49 49.01
CA LYS L 17 75.19 11.64 49.85
C LYS L 17 75.95 11.24 51.09
N ILE L 18 76.71 12.19 51.66
CA ILE L 18 77.50 11.93 52.87
C ILE L 18 77.01 12.87 53.96
N SER L 19 76.77 12.34 55.16
CA SER L 19 76.34 13.14 56.30
C SER L 19 77.46 13.13 57.33
N VAL L 20 77.76 14.28 57.94
CA VAL L 20 78.82 14.38 58.96
C VAL L 20 78.20 15.11 60.14
N SER L 21 78.01 14.44 61.27
CA SER L 21 77.41 15.10 62.44
C SER L 21 78.45 15.31 63.54
N PHE L 22 78.19 16.27 64.44
CA PHE L 22 79.07 16.61 65.56
C PHE L 22 78.27 16.62 66.87
N ASP L 23 78.92 16.25 67.98
CA ASP L 23 78.26 16.22 69.28
C ASP L 23 78.17 17.63 69.90
N ASP L 24 77.58 17.75 71.10
CA ASP L 24 77.44 19.04 71.78
C ASP L 24 78.79 19.75 72.00
N SER L 25 79.87 18.98 72.23
CA SER L 25 81.20 19.55 72.45
C SER L 25 81.87 20.01 71.14
N GLY L 26 81.30 19.63 69.99
CA GLY L 26 81.85 19.99 68.68
C GLY L 26 82.81 18.95 68.10
N ASN L 27 82.77 17.74 68.67
CA ASN L 27 83.64 16.66 68.25
C ASN L 27 82.94 15.79 67.22
N LEU L 28 83.71 15.22 66.28
CA LEU L 28 83.19 14.36 65.23
C LEU L 28 82.35 13.23 65.85
N ASP L 29 81.07 13.11 65.44
CA ASP L 29 80.19 12.07 66.00
C ASP L 29 79.89 10.93 65.02
N LYS L 30 79.03 11.17 64.00
CA LYS L 30 78.67 10.13 63.03
C LYS L 30 78.91 10.57 61.60
N VAL L 31 79.45 9.67 60.78
CA VAL L 31 79.72 9.91 59.38
C VAL L 31 79.12 8.73 58.61
N ARG L 32 78.15 9.00 57.73
CA ARG L 32 77.51 7.93 56.96
C ARG L 32 77.38 8.22 55.50
N PHE L 33 77.35 7.16 54.69
CA PHE L 33 77.20 7.26 53.25
C PHE L 33 75.76 6.81 52.96
N HIS L 34 74.96 7.67 52.35
CA HIS L 34 73.57 7.33 52.03
C HIS L 34 73.31 7.26 50.54
N VAL L 35 72.56 6.24 50.11
CA VAL L 35 72.19 6.07 48.71
C VAL L 35 70.71 6.36 48.76
N VAL L 36 70.28 7.40 48.07
CA VAL L 36 68.91 7.88 48.08
C VAL L 36 68.02 7.53 46.89
N GLU L 37 68.17 6.33 46.31
CA GLU L 37 67.34 5.94 45.18
C GLU L 37 67.10 4.45 45.12
N VAL L 38 65.96 4.06 44.55
CA VAL L 38 65.56 2.67 44.37
C VAL L 38 64.41 2.65 43.35
N ARG L 39 64.43 1.68 42.43
CA ARG L 39 63.39 1.56 41.39
C ARG L 39 62.55 0.29 41.51
N GLY L 40 63.09 -0.76 42.15
CA GLY L 40 62.36 -2.00 42.37
C GLY L 40 62.31 -2.97 41.20
N PHE L 41 63.43 -3.13 40.49
CA PHE L 41 63.51 -4.04 39.34
C PHE L 41 63.22 -5.49 39.72
N GLU L 42 63.67 -5.93 40.90
CA GLU L 42 63.47 -7.30 41.34
C GLU L 42 62.02 -7.71 41.42
N LYS L 43 61.14 -6.81 41.85
CA LYS L 43 59.72 -7.11 41.96
C LYS L 43 58.96 -6.87 40.66
N PHE L 44 59.22 -5.75 39.95
CA PHE L 44 58.48 -5.49 38.73
C PHE L 44 58.83 -6.46 37.58
N LEU L 45 59.96 -7.21 37.68
CA LEU L 45 60.28 -8.18 36.65
C LEU L 45 59.30 -9.36 36.76
N GLU L 46 58.67 -9.56 37.95
CA GLU L 46 57.69 -10.63 38.14
C GLU L 46 56.51 -10.40 37.21
N GLY L 47 56.12 -11.42 36.47
CA GLY L 47 55.01 -11.32 35.53
C GLY L 47 55.48 -11.07 34.11
N ARG L 48 56.77 -10.72 33.94
CA ARG L 48 57.32 -10.46 32.60
C ARG L 48 57.80 -11.75 31.97
N TYR L 49 57.94 -11.75 30.63
CA TYR L 49 58.42 -12.93 29.92
C TYR L 49 59.88 -13.05 30.31
N VAL L 50 60.37 -14.26 30.59
CA VAL L 50 61.78 -14.41 30.98
C VAL L 50 62.73 -14.00 29.85
N GLU L 51 62.38 -14.29 28.58
CA GLU L 51 63.23 -13.92 27.44
C GLU L 51 63.36 -12.41 27.28
N ASP L 52 62.50 -11.61 27.94
CA ASP L 52 62.56 -10.15 27.87
C ASP L 52 63.44 -9.55 28.97
N ALA L 53 64.00 -10.39 29.88
CA ALA L 53 64.87 -9.90 30.95
C ALA L 53 66.09 -9.17 30.38
N PRO L 54 66.76 -9.68 29.33
CA PRO L 54 67.91 -8.96 28.77
C PRO L 54 67.54 -7.63 28.10
N ILE L 55 66.24 -7.29 28.02
CA ILE L 55 65.77 -6.02 27.44
C ILE L 55 65.55 -5.04 28.60
N TYR L 56 65.01 -5.54 29.73
CA TYR L 56 64.74 -4.72 30.90
C TYR L 56 65.95 -4.43 31.78
N THR L 57 66.77 -5.47 32.09
CA THR L 57 67.93 -5.28 32.98
C THR L 57 68.96 -4.26 32.51
N PRO L 58 69.27 -4.12 31.21
CA PRO L 58 70.24 -3.08 30.84
C PRO L 58 69.79 -1.71 31.32
N ARG L 59 68.46 -1.47 31.40
CA ARG L 59 67.93 -0.19 31.88
C ARG L 59 68.20 0.06 33.37
N ILE L 60 68.87 -0.90 34.05
CA ILE L 60 69.25 -0.72 35.45
C ILE L 60 70.37 0.33 35.42
N CYS L 61 71.22 0.29 34.38
CA CYS L 61 72.33 1.24 34.29
C CYS L 61 72.79 1.50 32.85
N GLY L 62 72.97 2.78 32.53
CA GLY L 62 73.42 3.22 31.23
C GLY L 62 74.89 3.07 30.94
N ILE L 63 75.71 2.77 31.97
CA ILE L 63 77.15 2.59 31.79
C ILE L 63 77.48 1.11 31.59
N CYS L 64 77.03 0.27 32.52
CA CYS L 64 77.27 -1.16 32.50
C CYS L 64 76.08 -1.96 31.98
N GLN L 65 75.36 -1.41 30.99
CA GLN L 65 74.19 -2.09 30.42
C GLN L 65 74.57 -3.42 29.77
N VAL L 66 75.79 -3.54 29.24
CA VAL L 66 76.24 -4.77 28.59
C VAL L 66 76.33 -5.87 29.64
N ALA L 67 76.92 -5.60 30.80
CA ALA L 67 77.05 -6.59 31.87
C ALA L 67 75.67 -7.17 32.24
N HIS L 68 74.65 -6.30 32.36
CA HIS L 68 73.30 -6.74 32.70
C HIS L 68 72.68 -7.56 31.58
N HIS L 69 72.84 -7.11 30.33
CA HIS L 69 72.30 -7.80 29.17
C HIS L 69 72.82 -9.23 29.13
N LEU L 70 74.13 -9.40 29.34
CA LEU L 70 74.78 -10.70 29.32
C LEU L 70 74.48 -11.54 30.55
N ALA L 71 74.43 -10.91 31.75
CA ALA L 71 74.13 -11.67 32.96
C ALA L 71 72.70 -12.20 32.83
N SER L 72 71.79 -11.38 32.29
CA SER L 72 70.40 -11.78 32.10
C SER L 72 70.32 -12.88 31.05
N ALA L 73 71.06 -12.73 29.95
CA ALA L 73 71.07 -13.72 28.88
C ALA L 73 71.52 -15.09 29.40
N LYS L 74 72.54 -15.10 30.28
CA LYS L 74 73.05 -16.33 30.86
C LYS L 74 72.02 -16.98 31.78
N ALA L 75 71.32 -16.17 32.57
CA ALA L 75 70.29 -16.68 33.47
C ALA L 75 69.17 -17.27 32.62
N VAL L 76 68.78 -16.55 31.54
CA VAL L 76 67.73 -17.01 30.65
C VAL L 76 68.15 -18.32 29.96
N ASP L 77 69.41 -18.43 29.54
CA ASP L 77 69.89 -19.66 28.89
C ASP L 77 69.76 -20.84 29.85
N ASN L 78 69.97 -20.60 31.17
CA ASN L 78 69.86 -21.66 32.18
C ASN L 78 68.39 -22.01 32.43
N VAL L 79 67.49 -21.01 32.34
CA VAL L 79 66.07 -21.26 32.54
C VAL L 79 65.60 -22.23 31.45
N PHE L 80 66.04 -22.00 30.20
CA PHE L 80 65.65 -22.87 29.09
C PHE L 80 66.50 -24.15 29.01
N GLY L 81 67.52 -24.27 29.85
CA GLY L 81 68.39 -25.44 29.87
C GLY L 81 69.11 -25.62 28.55
N VAL L 82 69.54 -24.51 27.94
CA VAL L 82 70.25 -24.52 26.66
C VAL L 82 71.69 -24.08 26.81
N LYS L 83 72.62 -24.77 26.13
CA LYS L 83 74.03 -24.44 26.14
C LYS L 83 74.26 -23.76 24.80
N ILE L 84 74.70 -22.50 24.81
CA ILE L 84 74.90 -21.74 23.58
C ILE L 84 76.14 -22.21 22.80
N PRO L 85 76.14 -22.05 21.45
CA PRO L 85 77.32 -22.47 20.67
C PRO L 85 78.56 -21.65 21.03
N GLU L 86 79.75 -22.17 20.70
CA GLU L 86 81.01 -21.50 21.01
C GLU L 86 81.11 -20.09 20.41
N THR L 87 80.66 -19.89 19.16
CA THR L 87 80.73 -18.58 18.51
C THR L 87 79.95 -17.55 19.36
N ALA L 88 78.79 -17.95 19.89
CA ALA L 88 77.97 -17.07 20.71
C ALA L 88 78.69 -16.66 22.00
N GLU L 89 79.44 -17.60 22.62
CA GLU L 89 80.19 -17.31 23.84
C GLU L 89 81.28 -16.26 23.55
N LEU L 90 81.97 -16.40 22.41
CA LEU L 90 83.03 -15.48 22.00
C LEU L 90 82.46 -14.10 21.67
N LEU L 91 81.29 -14.05 21.01
CA LEU L 91 80.66 -12.77 20.66
C LEU L 91 80.20 -12.05 21.94
N ARG L 92 79.62 -12.80 22.88
CA ARG L 92 79.17 -12.21 24.14
C ARG L 92 80.37 -11.67 24.92
N ASN L 93 81.48 -12.42 24.94
CA ASN L 93 82.69 -11.99 25.64
C ASN L 93 83.31 -10.78 24.95
N LEU L 94 83.32 -10.74 23.61
CA LEU L 94 83.88 -9.60 22.87
C LEU L 94 83.09 -8.33 23.24
N MET L 95 81.75 -8.45 23.30
CA MET L 95 80.86 -7.34 23.66
C MET L 95 81.21 -6.85 25.08
N HIS L 96 81.36 -7.81 26.01
CA HIS L 96 81.71 -7.56 27.42
C HIS L 96 83.07 -6.86 27.57
N GLN L 97 84.08 -7.30 26.82
CA GLN L 97 85.42 -6.70 26.90
C GLN L 97 85.39 -5.26 26.38
N GLY L 98 84.70 -5.03 25.27
CA GLY L 98 84.58 -3.69 24.69
C GLY L 98 83.89 -2.74 25.66
N ALA L 99 82.86 -3.25 26.36
CA ALA L 99 82.11 -2.45 27.33
C ALA L 99 82.99 -2.10 28.55
N THR L 100 83.92 -2.98 28.92
CA THR L 100 84.81 -2.76 30.06
C THR L 100 85.79 -1.64 29.72
N VAL L 101 86.25 -1.60 28.45
CA VAL L 101 87.18 -0.57 27.99
C VAL L 101 86.50 0.80 28.13
N HIS L 102 85.22 0.88 27.67
CA HIS L 102 84.45 2.11 27.73
C HIS L 102 84.20 2.56 29.18
N SER L 103 83.81 1.61 30.06
CA SER L 103 83.52 1.92 31.44
C SER L 103 84.74 2.34 32.24
N HIS L 104 85.85 1.58 32.15
CA HIS L 104 87.08 1.91 32.87
C HIS L 104 87.67 3.25 32.41
N ALA L 105 87.67 3.51 31.09
CA ALA L 105 88.21 4.76 30.54
C ALA L 105 87.33 5.93 31.00
N LEU L 106 86.00 5.73 31.00
CA LEU L 106 85.04 6.75 31.44
C LEU L 106 85.30 7.14 32.89
N HIS L 107 85.37 6.16 33.78
CA HIS L 107 85.60 6.45 35.19
C HIS L 107 86.95 7.06 35.48
N PHE L 108 88.04 6.42 35.03
CA PHE L 108 89.35 6.97 35.32
C PHE L 108 89.56 8.39 34.83
N TYR L 109 89.25 8.67 33.56
CA TYR L 109 89.45 10.00 33.01
C TYR L 109 88.41 11.06 33.32
N MET L 110 87.13 10.74 33.19
CA MET L 110 86.09 11.75 33.42
C MET L 110 85.62 11.87 34.86
N LEU L 111 85.68 10.80 35.66
CA LEU L 111 85.22 10.88 37.04
C LEU L 111 86.34 10.93 38.09
N ALA L 112 87.38 10.09 37.93
CA ALA L 112 88.47 10.04 38.91
C ALA L 112 89.64 11.01 38.70
N ALA L 113 90.18 11.12 37.47
CA ALA L 113 91.33 11.99 37.18
C ALA L 113 91.22 13.43 37.69
N PRO L 114 90.06 14.11 37.67
CA PRO L 114 90.02 15.49 38.18
C PRO L 114 90.58 15.64 39.60
N ASP L 115 90.35 14.65 40.47
CA ASP L 115 90.86 14.70 41.84
C ASP L 115 92.31 14.29 41.92
N LEU L 116 92.72 13.34 41.07
CA LEU L 116 94.10 12.86 41.05
C LEU L 116 95.02 13.94 40.48
N MET L 117 94.50 14.78 39.56
CA MET L 117 95.26 15.86 38.95
C MET L 117 95.20 17.11 39.84
N PHE L 118 94.01 17.43 40.38
CA PHE L 118 93.83 18.60 41.24
C PHE L 118 93.29 18.19 42.63
N PRO L 119 94.09 17.47 43.44
CA PRO L 119 93.59 17.06 44.77
C PRO L 119 93.48 18.13 45.84
N THR L 120 94.16 19.27 45.69
CA THR L 120 94.11 20.33 46.69
C THR L 120 93.68 21.68 46.12
N THR L 121 92.80 21.69 45.10
CA THR L 121 92.35 22.95 44.52
C THR L 121 91.09 23.54 45.16
N ASP L 122 91.02 24.88 45.15
CA ASP L 122 89.89 25.65 45.69
C ASP L 122 88.89 25.86 44.55
N ASP L 123 89.40 25.84 43.30
CA ASP L 123 88.61 26.02 42.08
C ASP L 123 87.81 24.76 41.75
N VAL L 124 86.53 24.79 42.12
CA VAL L 124 85.61 23.67 41.90
C VAL L 124 85.32 23.52 40.41
N LEU L 125 85.24 24.65 39.68
CA LEU L 125 84.95 24.64 38.24
C LEU L 125 86.10 24.02 37.41
N LYS L 126 87.27 23.80 38.03
CA LYS L 126 88.43 23.21 37.36
C LYS L 126 88.45 21.69 37.54
N ARG L 127 87.86 21.19 38.63
CA ARG L 127 87.84 19.77 38.95
C ARG L 127 86.83 18.96 38.12
N ASN L 128 87.10 18.84 36.82
CA ASN L 128 86.24 18.09 35.90
C ASN L 128 86.97 17.88 34.56
N LEU L 129 86.39 17.07 33.65
CA LEU L 129 87.02 16.79 32.35
C LEU L 129 87.29 18.06 31.50
N MET L 130 86.48 19.12 31.68
CA MET L 130 86.67 20.37 30.94
C MET L 130 87.95 21.07 31.44
N GLY L 131 88.18 20.99 32.75
CA GLY L 131 89.37 21.59 33.36
C GLY L 131 90.63 20.86 32.97
N ILE L 132 90.55 19.51 32.84
CA ILE L 132 91.70 18.70 32.46
C ILE L 132 92.00 18.96 30.97
N ALA L 133 90.96 19.08 30.15
CA ALA L 133 91.10 19.32 28.71
C ALA L 133 91.76 20.66 28.41
N LYS L 134 91.49 21.69 29.23
CA LYS L 134 92.06 23.01 29.02
C LYS L 134 93.57 23.03 29.18
N GLU L 135 94.12 22.28 30.15
CA GLU L 135 95.56 22.24 30.36
C GLU L 135 96.23 20.99 29.80
N HIS L 136 95.49 19.89 29.61
CA HIS L 136 96.00 18.64 29.06
C HIS L 136 94.97 18.07 28.09
N PRO L 137 94.81 18.67 26.90
CA PRO L 137 93.81 18.16 25.95
C PRO L 137 94.08 16.74 25.44
N GLU L 138 95.37 16.37 25.31
CA GLU L 138 95.80 15.05 24.84
C GLU L 138 95.19 13.93 25.68
N ILE L 139 95.11 14.14 27.00
CA ILE L 139 94.56 13.18 27.96
C ILE L 139 93.07 12.90 27.74
N ILE L 140 92.27 13.95 27.49
CA ILE L 140 90.84 13.80 27.27
C ILE L 140 90.57 13.24 25.86
N LYS L 141 91.44 13.55 24.89
CA LYS L 141 91.27 13.04 23.52
C LYS L 141 91.50 11.53 23.54
N ASP L 142 92.49 11.09 24.34
CA ASP L 142 92.82 9.67 24.50
C ASP L 142 91.65 8.94 25.16
N ALA L 143 91.06 9.57 26.21
CA ALA L 143 89.91 9.01 26.94
C ALA L 143 88.75 8.79 25.98
N ILE L 144 88.47 9.81 25.13
CA ILE L 144 87.41 9.76 24.16
C ILE L 144 87.64 8.66 23.13
N GLU L 145 88.88 8.56 22.61
CA GLU L 145 89.22 7.54 21.62
C GLU L 145 89.09 6.12 22.19
N LEU L 146 89.36 5.95 23.49
CA LEU L 146 89.25 4.63 24.14
C LEU L 146 87.78 4.26 24.25
N ARG L 147 86.96 5.20 24.76
CA ARG L 147 85.53 5.02 24.92
C ARG L 147 84.89 4.71 23.57
N LYS L 148 85.27 5.48 22.53
CA LYS L 148 84.75 5.31 21.17
C LYS L 148 85.07 3.90 20.65
N ALA L 149 86.28 3.39 20.93
CA ALA L 149 86.66 2.06 20.48
C ALA L 149 85.80 1.01 21.19
N GLY L 150 85.65 1.14 22.50
CA GLY L 150 84.85 0.22 23.29
C GLY L 150 83.40 0.19 22.86
N GLN L 151 82.79 1.37 22.74
CA GLN L 151 81.39 1.49 22.32
C GLN L 151 81.18 0.99 20.90
N ASN L 152 82.20 1.12 20.02
CA ASN L 152 82.10 0.67 18.64
C ASN L 152 81.98 -0.86 18.63
N VAL L 153 82.81 -1.55 19.43
CA VAL L 153 82.76 -3.01 19.52
C VAL L 153 81.36 -3.41 19.98
N VAL L 154 80.85 -2.75 21.04
CA VAL L 154 79.51 -3.03 21.57
C VAL L 154 78.44 -2.78 20.50
N ARG L 155 78.53 -1.66 19.78
CA ARG L 155 77.56 -1.34 18.74
C ARG L 155 77.53 -2.39 17.63
N VAL L 156 78.70 -2.86 17.20
CA VAL L 156 78.79 -3.86 16.14
C VAL L 156 78.32 -5.26 16.58
N VAL L 157 78.75 -5.71 17.77
CA VAL L 157 78.37 -7.04 18.26
C VAL L 157 76.99 -7.05 18.94
N GLY L 158 76.67 -5.99 19.66
CA GLY L 158 75.41 -5.87 20.39
C GLY L 158 74.27 -5.22 19.64
N GLY L 159 74.55 -4.55 18.53
CA GLY L 159 73.51 -3.87 17.74
C GLY L 159 73.34 -2.42 18.16
N ARG L 160 73.53 -2.12 19.47
CA ARG L 160 73.41 -0.77 20.02
C ARG L 160 74.54 -0.56 21.02
N ALA L 161 75.14 0.65 21.04
CA ALA L 161 76.24 0.96 21.97
C ALA L 161 75.73 0.99 23.41
N ILE L 162 74.49 1.49 23.61
CA ILE L 162 73.87 1.56 24.91
C ILE L 162 72.60 0.71 24.82
N HIS L 163 72.52 -0.33 25.67
CA HIS L 163 71.41 -1.27 25.73
C HIS L 163 71.46 -2.21 24.51
N PRO L 164 72.48 -3.10 24.47
CA PRO L 164 72.60 -4.05 23.34
C PRO L 164 71.43 -5.03 23.33
N VAL L 165 71.17 -5.64 22.18
CA VAL L 165 70.04 -6.56 22.01
C VAL L 165 70.32 -7.94 21.40
N THR L 166 71.55 -8.24 21.00
CA THR L 166 71.84 -9.52 20.35
C THR L 166 71.90 -10.76 21.23
N ALA L 167 72.11 -10.64 22.55
CA ALA L 167 72.15 -11.85 23.38
C ALA L 167 70.73 -12.34 23.61
N VAL L 168 70.32 -13.37 22.86
CA VAL L 168 68.98 -13.95 22.95
C VAL L 168 69.02 -15.39 23.47
N VAL L 169 67.85 -16.03 23.61
CA VAL L 169 67.77 -17.40 24.11
C VAL L 169 68.50 -18.35 23.16
N GLY L 170 69.49 -19.06 23.67
CA GLY L 170 70.25 -20.00 22.87
C GLY L 170 71.48 -19.47 22.18
N GLY L 171 71.74 -18.17 22.30
CA GLY L 171 72.92 -17.58 21.67
C GLY L 171 72.74 -16.15 21.21
N GLN L 172 73.20 -15.85 19.98
CA GLN L 172 73.10 -14.50 19.42
C GLN L 172 72.06 -14.41 18.31
N SER L 173 71.50 -13.21 18.12
CA SER L 173 70.47 -12.97 17.10
C SER L 173 71.10 -12.68 15.72
N LYS L 174 72.39 -12.31 15.70
CA LYS L 174 73.11 -12.03 14.46
C LYS L 174 74.58 -12.41 14.62
N SER L 175 75.24 -12.73 13.50
CA SER L 175 76.64 -13.13 13.50
C SER L 175 77.51 -11.94 13.13
N LEU L 176 78.80 -12.01 13.43
CA LEU L 176 79.74 -10.95 13.10
C LEU L 176 80.25 -11.26 11.69
N LYS L 177 80.07 -10.33 10.75
CA LYS L 177 80.50 -10.55 9.38
C LYS L 177 82.00 -10.36 9.28
N GLU L 178 82.60 -11.11 8.35
CA GLU L 178 84.04 -11.07 8.09
C GLU L 178 84.57 -9.65 7.86
N GLU L 179 83.80 -8.77 7.19
CA GLU L 179 84.22 -7.39 6.93
C GLU L 179 84.20 -6.55 8.22
N GLU L 180 83.26 -6.86 9.14
CA GLU L 180 83.11 -6.15 10.42
C GLU L 180 84.24 -6.57 11.35
N ARG L 181 84.56 -7.87 11.35
CA ARG L 181 85.63 -8.44 12.16
C ARG L 181 86.97 -7.83 11.76
N ASP L 182 87.20 -7.67 10.44
CA ASP L 182 88.45 -7.09 9.92
C ASP L 182 88.61 -5.64 10.34
N GLU L 183 87.52 -4.84 10.25
CA GLU L 183 87.53 -3.42 10.62
C GLU L 183 87.85 -3.26 12.11
N LEU L 184 87.17 -4.02 12.99
CA LEU L 184 87.39 -3.96 14.44
C LEU L 184 88.80 -4.41 14.83
N LEU L 185 89.30 -5.48 14.18
CA LEU L 185 90.64 -6.01 14.48
C LEU L 185 91.72 -4.99 14.15
N LYS L 186 91.53 -4.22 13.06
CA LYS L 186 92.52 -3.22 12.68
C LYS L 186 92.52 -2.09 13.71
N LEU L 187 91.33 -1.70 14.18
CA LEU L 187 91.18 -0.63 15.19
C LEU L 187 91.61 -1.07 16.60
N SER L 188 91.61 -2.39 16.86
CA SER L 188 91.98 -2.95 18.18
C SER L 188 93.39 -2.61 18.65
N GLU L 189 94.36 -2.49 17.73
CA GLU L 189 95.74 -2.18 18.12
C GLU L 189 95.89 -0.81 18.79
N ARG L 190 95.17 0.21 18.30
CA ARG L 190 95.22 1.55 18.87
C ARG L 190 94.67 1.58 20.30
N THR L 191 93.61 0.80 20.58
CA THR L 191 93.02 0.76 21.92
C THR L 191 94.02 0.22 22.94
N ILE L 192 94.81 -0.79 22.55
CA ILE L 192 95.82 -1.36 23.45
C ILE L 192 96.92 -0.32 23.72
N GLU L 193 97.33 0.44 22.69
CA GLU L 193 98.36 1.47 22.84
C GLU L 193 97.92 2.55 23.82
N LEU L 194 96.70 3.05 23.62
CA LEU L 194 96.16 4.08 24.49
C LEU L 194 96.00 3.58 25.92
N SER L 195 95.65 2.28 26.09
CA SER L 195 95.48 1.69 27.42
C SER L 195 96.82 1.66 28.14
N GLU L 196 97.91 1.31 27.42
CA GLU L 196 99.25 1.28 28.01
C GLU L 196 99.63 2.71 28.42
N LYS L 197 99.29 3.67 27.56
CA LYS L 197 99.56 5.08 27.81
C LYS L 197 98.79 5.54 29.08
N SER L 198 97.53 5.08 29.22
CA SER L 198 96.69 5.41 30.37
C SER L 198 97.28 4.94 31.69
N ILE L 199 97.90 3.74 31.72
CA ILE L 199 98.51 3.23 32.95
C ILE L 199 99.60 4.19 33.43
N GLU L 200 100.39 4.73 32.49
CA GLU L 200 101.46 5.66 32.83
C GLU L 200 100.92 6.97 33.37
N VAL L 201 99.78 7.44 32.84
CA VAL L 201 99.16 8.68 33.32
C VAL L 201 98.74 8.44 34.77
N GLY L 202 98.24 7.23 35.06
CA GLY L 202 97.82 6.84 36.39
C GLY L 202 98.97 6.83 37.38
N LYS L 203 100.11 6.24 36.99
CA LYS L 203 101.28 6.19 37.87
C LYS L 203 101.63 7.61 38.33
N LYS L 204 101.78 8.54 37.36
CA LYS L 204 102.10 9.93 37.63
C LYS L 204 101.10 10.60 38.57
N LEU L 205 99.81 10.46 38.26
CA LEU L 205 98.76 11.05 39.08
C LEU L 205 98.69 10.44 40.48
N LEU L 206 98.91 9.11 40.60
CA LEU L 206 98.88 8.48 41.92
C LEU L 206 100.14 8.84 42.72
N GLU L 207 101.22 9.25 42.03
CA GLU L 207 102.46 9.67 42.68
C GLU L 207 102.16 11.02 43.34
N ASN L 208 101.43 11.88 42.61
CA ASN L 208 101.01 13.21 43.06
C ASN L 208 100.11 13.06 44.30
N ILE L 209 99.28 12.00 44.31
CA ILE L 209 98.37 11.71 45.42
C ILE L 209 99.20 11.28 46.64
N LYS L 210 100.23 10.44 46.40
CA LYS L 210 101.12 9.96 47.46
C LYS L 210 101.88 11.12 48.10
N ASP L 211 102.31 12.11 47.30
CA ASP L 211 103.03 13.29 47.79
C ASP L 211 102.19 14.12 48.77
N GLU L 212 100.85 14.14 48.58
CA GLU L 212 99.93 14.90 49.45
C GLU L 212 99.42 14.03 50.62
N ASP L 213 99.97 12.81 50.81
CA ASP L 213 99.57 11.88 51.87
C ASP L 213 98.07 11.54 51.74
N LEU L 214 97.63 11.26 50.50
CA LEU L 214 96.24 10.91 50.21
C LEU L 214 96.11 9.49 49.63
N LEU L 215 97.22 8.72 49.51
CA LEU L 215 97.15 7.37 48.94
C LEU L 215 96.52 6.37 49.91
N ASP L 216 96.50 6.69 51.21
CA ASP L 216 95.94 5.79 52.22
C ASP L 216 94.55 6.21 52.72
N ILE L 217 93.88 7.17 52.05
CA ILE L 217 92.56 7.61 52.51
C ILE L 217 91.56 6.47 52.50
N GLY L 218 90.76 6.38 53.57
CA GLY L 218 89.73 5.37 53.73
C GLY L 218 90.26 3.95 53.86
N TYR L 219 91.54 3.79 54.20
CA TYR L 219 92.15 2.46 54.33
C TYR L 219 91.53 1.60 55.44
N PHE L 220 91.37 0.32 55.13
CA PHE L 220 90.84 -0.71 56.03
C PHE L 220 91.09 -2.04 55.33
N GLU L 221 91.17 -3.13 56.09
CA GLU L 221 91.42 -4.44 55.51
C GLU L 221 90.13 -5.23 55.42
N SER L 222 89.99 -6.04 54.37
CA SER L 222 88.79 -6.84 54.17
C SER L 222 89.09 -8.04 53.28
N ALA L 223 88.07 -8.86 53.04
CA ALA L 223 88.20 -10.02 52.16
C ALA L 223 88.03 -9.47 50.74
N HIS L 224 88.29 -10.27 49.71
CA HIS L 224 88.14 -9.79 48.34
C HIS L 224 87.53 -10.87 47.48
N MET L 225 86.59 -10.50 46.61
CA MET L 225 85.94 -11.47 45.74
C MET L 225 86.06 -11.11 44.27
N GLY L 226 86.27 -12.13 43.46
CA GLY L 226 86.40 -11.98 42.01
C GLY L 226 86.33 -13.30 41.29
N MET L 227 85.91 -13.27 40.02
CA MET L 227 85.78 -14.46 39.20
C MET L 227 87.13 -14.91 38.66
N VAL L 228 87.37 -16.24 38.65
CA VAL L 228 88.63 -16.78 38.15
C VAL L 228 88.33 -18.01 37.31
N ASN L 229 89.09 -18.20 36.23
CA ASN L 229 88.96 -19.33 35.32
C ASN L 229 90.26 -20.10 35.50
N ASN L 230 90.23 -21.17 36.30
CA ASN L 230 91.43 -21.98 36.60
C ASN L 230 92.47 -21.07 37.28
N GLY L 231 92.00 -20.19 38.17
CA GLY L 231 92.84 -19.25 38.90
C GLY L 231 93.25 -18.02 38.10
N VAL L 232 92.90 -17.96 36.81
CA VAL L 232 93.25 -16.84 35.95
C VAL L 232 92.15 -15.78 35.95
N HIS L 233 92.56 -14.50 35.98
CA HIS L 233 91.64 -13.37 35.96
C HIS L 233 90.69 -13.52 34.77
N ASP L 234 89.38 -13.49 35.03
CA ASP L 234 88.38 -13.63 33.96
C ASP L 234 87.14 -12.82 34.32
N LEU L 235 86.67 -11.99 33.40
CA LEU L 235 85.49 -11.16 33.63
C LEU L 235 84.22 -11.78 33.07
N TYR L 236 84.34 -12.87 32.27
CA TYR L 236 83.19 -13.50 31.64
C TYR L 236 82.80 -14.89 32.18
N ASP L 237 83.76 -15.82 32.29
CA ASP L 237 83.44 -17.17 32.78
C ASP L 237 84.43 -17.65 33.84
N GLY L 238 83.98 -18.59 34.66
CA GLY L 238 84.79 -19.16 35.74
C GLY L 238 84.02 -19.29 37.04
N LYS L 239 84.74 -19.42 38.14
CA LYS L 239 84.15 -19.58 39.47
C LYS L 239 84.45 -18.35 40.30
N LEU L 240 83.65 -18.10 41.35
CA LEU L 240 83.87 -16.96 42.23
C LEU L 240 84.78 -17.36 43.36
N ARG L 241 85.92 -16.67 43.48
CA ARG L 241 86.90 -16.94 44.52
C ARG L 241 86.91 -15.82 45.54
N VAL L 242 87.06 -16.18 46.83
CA VAL L 242 87.12 -15.22 47.93
C VAL L 242 88.42 -15.46 48.67
N VAL L 243 89.19 -14.39 48.92
CA VAL L 243 90.44 -14.49 49.67
C VAL L 243 90.25 -13.63 50.91
N ASN L 244 90.87 -14.01 52.03
CA ASN L 244 90.75 -13.23 53.26
C ASN L 244 91.74 -12.06 53.23
N SER L 245 91.79 -11.24 54.29
CA SER L 245 92.69 -10.08 54.34
C SER L 245 94.19 -10.43 54.20
N GLU L 246 94.59 -11.71 54.42
CA GLU L 246 95.97 -12.14 54.30
C GLU L 246 96.25 -12.83 52.94
N GLY L 247 95.24 -12.94 52.09
CA GLY L 247 95.37 -13.55 50.78
C GLY L 247 95.10 -15.03 50.73
N LYS L 248 94.63 -15.63 51.83
CA LYS L 248 94.32 -17.06 51.86
C LYS L 248 92.95 -17.29 51.23
N VAL L 249 92.86 -18.24 50.29
CA VAL L 249 91.59 -18.54 49.64
C VAL L 249 90.64 -19.17 50.64
N GLU L 250 89.54 -18.47 50.98
CA GLU L 250 88.59 -19.02 51.94
C GLU L 250 87.76 -20.06 51.21
N TYR L 251 87.19 -19.69 50.07
CA TYR L 251 86.40 -20.63 49.26
C TYR L 251 86.34 -20.20 47.81
N GLU L 252 85.92 -21.15 46.99
CA GLU L 252 85.77 -21.02 45.55
C GLU L 252 84.42 -21.66 45.24
N PHE L 253 83.50 -20.95 44.58
CA PHE L 253 82.20 -21.53 44.29
C PHE L 253 81.63 -21.13 42.96
N ASP L 254 80.71 -21.96 42.47
CA ASP L 254 80.04 -21.70 41.20
C ASP L 254 79.01 -20.59 41.46
N PRO L 255 78.87 -19.61 40.56
CA PRO L 255 77.90 -18.54 40.79
C PRO L 255 76.47 -18.98 41.12
N SER L 256 76.04 -20.17 40.67
CA SER L 256 74.69 -20.66 40.95
C SER L 256 74.46 -20.95 42.45
N GLU L 257 75.55 -21.05 43.25
CA GLU L 257 75.47 -21.31 44.68
C GLU L 257 75.72 -20.05 45.52
N TYR L 258 75.73 -18.88 44.87
CA TYR L 258 75.97 -17.58 45.53
C TYR L 258 75.13 -17.35 46.80
N MET L 259 73.88 -17.85 46.85
CA MET L 259 73.01 -17.65 48.01
C MET L 259 73.51 -18.34 49.29
N ASN L 260 74.43 -19.32 49.16
CA ASN L 260 74.98 -20.03 50.31
C ASN L 260 76.24 -19.36 50.87
N TYR L 261 76.76 -18.34 50.17
CA TYR L 261 77.98 -17.64 50.61
C TYR L 261 77.76 -16.15 50.83
N ILE L 262 76.80 -15.52 50.11
CA ILE L 262 76.56 -14.09 50.23
C ILE L 262 75.25 -13.79 50.93
N ALA L 263 75.24 -12.73 51.73
CA ALA L 263 74.07 -12.26 52.45
C ALA L 263 74.05 -10.75 52.30
N GLU L 264 72.87 -10.13 52.32
CA GLU L 264 72.75 -8.69 52.17
C GLU L 264 71.96 -8.08 53.32
N GLY L 265 72.63 -7.29 54.15
CA GLY L 265 72.03 -6.63 55.28
C GLY L 265 71.33 -5.34 54.90
N VAL L 266 70.42 -4.88 55.74
CA VAL L 266 69.67 -3.65 55.50
C VAL L 266 69.83 -2.72 56.69
N LYS L 267 70.17 -1.45 56.44
CA LYS L 267 70.34 -0.44 57.48
C LYS L 267 69.30 0.63 57.19
N PRO L 268 68.73 1.29 58.22
CA PRO L 268 67.69 2.29 57.96
C PRO L 268 68.10 3.59 57.26
N TYR L 269 69.38 3.89 57.19
CA TYR L 269 69.82 5.14 56.55
C TYR L 269 70.24 5.07 55.09
N SER L 270 69.99 3.95 54.40
CA SER L 270 70.36 3.86 52.99
C SER L 270 69.55 2.84 52.22
N TYR L 271 69.24 3.14 50.96
CA TYR L 271 68.50 2.22 50.10
C TYR L 271 69.50 1.19 49.57
N LEU L 272 70.80 1.39 49.83
CA LEU L 272 71.81 0.46 49.38
C LEU L 272 72.06 -0.53 50.49
N LYS L 273 71.98 -1.82 50.17
CA LYS L 273 72.19 -2.89 51.15
C LYS L 273 73.66 -3.05 51.52
N PHE L 274 73.93 -3.80 52.58
CA PHE L 274 75.28 -4.03 53.09
C PHE L 274 75.64 -5.52 53.04
N PRO L 275 76.20 -6.04 51.93
CA PRO L 275 76.52 -7.45 51.87
C PRO L 275 77.70 -7.90 52.74
N TYR L 276 77.81 -9.21 52.95
CA TYR L 276 78.87 -9.80 53.76
C TYR L 276 78.94 -11.31 53.51
N LEU L 277 80.05 -11.93 53.90
CA LEU L 277 80.23 -13.36 53.77
C LEU L 277 79.41 -14.03 54.89
N LYS L 278 78.37 -14.79 54.55
CA LYS L 278 77.49 -15.48 55.52
C LYS L 278 78.15 -16.12 56.74
N ASP L 279 79.17 -16.95 56.52
CA ASP L 279 79.88 -17.63 57.61
C ASP L 279 80.63 -16.73 58.58
N LYS L 280 81.18 -15.61 58.10
CA LYS L 280 81.94 -14.69 58.94
C LYS L 280 81.11 -13.62 59.66
N GLY L 281 80.06 -13.12 59.00
CA GLY L 281 79.19 -12.12 59.59
C GLY L 281 79.35 -10.69 59.08
N GLU L 282 78.55 -9.78 59.65
CA GLU L 282 78.52 -8.36 59.30
C GLU L 282 79.84 -7.60 59.39
N GLU L 283 80.69 -7.89 60.39
CA GLU L 283 81.97 -7.18 60.54
C GLU L 283 83.17 -8.00 60.05
N ASP L 284 83.27 -9.25 60.47
CA ASP L 284 84.38 -10.12 60.08
C ASP L 284 84.22 -10.66 58.65
N GLY L 285 83.02 -10.53 58.07
CA GLY L 285 82.74 -11.00 56.71
C GLY L 285 82.65 -9.94 55.65
N ILE L 286 83.23 -8.77 55.89
CA ILE L 286 83.21 -7.70 54.90
C ILE L 286 84.14 -8.04 53.76
N TYR L 287 83.69 -7.80 52.52
CA TYR L 287 84.51 -8.06 51.34
C TYR L 287 84.31 -6.96 50.33
N ARG L 288 85.23 -6.86 49.38
CA ARG L 288 85.15 -5.85 48.33
C ARG L 288 85.17 -6.53 46.98
N VAL L 289 84.71 -5.82 45.96
CA VAL L 289 84.67 -6.34 44.60
C VAL L 289 85.23 -5.32 43.63
N ASN L 290 85.57 -5.81 42.43
CA ASN L 290 86.11 -5.06 41.30
C ASN L 290 87.58 -4.71 41.39
N THR L 291 88.13 -4.46 40.19
CA THR L 291 89.51 -4.10 39.88
C THR L 291 90.53 -4.68 40.85
N LEU L 292 90.87 -3.95 41.93
CA LEU L 292 91.86 -4.44 42.88
C LEU L 292 91.48 -5.77 43.53
N SER L 293 90.19 -5.95 43.88
CA SER L 293 89.73 -7.20 44.49
C SER L 293 89.89 -8.37 43.51
N ARG L 294 89.70 -8.10 42.20
CA ARG L 294 89.86 -9.15 41.19
C ARG L 294 91.34 -9.47 41.01
N LEU L 295 92.22 -8.44 41.08
CA LEU L 295 93.66 -8.67 40.93
C LEU L 295 94.14 -9.48 42.14
N ASN L 296 93.64 -9.15 43.35
CA ASN L 296 94.01 -9.83 44.59
C ASN L 296 93.69 -11.33 44.58
N VAL L 297 92.49 -11.71 44.09
CA VAL L 297 92.09 -13.12 44.07
C VAL L 297 92.73 -13.91 42.91
N SER L 298 93.14 -13.24 41.83
CA SER L 298 93.73 -13.90 40.66
C SER L 298 95.18 -14.36 40.85
N ASP L 299 95.53 -15.51 40.24
CA ASP L 299 96.89 -16.04 40.30
C ASP L 299 97.70 -15.22 39.28
N LYS L 300 97.06 -14.89 38.15
CA LYS L 300 97.68 -14.10 37.08
C LYS L 300 96.62 -13.53 36.13
N MET L 301 97.04 -12.65 35.22
CA MET L 301 96.16 -12.03 34.24
C MET L 301 96.04 -12.99 33.05
N ALA L 302 95.03 -12.80 32.20
CA ALA L 302 94.83 -13.67 31.02
C ALA L 302 95.56 -13.16 29.78
N THR L 303 96.09 -11.91 29.83
CA THR L 303 96.80 -11.30 28.70
C THR L 303 98.25 -10.94 29.08
N PRO L 304 99.19 -10.96 28.12
CA PRO L 304 100.60 -10.68 28.45
C PRO L 304 100.98 -9.26 28.88
N LEU L 305 100.56 -8.23 28.16
CA LEU L 305 100.92 -6.86 28.56
C LEU L 305 100.40 -6.52 29.94
N ALA L 306 99.12 -6.82 30.22
CA ALA L 306 98.53 -6.52 31.54
C ALA L 306 99.29 -7.27 32.65
N GLN L 307 99.68 -8.53 32.38
CA GLN L 307 100.41 -9.36 33.34
C GLN L 307 101.72 -8.70 33.80
N LYS L 308 102.40 -7.97 32.90
CA LYS L 308 103.65 -7.29 33.21
C LYS L 308 103.45 -6.14 34.21
N TYR L 309 102.36 -5.36 34.04
CA TYR L 309 102.07 -4.25 34.96
C TYR L 309 101.60 -4.83 36.30
N TYR L 310 100.87 -5.97 36.24
CA TYR L 310 100.37 -6.64 37.45
C TYR L 310 101.55 -7.16 38.26
N ASP L 311 102.55 -7.76 37.59
CA ASP L 311 103.73 -8.29 38.27
C ASP L 311 104.49 -7.15 38.98
N GLU L 312 104.69 -6.03 38.28
CA GLU L 312 105.38 -4.85 38.81
C GLU L 312 104.63 -4.25 40.00
N PHE L 313 103.29 -4.28 39.96
CA PHE L 313 102.44 -3.74 41.02
C PHE L 313 102.47 -4.62 42.26
N VAL L 314 102.37 -5.94 42.07
CA VAL L 314 102.40 -6.92 43.16
C VAL L 314 103.72 -6.87 43.93
N LYS L 315 104.84 -6.69 43.22
CA LYS L 315 106.16 -6.62 43.86
C LYS L 315 106.31 -5.35 44.70
N GLU L 316 105.65 -4.26 44.29
CA GLU L 316 105.70 -2.99 45.00
C GLU L 316 104.70 -2.89 46.18
N PHE L 317 103.44 -3.32 46.01
CA PHE L 317 102.45 -3.21 47.09
C PHE L 317 102.02 -4.52 47.74
N GLY L 318 102.51 -5.65 47.25
CA GLY L 318 102.16 -6.96 47.81
C GLY L 318 100.78 -7.47 47.44
N LYS L 319 100.43 -8.64 48.00
CA LYS L 319 99.15 -9.28 47.77
C LYS L 319 98.62 -9.87 49.07
N PRO L 320 97.40 -9.51 49.49
CA PRO L 320 96.47 -8.59 48.83
C PRO L 320 96.70 -7.13 49.22
N CYS L 321 96.38 -6.21 48.29
CA CYS L 321 96.52 -4.79 48.53
C CYS L 321 95.12 -4.33 48.98
N HIS L 322 95.04 -3.61 50.10
CA HIS L 322 93.77 -3.13 50.65
C HIS L 322 93.51 -1.65 50.43
N HIS L 323 94.47 -0.94 49.84
CA HIS L 323 94.37 0.50 49.57
C HIS L 323 93.22 0.89 48.63
N PRO L 324 92.16 1.58 49.12
CA PRO L 324 91.09 1.99 48.22
C PRO L 324 91.59 2.79 47.01
N MET L 325 92.50 3.76 47.22
CA MET L 325 93.01 4.57 46.10
C MET L 325 93.74 3.75 45.03
N LEU L 326 94.28 2.55 45.37
CA LEU L 326 94.97 1.75 44.37
C LEU L 326 93.97 0.97 43.48
N PHE L 327 92.64 1.15 43.73
CA PHE L 327 91.60 0.53 42.91
C PHE L 327 91.68 1.26 41.56
N HIS L 328 92.17 2.54 41.59
CA HIS L 328 92.34 3.35 40.38
C HIS L 328 93.41 2.70 39.51
N TYR L 329 94.53 2.28 40.12
CA TYR L 329 95.62 1.64 39.38
C TYR L 329 95.20 0.27 38.83
N ALA L 330 94.50 -0.52 39.65
CA ALA L 330 94.03 -1.84 39.22
C ALA L 330 93.08 -1.70 38.05
N ARG L 331 92.27 -0.62 38.03
CA ARG L 331 91.31 -0.34 36.97
C ARG L 331 92.03 -0.13 35.63
N LEU L 332 93.19 0.54 35.65
CA LEU L 332 93.96 0.77 34.43
C LEU L 332 94.59 -0.52 33.90
N ILE L 333 94.97 -1.45 34.80
CA ILE L 333 95.56 -2.72 34.37
C ILE L 333 94.47 -3.52 33.66
N GLU L 334 93.23 -3.49 34.19
CA GLU L 334 92.11 -4.19 33.59
C GLU L 334 91.72 -3.56 32.26
N LEU L 335 91.82 -2.22 32.17
CA LEU L 335 91.51 -1.49 30.94
C LEU L 335 92.39 -2.03 29.82
N LEU L 336 93.66 -2.29 30.12
CA LEU L 336 94.60 -2.83 29.15
C LEU L 336 94.28 -4.29 28.84
N SER L 337 94.00 -5.10 29.86
CA SER L 337 93.68 -6.51 29.66
C SER L 337 92.43 -6.67 28.79
N SER L 338 91.43 -5.79 28.99
CA SER L 338 90.20 -5.85 28.20
C SER L 338 90.48 -5.44 26.75
N ALA L 339 91.38 -4.45 26.56
CA ALA L 339 91.74 -4.00 25.22
C ALA L 339 92.45 -5.14 24.49
N GLU L 340 93.34 -5.84 25.22
CA GLU L 340 94.08 -6.98 24.67
C GLU L 340 93.15 -8.13 24.33
N MET L 341 92.10 -8.33 25.15
CA MET L 341 91.13 -9.40 24.91
C MET L 341 90.26 -9.14 23.69
N VAL L 342 89.93 -7.86 23.41
CA VAL L 342 89.12 -7.52 22.23
C VAL L 342 89.85 -8.04 20.99
N LYS L 343 91.16 -7.72 20.89
CA LYS L 343 92.03 -8.13 19.80
C LYS L 343 92.13 -9.66 19.75
N GLU L 344 92.38 -10.28 20.92
CA GLU L 344 92.50 -11.74 21.05
C GLU L 344 91.23 -12.44 20.55
N LEU L 345 90.06 -11.96 20.96
CA LEU L 345 88.79 -12.58 20.54
C LEU L 345 88.53 -12.33 19.05
N LEU L 346 88.94 -11.16 18.54
CA LEU L 346 88.75 -10.83 17.12
C LEU L 346 89.68 -11.67 16.24
N GLU L 347 90.79 -12.19 16.81
CA GLU L 347 91.75 -13.02 16.08
C GLU L 347 91.30 -14.48 16.05
N ASN L 348 90.32 -14.83 16.88
CA ASN L 348 89.79 -16.18 16.94
C ASN L 348 88.78 -16.36 15.78
N ASP L 349 89.15 -17.17 14.77
CA ASP L 349 88.31 -17.45 13.60
C ASP L 349 86.87 -17.88 13.91
N LYS L 350 86.62 -18.45 15.09
CA LYS L 350 85.28 -18.89 15.45
C LYS L 350 84.34 -17.70 15.70
N ILE L 351 84.89 -16.49 15.88
CA ILE L 351 84.10 -15.28 16.13
C ILE L 351 83.16 -14.96 14.95
N VAL L 352 83.57 -15.28 13.72
CA VAL L 352 82.78 -15.02 12.51
C VAL L 352 81.94 -16.24 12.06
N GLY L 353 81.73 -17.20 12.94
CA GLY L 353 80.95 -18.39 12.62
C GLY L 353 79.47 -18.11 12.46
N GLU L 354 78.76 -19.00 11.75
CA GLU L 354 77.32 -18.86 11.53
C GLU L 354 76.49 -19.70 12.51
N ASP L 355 77.10 -20.67 13.21
CA ASP L 355 76.38 -21.48 14.21
C ASP L 355 76.40 -20.62 15.48
N ILE L 356 75.50 -19.63 15.52
CA ILE L 356 75.39 -18.66 16.62
C ILE L 356 74.25 -18.93 17.58
N ARG L 357 73.37 -19.90 17.29
CA ARG L 357 72.26 -20.15 18.18
C ARG L 357 71.88 -21.63 18.25
N ALA L 358 71.42 -22.04 19.43
CA ALA L 358 70.99 -23.39 19.72
C ALA L 358 69.49 -23.30 20.06
N GLU L 359 68.67 -24.19 19.51
CA GLU L 359 67.22 -24.15 19.75
C GLU L 359 66.87 -24.31 21.24
N PRO L 360 66.04 -23.40 21.80
CA PRO L 360 65.70 -23.51 23.23
C PRO L 360 65.11 -24.86 23.62
N GLU L 361 65.59 -25.45 24.72
CA GLU L 361 65.12 -26.74 25.21
C GLU L 361 63.95 -26.53 26.17
N GLU L 362 63.41 -27.62 26.75
CA GLU L 362 62.29 -27.52 27.69
C GLU L 362 62.61 -26.51 28.81
N VAL L 363 61.59 -25.78 29.27
CA VAL L 363 61.77 -24.77 30.31
C VAL L 363 61.99 -25.36 31.72
N VAL L 364 62.93 -24.74 32.46
CA VAL L 364 63.31 -25.09 33.84
C VAL L 364 63.15 -23.78 34.63
N GLY L 365 62.19 -23.72 35.56
CA GLY L 365 61.93 -22.52 36.34
C GLY L 365 63.01 -21.99 37.29
N ASP L 366 64.27 -21.96 36.85
CA ASP L 366 65.37 -21.45 37.67
C ASP L 366 66.65 -21.30 36.83
N GLY L 367 67.26 -20.13 36.91
CA GLY L 367 68.48 -19.83 36.18
C GLY L 367 69.29 -18.71 36.78
N VAL L 368 70.61 -18.93 36.96
CA VAL L 368 71.50 -17.93 37.52
C VAL L 368 72.51 -17.53 36.44
N GLY L 369 72.64 -16.22 36.24
CA GLY L 369 73.57 -15.67 35.27
C GLY L 369 74.59 -14.84 35.99
N CYS L 370 75.88 -15.02 35.67
CA CYS L 370 76.92 -14.26 36.35
C CYS L 370 78.08 -13.85 35.47
N VAL L 371 78.51 -12.61 35.66
CA VAL L 371 79.63 -12.01 34.96
C VAL L 371 80.29 -11.02 35.90
N GLU L 372 81.50 -10.60 35.61
CA GLU L 372 82.16 -9.62 36.45
C GLU L 372 81.86 -8.33 35.73
N ALA L 373 80.99 -7.49 36.29
CA ALA L 373 80.68 -6.22 35.66
C ALA L 373 81.88 -5.33 35.95
N PRO L 374 82.12 -4.23 35.21
CA PRO L 374 83.30 -3.41 35.51
C PRO L 374 83.42 -2.97 36.98
N ARG L 375 82.30 -2.96 37.73
CA ARG L 375 82.31 -2.54 39.13
C ARG L 375 82.15 -3.67 40.13
N GLY L 376 82.32 -4.91 39.68
CA GLY L 376 82.24 -6.06 40.57
C GLY L 376 81.36 -7.18 40.07
N THR L 377 81.29 -8.26 40.87
CA THR L 377 80.51 -9.45 40.56
C THR L 377 79.06 -9.08 40.36
N LEU L 378 78.49 -9.55 39.25
CA LEU L 378 77.10 -9.30 38.91
C LEU L 378 76.35 -10.61 38.83
N ILE L 379 75.28 -10.75 39.60
CA ILE L 379 74.49 -11.97 39.60
C ILE L 379 73.03 -11.66 39.33
N HIS L 380 72.46 -12.31 38.31
CA HIS L 380 71.06 -12.17 37.93
C HIS L 380 70.44 -13.56 38.18
N HIS L 381 69.47 -13.65 39.08
CA HIS L 381 68.82 -14.93 39.41
C HIS L 381 67.33 -14.83 39.12
N PHE L 382 66.81 -15.68 38.21
CA PHE L 382 65.39 -15.67 37.86
C PHE L 382 64.71 -17.01 38.08
N LYS L 383 63.45 -16.98 38.53
CA LYS L 383 62.64 -18.16 38.74
C LYS L 383 61.38 -17.94 37.90
N THR L 384 60.90 -18.96 37.19
CA THR L 384 59.71 -18.84 36.35
C THR L 384 58.76 -20.02 36.48
N ASP L 385 57.60 -19.91 35.82
CA ASP L 385 56.60 -20.96 35.80
C ASP L 385 56.82 -21.78 34.52
N ASP L 386 55.96 -22.80 34.26
CA ASP L 386 56.10 -23.65 33.06
C ASP L 386 56.01 -22.87 31.74
N ASP L 387 55.36 -21.69 31.74
CA ASP L 387 55.20 -20.85 30.55
C ASP L 387 56.40 -19.90 30.34
N GLY L 388 57.31 -19.83 31.31
CA GLY L 388 58.47 -18.95 31.20
C GLY L 388 58.18 -17.53 31.66
N ILE L 389 57.19 -17.36 32.54
CA ILE L 389 56.81 -16.06 33.08
C ILE L 389 57.51 -15.95 34.43
N ILE L 390 58.27 -14.89 34.64
CA ILE L 390 59.00 -14.69 35.89
C ILE L 390 58.08 -14.65 37.10
N THR L 391 58.44 -15.41 38.14
CA THR L 391 57.69 -15.49 39.39
C THR L 391 58.52 -14.86 40.53
N ASP L 392 59.86 -14.93 40.44
CA ASP L 392 60.75 -14.35 41.46
C ASP L 392 62.12 -14.03 40.86
N THR L 393 62.77 -12.97 41.36
CA THR L 393 64.11 -12.59 40.88
C THR L 393 64.93 -12.03 42.01
N ASN L 394 66.26 -12.11 41.87
CA ASN L 394 67.19 -11.58 42.84
C ASN L 394 68.38 -11.06 42.08
N LEU L 395 68.78 -9.83 42.35
CA LEU L 395 69.92 -9.23 41.68
C LEU L 395 70.94 -8.77 42.73
N VAL L 396 72.17 -9.26 42.64
CA VAL L 396 73.27 -8.89 43.54
C VAL L 396 74.15 -8.13 42.57
N VAL L 397 74.01 -6.80 42.56
CA VAL L 397 74.71 -5.95 41.62
C VAL L 397 75.94 -5.19 42.09
N ALA L 398 77.10 -5.69 41.67
CA ALA L 398 78.44 -5.15 41.89
C ALA L 398 78.65 -4.17 43.06
N THR L 399 78.54 -2.83 42.81
CA THR L 399 78.73 -1.78 43.83
C THR L 399 78.03 -2.03 45.16
N VAL L 400 76.91 -2.78 45.20
CA VAL L 400 76.28 -3.03 46.50
C VAL L 400 77.29 -3.69 47.44
N GLN L 401 78.15 -4.55 46.90
CA GLN L 401 79.18 -5.26 47.67
C GLN L 401 80.29 -4.36 48.19
N ASN L 402 80.39 -3.13 47.67
CA ASN L 402 81.38 -2.15 48.10
C ASN L 402 80.73 -1.09 48.99
N ASN L 403 79.42 -1.24 49.30
CA ASN L 403 78.72 -0.28 50.15
C ASN L 403 79.35 -0.24 51.54
N PRO L 404 79.58 -1.41 52.21
CA PRO L 404 80.22 -1.38 53.53
C PRO L 404 81.58 -0.67 53.50
N ALA L 405 82.39 -0.93 52.46
CA ALA L 405 83.71 -0.32 52.28
C ALA L 405 83.63 1.20 52.11
N MET L 406 82.59 1.69 51.43
CA MET L 406 82.40 3.13 51.20
C MET L 406 81.96 3.82 52.48
N ASP L 407 81.05 3.20 53.24
CA ASP L 407 80.54 3.74 54.49
C ASP L 407 81.66 3.79 55.55
N ILE L 408 82.49 2.74 55.60
CA ILE L 408 83.63 2.66 56.53
C ILE L 408 84.66 3.69 56.12
N GLY L 409 84.98 3.70 54.84
CA GLY L 409 85.96 4.60 54.25
C GLY L 409 85.71 6.07 54.50
N VAL L 410 84.48 6.55 54.28
CA VAL L 410 84.20 7.98 54.53
C VAL L 410 84.41 8.32 55.99
N ARG L 411 84.12 7.38 56.89
CA ARG L 411 84.30 7.56 58.34
C ARG L 411 85.79 7.70 58.65
N LYS L 412 86.60 6.85 58.02
CA LYS L 412 88.05 6.84 58.20
C LYS L 412 88.69 8.12 57.66
N VAL L 413 88.15 8.69 56.57
CA VAL L 413 88.68 9.93 55.99
C VAL L 413 88.38 11.05 56.99
N ALA L 414 87.14 11.10 57.50
CA ALA L 414 86.77 12.13 58.47
C ALA L 414 87.59 12.00 59.76
N GLU L 415 87.87 10.76 60.19
CA GLU L 415 88.65 10.53 61.41
C GLU L 415 90.08 11.09 61.24
N LYS L 416 90.63 10.99 60.03
CA LYS L 416 91.97 11.46 59.73
C LYS L 416 92.10 12.97 59.58
N TYR L 417 91.13 13.62 58.93
CA TYR L 417 91.20 15.08 58.70
C TYR L 417 90.24 15.95 59.51
N ILE L 418 89.16 15.38 60.07
CA ILE L 418 88.20 16.21 60.83
C ILE L 418 88.15 15.91 62.32
N LYS L 419 88.36 16.96 63.12
CA LYS L 419 88.30 16.90 64.58
C LYS L 419 87.12 17.79 64.98
N ALA L 420 87.04 19.00 64.40
CA ALA L 420 85.97 19.97 64.66
C ALA L 420 85.33 20.44 63.33
N PRO L 421 84.09 20.99 63.38
CA PRO L 421 83.43 21.46 62.15
C PRO L 421 84.25 22.32 61.20
N GLU L 422 85.13 23.17 61.75
CA GLU L 422 86.00 24.08 60.97
C GLU L 422 86.94 23.32 60.02
N ASP L 423 87.41 22.14 60.44
CA ASP L 423 88.30 21.29 59.64
C ASP L 423 87.66 20.76 58.37
N ALA L 424 86.32 20.70 58.33
CA ALA L 424 85.61 20.20 57.15
C ALA L 424 85.59 21.28 56.06
N THR L 425 86.75 21.52 55.46
CA THR L 425 86.91 22.51 54.39
C THR L 425 86.44 21.90 53.06
N PRO L 426 86.19 22.70 52.02
CA PRO L 426 85.77 22.14 50.73
C PRO L 426 86.67 21.01 50.21
N GLN L 427 88.00 21.15 50.42
CA GLN L 427 88.98 20.15 49.99
C GLN L 427 88.88 18.88 50.81
N VAL L 428 88.69 19.00 52.13
CA VAL L 428 88.56 17.84 53.01
C VAL L 428 87.24 17.12 52.72
N LEU L 429 86.17 17.88 52.43
CA LEU L 429 84.89 17.26 52.12
C LEU L 429 85.06 16.50 50.80
N ASN L 430 85.86 17.04 49.86
CA ASN L 430 86.12 16.39 48.59
C ASN L 430 86.97 15.13 48.79
N TYR L 431 87.82 15.08 49.86
CA TYR L 431 88.64 13.88 50.13
C TYR L 431 87.71 12.71 50.42
N MET L 432 86.57 12.98 51.09
CA MET L 432 85.60 11.94 51.41
C MET L 432 84.98 11.41 50.11
N GLU L 433 84.69 12.32 49.18
CA GLU L 433 84.12 11.95 47.89
C GLU L 433 85.16 11.19 47.05
N MET L 434 86.46 11.49 47.24
CA MET L 434 87.54 10.83 46.51
C MET L 434 87.61 9.37 46.90
N LEU L 435 87.34 9.06 48.17
CA LEU L 435 87.35 7.68 48.65
C LEU L 435 86.20 6.97 47.96
N ILE L 436 85.00 7.60 47.95
CA ILE L 436 83.82 7.02 47.31
C ILE L 436 84.17 6.72 45.85
N ARG L 437 84.71 7.72 45.13
CA ARG L 437 85.10 7.60 43.71
C ARG L 437 86.12 6.52 43.42
N ALA L 438 86.98 6.16 44.37
CA ALA L 438 87.99 5.12 44.16
C ALA L 438 87.35 3.79 43.79
N TYR L 439 86.16 3.54 44.33
CA TYR L 439 85.42 2.30 44.09
C TYR L 439 84.60 2.34 42.81
N ASP L 440 84.57 3.47 42.08
CA ASP L 440 83.81 3.61 40.84
C ASP L 440 82.37 3.15 41.12
N PRO L 441 81.68 3.78 42.08
CA PRO L 441 80.31 3.36 42.37
C PRO L 441 79.30 3.72 41.31
N CYS L 442 78.33 2.83 41.13
CA CYS L 442 77.23 2.97 40.20
C CYS L 442 76.03 2.72 41.09
N LEU L 443 75.54 3.81 41.70
CA LEU L 443 74.43 3.78 42.66
C LEU L 443 73.08 3.39 42.07
N SER L 444 72.83 3.62 40.78
CA SER L 444 71.55 3.24 40.17
C SER L 444 71.58 1.72 40.07
N CYS L 445 72.76 1.22 39.70
CA CYS L 445 73.06 -0.19 39.55
C CYS L 445 72.92 -0.94 40.87
N ALA L 446 73.62 -0.44 41.88
CA ALA L 446 73.67 -1.01 43.22
C ALA L 446 72.31 -1.21 43.89
N THR L 447 71.37 -0.28 43.73
CA THR L 447 70.04 -0.36 44.34
C THR L 447 69.01 -1.06 43.43
N HIS L 448 69.13 -0.86 42.09
CA HIS L 448 68.22 -1.43 41.09
C HIS L 448 66.76 -1.44 41.57
#